data_1GKN
#
_entry.id   1GKN
#
_cell.length_a   1.000
_cell.length_b   1.000
_cell.length_c   1.000
_cell.angle_alpha   90.00
_cell.angle_beta   90.00
_cell.angle_gamma   90.00
#
_symmetry.space_group_name_H-M   'P 1'
#
_entity_poly.entity_id   1
_entity_poly.type   'polypeptide(L)'
_entity_poly.pdbx_seq_one_letter_code
;EAEAHCQAPDHFLFAKLKTQTTASDFPIGTSLKYECRPEYYGRPFSITCLDNLVWSSPKDVCKRKSCKTPPDPVNGMVHV
ITDIQVGSRITYSCTTGHRLIGHSSAECILSGNTAHWSTKPPICQRIP
;
_entity_poly.pdbx_strand_id   A
#
# COMPACT_ATOMS: atom_id res chain seq x y z
N GLU A 1 5.34 39.71 12.99
CA GLU A 1 4.26 39.55 11.99
C GLU A 1 4.11 38.09 11.56
N ALA A 2 2.87 37.62 11.51
CA ALA A 2 2.58 36.24 11.12
C ALA A 2 1.08 36.01 11.01
N GLU A 3 0.39 36.94 10.35
CA GLU A 3 -1.06 36.84 10.17
C GLU A 3 -1.43 35.59 9.40
N ALA A 4 -2.56 34.99 9.77
CA ALA A 4 -3.05 33.77 9.13
C ALA A 4 -2.18 32.57 9.47
N HIS A 5 -2.83 31.41 9.63
CA HIS A 5 -2.12 30.18 9.95
C HIS A 5 -2.85 28.98 9.36
N CYS A 6 -2.08 27.99 8.93
CA CYS A 6 -2.67 26.79 8.34
C CYS A 6 -3.24 25.89 9.44
N GLN A 7 -4.54 25.66 9.37
CA GLN A 7 -5.23 24.84 10.37
C GLN A 7 -4.60 23.45 10.48
N ALA A 8 -4.97 22.76 11.54
CA ALA A 8 -4.47 21.41 11.79
C ALA A 8 -4.56 20.55 10.53
N PRO A 9 -3.47 19.84 10.18
CA PRO A 9 -3.43 18.98 9.00
C PRO A 9 -4.43 17.82 9.11
N ASP A 10 -5.12 17.53 8.01
CA ASP A 10 -6.10 16.45 8.00
C ASP A 10 -5.42 15.11 8.28
N HIS A 11 -6.20 14.16 8.76
CA HIS A 11 -5.67 12.83 9.07
C HIS A 11 -5.49 12.00 7.82
N PHE A 12 -4.29 11.47 7.66
CA PHE A 12 -3.94 10.63 6.52
C PHE A 12 -4.21 9.16 6.84
N LEU A 13 -4.01 8.81 8.11
CA LEU A 13 -4.22 7.44 8.58
C LEU A 13 -3.08 6.52 8.14
N PHE A 14 -2.73 6.58 6.86
CA PHE A 14 -1.65 5.76 6.32
C PHE A 14 -0.30 6.44 6.52
N ALA A 15 -0.26 7.40 7.44
CA ALA A 15 0.98 8.12 7.74
C ALA A 15 0.95 8.72 9.14
N LYS A 16 1.97 8.41 9.93
CA LYS A 16 2.05 8.92 11.30
C LYS A 16 2.93 10.16 11.36
N LEU A 17 2.45 11.20 12.05
CA LEU A 17 3.19 12.44 12.20
C LEU A 17 4.62 12.17 12.64
N LYS A 18 5.56 12.95 12.11
CA LYS A 18 6.98 12.80 12.44
C LYS A 18 7.69 14.15 12.40
N THR A 19 7.27 15.04 13.30
CA THR A 19 7.84 16.38 13.38
C THR A 19 7.42 17.07 14.67
N GLN A 20 8.36 17.78 15.28
CA GLN A 20 8.09 18.50 16.52
C GLN A 20 6.86 19.38 16.36
N THR A 21 5.88 19.19 17.26
CA THR A 21 4.65 19.96 17.22
C THR A 21 4.04 20.08 18.61
N THR A 22 3.60 21.29 18.95
CA THR A 22 2.99 21.55 20.26
C THR A 22 1.94 22.65 20.14
N ALA A 23 1.12 22.55 19.09
CA ALA A 23 0.07 23.52 18.85
C ALA A 23 -0.90 23.02 17.77
N SER A 24 -2.12 23.54 17.78
CA SER A 24 -3.12 23.13 16.81
C SER A 24 -2.97 23.93 15.52
N ASP A 25 -2.79 25.24 15.66
CA ASP A 25 -2.63 26.11 14.50
C ASP A 25 -1.17 26.13 14.05
N PHE A 26 -0.93 25.73 12.80
CA PHE A 26 0.42 25.72 12.25
C PHE A 26 0.69 26.97 11.43
N PRO A 27 1.91 27.52 11.52
CA PRO A 27 2.28 28.72 10.78
C PRO A 27 2.55 28.44 9.31
N ILE A 28 1.97 29.27 8.44
CA ILE A 28 2.16 29.12 7.00
C ILE A 28 3.65 29.09 6.67
N GLY A 29 4.02 28.34 5.64
CA GLY A 29 5.41 28.23 5.29
C GLY A 29 6.12 27.26 6.21
N THR A 30 5.74 25.99 6.11
CA THR A 30 6.30 24.94 6.96
C THR A 30 5.79 23.58 6.54
N SER A 31 6.72 22.70 6.19
CA SER A 31 6.38 21.34 5.77
C SER A 31 6.34 20.39 6.97
N LEU A 32 5.24 19.65 7.11
CA LEU A 32 5.11 18.71 8.20
C LEU A 32 5.47 17.31 7.71
N LYS A 33 6.38 16.65 8.42
CA LYS A 33 6.84 15.33 8.03
C LYS A 33 5.87 14.22 8.45
N TYR A 34 5.58 13.32 7.51
CA TYR A 34 4.68 12.21 7.77
C TYR A 34 5.22 10.92 7.13
N GLU A 35 5.39 9.89 7.95
CA GLU A 35 5.90 8.60 7.46
C GLU A 35 4.77 7.60 7.31
N CYS A 36 4.65 7.03 6.11
CA CYS A 36 3.61 6.05 5.82
C CYS A 36 3.71 4.86 6.76
N ARG A 37 2.65 4.04 6.78
CA ARG A 37 2.60 2.86 7.64
C ARG A 37 3.33 1.69 6.97
N PRO A 38 3.76 0.69 7.75
CA PRO A 38 4.47 -0.48 7.21
C PRO A 38 3.84 -1.03 5.95
N GLU A 39 2.52 -1.18 5.96
CA GLU A 39 1.79 -1.70 4.80
C GLU A 39 1.70 -0.65 3.69
N TYR A 40 2.67 0.26 3.65
CA TYR A 40 2.71 1.31 2.64
C TYR A 40 4.16 1.62 2.25
N TYR A 41 4.33 2.20 1.06
CA TYR A 41 5.66 2.54 0.57
C TYR A 41 5.62 3.85 -0.24
N GLY A 42 6.60 4.71 -0.02
CA GLY A 42 6.65 5.98 -0.72
C GLY A 42 7.43 7.04 0.02
N ARG A 43 8.41 6.60 0.81
CA ARG A 43 9.27 7.47 1.62
C ARG A 43 8.47 8.53 2.39
N PRO A 44 9.09 9.17 3.39
CA PRO A 44 8.43 10.20 4.20
C PRO A 44 8.28 11.52 3.45
N PHE A 45 7.03 11.92 3.22
CA PHE A 45 6.74 13.17 2.52
C PHE A 45 6.50 14.30 3.51
N SER A 46 5.83 15.36 3.05
CA SER A 46 5.53 16.50 3.90
C SER A 46 4.60 17.49 3.22
N ILE A 47 3.62 17.97 3.96
CA ILE A 47 2.66 18.94 3.45
C ILE A 47 3.06 20.36 3.81
N THR A 48 3.33 21.17 2.79
CA THR A 48 3.76 22.56 2.96
C THR A 48 2.61 23.53 3.14
N CYS A 49 2.64 24.33 4.22
CA CYS A 49 1.62 25.35 4.41
C CYS A 49 1.93 26.46 3.41
N LEU A 50 1.01 26.66 2.48
CA LEU A 50 1.23 27.62 1.40
C LEU A 50 0.91 29.07 1.73
N ASP A 51 -0.33 29.36 2.09
CA ASP A 51 -0.71 30.74 2.38
C ASP A 51 -2.22 30.87 2.60
N ASN A 52 -3.00 30.13 1.83
CA ASN A 52 -4.45 30.20 1.97
C ASN A 52 -4.91 29.33 3.12
N LEU A 53 -4.02 29.14 4.10
CA LEU A 53 -4.32 28.32 5.27
C LEU A 53 -4.61 26.92 4.81
N VAL A 54 -3.83 26.49 3.85
CA VAL A 54 -3.98 25.18 3.26
C VAL A 54 -2.64 24.51 3.08
N TRP A 55 -2.69 23.19 3.11
CA TRP A 55 -1.50 22.37 2.94
C TRP A 55 -1.33 21.96 1.48
N SER A 56 -0.08 21.94 1.02
CA SER A 56 0.21 21.56 -0.35
C SER A 56 -0.52 20.27 -0.69
N SER A 57 -1.04 20.19 -1.91
CA SER A 57 -1.78 19.01 -2.33
C SER A 57 -0.85 17.87 -2.71
N PRO A 58 -0.79 16.83 -1.86
CA PRO A 58 0.05 15.66 -2.11
C PRO A 58 -0.55 14.73 -3.17
N LYS A 59 0.28 14.37 -4.14
CA LYS A 59 -0.16 13.49 -5.21
C LYS A 59 -0.12 12.03 -4.76
N ASP A 60 0.22 11.14 -5.67
CA ASP A 60 0.30 9.72 -5.36
C ASP A 60 1.63 9.40 -4.69
N VAL A 61 1.86 10.02 -3.53
CA VAL A 61 3.09 9.81 -2.78
C VAL A 61 3.06 8.51 -1.99
N CYS A 62 2.06 8.39 -1.13
CA CYS A 62 1.91 7.20 -0.31
C CYS A 62 1.07 6.15 -1.02
N LYS A 63 1.51 4.89 -0.99
CA LYS A 63 0.80 3.81 -1.64
C LYS A 63 1.02 2.49 -0.92
N ARG A 64 -0.06 1.79 -0.63
CA ARG A 64 0.01 0.51 0.08
C ARG A 64 0.96 -0.48 -0.60
N LYS A 65 1.67 -1.24 0.22
CA LYS A 65 2.62 -2.24 -0.27
C LYS A 65 1.95 -3.20 -1.23
N SER A 66 2.72 -3.71 -2.19
CA SER A 66 2.22 -4.64 -3.18
C SER A 66 3.25 -5.71 -3.51
N CYS A 67 2.81 -6.96 -3.49
CA CYS A 67 3.66 -8.10 -3.79
C CYS A 67 3.79 -8.29 -5.29
N LYS A 68 4.96 -8.75 -5.73
CA LYS A 68 5.22 -8.97 -7.15
C LYS A 68 4.34 -10.09 -7.67
N THR A 69 3.71 -9.86 -8.82
CA THR A 69 2.82 -10.86 -9.42
C THR A 69 3.53 -12.20 -9.59
N PRO A 70 2.88 -13.29 -9.14
CA PRO A 70 3.43 -14.64 -9.24
C PRO A 70 3.47 -15.16 -10.67
N PRO A 71 4.58 -15.79 -11.08
CA PRO A 71 4.72 -16.33 -12.44
C PRO A 71 3.62 -17.34 -12.73
N ASP A 72 3.02 -17.22 -13.92
CA ASP A 72 1.95 -18.13 -14.31
C ASP A 72 2.41 -19.58 -14.26
N PRO A 73 1.72 -20.42 -13.47
CA PRO A 73 2.05 -21.84 -13.34
C PRO A 73 1.79 -22.61 -14.62
N VAL A 74 2.66 -23.57 -14.90
CA VAL A 74 2.54 -24.39 -16.09
C VAL A 74 1.12 -24.94 -16.24
N ASN A 75 0.54 -24.75 -17.42
CA ASN A 75 -0.81 -25.23 -17.68
C ASN A 75 -1.81 -24.62 -16.69
N GLY A 76 -1.70 -23.31 -16.48
CA GLY A 76 -2.60 -22.62 -15.56
C GLY A 76 -2.39 -21.12 -15.55
N MET A 77 -2.96 -20.44 -14.56
CA MET A 77 -2.84 -18.99 -14.45
C MET A 77 -3.57 -18.47 -13.21
N VAL A 78 -3.03 -17.41 -12.61
CA VAL A 78 -3.63 -16.81 -11.42
C VAL A 78 -4.46 -15.58 -11.80
N HIS A 79 -5.67 -15.49 -11.27
CA HIS A 79 -6.54 -14.36 -11.55
C HIS A 79 -6.69 -13.48 -10.32
N VAL A 80 -6.24 -12.23 -10.43
CA VAL A 80 -6.38 -11.31 -9.33
C VAL A 80 -7.83 -10.87 -9.23
N ILE A 81 -8.39 -10.93 -8.04
CA ILE A 81 -9.80 -10.56 -7.86
C ILE A 81 -9.98 -9.06 -7.95
N THR A 82 -8.95 -8.32 -7.55
CA THR A 82 -8.98 -6.86 -7.59
C THR A 82 -7.60 -6.33 -7.95
N ASP A 83 -6.62 -6.76 -7.17
CA ASP A 83 -5.25 -6.34 -7.36
C ASP A 83 -4.30 -7.35 -6.70
N ILE A 84 -3.21 -6.86 -6.10
CA ILE A 84 -2.25 -7.72 -5.43
C ILE A 84 -1.55 -7.02 -4.27
N GLN A 85 -2.30 -6.18 -3.55
CA GLN A 85 -1.74 -5.46 -2.40
C GLN A 85 -1.63 -6.40 -1.21
N VAL A 86 -1.04 -5.91 -0.12
CA VAL A 86 -0.87 -6.69 1.09
C VAL A 86 -2.20 -7.08 1.76
N GLY A 87 -3.25 -7.25 0.95
CA GLY A 87 -4.54 -7.61 1.50
C GLY A 87 -5.38 -8.40 0.51
N SER A 88 -5.20 -8.11 -0.77
CA SER A 88 -5.94 -8.80 -1.83
C SER A 88 -5.38 -10.20 -2.07
N ARG A 89 -6.28 -11.18 -2.17
CA ARG A 89 -5.87 -12.55 -2.40
C ARG A 89 -6.13 -12.96 -3.86
N ILE A 90 -5.15 -13.63 -4.45
CA ILE A 90 -5.26 -14.07 -5.84
C ILE A 90 -5.67 -15.54 -5.92
N THR A 91 -6.58 -15.85 -6.83
CA THR A 91 -7.05 -17.21 -7.00
C THR A 91 -6.31 -17.93 -8.13
N TYR A 92 -5.91 -19.17 -7.85
CA TYR A 92 -5.20 -19.97 -8.84
C TYR A 92 -6.12 -20.98 -9.50
N SER A 93 -5.99 -21.14 -10.81
CA SER A 93 -6.82 -22.09 -11.55
C SER A 93 -6.12 -22.58 -12.80
N CYS A 94 -5.93 -23.89 -12.89
CA CYS A 94 -5.28 -24.50 -14.04
C CYS A 94 -6.27 -24.66 -15.20
N THR A 95 -5.73 -24.77 -16.41
CA THR A 95 -6.57 -24.93 -17.59
C THR A 95 -7.32 -26.25 -17.52
N THR A 96 -8.54 -26.27 -18.07
CA THR A 96 -9.37 -27.46 -18.05
C THR A 96 -8.57 -28.70 -18.43
N GLY A 97 -8.55 -29.68 -17.53
CA GLY A 97 -7.82 -30.90 -17.77
C GLY A 97 -6.89 -31.27 -16.62
N HIS A 98 -6.03 -30.32 -16.24
CA HIS A 98 -5.09 -30.53 -15.16
C HIS A 98 -5.55 -29.81 -13.90
N ARG A 99 -5.41 -30.47 -12.76
CA ARG A 99 -5.81 -29.90 -11.48
C ARG A 99 -4.61 -29.23 -10.79
N LEU A 100 -4.87 -28.16 -10.05
CA LEU A 100 -3.80 -27.44 -9.36
C LEU A 100 -3.28 -28.25 -8.18
N ILE A 101 -1.96 -28.21 -7.99
CA ILE A 101 -1.32 -28.94 -6.90
C ILE A 101 -0.53 -27.98 -6.01
N GLY A 102 -0.99 -27.79 -4.78
CA GLY A 102 -0.31 -26.92 -3.85
C GLY A 102 -1.22 -26.27 -2.84
N HIS A 103 -2.18 -25.50 -3.33
CA HIS A 103 -3.14 -24.80 -2.47
C HIS A 103 -4.46 -24.54 -3.22
N SER A 104 -4.85 -23.27 -3.32
CA SER A 104 -6.08 -22.90 -4.00
C SER A 104 -6.16 -21.39 -4.23
N SER A 105 -5.84 -20.62 -3.19
CA SER A 105 -5.87 -19.17 -3.28
C SER A 105 -4.95 -18.55 -2.23
N ALA A 106 -3.83 -18.01 -2.69
CA ALA A 106 -2.86 -17.37 -1.80
C ALA A 106 -3.18 -15.90 -1.58
N GLU A 107 -3.16 -15.46 -0.32
CA GLU A 107 -3.44 -14.08 0.01
C GLU A 107 -2.16 -13.28 0.17
N CYS A 108 -2.12 -12.12 -0.44
CA CYS A 108 -0.95 -11.25 -0.35
C CYS A 108 -0.96 -10.54 0.99
N ILE A 109 0.14 -10.64 1.73
CA ILE A 109 0.21 -10.00 3.04
C ILE A 109 1.54 -9.28 3.26
N LEU A 110 1.87 -9.04 4.52
CA LEU A 110 3.09 -8.34 4.88
C LEU A 110 3.60 -8.79 6.24
N SER A 111 4.90 -8.98 6.35
CA SER A 111 5.52 -9.41 7.60
C SER A 111 5.87 -8.19 8.46
N GLY A 112 6.44 -7.18 7.81
CA GLY A 112 6.82 -5.97 8.51
C GLY A 112 7.74 -5.09 7.68
N ASN A 113 8.74 -5.72 7.06
CA ASN A 113 9.71 -5.02 6.23
C ASN A 113 9.44 -5.27 4.75
N THR A 114 8.93 -6.45 4.43
CA THR A 114 8.66 -6.83 3.06
C THR A 114 7.38 -7.65 2.92
N ALA A 115 6.61 -7.35 1.88
CA ALA A 115 5.36 -8.05 1.62
C ALA A 115 5.61 -9.36 0.87
N HIS A 116 4.80 -10.37 1.16
CA HIS A 116 4.94 -11.66 0.51
C HIS A 116 3.65 -12.48 0.59
N TRP A 117 3.43 -13.34 -0.39
CA TRP A 117 2.24 -14.17 -0.44
C TRP A 117 2.23 -15.16 0.72
N SER A 118 1.05 -15.38 1.29
CA SER A 118 0.89 -16.31 2.40
C SER A 118 1.31 -17.73 2.01
N THR A 119 1.12 -18.06 0.74
CA THR A 119 1.48 -19.39 0.24
C THR A 119 2.01 -19.34 -1.18
N LYS A 120 3.05 -20.13 -1.45
CA LYS A 120 3.66 -20.18 -2.78
C LYS A 120 2.67 -20.70 -3.81
N PRO A 121 2.87 -20.34 -5.09
CA PRO A 121 1.98 -20.77 -6.18
C PRO A 121 2.03 -22.28 -6.42
N PRO A 122 0.86 -22.94 -6.48
CA PRO A 122 0.77 -24.38 -6.70
C PRO A 122 1.28 -24.81 -8.08
N ILE A 123 0.73 -25.89 -8.60
CA ILE A 123 1.13 -26.40 -9.91
C ILE A 123 -0.10 -26.82 -10.72
N CYS A 124 0.12 -27.68 -11.70
CA CYS A 124 -0.94 -28.20 -12.55
C CYS A 124 -0.53 -29.55 -13.11
N GLN A 125 -1.41 -30.53 -13.04
CA GLN A 125 -1.11 -31.86 -13.53
C GLN A 125 -2.37 -32.59 -13.97
N ARG A 126 -2.28 -33.36 -15.05
CA ARG A 126 -3.41 -34.10 -15.57
C ARG A 126 -4.10 -34.88 -14.47
N ILE A 127 -5.41 -34.71 -14.41
CA ILE A 127 -6.22 -35.38 -13.41
C ILE A 127 -6.40 -36.85 -13.75
N PRO A 128 -6.13 -37.75 -12.79
CA PRO A 128 -6.27 -39.19 -12.99
C PRO A 128 -7.72 -39.62 -13.16
N GLU A 1 1.58 41.93 7.47
CA GLU A 1 1.69 40.76 8.38
C GLU A 1 0.33 40.34 8.93
N ALA A 2 -0.65 40.27 8.02
CA ALA A 2 -2.00 39.87 8.41
C ALA A 2 -2.02 38.48 9.01
N GLU A 3 -2.80 38.30 10.06
CA GLU A 3 -2.90 37.01 10.74
C GLU A 3 -3.32 35.92 9.76
N ALA A 4 -2.67 34.77 9.84
CA ALA A 4 -2.99 33.63 8.97
C ALA A 4 -2.36 32.35 9.49
N HIS A 5 -3.16 31.29 9.55
CA HIS A 5 -2.69 29.99 10.02
C HIS A 5 -3.46 28.86 9.35
N CYS A 6 -2.73 27.88 8.86
CA CYS A 6 -3.34 26.72 8.19
C CYS A 6 -3.82 25.70 9.22
N GLN A 7 -5.07 25.29 9.09
CA GLN A 7 -5.64 24.31 10.01
C GLN A 7 -5.03 22.94 9.80
N ALA A 8 -5.36 22.03 10.72
CA ALA A 8 -4.87 20.67 10.68
C ALA A 8 -5.06 20.05 9.29
N PRO A 9 -4.02 19.37 8.76
CA PRO A 9 -4.08 18.73 7.45
C PRO A 9 -5.06 17.57 7.41
N ASP A 10 -5.65 17.34 6.23
CA ASP A 10 -6.61 16.25 6.07
C ASP A 10 -5.97 14.90 6.34
N HIS A 11 -6.77 13.85 6.36
CA HIS A 11 -6.28 12.51 6.63
C HIS A 11 -5.59 11.91 5.41
N PHE A 12 -4.38 11.39 5.61
CA PHE A 12 -3.61 10.79 4.54
C PHE A 12 -3.90 9.29 4.41
N LEU A 13 -3.97 8.62 5.55
CA LEU A 13 -4.25 7.18 5.60
C LEU A 13 -3.05 6.35 5.17
N PHE A 14 -2.36 6.76 4.12
CA PHE A 14 -1.20 6.03 3.66
C PHE A 14 0.04 6.44 4.44
N ALA A 15 -0.13 7.37 5.36
CA ALA A 15 0.96 7.85 6.20
C ALA A 15 0.45 8.37 7.53
N LYS A 16 1.05 7.89 8.61
CA LYS A 16 0.66 8.31 9.95
C LYS A 16 1.57 9.43 10.46
N LEU A 17 0.95 10.47 11.00
CA LEU A 17 1.68 11.62 11.52
C LEU A 17 2.88 11.18 12.35
N LYS A 18 3.96 11.96 12.29
CA LYS A 18 5.18 11.64 13.03
C LYS A 18 5.79 12.90 13.63
N THR A 19 5.70 14.00 12.89
CA THR A 19 6.22 15.28 13.35
C THR A 19 5.46 15.77 14.58
N GLN A 20 6.16 16.41 15.50
CA GLN A 20 5.55 16.92 16.72
C GLN A 20 4.30 17.73 16.37
N THR A 21 3.17 17.36 16.97
CA THR A 21 1.91 18.05 16.71
C THR A 21 0.98 17.95 17.92
N THR A 22 0.23 19.03 18.15
CA THR A 22 -0.72 19.08 19.27
C THR A 22 -1.77 20.15 19.02
N ALA A 23 -1.32 21.34 18.64
CA ALA A 23 -2.21 22.46 18.37
C ALA A 23 -3.01 22.21 17.09
N SER A 24 -4.12 22.92 16.95
CA SER A 24 -4.96 22.78 15.76
C SER A 24 -4.46 23.66 14.63
N ASP A 25 -4.17 24.91 14.94
CA ASP A 25 -3.66 25.86 13.96
C ASP A 25 -2.15 25.74 13.80
N PHE A 26 -1.66 25.94 12.57
CA PHE A 26 -0.23 25.85 12.30
C PHE A 26 0.26 27.04 11.49
N PRO A 27 1.42 27.61 11.88
CA PRO A 27 2.02 28.75 11.19
C PRO A 27 2.53 28.39 9.81
N ILE A 28 2.36 29.31 8.85
CA ILE A 28 2.82 29.08 7.49
C ILE A 28 4.30 28.73 7.45
N GLY A 29 4.70 27.95 6.45
CA GLY A 29 6.09 27.55 6.32
C GLY A 29 6.37 26.24 7.04
N THR A 30 5.64 26.01 8.12
CA THR A 30 5.80 24.80 8.93
C THR A 30 5.64 23.54 8.09
N SER A 31 6.65 22.67 8.14
CA SER A 31 6.62 21.40 7.40
C SER A 31 6.14 20.28 8.33
N LEU A 32 5.23 19.45 7.83
CA LEU A 32 4.70 18.36 8.64
C LEU A 32 5.07 17.00 8.03
N LYS A 33 5.90 16.24 8.72
CA LYS A 33 6.34 14.94 8.23
C LYS A 33 5.41 13.80 8.67
N TYR A 34 5.17 12.88 7.74
CA TYR A 34 4.32 11.73 8.00
C TYR A 34 5.01 10.44 7.58
N GLU A 35 5.03 9.45 8.45
CA GLU A 35 5.66 8.18 8.15
C GLU A 35 4.63 7.20 7.59
N CYS A 36 4.92 6.66 6.41
CA CYS A 36 4.00 5.73 5.76
C CYS A 36 3.62 4.58 6.69
N ARG A 37 2.37 4.14 6.59
CA ARG A 37 1.87 3.04 7.40
C ARG A 37 2.27 1.71 6.78
N PRO A 38 2.36 0.63 7.58
CA PRO A 38 2.74 -0.70 7.09
C PRO A 38 1.74 -1.26 6.08
N GLU A 39 1.62 -0.61 4.94
CA GLU A 39 0.72 -1.04 3.88
C GLU A 39 0.90 -0.17 2.65
N TYR A 40 1.84 0.77 2.72
CA TYR A 40 2.10 1.69 1.61
C TYR A 40 3.59 1.95 1.43
N TYR A 41 4.05 1.93 0.19
CA TYR A 41 5.46 2.17 -0.12
C TYR A 41 5.68 3.58 -0.66
N GLY A 42 6.77 4.22 -0.24
CA GLY A 42 7.06 5.56 -0.70
C GLY A 42 7.83 6.41 0.30
N ARG A 43 8.60 5.75 1.16
CA ARG A 43 9.41 6.42 2.18
C ARG A 43 8.61 7.50 2.93
N PRO A 44 9.17 8.07 4.02
CA PRO A 44 8.49 9.10 4.79
C PRO A 44 8.55 10.46 4.11
N PHE A 45 7.40 10.95 3.67
CA PHE A 45 7.33 12.25 3.01
C PHE A 45 6.98 13.33 4.02
N SER A 46 6.50 14.46 3.52
CA SER A 46 6.12 15.57 4.38
C SER A 46 5.44 16.69 3.60
N ILE A 47 4.45 17.30 4.24
CA ILE A 47 3.72 18.40 3.63
C ILE A 47 4.32 19.73 4.06
N THR A 48 3.65 20.82 3.75
CA THR A 48 4.17 22.14 4.09
C THR A 48 3.12 23.23 4.00
N CYS A 49 2.98 24.00 5.09
CA CYS A 49 2.06 25.12 5.09
C CYS A 49 2.63 26.14 4.11
N LEU A 50 1.92 26.35 3.01
CA LEU A 50 2.43 27.23 1.96
C LEU A 50 2.22 28.71 2.17
N ASP A 51 0.98 29.13 2.32
CA ASP A 51 0.67 30.55 2.51
C ASP A 51 -0.82 30.79 2.49
N ASN A 52 -1.52 30.11 1.59
CA ASN A 52 -2.97 30.25 1.50
C ASN A 52 -3.61 29.34 2.52
N LEU A 53 -2.95 29.22 3.67
CA LEU A 53 -3.42 28.38 4.76
C LEU A 53 -3.74 26.98 4.25
N VAL A 54 -2.81 26.43 3.48
CA VAL A 54 -2.97 25.09 2.91
C VAL A 54 -1.70 24.27 3.05
N TRP A 55 -1.69 23.14 2.34
CA TRP A 55 -0.55 22.24 2.37
C TRP A 55 -0.39 21.58 1.01
N SER A 56 0.83 21.65 0.47
CA SER A 56 1.13 21.06 -0.83
C SER A 56 0.51 19.67 -0.92
N SER A 57 0.03 19.32 -2.11
CA SER A 57 -0.62 18.03 -2.31
C SER A 57 0.42 16.92 -2.45
N PRO A 58 0.43 15.97 -1.50
CA PRO A 58 1.38 14.85 -1.49
C PRO A 58 0.99 13.77 -2.50
N LYS A 59 0.81 14.18 -3.75
CA LYS A 59 0.45 13.27 -4.82
C LYS A 59 1.66 12.48 -5.30
N ASP A 60 1.49 11.16 -5.42
CA ASP A 60 2.58 10.29 -5.85
C ASP A 60 3.79 10.44 -4.94
N VAL A 61 3.71 9.82 -3.76
CA VAL A 61 4.79 9.90 -2.78
C VAL A 61 4.87 8.64 -1.94
N CYS A 62 3.74 7.98 -1.75
CA CYS A 62 3.69 6.76 -0.95
C CYS A 62 2.56 5.85 -1.42
N LYS A 63 2.66 5.40 -2.66
CA LYS A 63 1.64 4.52 -3.24
C LYS A 63 1.41 3.28 -2.40
N ARG A 64 0.21 2.71 -2.51
CA ARG A 64 -0.17 1.52 -1.76
C ARG A 64 0.77 0.35 -2.04
N LYS A 65 1.24 -0.31 -0.97
CA LYS A 65 2.13 -1.46 -1.09
C LYS A 65 1.49 -2.55 -1.95
N SER A 66 2.29 -3.12 -2.85
CA SER A 66 1.80 -4.19 -3.72
C SER A 66 2.94 -5.10 -4.14
N CYS A 67 2.74 -6.40 -3.96
CA CYS A 67 3.73 -7.40 -4.33
C CYS A 67 3.64 -7.70 -5.83
N LYS A 68 4.74 -8.16 -6.40
CA LYS A 68 4.77 -8.47 -7.83
C LYS A 68 3.85 -9.63 -8.15
N THR A 69 3.12 -9.50 -9.26
CA THR A 69 2.19 -10.53 -9.69
C THR A 69 2.89 -11.88 -9.80
N PRO A 70 2.34 -12.93 -9.17
CA PRO A 70 2.91 -14.27 -9.20
C PRO A 70 2.93 -14.85 -10.62
N PRO A 71 4.05 -15.44 -11.04
CA PRO A 71 4.17 -16.02 -12.38
C PRO A 71 3.04 -17.00 -12.67
N ASP A 72 2.36 -16.80 -13.79
CA ASP A 72 1.25 -17.65 -14.17
C ASP A 72 1.69 -19.11 -14.24
N PRO A 73 1.00 -20.00 -13.52
CA PRO A 73 1.33 -21.43 -13.51
C PRO A 73 1.01 -22.10 -14.84
N VAL A 74 1.90 -22.97 -15.27
CA VAL A 74 1.74 -23.68 -16.53
C VAL A 74 0.35 -24.33 -16.59
N ASN A 75 -0.40 -24.01 -17.63
CA ASN A 75 -1.74 -24.55 -17.80
C ASN A 75 -2.63 -24.17 -16.62
N GLY A 76 -2.61 -22.89 -16.25
CA GLY A 76 -3.41 -22.43 -15.13
C GLY A 76 -3.70 -20.94 -15.20
N MET A 77 -3.95 -20.33 -14.04
CA MET A 77 -4.26 -18.90 -13.98
C MET A 77 -4.66 -18.48 -12.57
N VAL A 78 -4.12 -17.35 -12.10
CA VAL A 78 -4.45 -16.85 -10.77
C VAL A 78 -5.51 -15.75 -10.83
N HIS A 79 -6.60 -15.95 -10.12
CA HIS A 79 -7.67 -14.96 -10.10
C HIS A 79 -7.27 -13.81 -9.19
N VAL A 80 -6.97 -12.67 -9.79
CA VAL A 80 -6.60 -11.49 -9.03
C VAL A 80 -7.75 -11.07 -8.13
N ILE A 81 -8.96 -11.32 -8.63
CA ILE A 81 -10.19 -11.01 -7.92
C ILE A 81 -10.46 -9.51 -7.85
N THR A 82 -9.44 -8.74 -7.49
CA THR A 82 -9.55 -7.30 -7.41
C THR A 82 -8.21 -6.64 -7.75
N ASP A 83 -7.19 -6.95 -6.96
CA ASP A 83 -5.85 -6.41 -7.17
C ASP A 83 -4.81 -7.35 -6.58
N ILE A 84 -3.66 -6.80 -6.18
CA ILE A 84 -2.59 -7.60 -5.60
C ILE A 84 -1.80 -6.79 -4.57
N GLN A 85 -2.44 -5.75 -4.06
CA GLN A 85 -1.82 -4.90 -3.05
C GLN A 85 -1.88 -5.57 -1.69
N VAL A 86 -0.97 -5.18 -0.79
CA VAL A 86 -0.93 -5.76 0.55
C VAL A 86 -2.30 -5.73 1.21
N GLY A 87 -3.06 -6.81 1.02
CA GLY A 87 -4.39 -6.90 1.58
C GLY A 87 -5.31 -7.79 0.76
N SER A 88 -5.19 -7.68 -0.56
CA SER A 88 -6.01 -8.47 -1.47
C SER A 88 -5.52 -9.92 -1.57
N ARG A 89 -6.47 -10.85 -1.58
CA ARG A 89 -6.17 -12.27 -1.68
C ARG A 89 -6.43 -12.80 -3.08
N ILE A 90 -5.43 -13.44 -3.68
CA ILE A 90 -5.57 -14.01 -5.01
C ILE A 90 -5.84 -15.50 -4.94
N THR A 91 -6.88 -15.95 -5.64
CA THR A 91 -7.22 -17.37 -5.64
C THR A 91 -6.65 -18.05 -6.87
N TYR A 92 -6.04 -19.21 -6.67
CA TYR A 92 -5.44 -19.95 -7.77
C TYR A 92 -6.39 -21.02 -8.30
N SER A 93 -6.42 -21.16 -9.62
CA SER A 93 -7.28 -22.15 -10.27
C SER A 93 -6.68 -22.58 -11.60
N CYS A 94 -6.33 -23.86 -11.70
CA CYS A 94 -5.74 -24.40 -12.91
C CYS A 94 -6.79 -24.59 -13.99
N THR A 95 -6.38 -24.42 -15.25
CA THR A 95 -7.27 -24.58 -16.37
C THR A 95 -7.74 -26.02 -16.47
N THR A 96 -9.01 -26.22 -16.85
CA THR A 96 -9.57 -27.56 -16.96
C THR A 96 -8.60 -28.53 -17.61
N GLY A 97 -8.32 -29.63 -16.89
CA GLY A 97 -7.40 -30.64 -17.41
C GLY A 97 -6.28 -30.95 -16.44
N HIS A 98 -5.64 -29.91 -15.91
CA HIS A 98 -4.54 -30.08 -14.97
C HIS A 98 -4.98 -29.82 -13.54
N ARG A 99 -4.41 -30.59 -12.61
CA ARG A 99 -4.74 -30.46 -11.19
C ARG A 99 -3.76 -29.50 -10.51
N LEU A 100 -4.26 -28.72 -9.56
CA LEU A 100 -3.44 -27.75 -8.85
C LEU A 100 -2.47 -28.46 -7.89
N ILE A 101 -1.20 -28.06 -7.94
CA ILE A 101 -0.18 -28.64 -7.06
C ILE A 101 0.28 -27.63 -6.01
N GLY A 102 0.39 -28.09 -4.77
CA GLY A 102 0.83 -27.21 -3.70
C GLY A 102 -0.31 -26.62 -2.89
N HIS A 103 -0.30 -25.29 -2.74
CA HIS A 103 -1.32 -24.59 -1.97
C HIS A 103 -2.62 -24.44 -2.77
N SER A 104 -3.18 -23.23 -2.78
CA SER A 104 -4.42 -22.96 -3.51
C SER A 104 -4.78 -21.49 -3.47
N SER A 105 -4.37 -20.80 -2.41
CA SER A 105 -4.65 -19.37 -2.26
C SER A 105 -3.58 -18.69 -1.44
N ALA A 106 -3.35 -17.40 -1.71
CA ALA A 106 -2.33 -16.64 -0.99
C ALA A 106 -2.65 -15.14 -1.00
N GLU A 107 -2.61 -14.53 0.19
CA GLU A 107 -2.90 -13.11 0.32
C GLU A 107 -1.60 -12.31 0.38
N CYS A 108 -1.56 -11.20 -0.34
CA CYS A 108 -0.38 -10.34 -0.35
C CYS A 108 -0.27 -9.61 0.99
N ILE A 109 0.82 -9.83 1.71
CA ILE A 109 1.00 -9.19 3.01
C ILE A 109 2.44 -8.74 3.25
N LEU A 110 2.58 -7.82 4.20
CA LEU A 110 3.89 -7.29 4.58
C LEU A 110 4.51 -8.13 5.68
N SER A 111 5.84 -8.10 5.77
CA SER A 111 6.56 -8.86 6.79
C SER A 111 7.85 -8.16 7.19
N GLY A 112 8.46 -7.47 6.23
CA GLY A 112 9.70 -6.78 6.49
C GLY A 112 9.95 -5.65 5.52
N ASN A 113 9.00 -4.70 5.46
CA ASN A 113 9.11 -3.57 4.56
C ASN A 113 9.14 -4.05 3.12
N THR A 114 8.53 -5.20 2.88
CA THR A 114 8.50 -5.79 1.55
C THR A 114 7.22 -6.59 1.33
N ALA A 115 6.56 -6.36 0.22
CA ALA A 115 5.32 -7.06 -0.10
C ALA A 115 5.62 -8.43 -0.70
N HIS A 116 4.99 -9.46 -0.14
CA HIS A 116 5.16 -10.82 -0.62
C HIS A 116 3.99 -11.69 -0.21
N TRP A 117 3.63 -12.65 -1.06
CA TRP A 117 2.51 -13.54 -0.79
C TRP A 117 2.81 -14.46 0.38
N SER A 118 1.83 -14.65 1.24
CA SER A 118 1.96 -15.50 2.42
C SER A 118 2.42 -16.90 2.05
N THR A 119 2.07 -17.34 0.85
CA THR A 119 2.44 -18.67 0.39
C THR A 119 2.88 -18.68 -1.06
N LYS A 120 3.93 -19.44 -1.35
CA LYS A 120 4.47 -19.55 -2.71
C LYS A 120 3.38 -20.04 -3.67
N PRO A 121 3.26 -19.40 -4.86
CA PRO A 121 2.26 -19.77 -5.86
C PRO A 121 2.32 -21.25 -6.24
N PRO A 122 1.18 -21.96 -6.14
CA PRO A 122 1.09 -23.39 -6.49
C PRO A 122 1.48 -23.67 -7.94
N ILE A 123 1.02 -24.80 -8.45
CA ILE A 123 1.30 -25.20 -9.83
C ILE A 123 0.08 -25.81 -10.49
N CYS A 124 0.32 -26.53 -11.58
CA CYS A 124 -0.71 -27.21 -12.35
C CYS A 124 -0.07 -28.36 -13.09
N GLN A 125 -0.73 -29.51 -13.14
CA GLN A 125 -0.18 -30.68 -13.81
C GLN A 125 -1.28 -31.58 -14.34
N ARG A 126 -1.11 -32.04 -15.59
CA ARG A 126 -2.09 -32.91 -16.23
C ARG A 126 -2.51 -34.02 -15.30
N ILE A 127 -3.81 -34.17 -15.14
CA ILE A 127 -4.37 -35.19 -14.28
C ILE A 127 -4.26 -36.57 -14.93
N PRO A 128 -3.67 -37.54 -14.20
CA PRO A 128 -3.49 -38.90 -14.70
C PRO A 128 -4.80 -39.70 -14.71
N GLU A 1 -8.40 35.81 19.12
CA GLU A 1 -7.89 36.54 17.93
C GLU A 1 -6.62 35.91 17.39
N ALA A 2 -6.54 35.79 16.06
CA ALA A 2 -5.37 35.21 15.41
C ALA A 2 -5.42 35.42 13.90
N GLU A 3 -4.29 35.83 13.33
CA GLU A 3 -4.21 36.07 11.89
C GLU A 3 -4.33 34.77 11.10
N ALA A 4 -3.76 34.77 9.91
CA ALA A 4 -3.82 33.59 9.04
C ALA A 4 -2.86 32.51 9.52
N HIS A 5 -3.37 31.29 9.63
CA HIS A 5 -2.57 30.15 10.08
C HIS A 5 -3.11 28.84 9.53
N CYS A 6 -2.22 28.01 9.00
CA CYS A 6 -2.61 26.72 8.45
C CYS A 6 -2.75 25.69 9.57
N GLN A 7 -3.98 25.26 9.85
CA GLN A 7 -4.21 24.28 10.90
C GLN A 7 -3.98 22.86 10.39
N ALA A 8 -4.43 21.89 11.18
CA ALA A 8 -4.28 20.48 10.82
C ALA A 8 -4.72 20.23 9.39
N PRO A 9 -3.85 19.63 8.56
CA PRO A 9 -4.16 19.35 7.15
C PRO A 9 -4.95 18.06 6.96
N ASP A 10 -6.10 18.19 6.30
CA ASP A 10 -6.98 17.06 5.99
C ASP A 10 -6.80 15.91 6.99
N HIS A 11 -6.76 14.69 6.46
CA HIS A 11 -6.59 13.49 7.28
C HIS A 11 -6.12 12.33 6.41
N PHE A 12 -5.38 11.41 7.02
CA PHE A 12 -4.87 10.25 6.28
C PHE A 12 -4.83 9.00 7.16
N LEU A 13 -5.31 7.91 6.60
CA LEU A 13 -5.37 6.63 7.29
C LEU A 13 -4.03 5.90 7.22
N PHE A 14 -3.49 5.81 6.00
CA PHE A 14 -2.21 5.13 5.80
C PHE A 14 -1.05 6.08 6.05
N ALA A 15 -1.27 7.06 6.91
CA ALA A 15 -0.24 8.03 7.25
C ALA A 15 -0.51 8.66 8.61
N LYS A 16 0.52 8.77 9.43
CA LYS A 16 0.38 9.36 10.76
C LYS A 16 1.52 10.32 11.07
N LEU A 17 1.17 11.55 11.41
CA LEU A 17 2.15 12.57 11.75
C LEU A 17 3.16 12.05 12.76
N LYS A 18 4.41 12.49 12.64
CA LYS A 18 5.45 12.06 13.56
C LYS A 18 6.58 13.09 13.64
N THR A 19 6.23 14.35 13.39
CA THR A 19 7.20 15.44 13.44
C THR A 19 7.63 15.70 14.89
N GLN A 20 7.24 16.85 15.42
CA GLN A 20 7.57 17.23 16.79
C GLN A 20 6.78 18.45 17.22
N THR A 21 5.56 18.53 16.72
CA THR A 21 4.67 19.64 17.03
C THR A 21 3.87 19.40 18.29
N THR A 22 3.44 20.48 18.94
CA THR A 22 2.66 20.41 20.16
C THR A 22 1.51 21.41 20.12
N ALA A 23 0.80 21.42 18.99
CA ALA A 23 -0.33 22.33 18.81
C ALA A 23 -1.16 21.93 17.59
N SER A 24 -2.40 22.39 17.56
CA SER A 24 -3.30 22.07 16.45
C SER A 24 -3.11 23.06 15.29
N ASP A 25 -2.85 24.31 15.63
CA ASP A 25 -2.64 25.34 14.62
C ASP A 25 -1.19 25.36 14.16
N PHE A 26 -0.98 25.67 12.89
CA PHE A 26 0.37 25.71 12.32
C PHE A 26 0.59 26.96 11.47
N PRO A 27 1.81 27.50 11.50
CA PRO A 27 2.18 28.70 10.74
C PRO A 27 2.56 28.38 9.30
N ILE A 28 2.10 29.20 8.36
CA ILE A 28 2.41 29.02 6.95
C ILE A 28 3.92 28.96 6.75
N GLY A 29 4.35 28.30 5.69
CA GLY A 29 5.78 28.16 5.44
C GLY A 29 6.39 27.17 6.40
N THR A 30 5.88 25.94 6.36
CA THR A 30 6.33 24.86 7.24
C THR A 30 5.63 23.56 6.88
N SER A 31 6.43 22.53 6.65
CA SER A 31 5.91 21.21 6.28
C SER A 31 5.98 20.22 7.44
N LEU A 32 4.90 19.48 7.65
CA LEU A 32 4.85 18.48 8.72
C LEU A 32 5.17 17.10 8.15
N LYS A 33 6.12 16.41 8.77
CA LYS A 33 6.53 15.08 8.31
C LYS A 33 5.58 14.00 8.84
N TYR A 34 4.96 13.26 7.92
CA TYR A 34 4.05 12.18 8.30
C TYR A 34 4.62 10.82 7.94
N GLU A 35 4.65 9.91 8.92
CA GLU A 35 5.16 8.57 8.69
C GLU A 35 4.03 7.62 8.30
N CYS A 36 4.00 7.25 7.02
CA CYS A 36 2.98 6.35 6.50
C CYS A 36 2.99 5.01 7.20
N ARG A 37 2.06 4.14 6.81
CA ARG A 37 1.94 2.81 7.40
C ARG A 37 2.87 1.81 6.69
N PRO A 38 3.31 0.77 7.42
CA PRO A 38 4.21 -0.25 6.86
C PRO A 38 3.68 -0.87 5.57
N GLU A 39 2.37 -1.06 5.50
CA GLU A 39 1.75 -1.66 4.32
C GLU A 39 1.82 -0.73 3.12
N TYR A 40 2.63 0.34 3.22
CA TYR A 40 2.78 1.29 2.13
C TYR A 40 4.24 1.72 1.98
N TYR A 41 4.75 1.63 0.76
CA TYR A 41 6.13 2.01 0.48
C TYR A 41 6.19 3.44 -0.04
N GLY A 42 7.15 4.22 0.45
CA GLY A 42 7.27 5.59 0.02
C GLY A 42 7.78 6.51 1.10
N ARG A 43 8.45 7.58 0.70
CA ARG A 43 8.99 8.54 1.64
C ARG A 43 7.89 9.38 2.28
N PRO A 44 8.04 9.67 3.58
CA PRO A 44 7.06 10.48 4.33
C PRO A 44 6.81 11.84 3.67
N PHE A 45 5.55 12.25 3.60
CA PHE A 45 5.22 13.54 2.98
C PHE A 45 5.23 14.66 4.01
N SER A 46 6.03 15.68 3.72
CA SER A 46 6.19 16.84 4.59
C SER A 46 5.00 17.79 4.54
N ILE A 47 4.45 17.97 3.35
CA ILE A 47 3.32 18.89 3.13
C ILE A 47 3.57 20.26 3.75
N THR A 48 4.10 21.16 2.92
CA THR A 48 4.42 22.53 3.32
C THR A 48 3.21 23.46 3.24
N CYS A 49 3.07 24.34 4.23
CA CYS A 49 2.00 25.33 4.19
C CYS A 49 2.36 26.37 3.15
N LEU A 50 1.43 26.64 2.26
CA LEU A 50 1.68 27.56 1.16
C LEU A 50 1.52 29.02 1.51
N ASP A 51 0.31 29.43 1.81
CA ASP A 51 0.04 30.82 2.13
C ASP A 51 -1.44 31.10 2.27
N ASN A 52 -2.24 30.49 1.40
CA ASN A 52 -3.69 30.66 1.45
C ASN A 52 -4.29 29.66 2.43
N LEU A 53 -3.62 29.49 3.57
CA LEU A 53 -4.07 28.56 4.60
C LEU A 53 -4.29 27.18 3.99
N VAL A 54 -3.30 26.71 3.25
CA VAL A 54 -3.39 25.41 2.59
C VAL A 54 -2.13 24.59 2.82
N TRP A 55 -2.17 23.36 2.30
CA TRP A 55 -1.05 22.44 2.42
C TRP A 55 -0.80 21.78 1.07
N SER A 56 0.44 21.86 0.61
CA SER A 56 0.84 21.27 -0.66
C SER A 56 0.21 19.89 -0.83
N SER A 57 -0.08 19.51 -2.07
CA SER A 57 -0.70 18.23 -2.35
C SER A 57 0.29 17.08 -2.24
N PRO A 58 0.02 16.11 -1.35
CA PRO A 58 0.88 14.94 -1.13
C PRO A 58 0.70 13.92 -2.24
N LYS A 59 0.92 14.35 -3.48
CA LYS A 59 0.78 13.46 -4.63
C LYS A 59 1.98 12.52 -4.72
N ASP A 60 1.70 11.22 -4.75
CA ASP A 60 2.76 10.21 -4.82
C ASP A 60 3.72 10.36 -3.65
N VAL A 61 3.53 9.56 -2.61
CA VAL A 61 4.39 9.62 -1.44
C VAL A 61 4.50 8.27 -0.73
N CYS A 62 3.44 7.47 -0.79
CA CYS A 62 3.43 6.18 -0.12
C CYS A 62 2.51 5.17 -0.81
N LYS A 63 2.84 4.79 -2.05
CA LYS A 63 2.04 3.82 -2.78
C LYS A 63 2.01 2.50 -2.02
N ARG A 64 0.84 1.87 -1.95
CA ARG A 64 0.70 0.60 -1.22
C ARG A 64 1.62 -0.49 -1.76
N LYS A 65 2.26 -1.20 -0.84
CA LYS A 65 3.14 -2.30 -1.20
C LYS A 65 2.39 -3.34 -2.01
N SER A 66 3.07 -3.99 -2.95
CA SER A 66 2.45 -4.99 -3.79
C SER A 66 3.41 -6.15 -4.07
N CYS A 67 2.89 -7.36 -4.00
CA CYS A 67 3.68 -8.56 -4.26
C CYS A 67 3.79 -8.79 -5.75
N LYS A 68 4.85 -9.48 -6.17
CA LYS A 68 5.05 -9.77 -7.59
C LYS A 68 3.97 -10.69 -8.12
N THR A 69 3.33 -10.27 -9.22
CA THR A 69 2.27 -11.05 -9.83
C THR A 69 2.76 -12.45 -10.19
N PRO A 70 1.95 -13.48 -9.92
CA PRO A 70 2.31 -14.87 -10.22
C PRO A 70 2.84 -15.03 -11.65
N PRO A 71 3.88 -15.87 -11.84
CA PRO A 71 4.49 -16.10 -13.15
C PRO A 71 3.61 -16.95 -14.07
N ASP A 72 2.34 -16.58 -14.18
CA ASP A 72 1.39 -17.31 -15.03
C ASP A 72 1.77 -18.77 -15.23
N PRO A 73 1.72 -19.58 -14.15
CA PRO A 73 2.07 -21.00 -14.21
C PRO A 73 1.56 -21.67 -15.47
N VAL A 74 2.42 -22.46 -16.09
CA VAL A 74 2.10 -23.17 -17.30
C VAL A 74 0.82 -24.00 -17.15
N ASN A 75 -0.07 -23.89 -18.13
CA ASN A 75 -1.32 -24.62 -18.13
C ASN A 75 -2.15 -24.29 -16.89
N GLY A 76 -2.38 -23.00 -16.66
CA GLY A 76 -3.16 -22.58 -15.51
C GLY A 76 -3.81 -21.22 -15.71
N MET A 77 -4.06 -20.51 -14.61
CA MET A 77 -4.70 -19.19 -14.67
C MET A 77 -4.95 -18.65 -13.27
N VAL A 78 -4.45 -17.45 -12.99
CA VAL A 78 -4.64 -16.83 -11.68
C VAL A 78 -5.87 -15.93 -11.70
N HIS A 79 -6.27 -15.51 -10.52
CA HIS A 79 -7.43 -14.65 -10.35
C HIS A 79 -7.26 -13.82 -9.08
N VAL A 80 -6.93 -12.55 -9.28
CA VAL A 80 -6.67 -11.62 -8.19
C VAL A 80 -7.89 -11.28 -7.35
N ILE A 81 -9.08 -11.42 -7.93
CA ILE A 81 -10.33 -11.10 -7.24
C ILE A 81 -10.54 -9.59 -7.19
N THR A 82 -9.47 -8.86 -6.91
CA THR A 82 -9.53 -7.40 -6.84
C THR A 82 -8.24 -6.79 -7.37
N ASP A 83 -7.13 -7.14 -6.73
CA ASP A 83 -5.83 -6.62 -7.11
C ASP A 83 -4.72 -7.56 -6.63
N ILE A 84 -3.58 -6.98 -6.26
CA ILE A 84 -2.46 -7.77 -5.76
C ILE A 84 -1.64 -6.99 -4.74
N GLN A 85 -2.27 -5.97 -4.17
CA GLN A 85 -1.63 -5.15 -3.14
C GLN A 85 -1.63 -5.93 -1.83
N VAL A 86 -1.03 -5.35 -0.80
CA VAL A 86 -1.01 -6.00 0.51
C VAL A 86 -2.43 -6.35 0.94
N GLY A 87 -3.38 -5.62 0.39
CA GLY A 87 -4.79 -5.84 0.69
C GLY A 87 -5.54 -6.47 -0.47
N SER A 88 -5.03 -7.61 -0.96
CA SER A 88 -5.65 -8.32 -2.07
C SER A 88 -5.22 -9.78 -2.09
N ARG A 89 -6.21 -10.67 -2.13
CA ARG A 89 -5.94 -12.10 -2.13
C ARG A 89 -6.13 -12.70 -3.52
N ILE A 90 -5.14 -13.44 -3.99
CA ILE A 90 -5.21 -14.09 -5.31
C ILE A 90 -5.52 -15.57 -5.17
N THR A 91 -6.17 -16.13 -6.19
CA THR A 91 -6.50 -17.54 -6.19
C THR A 91 -6.20 -18.18 -7.53
N TYR A 92 -5.65 -19.39 -7.49
CA TYR A 92 -5.29 -20.11 -8.70
C TYR A 92 -6.38 -21.09 -9.10
N SER A 93 -6.47 -21.36 -10.40
CA SER A 93 -7.47 -22.28 -10.93
C SER A 93 -6.99 -22.89 -12.24
N CYS A 94 -5.98 -23.76 -12.15
CA CYS A 94 -5.41 -24.41 -13.32
C CYS A 94 -6.52 -24.92 -14.24
N THR A 95 -6.22 -24.99 -15.54
CA THR A 95 -7.21 -25.46 -16.51
C THR A 95 -7.61 -26.90 -16.23
N THR A 96 -8.87 -27.21 -16.53
CA THR A 96 -9.42 -28.55 -16.30
C THR A 96 -8.42 -29.65 -16.67
N GLY A 97 -7.69 -29.44 -17.76
CA GLY A 97 -6.72 -30.44 -18.20
C GLY A 97 -5.72 -30.81 -17.11
N HIS A 98 -5.13 -29.79 -16.48
CA HIS A 98 -4.15 -30.01 -15.44
C HIS A 98 -4.76 -29.77 -14.06
N ARG A 99 -4.37 -30.60 -13.10
CA ARG A 99 -4.87 -30.49 -11.73
C ARG A 99 -3.96 -29.58 -10.91
N LEU A 100 -4.57 -28.77 -10.05
CA LEU A 100 -3.82 -27.85 -9.21
C LEU A 100 -3.05 -28.60 -8.11
N ILE A 101 -1.78 -28.24 -7.95
CA ILE A 101 -0.93 -28.86 -6.92
C ILE A 101 -0.74 -27.91 -5.74
N GLY A 102 -0.85 -28.46 -4.53
CA GLY A 102 -0.70 -27.68 -3.33
C GLY A 102 -1.98 -27.01 -2.88
N HIS A 103 -1.90 -25.76 -2.44
CA HIS A 103 -3.07 -25.01 -2.00
C HIS A 103 -3.84 -24.47 -3.20
N SER A 104 -4.27 -23.22 -3.15
CA SER A 104 -5.01 -22.61 -4.25
C SER A 104 -5.34 -21.16 -3.97
N SER A 105 -4.67 -20.57 -2.98
CA SER A 105 -4.91 -19.18 -2.63
C SER A 105 -3.72 -18.59 -1.87
N ALA A 106 -3.46 -17.31 -2.10
CA ALA A 106 -2.37 -16.61 -1.43
C ALA A 106 -2.61 -15.11 -1.40
N GLU A 107 -2.59 -14.53 -0.21
CA GLU A 107 -2.82 -13.10 -0.04
C GLU A 107 -1.51 -12.35 0.10
N CYS A 108 -1.39 -11.19 -0.57
CA CYS A 108 -0.18 -10.39 -0.47
C CYS A 108 -0.12 -9.76 0.92
N ILE A 109 0.96 -9.99 1.63
CA ILE A 109 1.09 -9.45 2.98
C ILE A 109 2.46 -8.80 3.21
N LEU A 110 2.88 -8.76 4.47
CA LEU A 110 4.16 -8.14 4.82
C LEU A 110 4.69 -8.76 6.12
N SER A 111 5.92 -9.27 6.06
CA SER A 111 6.54 -9.88 7.24
C SER A 111 7.32 -8.85 8.06
N GLY A 112 6.72 -7.68 8.23
CA GLY A 112 7.36 -6.62 9.00
C GLY A 112 8.75 -6.30 8.51
N ASN A 113 9.00 -6.57 7.22
CA ASN A 113 10.30 -6.31 6.61
C ASN A 113 10.16 -6.20 5.09
N THR A 114 9.45 -7.16 4.51
CA THR A 114 9.25 -7.19 3.06
C THR A 114 7.88 -7.78 2.71
N ALA A 115 7.26 -7.25 1.67
CA ALA A 115 5.95 -7.72 1.25
C ALA A 115 6.09 -8.99 0.41
N HIS A 116 5.29 -10.00 0.74
CA HIS A 116 5.32 -11.28 0.02
C HIS A 116 4.04 -12.07 0.23
N TRP A 117 3.73 -12.96 -0.71
CA TRP A 117 2.54 -13.77 -0.63
C TRP A 117 2.60 -14.70 0.58
N SER A 118 1.45 -14.94 1.18
CA SER A 118 1.35 -15.80 2.35
C SER A 118 1.95 -17.18 2.05
N THR A 119 1.80 -17.62 0.80
CA THR A 119 2.33 -18.92 0.40
C THR A 119 2.80 -18.92 -1.05
N LYS A 120 3.82 -19.74 -1.30
CA LYS A 120 4.40 -19.87 -2.63
C LYS A 120 3.35 -20.34 -3.63
N PRO A 121 3.34 -19.77 -4.84
CA PRO A 121 2.37 -20.13 -5.90
C PRO A 121 2.30 -21.64 -6.13
N PRO A 122 1.08 -22.18 -6.31
CA PRO A 122 0.87 -23.62 -6.54
C PRO A 122 1.51 -24.09 -7.84
N ILE A 123 1.05 -25.23 -8.33
CA ILE A 123 1.59 -25.79 -9.57
C ILE A 123 0.51 -26.43 -10.42
N CYS A 124 0.54 -26.16 -11.72
CA CYS A 124 -0.40 -26.78 -12.63
C CYS A 124 0.25 -27.99 -13.27
N GLN A 125 -0.39 -29.15 -13.17
CA GLN A 125 0.17 -30.38 -13.72
C GLN A 125 -0.94 -31.26 -14.30
N ARG A 126 -0.76 -31.68 -15.54
CA ARG A 126 -1.75 -32.52 -16.23
C ARG A 126 -2.19 -33.67 -15.35
N ILE A 127 -3.48 -33.95 -15.42
CA ILE A 127 -4.08 -35.02 -14.65
C ILE A 127 -3.72 -36.38 -15.23
N PRO A 128 -3.26 -37.32 -14.39
CA PRO A 128 -2.89 -38.68 -14.83
C PRO A 128 -4.05 -39.42 -15.46
N GLU A 1 -2.22 37.11 5.86
CA GLU A 1 -2.22 38.53 6.32
C GLU A 1 -3.03 38.68 7.61
N ALA A 2 -4.25 38.16 7.59
CA ALA A 2 -5.13 38.24 8.75
C ALA A 2 -4.80 37.14 9.77
N GLU A 3 -3.51 37.01 10.09
CA GLU A 3 -3.06 36.00 11.04
C GLU A 3 -3.43 34.60 10.56
N ALA A 4 -3.17 34.34 9.28
CA ALA A 4 -3.47 33.04 8.67
C ALA A 4 -2.47 31.98 9.13
N HIS A 5 -2.99 30.80 9.47
CA HIS A 5 -2.14 29.69 9.90
C HIS A 5 -2.79 28.35 9.60
N CYS A 6 -2.01 27.45 9.00
CA CYS A 6 -2.51 26.12 8.66
C CYS A 6 -2.43 25.20 9.88
N GLN A 7 -3.58 24.70 10.33
CA GLN A 7 -3.62 23.82 11.49
C GLN A 7 -3.09 22.43 11.14
N ALA A 8 -2.95 21.61 12.16
CA ALA A 8 -2.46 20.24 11.99
C ALA A 8 -3.16 19.55 10.82
N PRO A 9 -2.39 18.83 9.98
CA PRO A 9 -2.94 18.13 8.82
C PRO A 9 -4.09 17.22 9.21
N ASP A 10 -5.13 17.26 8.38
CA ASP A 10 -6.33 16.50 8.62
C ASP A 10 -6.09 15.00 8.54
N HIS A 11 -6.06 14.37 9.70
CA HIS A 11 -5.88 12.92 9.87
C HIS A 11 -5.45 12.19 8.60
N PHE A 12 -4.21 11.71 8.58
CA PHE A 12 -3.71 10.95 7.43
C PHE A 12 -4.00 9.47 7.61
N LEU A 13 -4.56 8.85 6.57
CA LEU A 13 -4.90 7.44 6.61
C LEU A 13 -3.67 6.56 6.48
N PHE A 14 -3.06 6.56 5.31
CA PHE A 14 -1.88 5.76 5.06
C PHE A 14 -0.63 6.49 5.51
N ALA A 15 -0.82 7.45 6.41
CA ALA A 15 0.31 8.24 6.91
C ALA A 15 0.08 8.70 8.36
N LYS A 16 1.18 8.86 9.09
CA LYS A 16 1.13 9.29 10.47
C LYS A 16 2.26 10.28 10.78
N LEU A 17 1.93 11.35 11.49
CA LEU A 17 2.90 12.38 11.85
C LEU A 17 4.21 11.77 12.36
N LYS A 18 5.32 12.37 11.94
CA LYS A 18 6.65 11.91 12.34
C LYS A 18 7.64 13.07 12.38
N THR A 19 7.31 14.08 13.18
CA THR A 19 8.15 15.26 13.31
C THR A 19 7.71 16.10 14.51
N GLN A 20 8.67 16.56 15.31
CA GLN A 20 8.37 17.38 16.48
C GLN A 20 7.56 18.61 16.08
N THR A 21 6.56 18.94 16.89
CA THR A 21 5.71 20.09 16.61
C THR A 21 5.16 20.71 17.89
N THR A 22 4.47 19.89 18.68
CA THR A 22 3.87 20.32 19.96
C THR A 22 2.69 21.29 19.75
N ALA A 23 2.92 22.33 18.96
CA ALA A 23 1.88 23.33 18.69
C ALA A 23 0.78 22.76 17.83
N SER A 24 -0.44 23.25 18.04
CA SER A 24 -1.60 22.78 17.27
C SER A 24 -1.72 23.56 15.95
N ASP A 25 -1.64 24.88 16.05
CA ASP A 25 -1.73 25.74 14.87
C ASP A 25 -0.36 25.88 14.21
N PHE A 26 -0.28 25.51 12.94
CA PHE A 26 0.99 25.58 12.21
C PHE A 26 1.03 26.78 11.27
N PRO A 27 2.23 27.36 11.08
CA PRO A 27 2.44 28.51 10.21
C PRO A 27 2.64 28.08 8.76
N ILE A 28 2.06 28.84 7.84
CA ILE A 28 2.19 28.54 6.42
C ILE A 28 3.66 28.39 6.03
N GLY A 29 3.92 27.60 4.99
CA GLY A 29 5.28 27.37 4.56
C GLY A 29 5.86 26.17 5.27
N THR A 30 5.57 26.07 6.57
CA THR A 30 6.03 24.96 7.38
C THR A 30 5.58 23.62 6.78
N SER A 31 6.46 22.65 6.77
CA SER A 31 6.15 21.34 6.21
C SER A 31 6.30 20.24 7.27
N LEU A 32 5.30 19.37 7.36
CA LEU A 32 5.33 18.27 8.33
C LEU A 32 5.59 16.93 7.66
N LYS A 33 6.47 16.13 8.28
CA LYS A 33 6.81 14.82 7.76
C LYS A 33 5.84 13.74 8.24
N TYR A 34 5.39 12.90 7.32
CA TYR A 34 4.47 11.82 7.66
C TYR A 34 4.94 10.50 7.03
N GLU A 35 5.11 9.48 7.86
CA GLU A 35 5.55 8.18 7.38
C GLU A 35 4.38 7.25 7.12
N CYS A 36 4.41 6.59 5.96
CA CYS A 36 3.35 5.66 5.59
C CYS A 36 3.22 4.54 6.62
N ARG A 37 2.00 4.01 6.75
CA ARG A 37 1.74 2.94 7.70
C ARG A 37 2.11 1.59 7.10
N PRO A 38 2.26 0.54 7.94
CA PRO A 38 2.62 -0.81 7.47
C PRO A 38 1.53 -1.46 6.62
N GLU A 39 1.28 -0.86 5.46
CA GLU A 39 0.28 -1.34 4.51
C GLU A 39 0.49 -0.65 3.16
N TYR A 40 1.22 0.47 3.20
CA TYR A 40 1.51 1.24 1.99
C TYR A 40 3.01 1.52 1.90
N TYR A 41 3.39 2.40 0.99
CA TYR A 41 4.80 2.77 0.81
C TYR A 41 4.94 4.20 0.31
N GLY A 42 5.90 4.94 0.87
CA GLY A 42 6.11 6.31 0.45
C GLY A 42 7.02 7.09 1.37
N ARG A 43 7.58 6.40 2.37
CA ARG A 43 8.50 7.01 3.35
C ARG A 43 7.96 8.34 3.90
N PRO A 44 8.63 8.93 4.90
CA PRO A 44 8.20 10.20 5.51
C PRO A 44 8.12 11.34 4.51
N PHE A 45 6.95 11.50 3.90
CA PHE A 45 6.74 12.57 2.93
C PHE A 45 6.23 13.83 3.62
N SER A 46 6.99 14.91 3.47
CA SER A 46 6.64 16.19 4.08
C SER A 46 5.49 16.88 3.33
N ILE A 47 4.83 17.82 4.01
CA ILE A 47 3.73 18.57 3.41
C ILE A 47 3.83 20.06 3.78
N THR A 48 4.26 20.86 2.81
CA THR A 48 4.43 22.30 2.99
C THR A 48 3.13 23.09 2.84
N CYS A 49 2.85 23.97 3.81
CA CYS A 49 1.68 24.83 3.74
C CYS A 49 1.96 25.90 2.69
N LEU A 50 1.01 26.11 1.81
CA LEU A 50 1.18 27.05 0.72
C LEU A 50 0.85 28.49 1.06
N ASP A 51 -0.38 28.74 1.46
CA ASP A 51 -0.79 30.11 1.79
C ASP A 51 -2.30 30.17 2.02
N ASN A 52 -3.05 29.39 1.26
CA ASN A 52 -4.50 29.37 1.40
C ASN A 52 -4.89 28.44 2.53
N LEU A 53 -4.08 28.45 3.59
CA LEU A 53 -4.33 27.62 4.76
C LEU A 53 -4.56 26.17 4.36
N VAL A 54 -3.73 25.69 3.42
CA VAL A 54 -3.86 24.32 2.95
C VAL A 54 -2.51 23.64 2.82
N TRP A 55 -2.53 22.34 3.06
CA TRP A 55 -1.34 21.53 2.95
C TRP A 55 -1.24 20.96 1.54
N SER A 56 -0.15 21.25 0.85
CA SER A 56 0.06 20.76 -0.50
C SER A 56 -0.47 19.33 -0.60
N SER A 57 -1.36 19.10 -1.56
CA SER A 57 -1.95 17.78 -1.74
C SER A 57 -0.99 16.83 -2.44
N PRO A 58 -0.42 15.89 -1.68
CA PRO A 58 0.53 14.91 -2.17
C PRO A 58 -0.11 13.55 -2.45
N LYS A 59 -1.15 13.55 -3.27
CA LYS A 59 -1.83 12.31 -3.61
C LYS A 59 -1.02 11.53 -4.64
N ASP A 60 0.28 11.56 -4.45
CA ASP A 60 1.22 10.88 -5.33
C ASP A 60 2.54 10.71 -4.58
N VAL A 61 2.46 10.11 -3.40
CA VAL A 61 3.64 9.93 -2.57
C VAL A 61 3.57 8.63 -1.75
N CYS A 62 2.38 8.08 -1.64
CA CYS A 62 2.19 6.85 -0.88
C CYS A 62 1.08 6.01 -1.48
N LYS A 63 1.35 4.70 -1.59
CA LYS A 63 0.40 3.75 -2.16
C LYS A 63 0.55 2.40 -1.49
N ARG A 64 -0.55 1.65 -1.41
CA ARG A 64 -0.54 0.34 -0.76
C ARG A 64 0.55 -0.58 -1.31
N LYS A 65 1.25 -1.23 -0.39
CA LYS A 65 2.30 -2.18 -0.74
C LYS A 65 1.75 -3.27 -1.65
N SER A 66 2.65 -4.00 -2.30
CA SER A 66 2.25 -5.08 -3.19
C SER A 66 3.26 -6.23 -3.11
N CYS A 67 2.74 -7.44 -2.98
CA CYS A 67 3.59 -8.63 -2.89
C CYS A 67 4.06 -9.09 -4.26
N LYS A 68 4.33 -8.14 -5.14
CA LYS A 68 4.78 -8.43 -6.50
C LYS A 68 3.74 -9.24 -7.26
N THR A 69 3.51 -8.87 -8.52
CA THR A 69 2.53 -9.57 -9.34
C THR A 69 2.85 -11.06 -9.40
N PRO A 70 1.86 -11.93 -9.12
CA PRO A 70 2.05 -13.38 -9.13
C PRO A 70 2.24 -13.94 -10.54
N PRO A 71 3.38 -14.60 -10.79
CA PRO A 71 3.66 -15.19 -12.11
C PRO A 71 2.77 -16.39 -12.38
N ASP A 72 2.04 -16.35 -13.48
CA ASP A 72 1.14 -17.44 -13.84
C ASP A 72 1.93 -18.73 -14.08
N PRO A 73 1.62 -19.78 -13.31
CA PRO A 73 2.29 -21.08 -13.45
C PRO A 73 1.95 -21.76 -14.75
N VAL A 74 2.94 -22.39 -15.35
CA VAL A 74 2.77 -23.08 -16.61
C VAL A 74 1.50 -23.93 -16.59
N ASN A 75 0.65 -23.74 -17.60
CA ASN A 75 -0.60 -24.48 -17.71
C ASN A 75 -1.55 -24.11 -16.58
N GLY A 76 -1.74 -22.80 -16.36
CA GLY A 76 -2.62 -22.34 -15.31
C GLY A 76 -3.01 -20.88 -15.47
N MET A 77 -3.43 -20.26 -14.36
CA MET A 77 -3.84 -18.85 -14.38
C MET A 77 -4.34 -18.42 -13.00
N VAL A 78 -3.80 -17.32 -12.48
CA VAL A 78 -4.21 -16.82 -11.17
C VAL A 78 -5.18 -15.64 -11.30
N HIS A 79 -6.28 -15.70 -10.57
CA HIS A 79 -7.27 -14.63 -10.60
C HIS A 79 -6.96 -13.62 -9.50
N VAL A 80 -6.54 -12.43 -9.88
CA VAL A 80 -6.23 -11.39 -8.91
C VAL A 80 -7.49 -11.01 -8.15
N ILE A 81 -8.64 -11.35 -8.76
CA ILE A 81 -9.96 -11.07 -8.19
C ILE A 81 -10.30 -9.60 -8.34
N THR A 82 -9.36 -8.74 -7.97
CA THR A 82 -9.53 -7.29 -8.06
C THR A 82 -8.19 -6.64 -8.35
N ASP A 83 -7.19 -7.00 -7.56
CA ASP A 83 -5.83 -6.48 -7.70
C ASP A 83 -4.84 -7.44 -7.06
N ILE A 84 -3.74 -6.90 -6.54
CA ILE A 84 -2.71 -7.73 -5.90
C ILE A 84 -1.97 -6.94 -4.83
N GLN A 85 -2.64 -5.93 -4.30
CA GLN A 85 -2.05 -5.09 -3.25
C GLN A 85 -2.18 -5.78 -1.89
N VAL A 86 -1.42 -5.32 -0.91
CA VAL A 86 -1.46 -5.89 0.43
C VAL A 86 -2.88 -5.87 0.99
N GLY A 87 -3.60 -6.97 0.79
CA GLY A 87 -4.97 -7.08 1.27
C GLY A 87 -5.79 -8.05 0.44
N SER A 88 -5.71 -7.91 -0.88
CA SER A 88 -6.45 -8.79 -1.79
C SER A 88 -5.80 -10.16 -1.89
N ARG A 89 -6.63 -11.19 -1.96
CA ARG A 89 -6.14 -12.56 -2.08
C ARG A 89 -6.31 -13.08 -3.51
N ILE A 90 -5.25 -13.66 -4.05
CA ILE A 90 -5.28 -14.19 -5.41
C ILE A 90 -5.54 -15.70 -5.40
N THR A 91 -6.53 -16.13 -6.16
CA THR A 91 -6.85 -17.54 -6.26
C THR A 91 -6.22 -18.16 -7.50
N TYR A 92 -5.58 -19.31 -7.30
CA TYR A 92 -4.93 -20.00 -8.40
C TYR A 92 -5.82 -21.09 -8.98
N SER A 93 -5.79 -21.21 -10.30
CA SER A 93 -6.59 -22.20 -11.00
C SER A 93 -5.93 -22.57 -12.32
N CYS A 94 -5.52 -23.84 -12.43
CA CYS A 94 -4.86 -24.33 -13.63
C CYS A 94 -5.83 -24.49 -14.78
N THR A 95 -5.34 -24.26 -15.99
CA THR A 95 -6.17 -24.38 -17.19
C THR A 95 -6.63 -25.82 -17.38
N THR A 96 -7.81 -25.98 -17.97
CA THR A 96 -8.37 -27.31 -18.20
C THR A 96 -7.34 -28.25 -18.80
N GLY A 97 -6.88 -29.21 -17.99
CA GLY A 97 -5.91 -30.17 -18.45
C GLY A 97 -5.06 -30.71 -17.31
N HIS A 98 -4.40 -29.82 -16.58
CA HIS A 98 -3.56 -30.19 -15.47
C HIS A 98 -4.26 -29.92 -14.14
N ARG A 99 -4.02 -30.77 -13.16
CA ARG A 99 -4.62 -30.62 -11.84
C ARG A 99 -3.75 -29.76 -10.94
N LEU A 100 -4.39 -28.88 -10.18
CA LEU A 100 -3.65 -27.99 -9.29
C LEU A 100 -3.08 -28.76 -8.10
N ILE A 101 -1.80 -28.53 -7.80
CA ILE A 101 -1.14 -29.17 -6.69
C ILE A 101 -0.94 -28.20 -5.53
N GLY A 102 -1.33 -28.62 -4.33
CA GLY A 102 -1.18 -27.76 -3.17
C GLY A 102 -2.45 -27.02 -2.81
N HIS A 103 -2.30 -25.74 -2.45
CA HIS A 103 -3.44 -24.91 -2.07
C HIS A 103 -4.14 -24.35 -3.30
N SER A 104 -4.56 -23.08 -3.23
CA SER A 104 -5.25 -22.43 -4.34
C SER A 104 -5.65 -21.00 -3.98
N SER A 105 -4.93 -20.43 -3.02
CA SER A 105 -5.20 -19.06 -2.59
C SER A 105 -3.99 -18.45 -1.90
N ALA A 106 -3.84 -17.13 -2.02
CA ALA A 106 -2.72 -16.43 -1.40
C ALA A 106 -3.06 -14.95 -1.19
N GLU A 107 -3.06 -14.53 0.07
CA GLU A 107 -3.38 -13.15 0.40
C GLU A 107 -2.11 -12.32 0.57
N CYS A 108 -2.03 -11.19 -0.11
CA CYS A 108 -0.87 -10.32 0.00
C CYS A 108 -0.85 -9.64 1.36
N ILE A 109 0.21 -9.89 2.13
CA ILE A 109 0.32 -9.32 3.47
C ILE A 109 1.73 -8.80 3.73
N LEU A 110 1.80 -7.69 4.45
CA LEU A 110 3.07 -7.08 4.80
C LEU A 110 3.67 -7.72 6.05
N SER A 111 4.89 -8.22 5.93
CA SER A 111 5.58 -8.85 7.06
C SER A 111 6.49 -7.84 7.74
N GLY A 112 7.32 -7.17 6.95
CA GLY A 112 8.23 -6.17 7.47
C GLY A 112 9.24 -5.74 6.42
N ASN A 113 9.27 -4.44 6.14
CA ASN A 113 10.18 -3.88 5.13
C ASN A 113 9.74 -4.24 3.72
N THR A 114 9.22 -5.45 3.55
CA THR A 114 8.77 -5.91 2.25
C THR A 114 7.55 -6.83 2.38
N ALA A 115 6.56 -6.62 1.52
CA ALA A 115 5.34 -7.42 1.53
C ALA A 115 5.53 -8.74 0.78
N HIS A 116 4.78 -9.76 1.20
CA HIS A 116 4.86 -11.08 0.58
C HIS A 116 3.55 -11.83 0.73
N TRP A 117 3.22 -12.65 -0.26
CA TRP A 117 1.98 -13.41 -0.24
C TRP A 117 1.96 -14.41 0.91
N SER A 118 0.81 -14.53 1.55
CA SER A 118 0.62 -15.44 2.68
C SER A 118 0.83 -16.88 2.26
N THR A 119 0.68 -17.15 0.96
CA THR A 119 0.82 -18.50 0.44
C THR A 119 1.59 -18.52 -0.87
N LYS A 120 2.51 -19.47 -0.99
CA LYS A 120 3.31 -19.61 -2.20
C LYS A 120 2.48 -20.18 -3.34
N PRO A 121 2.79 -19.79 -4.58
CA PRO A 121 2.06 -20.28 -5.77
C PRO A 121 2.13 -21.79 -5.91
N PRO A 122 0.96 -22.44 -6.08
CA PRO A 122 0.89 -23.91 -6.24
C PRO A 122 1.58 -24.40 -7.51
N ILE A 123 1.15 -25.55 -8.01
CA ILE A 123 1.73 -26.12 -9.22
C ILE A 123 0.69 -26.73 -10.14
N CYS A 124 0.88 -26.55 -11.43
CA CYS A 124 -0.01 -27.15 -12.41
C CYS A 124 0.67 -28.39 -12.97
N GLN A 125 -0.01 -29.53 -12.92
CA GLN A 125 0.58 -30.78 -13.39
C GLN A 125 -0.46 -31.68 -14.02
N ARG A 126 -0.11 -32.30 -15.13
CA ARG A 126 -1.00 -33.20 -15.84
C ARG A 126 -1.70 -34.16 -14.90
N ILE A 127 -2.99 -34.32 -15.12
CA ILE A 127 -3.81 -35.21 -14.32
C ILE A 127 -3.53 -36.67 -14.68
N PRO A 128 -3.21 -37.51 -13.68
CA PRO A 128 -2.91 -38.93 -13.90
C PRO A 128 -4.15 -39.72 -14.30
N GLU A 1 2.86 38.91 17.26
CA GLU A 1 2.60 38.91 15.80
C GLU A 1 2.15 37.54 15.31
N ALA A 2 1.03 37.50 14.59
CA ALA A 2 0.49 36.26 14.07
C ALA A 2 -0.78 36.50 13.26
N GLU A 3 -0.87 35.84 12.11
CA GLU A 3 -2.04 35.98 11.23
C GLU A 3 -2.26 34.71 10.42
N ALA A 4 -3.50 34.21 10.43
CA ALA A 4 -3.87 33.01 9.70
C ALA A 4 -3.14 31.78 10.24
N HIS A 5 -3.87 30.68 10.39
CA HIS A 5 -3.31 29.44 10.91
C HIS A 5 -3.98 28.21 10.29
N CYS A 6 -3.18 27.38 9.64
CA CYS A 6 -3.70 26.16 9.01
C CYS A 6 -3.80 25.06 10.06
N GLN A 7 -4.99 24.51 10.24
CA GLN A 7 -5.19 23.45 11.22
C GLN A 7 -4.59 22.14 10.77
N ALA A 8 -4.51 21.21 11.73
CA ALA A 8 -3.96 19.88 11.47
C ALA A 8 -4.54 19.26 10.20
N PRO A 9 -3.67 18.70 9.35
CA PRO A 9 -4.09 18.07 8.09
C PRO A 9 -5.01 16.87 8.32
N ASP A 10 -5.84 16.56 7.33
CA ASP A 10 -6.76 15.44 7.43
C ASP A 10 -6.00 14.12 7.57
N HIS A 11 -6.74 13.05 7.81
CA HIS A 11 -6.14 11.73 7.98
C HIS A 11 -5.74 11.13 6.64
N PHE A 12 -4.45 10.82 6.50
CA PHE A 12 -3.93 10.22 5.27
C PHE A 12 -4.09 8.70 5.32
N LEU A 13 -3.90 8.15 6.51
CA LEU A 13 -4.01 6.70 6.74
C LEU A 13 -2.78 5.96 6.21
N PHE A 14 -2.34 6.28 5.01
CA PHE A 14 -1.18 5.64 4.42
C PHE A 14 0.11 6.30 4.89
N ALA A 15 -0.02 7.25 5.81
CA ALA A 15 1.14 7.95 6.34
C ALA A 15 0.84 8.56 7.71
N LYS A 16 1.68 8.25 8.69
CA LYS A 16 1.49 8.78 10.04
C LYS A 16 2.47 9.91 10.33
N LEU A 17 1.93 11.07 10.73
CA LEU A 17 2.75 12.23 11.07
C LEU A 17 3.84 11.87 12.06
N LYS A 18 4.91 12.67 12.07
CA LYS A 18 6.02 12.44 12.99
C LYS A 18 6.63 13.76 13.45
N THR A 19 7.23 14.48 12.52
CA THR A 19 7.85 15.78 12.78
C THR A 19 8.15 15.97 14.28
N GLN A 20 7.50 16.96 14.90
CA GLN A 20 7.70 17.25 16.32
C GLN A 20 6.77 18.37 16.77
N THR A 21 5.53 18.31 16.29
CA THR A 21 4.53 19.32 16.62
C THR A 21 3.86 19.05 17.96
N THR A 22 2.83 19.84 18.26
CA THR A 22 2.09 19.70 19.51
C THR A 22 0.82 20.54 19.47
N ALA A 23 0.95 21.77 18.96
CA ALA A 23 -0.17 22.68 18.86
C ALA A 23 -1.18 22.23 17.80
N SER A 24 -2.42 22.70 17.92
CA SER A 24 -3.46 22.34 16.97
C SER A 24 -3.41 23.25 15.76
N ASP A 25 -3.24 24.55 15.99
CA ASP A 25 -3.16 25.52 14.91
C ASP A 25 -1.73 25.60 14.40
N PHE A 26 -1.56 25.40 13.09
CA PHE A 26 -0.24 25.43 12.48
C PHE A 26 0.02 26.72 11.71
N PRO A 27 1.20 27.32 11.91
CA PRO A 27 1.59 28.56 11.23
C PRO A 27 1.89 28.34 9.75
N ILE A 28 1.49 29.29 8.92
CA ILE A 28 1.71 29.19 7.47
C ILE A 28 3.20 29.08 7.15
N GLY A 29 3.51 28.50 5.99
CA GLY A 29 4.90 28.33 5.59
C GLY A 29 5.51 27.10 6.22
N THR A 30 5.12 26.82 7.45
CA THR A 30 5.61 25.65 8.17
C THR A 30 5.38 24.36 7.39
N SER A 31 6.45 23.59 7.20
CA SER A 31 6.37 22.32 6.49
C SER A 31 6.35 21.17 7.48
N LEU A 32 5.41 20.25 7.31
CA LEU A 32 5.30 19.10 8.20
C LEU A 32 6.03 17.90 7.60
N LYS A 33 5.81 16.72 8.16
CA LYS A 33 6.46 15.51 7.66
C LYS A 33 5.69 14.26 8.05
N TYR A 34 5.43 13.40 7.09
CA TYR A 34 4.70 12.16 7.34
C TYR A 34 5.44 10.95 6.77
N GLU A 35 5.51 9.88 7.56
CA GLU A 35 6.17 8.66 7.14
C GLU A 35 5.15 7.67 6.58
N CYS A 36 5.47 7.05 5.45
CA CYS A 36 4.57 6.08 4.83
C CYS A 36 4.23 4.98 5.83
N ARG A 37 3.09 4.35 5.61
CA ARG A 37 2.63 3.28 6.49
C ARG A 37 3.30 1.96 6.08
N PRO A 38 3.61 1.08 7.04
CA PRO A 38 4.27 -0.20 6.76
C PRO A 38 3.77 -0.87 5.50
N GLU A 39 2.45 -0.81 5.30
CA GLU A 39 1.83 -1.42 4.12
C GLU A 39 2.19 -0.67 2.84
N TYR A 40 2.32 0.66 2.95
CA TYR A 40 2.65 1.49 1.80
C TYR A 40 4.14 1.75 1.68
N TYR A 41 4.63 1.79 0.44
CA TYR A 41 6.04 2.04 0.17
C TYR A 41 6.25 3.50 -0.26
N GLY A 42 7.35 4.09 0.18
CA GLY A 42 7.62 5.48 -0.17
C GLY A 42 8.49 6.19 0.84
N ARG A 43 9.31 7.11 0.36
CA ARG A 43 10.18 7.89 1.21
C ARG A 43 9.37 8.92 2.01
N PRO A 44 9.91 9.40 3.13
CA PRO A 44 9.23 10.40 3.98
C PRO A 44 8.94 11.68 3.23
N PHE A 45 7.65 11.98 3.05
CA PHE A 45 7.25 13.20 2.34
C PHE A 45 6.97 14.33 3.33
N SER A 46 6.36 15.41 2.84
CA SER A 46 6.05 16.56 3.66
C SER A 46 5.09 17.51 2.95
N ILE A 47 4.08 17.97 3.68
CA ILE A 47 3.08 18.89 3.15
C ILE A 47 3.32 20.32 3.61
N THR A 48 3.42 21.22 2.65
CA THR A 48 3.65 22.63 2.94
C THR A 48 2.37 23.38 3.30
N CYS A 49 2.33 23.97 4.49
CA CYS A 49 1.17 24.76 4.90
C CYS A 49 1.15 26.04 4.09
N LEU A 50 0.27 26.08 3.10
CA LEU A 50 0.19 27.24 2.20
C LEU A 50 -0.63 28.39 2.77
N ASP A 51 -0.42 29.55 2.17
CA ASP A 51 -1.09 30.79 2.54
C ASP A 51 -2.59 30.59 2.74
N ASN A 52 -3.18 29.71 1.95
CA ASN A 52 -4.61 29.45 2.03
C ASN A 52 -4.91 28.48 3.17
N LEU A 53 -4.05 28.52 4.21
CA LEU A 53 -4.23 27.64 5.36
C LEU A 53 -4.48 26.22 4.90
N VAL A 54 -3.88 25.88 3.77
CA VAL A 54 -4.04 24.56 3.19
C VAL A 54 -2.77 23.73 3.33
N TRP A 55 -2.67 22.71 2.50
CA TRP A 55 -1.52 21.83 2.48
C TRP A 55 -1.32 21.26 1.08
N SER A 56 -0.16 21.52 0.51
CA SER A 56 0.17 21.04 -0.83
C SER A 56 -0.31 19.61 -1.02
N SER A 57 -0.80 19.31 -2.22
CA SER A 57 -1.30 17.98 -2.52
C SER A 57 -0.17 17.00 -2.77
N PRO A 58 -0.02 15.98 -1.89
CA PRO A 58 1.01 14.97 -2.00
C PRO A 58 0.71 13.97 -3.12
N LYS A 59 1.70 13.73 -3.98
CA LYS A 59 1.54 12.79 -5.08
C LYS A 59 1.72 11.35 -4.64
N ASP A 60 2.50 10.63 -5.42
CA ASP A 60 2.77 9.22 -5.17
C ASP A 60 3.82 9.07 -4.07
N VAL A 61 3.50 9.60 -2.90
CA VAL A 61 4.39 9.56 -1.75
C VAL A 61 4.35 8.22 -1.03
N CYS A 62 3.18 7.61 -1.01
CA CYS A 62 2.99 6.32 -0.36
C CYS A 62 1.88 5.53 -1.06
N LYS A 63 2.19 4.30 -1.48
CA LYS A 63 1.23 3.46 -2.17
C LYS A 63 1.31 2.02 -1.66
N ARG A 64 0.19 1.30 -1.69
CA ARG A 64 0.13 -0.07 -1.21
C ARG A 64 1.19 -0.93 -1.89
N LYS A 65 2.08 -1.52 -1.07
CA LYS A 65 3.13 -2.39 -1.57
C LYS A 65 2.57 -3.56 -2.35
N SER A 66 3.43 -4.51 -2.69
CA SER A 66 3.01 -5.69 -3.43
C SER A 66 3.93 -6.87 -3.13
N CYS A 67 3.34 -8.05 -2.96
CA CYS A 67 4.11 -9.26 -2.66
C CYS A 67 4.67 -9.85 -3.95
N LYS A 68 5.11 -8.98 -4.85
CA LYS A 68 5.68 -9.39 -6.12
C LYS A 68 4.67 -10.21 -6.93
N THR A 69 4.48 -9.85 -8.19
CA THR A 69 3.54 -10.56 -9.06
C THR A 69 3.90 -12.04 -9.14
N PRO A 70 2.94 -12.93 -8.85
CA PRO A 70 3.17 -14.38 -8.88
C PRO A 70 3.39 -14.89 -10.31
N PRO A 71 4.47 -15.65 -10.53
CA PRO A 71 4.78 -16.21 -11.86
C PRO A 71 3.65 -17.11 -12.36
N ASP A 72 3.23 -16.89 -13.60
CA ASP A 72 2.16 -17.70 -14.18
C ASP A 72 2.56 -19.16 -14.26
N PRO A 73 1.78 -20.05 -13.60
CA PRO A 73 2.05 -21.48 -13.61
C PRO A 73 1.78 -22.12 -14.96
N VAL A 74 2.66 -23.02 -15.35
CA VAL A 74 2.54 -23.71 -16.63
C VAL A 74 1.16 -24.33 -16.79
N ASN A 75 0.52 -24.06 -17.92
CA ASN A 75 -0.80 -24.58 -18.20
C ASN A 75 -1.80 -24.17 -17.12
N GLY A 76 -1.87 -22.88 -16.84
CA GLY A 76 -2.79 -22.40 -15.82
C GLY A 76 -3.14 -20.93 -15.97
N MET A 77 -3.49 -20.29 -14.85
CA MET A 77 -3.87 -18.88 -14.86
C MET A 77 -4.34 -18.44 -13.46
N VAL A 78 -3.64 -17.47 -12.88
CA VAL A 78 -4.01 -16.97 -11.56
C VAL A 78 -4.77 -15.65 -11.66
N HIS A 79 -5.94 -15.65 -11.07
CA HIS A 79 -6.80 -14.49 -11.04
C HIS A 79 -6.42 -13.62 -9.83
N VAL A 80 -5.70 -12.54 -10.11
CA VAL A 80 -5.20 -11.64 -9.08
C VAL A 80 -6.28 -11.13 -8.14
N ILE A 81 -7.53 -11.19 -8.56
CA ILE A 81 -8.61 -10.69 -7.73
C ILE A 81 -8.48 -9.18 -7.58
N THR A 82 -8.55 -8.51 -8.74
CA THR A 82 -8.44 -7.06 -8.86
C THR A 82 -6.99 -6.58 -8.84
N ASP A 83 -6.20 -7.05 -7.87
CA ASP A 83 -4.81 -6.63 -7.78
C ASP A 83 -3.96 -7.65 -7.02
N ILE A 84 -2.81 -7.20 -6.50
CA ILE A 84 -1.91 -8.07 -5.76
C ILE A 84 -1.12 -7.28 -4.71
N GLN A 85 -1.67 -6.14 -4.31
CA GLN A 85 -1.02 -5.31 -3.30
C GLN A 85 -1.22 -5.90 -1.92
N VAL A 86 -0.47 -5.41 -0.93
CA VAL A 86 -0.59 -5.91 0.43
C VAL A 86 -2.03 -5.82 0.93
N GLY A 87 -2.82 -6.84 0.59
CA GLY A 87 -4.21 -6.87 0.98
C GLY A 87 -5.03 -7.78 0.10
N SER A 88 -4.84 -7.68 -1.22
CA SER A 88 -5.56 -8.51 -2.17
C SER A 88 -5.00 -9.93 -2.20
N ARG A 89 -5.90 -10.91 -2.27
CA ARG A 89 -5.52 -12.31 -2.33
C ARG A 89 -5.65 -12.84 -3.75
N ILE A 90 -4.69 -13.65 -4.19
CA ILE A 90 -4.73 -14.22 -5.53
C ILE A 90 -5.27 -15.65 -5.52
N THR A 91 -6.33 -15.87 -6.28
CA THR A 91 -6.92 -17.19 -6.38
C THR A 91 -6.52 -17.84 -7.69
N TYR A 92 -6.14 -19.11 -7.61
CA TYR A 92 -5.70 -19.83 -8.79
C TYR A 92 -6.83 -20.64 -9.40
N SER A 93 -6.88 -20.66 -10.73
CA SER A 93 -7.89 -21.39 -11.46
C SER A 93 -7.35 -21.81 -12.82
N CYS A 94 -6.33 -22.66 -12.80
CA CYS A 94 -5.67 -23.15 -14.01
C CYS A 94 -6.66 -23.34 -15.15
N THR A 95 -7.19 -24.55 -15.27
CA THR A 95 -8.15 -24.87 -16.32
C THR A 95 -8.71 -26.27 -16.14
N THR A 96 -9.79 -26.56 -16.84
CA THR A 96 -10.42 -27.87 -16.77
C THR A 96 -9.42 -29.00 -17.02
N GLY A 97 -8.48 -28.76 -17.92
CA GLY A 97 -7.49 -29.77 -18.25
C GLY A 97 -6.58 -30.13 -17.09
N HIS A 98 -5.93 -29.13 -16.51
CA HIS A 98 -5.03 -29.37 -15.39
C HIS A 98 -5.68 -29.01 -14.05
N ARG A 99 -5.48 -29.86 -13.05
CA ARG A 99 -6.04 -29.64 -11.73
C ARG A 99 -5.04 -28.91 -10.84
N LEU A 100 -5.56 -28.07 -9.95
CA LEU A 100 -4.71 -27.31 -9.04
C LEU A 100 -4.11 -28.22 -7.98
N ILE A 101 -2.80 -28.10 -7.76
CA ILE A 101 -2.10 -28.89 -6.76
C ILE A 101 -1.64 -28.04 -5.59
N GLY A 102 -1.90 -28.51 -4.37
CA GLY A 102 -1.50 -27.80 -3.18
C GLY A 102 -2.25 -26.50 -2.98
N HIS A 103 -2.75 -26.30 -1.76
CA HIS A 103 -3.49 -25.08 -1.41
C HIS A 103 -4.55 -24.76 -2.47
N SER A 104 -4.69 -23.47 -2.79
CA SER A 104 -5.66 -23.02 -3.78
C SER A 104 -5.55 -21.52 -4.01
N SER A 105 -5.16 -20.80 -2.96
CA SER A 105 -5.02 -19.34 -3.04
C SER A 105 -4.02 -18.84 -2.01
N ALA A 106 -3.63 -17.56 -2.14
CA ALA A 106 -2.67 -16.95 -1.22
C ALA A 106 -2.90 -15.45 -1.12
N GLU A 107 -2.91 -14.94 0.12
CA GLU A 107 -3.14 -13.52 0.35
C GLU A 107 -1.83 -12.75 0.51
N CYS A 108 -1.75 -11.61 -0.16
CA CYS A 108 -0.57 -10.75 -0.07
C CYS A 108 -0.58 -10.01 1.25
N ILE A 109 0.49 -10.13 2.03
CA ILE A 109 0.54 -9.47 3.33
C ILE A 109 1.89 -8.81 3.57
N LEU A 110 2.23 -8.64 4.84
CA LEU A 110 3.49 -8.01 5.24
C LEU A 110 3.96 -8.53 6.59
N SER A 111 5.26 -8.77 6.70
CA SER A 111 5.85 -9.25 7.95
C SER A 111 6.23 -8.09 8.85
N GLY A 112 6.92 -7.11 8.29
CA GLY A 112 7.33 -5.94 9.05
C GLY A 112 8.26 -5.05 8.25
N ASN A 113 8.22 -5.20 6.93
CA ASN A 113 9.04 -4.40 6.02
C ASN A 113 8.88 -4.87 4.59
N THR A 114 9.08 -6.16 4.38
CA THR A 114 8.98 -6.75 3.06
C THR A 114 7.63 -7.42 2.85
N ALA A 115 6.99 -7.10 1.73
CA ALA A 115 5.69 -7.68 1.40
C ALA A 115 5.86 -9.07 0.80
N HIS A 116 5.05 -10.02 1.26
CA HIS A 116 5.14 -11.38 0.76
C HIS A 116 3.84 -12.15 1.01
N TRP A 117 3.52 -13.07 0.10
CA TRP A 117 2.32 -13.88 0.21
C TRP A 117 2.42 -14.85 1.39
N SER A 118 1.35 -14.94 2.17
CA SER A 118 1.32 -15.81 3.34
C SER A 118 1.32 -17.28 2.93
N THR A 119 1.10 -17.54 1.65
CA THR A 119 1.07 -18.92 1.15
C THR A 119 1.74 -19.04 -0.21
N LYS A 120 2.50 -20.12 -0.39
CA LYS A 120 3.19 -20.37 -1.65
C LYS A 120 2.21 -20.71 -2.76
N PRO A 121 2.52 -20.30 -4.01
CA PRO A 121 1.66 -20.57 -5.17
C PRO A 121 1.54 -22.05 -5.49
N PRO A 122 0.32 -22.53 -5.77
CA PRO A 122 0.08 -23.94 -6.10
C PRO A 122 0.73 -24.36 -7.42
N ILE A 123 0.20 -25.41 -8.04
CA ILE A 123 0.72 -25.90 -9.30
C ILE A 123 -0.37 -26.37 -10.24
N CYS A 124 -0.22 -26.06 -11.52
CA CYS A 124 -1.16 -26.53 -12.51
C CYS A 124 -0.61 -27.83 -13.08
N GLN A 125 -1.40 -28.90 -13.03
CA GLN A 125 -0.93 -30.18 -13.51
C GLN A 125 -2.06 -30.99 -14.14
N ARG A 126 -1.79 -31.56 -15.31
CA ARG A 126 -2.77 -32.36 -16.04
C ARG A 126 -3.43 -33.39 -15.13
N ILE A 127 -4.75 -33.45 -15.23
CA ILE A 127 -5.53 -34.38 -14.44
C ILE A 127 -5.39 -35.80 -14.97
N PRO A 128 -4.98 -36.75 -14.11
CA PRO A 128 -4.80 -38.16 -14.51
C PRO A 128 -6.11 -38.79 -14.97
N GLU A 1 -4.68 42.21 14.95
CA GLU A 1 -3.66 41.83 15.98
C GLU A 1 -2.89 40.58 15.55
N ALA A 2 -3.62 39.61 15.00
CA ALA A 2 -3.00 38.36 14.55
C ALA A 2 -4.01 37.51 13.77
N GLU A 3 -3.56 36.97 12.64
CA GLU A 3 -4.40 36.14 11.79
C GLU A 3 -3.56 35.14 11.01
N ALA A 4 -4.09 34.69 9.88
CA ALA A 4 -3.41 33.73 9.02
C ALA A 4 -3.11 32.43 9.75
N HIS A 5 -1.96 31.83 9.41
CA HIS A 5 -1.54 30.56 10.00
C HIS A 5 -2.45 29.43 9.56
N CYS A 6 -1.86 28.37 9.03
CA CYS A 6 -2.62 27.20 8.56
C CYS A 6 -2.97 26.27 9.71
N GLN A 7 -4.25 25.90 9.78
CA GLN A 7 -4.73 25.01 10.82
C GLN A 7 -4.16 23.60 10.67
N ALA A 8 -4.60 22.71 11.54
CA ALA A 8 -4.14 21.32 11.53
C ALA A 8 -4.16 20.72 10.12
N PRO A 9 -3.11 19.96 9.77
CA PRO A 9 -2.99 19.32 8.45
C PRO A 9 -3.90 18.11 8.33
N ASP A 10 -5.22 18.35 8.40
CA ASP A 10 -6.20 17.27 8.29
C ASP A 10 -5.69 16.01 8.96
N HIS A 11 -5.81 14.89 8.26
CA HIS A 11 -5.37 13.60 8.79
C HIS A 11 -5.17 12.59 7.68
N PHE A 12 -3.94 12.10 7.54
CA PHE A 12 -3.62 11.12 6.51
C PHE A 12 -3.87 9.70 7.00
N LEU A 13 -4.49 8.89 6.15
CA LEU A 13 -4.80 7.51 6.49
C LEU A 13 -3.57 6.63 6.39
N PHE A 14 -2.98 6.58 5.21
CA PHE A 14 -1.80 5.75 4.98
C PHE A 14 -0.52 6.49 5.38
N ALA A 15 -0.64 7.41 6.33
CA ALA A 15 0.51 8.17 6.80
C ALA A 15 0.28 8.71 8.20
N LYS A 16 1.16 8.34 9.12
CA LYS A 16 1.07 8.80 10.50
C LYS A 16 2.04 9.96 10.75
N LEU A 17 1.53 11.03 11.35
CA LEU A 17 2.36 12.19 11.64
C LEU A 17 3.67 11.81 12.31
N LYS A 18 4.76 12.31 11.79
CA LYS A 18 6.08 12.02 12.33
C LYS A 18 6.51 13.12 13.30
N THR A 19 6.27 14.37 12.93
CA THR A 19 6.63 15.52 13.76
C THR A 19 5.86 15.54 15.07
N GLN A 20 6.55 15.99 16.12
CA GLN A 20 5.96 16.07 17.46
C GLN A 20 5.03 17.28 17.62
N THR A 21 4.11 17.46 16.67
CA THR A 21 3.18 18.57 16.71
C THR A 21 2.01 18.28 17.64
N THR A 22 1.52 19.32 18.30
CA THR A 22 0.40 19.20 19.22
C THR A 22 -0.59 20.34 19.01
N ALA A 23 -0.06 21.51 18.67
CA ALA A 23 -0.90 22.69 18.43
C ALA A 23 -1.72 22.53 17.16
N SER A 24 -2.84 23.25 17.09
CA SER A 24 -3.72 23.19 15.92
C SER A 24 -3.24 24.13 14.82
N ASP A 25 -2.76 25.30 15.21
CA ASP A 25 -2.27 26.29 14.25
C ASP A 25 -0.83 25.99 13.88
N PHE A 26 -0.47 26.26 12.62
CA PHE A 26 0.88 26.02 12.15
C PHE A 26 1.40 27.18 11.30
N PRO A 27 2.67 27.57 11.50
CA PRO A 27 3.30 28.66 10.76
C PRO A 27 3.54 28.28 9.30
N ILE A 28 3.24 29.19 8.39
CA ILE A 28 3.43 28.94 6.97
C ILE A 28 4.89 28.59 6.65
N GLY A 29 5.09 27.85 5.57
CA GLY A 29 6.42 27.44 5.18
C GLY A 29 6.85 26.16 5.86
N THR A 30 6.39 25.97 7.09
CA THR A 30 6.72 24.79 7.86
C THR A 30 6.32 23.51 7.12
N SER A 31 7.30 22.64 6.89
CA SER A 31 7.07 21.37 6.22
C SER A 31 6.84 20.27 7.25
N LEU A 32 5.68 19.63 7.20
CA LEU A 32 5.37 18.57 8.15
C LEU A 32 5.60 17.20 7.52
N LYS A 33 6.52 16.43 8.11
CA LYS A 33 6.86 15.10 7.61
C LYS A 33 5.91 14.02 8.14
N TYR A 34 5.54 13.10 7.26
CA TYR A 34 4.64 12.00 7.61
C TYR A 34 5.21 10.67 7.10
N GLU A 35 5.19 9.65 7.96
CA GLU A 35 5.70 8.33 7.60
C GLU A 35 4.58 7.42 7.10
N CYS A 36 4.82 6.78 5.95
CA CYS A 36 3.85 5.86 5.36
C CYS A 36 3.51 4.72 6.31
N ARG A 37 2.33 4.12 6.10
CA ARG A 37 1.89 3.00 6.92
C ARG A 37 2.46 1.69 6.37
N PRO A 38 2.67 0.69 7.25
CA PRO A 38 3.22 -0.61 6.84
C PRO A 38 2.54 -1.19 5.60
N GLU A 39 1.21 -1.16 5.60
CA GLU A 39 0.44 -1.68 4.46
C GLU A 39 0.53 -0.77 3.24
N TYR A 40 1.56 0.08 3.20
CA TYR A 40 1.73 1.00 2.07
C TYR A 40 3.21 1.21 1.76
N TYR A 41 3.54 1.22 0.47
CA TYR A 41 4.92 1.44 0.04
C TYR A 41 5.13 2.90 -0.35
N GLY A 42 6.27 3.46 0.06
CA GLY A 42 6.55 4.84 -0.27
C GLY A 42 7.57 5.46 0.65
N ARG A 43 8.42 6.30 0.08
CA ARG A 43 9.45 6.99 0.84
C ARG A 43 8.82 8.09 1.70
N PRO A 44 9.53 8.53 2.77
CA PRO A 44 9.02 9.59 3.64
C PRO A 44 8.75 10.87 2.86
N PHE A 45 7.77 11.65 3.31
CA PHE A 45 7.42 12.89 2.63
C PHE A 45 7.12 13.99 3.64
N SER A 46 6.55 15.08 3.14
CA SER A 46 6.20 16.22 4.00
C SER A 46 5.42 17.26 3.23
N ILE A 47 4.34 17.74 3.85
CA ILE A 47 3.49 18.74 3.23
C ILE A 47 3.84 20.15 3.71
N THR A 48 4.34 20.97 2.80
CA THR A 48 4.71 22.34 3.12
C THR A 48 3.47 23.23 3.16
N CYS A 49 3.30 23.95 4.27
CA CYS A 49 2.16 24.85 4.41
C CYS A 49 2.36 26.08 3.54
N LEU A 50 1.39 26.34 2.67
CA LEU A 50 1.48 27.45 1.75
C LEU A 50 0.94 28.75 2.32
N ASP A 51 1.25 29.80 1.57
CA ASP A 51 0.85 31.16 1.89
C ASP A 51 -0.64 31.27 2.17
N ASN A 52 -1.45 30.53 1.41
CA ASN A 52 -2.90 30.56 1.57
C ASN A 52 -3.34 29.68 2.72
N LEU A 53 -2.52 29.61 3.76
CA LEU A 53 -2.83 28.83 4.95
C LEU A 53 -3.29 27.43 4.57
N VAL A 54 -2.70 26.87 3.53
CA VAL A 54 -3.07 25.53 3.08
C VAL A 54 -1.94 24.55 3.29
N TRP A 55 -2.00 23.45 2.54
CA TRP A 55 -0.99 22.41 2.62
C TRP A 55 -0.80 21.75 1.26
N SER A 56 0.44 21.75 0.81
CA SER A 56 0.80 21.17 -0.48
C SER A 56 0.05 19.87 -0.72
N SER A 57 -0.37 19.66 -1.96
CA SER A 57 -1.12 18.48 -2.32
C SER A 57 -0.21 17.27 -2.49
N PRO A 58 -0.33 16.28 -1.59
CA PRO A 58 0.48 15.06 -1.60
C PRO A 58 -0.03 14.05 -2.63
N LYS A 59 0.91 13.34 -3.28
CA LYS A 59 0.55 12.34 -4.27
C LYS A 59 1.67 11.34 -4.49
N ASP A 60 1.30 10.06 -4.58
CA ASP A 60 2.26 8.98 -4.79
C ASP A 60 3.30 8.93 -3.67
N VAL A 61 2.87 9.28 -2.46
CA VAL A 61 3.76 9.27 -1.31
C VAL A 61 3.69 7.96 -0.53
N CYS A 62 2.50 7.35 -0.52
CA CYS A 62 2.31 6.08 0.20
C CYS A 62 1.24 5.23 -0.47
N LYS A 63 1.47 4.87 -1.72
CA LYS A 63 0.53 4.05 -2.48
C LYS A 63 0.26 2.71 -1.80
N ARG A 64 -0.92 2.16 -2.03
CA ARG A 64 -1.32 0.87 -1.45
C ARG A 64 -0.28 -0.20 -1.74
N LYS A 65 0.33 -0.73 -0.67
CA LYS A 65 1.34 -1.76 -0.80
C LYS A 65 0.79 -2.98 -1.54
N SER A 66 1.67 -3.66 -2.29
CA SER A 66 1.27 -4.83 -3.05
C SER A 66 2.38 -5.87 -3.08
N CYS A 67 2.00 -7.14 -2.96
CA CYS A 67 2.96 -8.23 -2.97
C CYS A 67 3.35 -8.60 -4.40
N LYS A 68 3.43 -7.57 -5.25
CA LYS A 68 3.79 -7.74 -6.65
C LYS A 68 2.85 -8.72 -7.36
N THR A 69 2.41 -8.35 -8.55
CA THR A 69 1.51 -9.21 -9.32
C THR A 69 2.19 -10.54 -9.62
N PRO A 70 1.56 -11.66 -9.22
CA PRO A 70 2.11 -13.00 -9.46
C PRO A 70 2.07 -13.42 -10.92
N PRO A 71 3.20 -13.90 -11.46
CA PRO A 71 3.27 -14.34 -12.86
C PRO A 71 2.35 -15.52 -13.13
N ASP A 72 1.63 -15.46 -14.24
CA ASP A 72 0.70 -16.53 -14.60
C ASP A 72 1.43 -17.85 -14.72
N PRO A 73 1.11 -18.82 -13.84
CA PRO A 73 1.75 -20.15 -13.85
C PRO A 73 1.46 -20.92 -15.12
N VAL A 74 2.49 -21.59 -15.63
CA VAL A 74 2.36 -22.37 -16.84
C VAL A 74 1.22 -23.38 -16.72
N ASN A 75 0.40 -23.47 -17.77
CA ASN A 75 -0.74 -24.37 -17.80
C ASN A 75 -1.68 -24.10 -16.62
N GLY A 76 -1.92 -22.82 -16.35
CA GLY A 76 -2.80 -22.44 -15.27
C GLY A 76 -3.33 -21.03 -15.40
N MET A 77 -3.71 -20.43 -14.27
CA MET A 77 -4.25 -19.07 -14.26
C MET A 77 -4.73 -18.68 -12.86
N VAL A 78 -4.32 -17.50 -12.40
CA VAL A 78 -4.72 -17.02 -11.09
C VAL A 78 -5.84 -15.98 -11.19
N HIS A 79 -6.90 -16.20 -10.43
CA HIS A 79 -8.01 -15.25 -10.43
C HIS A 79 -7.77 -14.17 -9.39
N VAL A 80 -7.59 -12.94 -9.86
CA VAL A 80 -7.35 -11.83 -8.94
C VAL A 80 -8.55 -11.65 -8.02
N ILE A 81 -9.73 -11.94 -8.57
CA ILE A 81 -11.00 -11.85 -7.84
C ILE A 81 -11.40 -10.42 -7.54
N THR A 82 -10.47 -9.62 -7.03
CA THR A 82 -10.74 -8.23 -6.72
C THR A 82 -9.50 -7.37 -6.95
N ASP A 83 -8.42 -7.69 -6.23
CA ASP A 83 -7.17 -6.97 -6.37
C ASP A 83 -6.00 -7.87 -6.02
N ILE A 84 -4.85 -7.27 -5.74
CA ILE A 84 -3.67 -8.04 -5.38
C ILE A 84 -2.83 -7.26 -4.38
N GLN A 85 -3.46 -6.29 -3.73
CA GLN A 85 -2.80 -5.48 -2.72
C GLN A 85 -2.74 -6.24 -1.40
N VAL A 86 -2.19 -5.61 -0.37
CA VAL A 86 -2.10 -6.22 0.95
C VAL A 86 -3.48 -6.46 1.58
N GLY A 87 -4.51 -6.62 0.74
CA GLY A 87 -5.85 -6.85 1.24
C GLY A 87 -6.75 -7.54 0.23
N SER A 88 -6.22 -8.55 -0.43
CA SER A 88 -6.97 -9.30 -1.44
C SER A 88 -6.32 -10.65 -1.68
N ARG A 89 -7.13 -11.71 -1.70
CA ARG A 89 -6.63 -13.06 -1.90
C ARG A 89 -6.87 -13.52 -3.34
N ILE A 90 -5.82 -14.04 -3.95
CA ILE A 90 -5.89 -14.55 -5.32
C ILE A 90 -6.04 -16.07 -5.34
N THR A 91 -7.00 -16.56 -6.12
CA THR A 91 -7.23 -18.00 -6.22
C THR A 91 -6.50 -18.60 -7.41
N TYR A 92 -5.83 -19.71 -7.17
CA TYR A 92 -5.09 -20.39 -8.22
C TYR A 92 -5.88 -21.56 -8.78
N SER A 93 -5.86 -21.71 -10.10
CA SER A 93 -6.58 -22.80 -10.75
C SER A 93 -5.92 -23.17 -12.08
N CYS A 94 -5.39 -24.38 -12.15
CA CYS A 94 -4.74 -24.86 -13.36
C CYS A 94 -5.77 -25.23 -14.42
N THR A 95 -5.38 -25.10 -15.68
CA THR A 95 -6.26 -25.42 -16.78
C THR A 95 -6.60 -26.91 -16.78
N THR A 96 -7.84 -27.22 -17.16
CA THR A 96 -8.32 -28.61 -17.18
C THR A 96 -7.23 -29.58 -17.65
N GLY A 97 -7.16 -30.74 -16.99
CA GLY A 97 -6.17 -31.73 -17.35
C GLY A 97 -4.95 -31.68 -16.44
N HIS A 98 -4.50 -30.47 -16.12
CA HIS A 98 -3.33 -30.29 -15.27
C HIS A 98 -3.74 -29.99 -13.83
N ARG A 99 -3.05 -30.60 -12.88
CA ARG A 99 -3.33 -30.41 -11.47
C ARG A 99 -2.40 -29.36 -10.86
N LEU A 100 -2.91 -28.61 -9.88
CA LEU A 100 -2.12 -27.59 -9.21
C LEU A 100 -1.03 -28.22 -8.35
N ILE A 101 0.19 -27.75 -8.51
CA ILE A 101 1.32 -28.27 -7.75
C ILE A 101 1.69 -27.33 -6.62
N GLY A 102 0.95 -27.41 -5.52
CA GLY A 102 1.22 -26.56 -4.38
C GLY A 102 -0.01 -26.34 -3.51
N HIS A 103 -0.26 -25.08 -3.19
CA HIS A 103 -1.40 -24.72 -2.35
C HIS A 103 -2.69 -24.65 -3.16
N SER A 104 -3.29 -23.46 -3.24
CA SER A 104 -4.54 -23.28 -3.98
C SER A 104 -4.98 -21.81 -3.94
N SER A 105 -4.64 -21.12 -2.86
CA SER A 105 -5.01 -19.72 -2.69
C SER A 105 -4.04 -19.01 -1.75
N ALA A 106 -3.83 -17.71 -1.98
CA ALA A 106 -2.93 -16.93 -1.13
C ALA A 106 -3.31 -15.45 -1.13
N GLU A 107 -3.35 -14.87 0.06
CA GLU A 107 -3.69 -13.46 0.23
C GLU A 107 -2.44 -12.61 0.42
N CYS A 108 -2.37 -11.46 -0.25
CA CYS A 108 -1.22 -10.58 -0.11
C CYS A 108 -1.24 -9.94 1.27
N ILE A 109 -0.14 -10.11 2.01
CA ILE A 109 -0.06 -9.56 3.35
C ILE A 109 1.27 -8.85 3.59
N LEU A 110 1.72 -8.87 4.85
CA LEU A 110 2.97 -8.22 5.22
C LEU A 110 3.61 -8.91 6.41
N SER A 111 4.94 -9.04 6.36
CA SER A 111 5.69 -9.69 7.43
C SER A 111 6.10 -8.67 8.49
N GLY A 112 6.72 -7.59 8.04
CA GLY A 112 7.15 -6.54 8.95
C GLY A 112 8.26 -5.70 8.33
N ASN A 113 8.23 -5.57 7.01
CA ASN A 113 9.22 -4.81 6.27
C ASN A 113 8.97 -4.93 4.78
N THR A 114 8.49 -6.10 4.39
CA THR A 114 8.22 -6.39 3.00
C THR A 114 6.92 -7.17 2.83
N ALA A 115 6.10 -6.76 1.87
CA ALA A 115 4.83 -7.42 1.61
C ALA A 115 5.03 -8.68 0.79
N HIS A 116 4.28 -9.73 1.12
CA HIS A 116 4.39 -11.00 0.42
C HIS A 116 3.12 -11.84 0.59
N TRP A 117 2.77 -12.60 -0.44
CA TRP A 117 1.59 -13.44 -0.40
C TRP A 117 1.73 -14.52 0.66
N SER A 118 0.61 -14.89 1.28
CA SER A 118 0.60 -15.92 2.32
C SER A 118 1.32 -17.18 1.88
N THR A 119 1.23 -17.51 0.59
CA THR A 119 1.89 -18.70 0.07
C THR A 119 2.41 -18.49 -1.35
N LYS A 120 3.60 -19.03 -1.60
CA LYS A 120 4.23 -18.91 -2.92
C LYS A 120 3.39 -19.62 -3.98
N PRO A 121 3.21 -18.98 -5.15
CA PRO A 121 2.40 -19.54 -6.25
C PRO A 121 2.86 -20.95 -6.66
N PRO A 122 1.93 -21.92 -6.64
CA PRO A 122 2.23 -23.32 -7.00
C PRO A 122 2.57 -23.48 -8.49
N ILE A 123 2.27 -24.65 -9.02
CA ILE A 123 2.54 -24.93 -10.43
C ILE A 123 1.33 -25.57 -11.11
N CYS A 124 1.59 -26.25 -12.22
CA CYS A 124 0.55 -26.94 -12.98
C CYS A 124 1.18 -28.01 -13.86
N GLN A 125 0.58 -29.19 -13.89
CA GLN A 125 1.11 -30.29 -14.70
C GLN A 125 -0.02 -31.21 -15.15
N ARG A 126 0.08 -31.70 -16.38
CA ARG A 126 -0.95 -32.58 -16.95
C ARG A 126 -1.07 -33.90 -16.21
N ILE A 127 -0.63 -33.92 -14.97
CA ILE A 127 -0.72 -35.10 -14.13
C ILE A 127 0.12 -36.24 -14.68
N PRO A 128 0.92 -36.90 -13.81
CA PRO A 128 1.79 -38.01 -14.20
C PRO A 128 1.00 -39.17 -14.81
N GLU A 1 6.62 39.57 15.41
CA GLU A 1 5.55 38.64 15.83
C GLU A 1 4.89 37.99 14.62
N ALA A 2 4.66 36.68 14.71
CA ALA A 2 4.05 35.93 13.62
C ALA A 2 2.60 36.36 13.40
N GLU A 3 1.86 35.56 12.64
CA GLU A 3 0.46 35.85 12.35
C GLU A 3 -0.16 34.75 11.51
N ALA A 4 -1.41 34.39 11.82
CA ALA A 4 -2.12 33.35 11.09
C ALA A 4 -1.48 31.98 11.30
N HIS A 5 -2.33 30.94 11.37
CA HIS A 5 -1.85 29.58 11.56
C HIS A 5 -2.78 28.58 10.88
N CYS A 6 -2.19 27.56 10.25
CA CYS A 6 -2.97 26.53 9.57
C CYS A 6 -3.48 25.50 10.56
N GLN A 7 -4.76 25.18 10.48
CA GLN A 7 -5.36 24.20 11.36
C GLN A 7 -4.61 22.88 11.31
N ALA A 8 -4.78 22.10 12.36
CA ALA A 8 -4.14 20.80 12.46
C ALA A 8 -4.33 19.99 11.19
N PRO A 9 -3.22 19.55 10.55
CA PRO A 9 -3.28 18.78 9.30
C PRO A 9 -4.05 17.49 9.45
N ASP A 10 -4.87 17.23 8.44
CA ASP A 10 -5.69 16.04 8.40
C ASP A 10 -4.84 14.78 8.36
N HIS A 11 -5.30 13.73 9.01
CA HIS A 11 -4.56 12.48 9.05
C HIS A 11 -4.70 11.72 7.73
N PHE A 12 -3.58 11.27 7.19
CA PHE A 12 -3.56 10.54 5.93
C PHE A 12 -3.85 9.06 6.16
N LEU A 13 -4.45 8.42 5.16
CA LEU A 13 -4.78 7.00 5.24
C LEU A 13 -3.57 6.14 4.91
N PHE A 14 -3.01 6.35 3.73
CA PHE A 14 -1.84 5.60 3.30
C PHE A 14 -0.57 6.26 3.82
N ALA A 15 -0.75 7.22 4.73
CA ALA A 15 0.38 7.94 5.29
C ALA A 15 0.08 8.45 6.70
N LYS A 16 1.13 8.58 7.51
CA LYS A 16 0.99 9.06 8.87
C LYS A 16 2.09 10.07 9.20
N LEU A 17 1.71 11.16 9.85
CA LEU A 17 2.64 12.21 10.22
C LEU A 17 3.92 11.64 10.83
N LYS A 18 5.06 12.09 10.33
CA LYS A 18 6.36 11.63 10.81
C LYS A 18 6.90 12.58 11.88
N THR A 19 6.91 13.87 11.55
CA THR A 19 7.41 14.89 12.47
C THR A 19 6.50 15.02 13.70
N GLN A 20 7.12 15.13 14.87
CA GLN A 20 6.39 15.27 16.12
C GLN A 20 5.62 16.59 16.14
N THR A 21 4.39 16.54 16.64
CA THR A 21 3.53 17.74 16.71
C THR A 21 2.51 17.61 17.83
N THR A 22 1.57 18.54 17.85
CA THR A 22 0.50 18.56 18.85
C THR A 22 -0.71 19.32 18.33
N ALA A 23 -0.95 19.23 17.03
CA ALA A 23 -2.08 19.90 16.39
C ALA A 23 -2.27 21.31 16.94
N SER A 24 -3.54 21.73 17.00
CA SER A 24 -3.88 23.05 17.50
C SER A 24 -3.29 24.14 16.63
N ASP A 25 -3.40 23.95 15.31
CA ASP A 25 -2.88 24.93 14.35
C ASP A 25 -1.36 25.00 14.39
N PHE A 26 -0.76 25.39 13.26
CA PHE A 26 0.69 25.49 13.15
C PHE A 26 1.10 26.77 12.43
N PRO A 27 2.24 27.37 12.83
CA PRO A 27 2.75 28.59 12.21
C PRO A 27 3.01 28.42 10.71
N ILE A 28 2.64 29.43 9.93
CA ILE A 28 2.82 29.37 8.49
C ILE A 28 4.29 29.19 8.12
N GLY A 29 4.54 28.63 6.94
CA GLY A 29 5.89 28.39 6.49
C GLY A 29 6.42 27.08 7.00
N THR A 30 5.97 26.69 8.18
CA THR A 30 6.38 25.44 8.81
C THR A 30 6.12 24.25 7.90
N SER A 31 7.17 23.46 7.65
CA SER A 31 7.04 22.27 6.81
C SER A 31 6.83 21.04 7.69
N LEU A 32 5.81 20.26 7.40
CA LEU A 32 5.51 19.07 8.18
C LEU A 32 5.90 17.80 7.42
N LYS A 33 6.80 17.02 8.00
CA LYS A 33 7.27 15.79 7.38
C LYS A 33 6.35 14.61 7.69
N TYR A 34 6.12 13.76 6.69
CA TYR A 34 5.27 12.59 6.85
C TYR A 34 5.97 11.32 6.38
N GLU A 35 5.38 10.17 6.69
CA GLU A 35 5.95 8.88 6.29
C GLU A 35 4.85 7.88 5.96
N CYS A 36 5.04 7.13 4.88
CA CYS A 36 4.07 6.14 4.44
C CYS A 36 3.79 5.13 5.56
N ARG A 37 2.53 4.69 5.65
CA ARG A 37 2.13 3.72 6.67
C ARG A 37 2.38 2.29 6.19
N PRO A 38 2.48 1.33 7.13
CA PRO A 38 2.72 -0.07 6.81
C PRO A 38 1.76 -0.57 5.73
N GLU A 39 2.29 -1.36 4.81
CA GLU A 39 1.52 -1.92 3.70
C GLU A 39 1.40 -0.89 2.58
N TYR A 40 2.36 0.02 2.52
CA TYR A 40 2.38 1.06 1.49
C TYR A 40 3.82 1.42 1.12
N TYR A 41 4.07 1.55 -0.18
CA TYR A 41 5.40 1.90 -0.66
C TYR A 41 5.47 3.36 -1.06
N GLY A 42 6.56 4.03 -0.69
CA GLY A 42 6.70 5.44 -1.01
C GLY A 42 7.67 6.16 -0.09
N ARG A 43 8.39 7.13 -0.64
CA ARG A 43 9.35 7.90 0.15
C ARG A 43 8.64 8.86 1.08
N PRO A 44 9.35 9.38 2.11
CA PRO A 44 8.77 10.30 3.07
C PRO A 44 8.68 11.72 2.52
N PHE A 45 7.46 12.21 2.35
CA PHE A 45 7.24 13.56 1.83
C PHE A 45 7.14 14.57 2.97
N SER A 46 6.55 15.72 2.68
CA SER A 46 6.39 16.77 3.67
C SER A 46 5.58 17.94 3.11
N ILE A 47 4.59 18.40 3.87
CA ILE A 47 3.76 19.51 3.45
C ILE A 47 4.29 20.84 3.97
N THR A 48 3.47 21.88 3.88
CA THR A 48 3.86 23.21 4.34
C THR A 48 2.64 24.13 4.43
N CYS A 49 2.50 24.83 5.54
CA CYS A 49 1.39 25.75 5.74
C CYS A 49 1.58 27.00 4.90
N LEU A 50 0.63 27.25 4.02
CA LEU A 50 0.68 28.40 3.13
C LEU A 50 0.10 29.64 3.75
N ASP A 51 0.25 30.72 3.01
CA ASP A 51 -0.24 32.04 3.37
C ASP A 51 -1.74 32.02 3.68
N ASN A 52 -2.50 31.32 2.84
CA ASN A 52 -3.95 31.25 3.00
C ASN A 52 -4.37 30.18 3.99
N LEU A 53 -3.55 29.99 5.03
CA LEU A 53 -3.83 29.01 6.07
C LEU A 53 -4.25 27.66 5.48
N VAL A 54 -3.38 27.08 4.68
CA VAL A 54 -3.65 25.79 4.05
C VAL A 54 -2.44 24.88 4.09
N TRP A 55 -2.42 23.92 3.17
CA TRP A 55 -1.30 22.97 3.08
C TRP A 55 -1.13 22.53 1.64
N SER A 56 0.03 22.87 1.07
CA SER A 56 0.36 22.53 -0.30
C SER A 56 0.16 21.04 -0.53
N SER A 57 -0.24 20.70 -1.75
CA SER A 57 -0.47 19.30 -2.10
C SER A 57 0.86 18.60 -2.36
N PRO A 58 1.11 17.50 -1.62
CA PRO A 58 2.36 16.73 -1.75
C PRO A 58 2.36 15.83 -2.96
N LYS A 59 1.60 16.21 -3.98
CA LYS A 59 1.51 15.44 -5.22
C LYS A 59 1.49 13.94 -4.97
N ASP A 60 2.14 13.22 -5.86
CA ASP A 60 2.22 11.77 -5.76
C ASP A 60 3.27 11.37 -4.74
N VAL A 61 2.92 10.42 -3.88
CA VAL A 61 3.84 9.97 -2.82
C VAL A 61 3.60 8.51 -2.43
N CYS A 62 2.87 8.29 -1.35
CA CYS A 62 2.60 6.95 -0.85
C CYS A 62 1.53 6.25 -1.68
N LYS A 63 1.65 4.93 -1.81
CA LYS A 63 0.70 4.14 -2.58
C LYS A 63 0.49 2.77 -1.95
N ARG A 64 -0.65 2.16 -2.25
CA ARG A 64 -0.99 0.85 -1.71
C ARG A 64 0.04 -0.19 -2.12
N LYS A 65 0.76 -0.73 -1.14
CA LYS A 65 1.78 -1.75 -1.40
C LYS A 65 1.18 -2.93 -2.14
N SER A 66 1.99 -3.61 -2.94
CA SER A 66 1.52 -4.76 -3.71
C SER A 66 2.61 -5.82 -3.83
N CYS A 67 2.20 -7.08 -3.74
CA CYS A 67 3.11 -8.20 -3.84
C CYS A 67 3.43 -8.48 -5.31
N LYS A 68 4.62 -9.02 -5.57
CA LYS A 68 5.02 -9.33 -6.94
C LYS A 68 4.13 -10.43 -7.51
N THR A 69 3.61 -10.19 -8.71
CA THR A 69 2.74 -11.15 -9.36
C THR A 69 3.41 -12.52 -9.47
N PRO A 70 2.78 -13.57 -8.91
CA PRO A 70 3.32 -14.93 -8.96
C PRO A 70 3.27 -15.51 -10.37
N PRO A 71 4.37 -16.14 -10.82
CA PRO A 71 4.44 -16.73 -12.16
C PRO A 71 3.27 -17.69 -12.40
N ASP A 72 2.51 -17.44 -13.46
CA ASP A 72 1.37 -18.28 -13.78
C ASP A 72 1.79 -19.73 -13.98
N PRO A 73 1.21 -20.66 -13.20
CA PRO A 73 1.54 -22.08 -13.28
C PRO A 73 1.26 -22.65 -14.66
N VAL A 74 2.19 -23.48 -15.14
CA VAL A 74 2.06 -24.10 -16.44
C VAL A 74 0.72 -24.78 -16.59
N ASN A 75 0.03 -24.51 -17.69
CA ASN A 75 -1.28 -25.09 -17.96
C ASN A 75 -2.33 -24.51 -17.01
N GLY A 76 -2.21 -23.22 -16.70
CA GLY A 76 -3.15 -22.59 -15.81
C GLY A 76 -2.97 -21.09 -15.72
N MET A 77 -3.37 -20.52 -14.58
CA MET A 77 -3.27 -19.09 -14.35
C MET A 77 -3.86 -18.72 -12.99
N VAL A 78 -3.27 -17.72 -12.35
CA VAL A 78 -3.75 -17.27 -11.04
C VAL A 78 -4.72 -16.10 -11.18
N HIS A 79 -5.95 -16.29 -10.70
CA HIS A 79 -6.94 -15.23 -10.77
C HIS A 79 -6.70 -14.23 -9.67
N VAL A 80 -6.31 -13.02 -10.03
CA VAL A 80 -6.08 -11.98 -9.06
C VAL A 80 -7.36 -11.64 -8.33
N ILE A 81 -8.47 -12.04 -8.96
CA ILE A 81 -9.82 -11.81 -8.42
C ILE A 81 -10.23 -10.35 -8.57
N THR A 82 -9.31 -9.46 -8.24
CA THR A 82 -9.53 -8.02 -8.34
C THR A 82 -8.23 -7.32 -8.70
N ASP A 83 -7.20 -7.58 -7.90
CA ASP A 83 -5.87 -7.01 -8.10
C ASP A 83 -4.84 -7.86 -7.37
N ILE A 84 -3.81 -7.22 -6.82
CA ILE A 84 -2.78 -7.92 -6.08
C ILE A 84 -2.16 -7.02 -5.02
N GLN A 85 -2.98 -6.11 -4.49
CA GLN A 85 -2.54 -5.20 -3.45
C GLN A 85 -2.51 -5.94 -2.12
N VAL A 86 -1.70 -5.44 -1.17
CA VAL A 86 -1.60 -6.08 0.14
C VAL A 86 -2.97 -6.19 0.80
N GLY A 87 -3.69 -7.24 0.45
CA GLY A 87 -5.01 -7.47 1.00
C GLY A 87 -5.85 -8.39 0.13
N SER A 88 -5.70 -8.25 -1.19
CA SER A 88 -6.45 -9.07 -2.14
C SER A 88 -5.88 -10.48 -2.25
N ARG A 89 -6.77 -11.47 -2.32
CA ARG A 89 -6.36 -12.87 -2.43
C ARG A 89 -6.24 -13.28 -3.89
N ILE A 90 -5.49 -14.35 -4.14
CA ILE A 90 -5.31 -14.86 -5.49
C ILE A 90 -5.51 -16.38 -5.52
N THR A 91 -6.43 -16.82 -6.37
CA THR A 91 -6.72 -18.24 -6.51
C THR A 91 -6.11 -18.82 -7.78
N TYR A 92 -5.55 -20.01 -7.66
CA TYR A 92 -4.93 -20.67 -8.79
C TYR A 92 -5.84 -21.73 -9.39
N SER A 93 -5.88 -21.79 -10.72
CA SER A 93 -6.72 -22.77 -11.42
C SER A 93 -6.15 -23.09 -12.79
N CYS A 94 -6.05 -24.38 -13.10
CA CYS A 94 -5.52 -24.83 -14.38
C CYS A 94 -6.51 -24.61 -15.51
N THR A 95 -6.05 -23.93 -16.55
CA THR A 95 -6.88 -23.66 -17.71
C THR A 95 -7.01 -24.89 -18.61
N THR A 96 -7.46 -26.00 -18.03
CA THR A 96 -7.64 -27.26 -18.78
C THR A 96 -8.22 -28.35 -17.88
N GLY A 97 -7.35 -29.15 -17.27
CA GLY A 97 -7.83 -30.21 -16.41
C GLY A 97 -6.72 -30.83 -15.59
N HIS A 98 -5.82 -30.00 -15.10
CA HIS A 98 -4.70 -30.46 -14.30
C HIS A 98 -5.06 -30.38 -12.82
N ARG A 99 -4.34 -31.13 -11.99
CA ARG A 99 -4.59 -31.16 -10.56
C ARG A 99 -3.78 -30.11 -9.83
N LEU A 100 -4.42 -29.41 -8.91
CA LEU A 100 -3.76 -28.37 -8.12
C LEU A 100 -2.81 -29.02 -7.12
N ILE A 101 -1.59 -28.52 -7.05
CA ILE A 101 -0.61 -29.08 -6.14
C ILE A 101 -0.16 -28.05 -5.11
N GLY A 102 -0.08 -28.46 -3.85
CA GLY A 102 0.32 -27.57 -2.79
C GLY A 102 -0.85 -26.88 -2.12
N HIS A 103 -0.81 -25.56 -2.07
CA HIS A 103 -1.87 -24.77 -1.46
C HIS A 103 -3.07 -24.63 -2.39
N SER A 104 -3.55 -23.41 -2.58
CA SER A 104 -4.71 -23.16 -3.43
C SER A 104 -4.96 -21.67 -3.60
N SER A 105 -4.75 -20.93 -2.51
CA SER A 105 -4.97 -19.48 -2.51
C SER A 105 -4.05 -18.79 -1.50
N ALA A 106 -3.69 -17.55 -1.78
CA ALA A 106 -2.82 -16.78 -0.91
C ALA A 106 -3.11 -15.29 -1.01
N GLU A 107 -3.22 -14.64 0.14
CA GLU A 107 -3.49 -13.20 0.19
C GLU A 107 -2.21 -12.39 0.34
N CYS A 108 -2.10 -11.31 -0.41
CA CYS A 108 -0.94 -10.44 -0.33
C CYS A 108 -0.97 -9.69 0.99
N ILE A 109 0.07 -9.86 1.80
CA ILE A 109 0.12 -9.19 3.10
C ILE A 109 1.47 -8.53 3.35
N LEU A 110 1.82 -8.38 4.62
CA LEU A 110 3.08 -7.76 5.00
C LEU A 110 3.59 -8.31 6.33
N SER A 111 4.89 -8.58 6.38
CA SER A 111 5.53 -9.12 7.59
C SER A 111 6.00 -7.99 8.48
N GLY A 112 6.58 -6.96 7.87
CA GLY A 112 7.08 -5.83 8.63
C GLY A 112 7.52 -4.69 7.72
N ASN A 113 8.11 -5.05 6.59
CA ASN A 113 8.59 -4.07 5.62
C ASN A 113 8.32 -4.54 4.20
N THR A 114 8.68 -5.78 3.93
CA THR A 114 8.48 -6.36 2.61
C THR A 114 7.17 -7.14 2.54
N ALA A 115 6.44 -6.95 1.45
CA ALA A 115 5.17 -7.63 1.25
C ALA A 115 5.38 -9.05 0.75
N HIS A 116 4.50 -9.97 1.17
CA HIS A 116 4.61 -11.36 0.76
C HIS A 116 3.27 -12.09 0.88
N TRP A 117 3.01 -12.99 -0.05
CA TRP A 117 1.77 -13.76 -0.05
C TRP A 117 1.69 -14.68 1.16
N SER A 118 0.48 -14.89 1.67
CA SER A 118 0.27 -15.74 2.83
C SER A 118 0.83 -17.15 2.61
N THR A 119 0.75 -17.64 1.37
CA THR A 119 1.25 -18.97 1.05
C THR A 119 1.89 -19.01 -0.34
N LYS A 120 2.95 -19.81 -0.46
CA LYS A 120 3.67 -19.94 -1.73
C LYS A 120 2.72 -20.42 -2.83
N PRO A 121 2.84 -19.84 -4.03
CA PRO A 121 2.00 -20.20 -5.18
C PRO A 121 2.00 -21.70 -5.44
N PRO A 122 0.81 -22.33 -5.57
CA PRO A 122 0.69 -23.77 -5.83
C PRO A 122 1.33 -24.19 -7.15
N ILE A 123 0.90 -25.34 -7.66
CA ILE A 123 1.44 -25.86 -8.92
C ILE A 123 0.37 -26.54 -9.75
N CYS A 124 0.41 -26.30 -11.06
CA CYS A 124 -0.51 -26.96 -11.96
C CYS A 124 0.17 -28.20 -12.50
N GLN A 125 -0.50 -29.35 -12.42
CA GLN A 125 0.13 -30.59 -12.88
C GLN A 125 -0.90 -31.53 -13.49
N ARG A 126 -0.60 -32.02 -14.70
CA ARG A 126 -1.49 -32.94 -15.39
C ARG A 126 -1.82 -34.14 -14.55
N ILE A 127 -3.11 -34.47 -14.51
CA ILE A 127 -3.58 -35.60 -13.74
C ILE A 127 -3.24 -36.92 -14.44
N PRO A 128 -2.51 -37.81 -13.75
CA PRO A 128 -2.10 -39.11 -14.30
C PRO A 128 -3.30 -40.00 -14.62
N GLU A 1 3.50 33.57 9.97
CA GLU A 1 3.24 34.09 11.34
C GLU A 1 2.38 35.36 11.28
N ALA A 2 1.36 35.41 12.14
CA ALA A 2 0.46 36.56 12.21
C ALA A 2 -0.33 36.71 10.91
N GLU A 3 -1.64 36.87 11.03
CA GLU A 3 -2.52 37.04 9.87
C GLU A 3 -2.49 35.79 8.99
N ALA A 4 -3.66 35.19 8.78
CA ALA A 4 -3.78 33.99 7.96
C ALA A 4 -3.00 32.82 8.56
N HIS A 5 -3.67 31.68 8.67
CA HIS A 5 -3.05 30.48 9.22
C HIS A 5 -3.70 29.24 8.62
N CYS A 6 -2.88 28.26 8.25
CA CYS A 6 -3.40 27.04 7.65
C CYS A 6 -4.00 26.11 8.71
N GLN A 7 -5.24 25.74 8.48
CA GLN A 7 -5.97 24.86 9.40
C GLN A 7 -5.24 23.54 9.60
N ALA A 8 -5.70 22.80 10.58
CA ALA A 8 -5.13 21.49 10.91
C ALA A 8 -4.97 20.63 9.66
N PRO A 9 -3.79 19.99 9.50
CA PRO A 9 -3.52 19.12 8.35
C PRO A 9 -4.39 17.87 8.37
N ASP A 10 -4.77 17.39 7.18
CA ASP A 10 -5.61 16.20 7.09
C ASP A 10 -4.92 15.00 7.67
N HIS A 11 -5.73 14.10 8.22
CA HIS A 11 -5.22 12.88 8.83
C HIS A 11 -4.91 11.81 7.78
N PHE A 12 -3.65 11.46 7.65
CA PHE A 12 -3.23 10.44 6.68
C PHE A 12 -3.26 9.06 7.32
N LEU A 13 -3.82 8.10 6.60
CA LEU A 13 -3.93 6.73 7.09
C LEU A 13 -2.60 6.00 6.98
N PHE A 14 -2.03 5.98 5.79
CA PHE A 14 -0.77 5.30 5.56
C PHE A 14 0.42 6.20 5.92
N ALA A 15 0.17 7.16 6.81
CA ALA A 15 1.23 8.07 7.22
C ALA A 15 0.92 8.68 8.59
N LYS A 16 1.82 8.46 9.55
CA LYS A 16 1.65 9.01 10.89
C LYS A 16 2.57 10.20 11.09
N LEU A 17 1.99 11.36 11.39
CA LEU A 17 2.76 12.58 11.60
C LEU A 17 3.93 12.33 12.55
N LYS A 18 5.14 12.60 12.06
CA LYS A 18 6.34 12.42 12.86
C LYS A 18 6.68 13.71 13.60
N THR A 19 6.60 14.83 12.89
CA THR A 19 6.90 16.14 13.47
C THR A 19 5.91 16.50 14.57
N GLN A 20 6.43 16.97 15.70
CA GLN A 20 5.58 17.36 16.82
C GLN A 20 4.73 18.57 16.45
N THR A 21 3.49 18.60 16.94
CA THR A 21 2.58 19.70 16.64
C THR A 21 1.60 19.93 17.80
N THR A 22 0.83 18.90 18.13
CA THR A 22 -0.13 18.98 19.22
C THR A 22 -0.97 20.26 19.15
N ALA A 23 -1.63 20.47 18.02
CA ALA A 23 -2.45 21.67 17.84
C ALA A 23 -3.37 21.53 16.63
N SER A 24 -3.73 22.65 16.02
CA SER A 24 -4.61 22.67 14.86
C SER A 24 -4.24 23.81 13.91
N ASP A 25 -3.99 24.99 14.47
CA ASP A 25 -3.61 26.14 13.67
C ASP A 25 -2.11 26.13 13.42
N PHE A 26 -1.71 26.40 12.18
CA PHE A 26 -0.30 26.40 11.82
C PHE A 26 0.06 27.58 10.92
N PRO A 27 1.25 28.17 11.13
CA PRO A 27 1.72 29.30 10.32
C PRO A 27 2.18 28.84 8.94
N ILE A 28 1.81 29.60 7.92
CA ILE A 28 2.17 29.27 6.55
C ILE A 28 3.68 29.05 6.42
N GLY A 29 4.08 28.21 5.46
CA GLY A 29 5.48 27.92 5.26
C GLY A 29 5.91 26.71 6.08
N THR A 30 5.23 26.50 7.19
CA THR A 30 5.51 25.37 8.07
C THR A 30 5.45 24.03 7.33
N SER A 31 6.40 23.16 7.64
CA SER A 31 6.47 21.84 7.01
C SER A 31 6.31 20.74 8.05
N LEU A 32 5.61 19.67 7.66
CA LEU A 32 5.38 18.54 8.56
C LEU A 32 5.68 17.23 7.85
N LYS A 33 6.63 16.47 8.40
CA LYS A 33 7.02 15.20 7.82
C LYS A 33 6.18 14.05 8.38
N TYR A 34 5.69 13.19 7.50
CA TYR A 34 4.88 12.04 7.91
C TYR A 34 5.59 10.73 7.56
N GLU A 35 5.58 9.80 8.51
CA GLU A 35 6.22 8.51 8.31
C GLU A 35 5.20 7.48 7.83
N CYS A 36 5.41 6.96 6.63
CA CYS A 36 4.52 5.97 6.04
C CYS A 36 4.43 4.71 6.91
N ARG A 37 3.22 4.16 7.02
CA ARG A 37 2.98 2.98 7.84
C ARG A 37 3.27 1.69 7.10
N PRO A 38 3.51 0.58 7.84
CA PRO A 38 3.77 -0.72 7.25
C PRO A 38 2.69 -1.10 6.26
N GLU A 39 3.07 -1.86 5.25
CA GLU A 39 2.15 -2.29 4.19
C GLU A 39 2.03 -1.21 3.13
N TYR A 40 3.02 -0.32 3.13
CA TYR A 40 3.08 0.79 2.17
C TYR A 40 4.53 1.07 1.80
N TYR A 41 4.83 1.04 0.50
CA TYR A 41 6.19 1.30 0.05
C TYR A 41 6.38 2.76 -0.36
N GLY A 42 7.55 3.29 -0.03
CA GLY A 42 7.84 4.68 -0.35
C GLY A 42 8.49 5.41 0.81
N ARG A 43 9.37 6.35 0.50
CA ARG A 43 10.04 7.13 1.53
C ARG A 43 9.05 8.08 2.19
N PRO A 44 9.37 8.56 3.40
CA PRO A 44 8.51 9.49 4.14
C PRO A 44 8.39 10.83 3.45
N PHE A 45 7.15 11.27 3.19
CA PHE A 45 6.93 12.54 2.53
C PHE A 45 6.79 13.65 3.56
N SER A 46 6.23 14.79 3.13
CA SER A 46 6.05 15.94 4.01
C SER A 46 5.18 17.00 3.35
N ILE A 47 4.21 17.51 4.10
CA ILE A 47 3.32 18.55 3.61
C ILE A 47 3.82 19.92 4.05
N THR A 48 3.23 20.97 3.48
CA THR A 48 3.66 22.33 3.81
C THR A 48 2.62 23.36 3.40
N CYS A 49 2.36 24.31 4.30
CA CYS A 49 1.41 25.38 4.02
C CYS A 49 2.03 26.36 3.05
N LEU A 50 1.31 26.62 1.97
CA LEU A 50 1.79 27.49 0.91
C LEU A 50 1.53 28.96 1.15
N ASP A 51 0.29 29.32 1.41
CA ASP A 51 -0.06 30.72 1.61
C ASP A 51 -1.57 30.91 1.70
N ASN A 52 -2.32 30.19 0.88
CA ASN A 52 -3.77 30.31 0.87
C ASN A 52 -4.40 29.44 1.96
N LEU A 53 -3.65 29.22 3.03
CA LEU A 53 -4.11 28.41 4.15
C LEU A 53 -4.43 27.00 3.66
N VAL A 54 -3.54 26.47 2.84
CA VAL A 54 -3.70 25.15 2.30
C VAL A 54 -2.41 24.38 2.28
N TRP A 55 -2.54 23.08 2.41
CA TRP A 55 -1.39 22.17 2.40
C TRP A 55 -1.15 21.62 1.01
N SER A 56 0.13 21.49 0.65
CA SER A 56 0.49 20.95 -0.66
C SER A 56 -0.22 19.62 -0.86
N SER A 57 -0.75 19.39 -2.06
CA SER A 57 -1.47 18.16 -2.34
C SER A 57 -0.51 17.00 -2.61
N PRO A 58 -0.42 16.05 -1.67
CA PRO A 58 0.46 14.89 -1.80
C PRO A 58 -0.08 13.90 -2.82
N LYS A 59 0.81 13.39 -3.67
CA LYS A 59 0.40 12.44 -4.70
C LYS A 59 1.59 11.63 -5.20
N ASP A 60 1.34 10.35 -5.49
CA ASP A 60 2.37 9.44 -5.98
C ASP A 60 3.48 9.30 -4.93
N VAL A 61 3.08 9.28 -3.67
CA VAL A 61 4.03 9.13 -2.57
C VAL A 61 4.19 7.66 -2.19
N CYS A 62 3.70 7.30 -1.00
CA CYS A 62 3.80 5.93 -0.52
C CYS A 62 2.61 5.08 -0.99
N LYS A 63 2.74 4.50 -2.18
CA LYS A 63 1.68 3.65 -2.72
C LYS A 63 1.57 2.39 -1.88
N ARG A 64 0.39 1.77 -1.87
CA ARG A 64 0.19 0.56 -1.09
C ARG A 64 1.23 -0.50 -1.45
N LYS A 65 1.77 -1.15 -0.43
CA LYS A 65 2.77 -2.19 -0.62
C LYS A 65 2.25 -3.25 -1.58
N SER A 66 3.16 -3.91 -2.28
CA SER A 66 2.80 -4.95 -3.23
C SER A 66 3.81 -6.08 -3.22
N CYS A 67 3.33 -7.28 -2.97
CA CYS A 67 4.18 -8.47 -2.93
C CYS A 67 4.43 -9.03 -4.33
N LYS A 68 4.58 -8.13 -5.28
CA LYS A 68 4.84 -8.49 -6.68
C LYS A 68 3.68 -9.33 -7.24
N THR A 69 3.30 -9.05 -8.49
CA THR A 69 2.22 -9.79 -9.13
C THR A 69 2.54 -11.28 -9.15
N PRO A 70 1.59 -12.13 -8.74
CA PRO A 70 1.79 -13.58 -8.71
C PRO A 70 1.98 -14.17 -10.11
N PRO A 71 3.09 -14.90 -10.32
CA PRO A 71 3.38 -15.52 -11.62
C PRO A 71 2.38 -16.62 -11.94
N ASP A 72 1.67 -16.46 -13.06
CA ASP A 72 0.67 -17.44 -13.47
C ASP A 72 1.33 -18.79 -13.75
N PRO A 73 0.89 -19.85 -13.05
CA PRO A 73 1.43 -21.20 -13.22
C PRO A 73 1.30 -21.68 -14.66
N VAL A 74 2.29 -22.44 -15.12
CA VAL A 74 2.30 -22.95 -16.47
C VAL A 74 0.96 -23.59 -16.82
N ASN A 75 0.38 -23.16 -17.93
CA ASN A 75 -0.92 -23.68 -18.37
C ASN A 75 -2.02 -23.33 -17.36
N GLY A 76 -2.03 -22.07 -16.93
CA GLY A 76 -3.04 -21.62 -15.98
C GLY A 76 -3.04 -20.11 -15.80
N MET A 77 -3.49 -19.65 -14.63
CA MET A 77 -3.55 -18.21 -14.34
C MET A 77 -4.20 -17.95 -12.99
N VAL A 78 -3.70 -16.94 -12.28
CA VAL A 78 -4.25 -16.58 -10.97
C VAL A 78 -5.29 -15.49 -11.10
N HIS A 79 -6.45 -15.76 -10.53
CA HIS A 79 -7.55 -14.82 -10.54
C HIS A 79 -7.48 -13.90 -9.33
N VAL A 80 -7.18 -12.64 -9.56
CA VAL A 80 -7.10 -11.67 -8.48
C VAL A 80 -8.50 -11.37 -7.95
N ILE A 81 -8.65 -11.36 -6.64
CA ILE A 81 -9.94 -11.09 -6.02
C ILE A 81 -10.30 -9.62 -6.15
N THR A 82 -9.29 -8.77 -5.99
CA THR A 82 -9.46 -7.33 -6.10
C THR A 82 -8.23 -6.70 -6.72
N ASP A 83 -7.07 -7.17 -6.29
CA ASP A 83 -5.80 -6.68 -6.80
C ASP A 83 -4.68 -7.68 -6.50
N ILE A 84 -3.52 -7.18 -6.06
CA ILE A 84 -2.39 -8.03 -5.73
C ILE A 84 -1.52 -7.40 -4.65
N GLN A 85 -1.96 -6.24 -4.17
CA GLN A 85 -1.22 -5.54 -3.13
C GLN A 85 -1.44 -6.19 -1.78
N VAL A 86 -0.60 -5.86 -0.80
CA VAL A 86 -0.69 -6.42 0.53
C VAL A 86 -2.13 -6.32 1.07
N GLY A 87 -2.62 -7.42 1.62
CA GLY A 87 -3.97 -7.44 2.16
C GLY A 87 -4.95 -8.15 1.24
N SER A 88 -4.79 -7.95 -0.07
CA SER A 88 -5.68 -8.57 -1.04
C SER A 88 -5.35 -10.04 -1.24
N ARG A 89 -6.39 -10.86 -1.32
CA ARG A 89 -6.24 -12.30 -1.51
C ARG A 89 -6.43 -12.66 -2.99
N ILE A 90 -5.87 -13.80 -3.41
CA ILE A 90 -5.99 -14.23 -4.80
C ILE A 90 -6.18 -15.74 -4.91
N THR A 91 -7.09 -16.16 -5.78
CA THR A 91 -7.34 -17.57 -6.00
C THR A 91 -6.80 -18.02 -7.34
N TYR A 92 -6.09 -19.14 -7.35
CA TYR A 92 -5.51 -19.67 -8.58
C TYR A 92 -6.44 -20.71 -9.20
N SER A 93 -6.49 -20.72 -10.53
CA SER A 93 -7.34 -21.67 -11.24
C SER A 93 -6.73 -22.06 -12.58
N CYS A 94 -6.53 -23.36 -12.78
CA CYS A 94 -5.95 -23.87 -14.01
C CYS A 94 -7.05 -24.17 -15.03
N THR A 95 -6.73 -23.97 -16.31
CA THR A 95 -7.69 -24.22 -17.38
C THR A 95 -8.04 -25.71 -17.45
N THR A 96 -9.26 -26.01 -17.83
CA THR A 96 -9.73 -27.40 -17.92
C THR A 96 -8.69 -28.27 -18.61
N GLY A 97 -8.16 -29.25 -17.88
CA GLY A 97 -7.17 -30.14 -18.43
C GLY A 97 -6.09 -30.49 -17.42
N HIS A 98 -5.54 -29.46 -16.78
CA HIS A 98 -4.49 -29.65 -15.78
C HIS A 98 -5.01 -29.26 -14.39
N ARG A 99 -4.63 -30.06 -13.40
CA ARG A 99 -5.03 -29.81 -12.02
C ARG A 99 -3.99 -28.98 -11.28
N LEU A 100 -4.45 -28.05 -10.46
CA LEU A 100 -3.55 -27.20 -9.68
C LEU A 100 -2.88 -28.01 -8.58
N ILE A 101 -1.55 -27.98 -8.55
CA ILE A 101 -0.81 -28.70 -7.52
C ILE A 101 -0.31 -27.74 -6.45
N GLY A 102 -0.56 -28.09 -5.19
CA GLY A 102 -0.14 -27.25 -4.08
C GLY A 102 -1.30 -26.47 -3.48
N HIS A 103 -1.03 -25.24 -3.07
CA HIS A 103 -2.04 -24.38 -2.46
C HIS A 103 -2.88 -23.67 -3.51
N SER A 104 -4.19 -23.71 -3.36
CA SER A 104 -5.10 -23.06 -4.31
C SER A 104 -5.21 -21.57 -4.00
N SER A 105 -5.59 -21.24 -2.78
CA SER A 105 -5.74 -19.85 -2.34
C SER A 105 -4.43 -19.30 -1.78
N ALA A 106 -4.26 -17.99 -1.87
CA ALA A 106 -3.06 -17.34 -1.37
C ALA A 106 -3.32 -15.86 -1.06
N GLU A 107 -3.04 -15.47 0.19
CA GLU A 107 -3.25 -14.10 0.63
C GLU A 107 -1.94 -13.34 0.75
N CYS A 108 -1.89 -12.15 0.18
CA CYS A 108 -0.70 -11.31 0.27
C CYS A 108 -0.61 -10.71 1.65
N ILE A 109 0.56 -10.82 2.28
CA ILE A 109 0.72 -10.28 3.62
C ILE A 109 2.04 -9.52 3.77
N LEU A 110 2.52 -9.43 5.02
CA LEU A 110 3.76 -8.71 5.31
C LEU A 110 4.47 -9.31 6.51
N SER A 111 5.77 -9.55 6.37
CA SER A 111 6.58 -10.12 7.43
C SER A 111 7.18 -9.01 8.31
N GLY A 112 8.46 -9.12 8.62
CA GLY A 112 9.11 -8.12 9.44
C GLY A 112 9.23 -6.78 8.74
N ASN A 113 9.74 -6.80 7.51
CA ASN A 113 9.92 -5.59 6.72
C ASN A 113 9.84 -5.88 5.24
N THR A 114 9.12 -6.94 4.87
CA THR A 114 9.02 -7.31 3.48
C THR A 114 7.68 -7.98 3.19
N ALA A 115 7.00 -7.52 2.14
CA ALA A 115 5.71 -8.07 1.74
C ALA A 115 5.89 -9.34 0.94
N HIS A 116 5.07 -10.35 1.22
CA HIS A 116 5.16 -11.62 0.50
C HIS A 116 3.87 -12.42 0.61
N TRP A 117 3.52 -13.13 -0.47
CA TRP A 117 2.31 -13.93 -0.48
C TRP A 117 2.40 -15.08 0.53
N SER A 118 1.27 -15.43 1.11
CA SER A 118 1.20 -16.50 2.10
C SER A 118 1.75 -17.80 1.53
N THR A 119 1.57 -18.01 0.22
CA THR A 119 2.03 -19.22 -0.44
C THR A 119 2.54 -18.94 -1.85
N LYS A 120 3.64 -19.58 -2.21
CA LYS A 120 4.23 -19.41 -3.54
C LYS A 120 3.27 -19.90 -4.62
N PRO A 121 3.48 -19.46 -5.88
CA PRO A 121 2.62 -19.85 -7.00
C PRO A 121 2.61 -21.38 -7.22
N PRO A 122 1.41 -21.97 -7.30
CA PRO A 122 1.25 -23.42 -7.51
C PRO A 122 1.74 -23.87 -8.88
N ILE A 123 1.30 -25.05 -9.29
CA ILE A 123 1.68 -25.60 -10.59
C ILE A 123 0.55 -26.38 -11.25
N CYS A 124 0.17 -25.94 -12.45
CA CYS A 124 -0.86 -26.64 -13.20
C CYS A 124 -0.24 -27.87 -13.85
N GLN A 125 -0.89 -29.02 -13.73
CA GLN A 125 -0.34 -30.24 -14.29
C GLN A 125 -1.44 -31.18 -14.78
N ARG A 126 -1.28 -31.66 -16.01
CA ARG A 126 -2.27 -32.56 -16.63
C ARG A 126 -2.73 -33.62 -15.68
N ILE A 127 -4.04 -33.80 -15.62
CA ILE A 127 -4.65 -34.80 -14.76
C ILE A 127 -4.48 -36.19 -15.37
N PRO A 128 -4.00 -37.16 -14.57
CA PRO A 128 -3.79 -38.53 -15.04
C PRO A 128 -5.10 -39.23 -15.39
N GLU A 1 -4.71 40.75 8.88
CA GLU A 1 -3.68 40.44 7.86
C GLU A 1 -2.37 40.00 8.52
N ALA A 2 -1.93 40.77 9.52
CA ALA A 2 -0.70 40.46 10.22
C ALA A 2 -0.82 39.17 11.03
N GLU A 3 0.20 38.33 10.95
CA GLU A 3 0.23 37.05 11.66
C GLU A 3 -0.86 36.12 11.15
N ALA A 4 -0.54 34.83 11.06
CA ALA A 4 -1.47 33.82 10.59
C ALA A 4 -0.99 32.42 10.94
N HIS A 5 -1.85 31.65 11.58
CA HIS A 5 -1.52 30.28 11.96
C HIS A 5 -2.47 29.28 11.32
N CYS A 6 -1.93 28.34 10.57
CA CYS A 6 -2.74 27.33 9.91
C CYS A 6 -3.08 26.20 10.88
N GLN A 7 -4.36 25.91 10.98
CA GLN A 7 -4.83 24.85 11.87
C GLN A 7 -4.19 23.52 11.53
N ALA A 8 -4.38 22.55 12.42
CA ALA A 8 -3.84 21.22 12.25
C ALA A 8 -4.07 20.70 10.82
N PRO A 9 -3.04 20.09 10.22
CA PRO A 9 -3.13 19.55 8.85
C PRO A 9 -3.93 18.24 8.82
N ASP A 10 -5.20 18.33 9.19
CA ASP A 10 -6.08 17.16 9.21
C ASP A 10 -5.33 15.95 9.77
N HIS A 11 -5.60 14.79 9.21
CA HIS A 11 -4.94 13.57 9.67
C HIS A 11 -5.06 12.46 8.62
N PHE A 12 -3.93 12.03 8.09
CA PHE A 12 -3.92 10.97 7.09
C PHE A 12 -3.90 9.60 7.75
N LEU A 13 -4.73 8.71 7.25
CA LEU A 13 -4.83 7.37 7.79
C LEU A 13 -3.64 6.50 7.39
N PHE A 14 -3.30 6.52 6.11
CA PHE A 14 -2.18 5.73 5.61
C PHE A 14 -0.86 6.47 5.76
N ALA A 15 -0.84 7.49 6.61
CA ALA A 15 0.37 8.26 6.84
C ALA A 15 0.33 8.99 8.18
N LYS A 16 1.33 8.70 9.02
CA LYS A 16 1.44 9.34 10.33
C LYS A 16 2.50 10.43 10.30
N LEU A 17 2.14 11.63 10.76
CA LEU A 17 3.07 12.74 10.77
C LEU A 17 4.41 12.33 11.39
N LYS A 18 5.50 12.54 10.66
CA LYS A 18 6.83 12.18 11.14
C LYS A 18 7.52 13.37 11.81
N THR A 19 7.21 14.58 11.35
CA THR A 19 7.82 15.79 11.89
C THR A 19 7.48 15.98 13.37
N GLN A 20 8.48 16.34 14.15
CA GLN A 20 8.32 16.57 15.59
C GLN A 20 7.70 17.93 15.88
N THR A 21 6.47 18.13 15.39
CA THR A 21 5.79 19.40 15.61
C THR A 21 5.14 19.46 17.00
N THR A 22 4.34 18.45 17.32
CA THR A 22 3.67 18.40 18.63
C THR A 22 2.92 19.70 18.91
N ALA A 23 2.04 20.08 17.99
CA ALA A 23 1.27 21.31 18.13
C ALA A 23 0.12 21.37 17.13
N SER A 24 -0.92 22.13 17.45
CA SER A 24 -2.07 22.27 16.58
C SER A 24 -1.86 23.38 15.55
N ASP A 25 -1.35 24.52 16.02
CA ASP A 25 -1.08 25.66 15.15
C ASP A 25 0.27 25.51 14.47
N PHE A 26 0.34 25.86 13.19
CA PHE A 26 1.58 25.75 12.44
C PHE A 26 1.94 27.05 11.74
N PRO A 27 3.23 27.44 11.78
CA PRO A 27 3.71 28.64 11.13
C PRO A 27 3.74 28.48 9.61
N ILE A 28 3.19 29.45 8.89
CA ILE A 28 3.14 29.37 7.44
C ILE A 28 4.55 29.21 6.84
N GLY A 29 4.61 28.51 5.71
CA GLY A 29 5.88 28.28 5.06
C GLY A 29 6.50 26.97 5.51
N THR A 30 6.28 26.63 6.78
CA THR A 30 6.80 25.40 7.37
C THR A 30 6.35 24.16 6.60
N SER A 31 7.31 23.30 6.28
CA SER A 31 7.03 22.05 5.58
C SER A 31 6.72 20.95 6.59
N LEU A 32 5.91 19.97 6.21
CA LEU A 32 5.57 18.90 7.13
C LEU A 32 5.52 17.54 6.44
N LYS A 33 6.58 16.75 6.63
CA LYS A 33 6.65 15.42 5.99
C LYS A 33 5.95 14.35 6.83
N TYR A 34 5.13 13.54 6.16
CA TYR A 34 4.40 12.47 6.82
C TYR A 34 4.92 11.10 6.37
N GLU A 35 5.14 10.20 7.33
CA GLU A 35 5.64 8.87 7.02
C GLU A 35 4.49 7.87 6.91
N CYS A 36 4.43 7.16 5.79
CA CYS A 36 3.39 6.16 5.55
C CYS A 36 3.35 5.10 6.63
N ARG A 37 2.15 4.57 6.91
CA ARG A 37 1.97 3.52 7.90
C ARG A 37 2.22 2.16 7.27
N PRO A 38 2.47 1.12 8.10
CA PRO A 38 2.73 -0.23 7.60
C PRO A 38 1.74 -0.65 6.52
N GLU A 39 2.26 -1.33 5.50
CA GLU A 39 1.47 -1.79 4.36
C GLU A 39 1.29 -0.67 3.34
N TYR A 40 2.21 0.29 3.36
CA TYR A 40 2.18 1.42 2.44
C TYR A 40 3.59 1.87 2.10
N TYR A 41 3.80 2.33 0.86
CA TYR A 41 5.11 2.79 0.43
C TYR A 41 4.99 3.97 -0.52
N GLY A 42 5.88 4.93 -0.39
CA GLY A 42 5.86 6.10 -1.25
C GLY A 42 6.67 7.26 -0.69
N ARG A 43 7.62 6.93 0.19
CA ARG A 43 8.47 7.94 0.80
C ARG A 43 7.66 8.93 1.63
N PRO A 44 8.34 9.71 2.50
CA PRO A 44 7.66 10.71 3.33
C PRO A 44 7.32 11.95 2.51
N PHE A 45 6.03 12.21 2.35
CA PHE A 45 5.60 13.36 1.56
C PHE A 45 5.46 14.62 2.42
N SER A 46 6.40 15.54 2.23
CA SER A 46 6.39 16.81 2.94
C SER A 46 5.36 17.76 2.36
N ILE A 47 4.47 18.27 3.20
CA ILE A 47 3.45 19.21 2.75
C ILE A 47 3.94 20.62 2.99
N THR A 48 3.03 21.59 3.00
CA THR A 48 3.42 22.97 3.20
C THR A 48 2.26 23.85 3.62
N CYS A 49 2.39 24.47 4.78
CA CYS A 49 1.37 25.38 5.29
C CYS A 49 1.40 26.65 4.48
N LEU A 50 0.45 26.78 3.57
CA LEU A 50 0.40 27.93 2.70
C LEU A 50 -0.24 29.15 3.37
N ASP A 51 0.03 30.30 2.77
CA ASP A 51 -0.44 31.60 3.26
C ASP A 51 -1.90 31.56 3.71
N ASN A 52 -2.74 30.82 2.98
CA ASN A 52 -4.16 30.76 3.31
C ASN A 52 -4.43 29.72 4.41
N LEU A 53 -3.50 29.62 5.37
CA LEU A 53 -3.66 28.69 6.48
C LEU A 53 -4.12 27.32 5.98
N VAL A 54 -3.47 26.85 4.92
CA VAL A 54 -3.80 25.58 4.33
C VAL A 54 -2.59 24.66 4.28
N TRP A 55 -2.69 23.64 3.44
CA TRP A 55 -1.61 22.68 3.27
C TRP A 55 -1.67 22.07 1.87
N SER A 56 -0.57 22.22 1.13
CA SER A 56 -0.47 21.69 -0.23
C SER A 56 -1.04 20.28 -0.29
N SER A 57 -1.64 19.95 -1.42
CA SER A 57 -2.26 18.63 -1.59
C SER A 57 -1.22 17.56 -1.90
N PRO A 58 -1.09 16.56 -1.01
CA PRO A 58 -0.15 15.45 -1.17
C PRO A 58 -0.64 14.43 -2.18
N LYS A 59 -0.82 14.87 -3.42
CA LYS A 59 -1.32 13.99 -4.47
C LYS A 59 -0.21 13.08 -4.99
N ASP A 60 -0.51 11.78 -5.08
CA ASP A 60 0.46 10.80 -5.55
C ASP A 60 1.74 10.87 -4.72
N VAL A 61 1.73 10.22 -3.56
CA VAL A 61 2.87 10.23 -2.66
C VAL A 61 2.94 8.96 -1.82
N CYS A 62 1.81 8.28 -1.68
CA CYS A 62 1.76 7.06 -0.88
C CYS A 62 0.67 6.13 -1.39
N LYS A 63 1.02 4.86 -1.54
CA LYS A 63 0.10 3.85 -2.02
C LYS A 63 0.34 2.52 -1.31
N ARG A 64 -0.73 1.76 -1.09
CA ARG A 64 -0.63 0.48 -0.39
C ARG A 64 0.43 -0.43 -1.02
N LYS A 65 1.13 -1.17 -0.17
CA LYS A 65 2.16 -2.09 -0.63
C LYS A 65 1.62 -3.10 -1.64
N SER A 66 2.49 -3.58 -2.51
CA SER A 66 2.11 -4.55 -3.52
C SER A 66 3.21 -5.58 -3.72
N CYS A 67 2.87 -6.83 -3.50
CA CYS A 67 3.80 -7.94 -3.65
C CYS A 67 3.92 -8.34 -5.11
N LYS A 68 5.07 -8.91 -5.47
CA LYS A 68 5.30 -9.34 -6.85
C LYS A 68 4.36 -10.47 -7.23
N THR A 69 3.72 -10.34 -8.40
CA THR A 69 2.79 -11.34 -8.88
C THR A 69 3.45 -12.71 -8.97
N PRO A 70 2.77 -13.76 -8.47
CA PRO A 70 3.29 -15.13 -8.49
C PRO A 70 3.74 -15.54 -9.89
N PRO A 71 4.75 -16.44 -9.98
CA PRO A 71 5.27 -16.92 -11.26
C PRO A 71 4.32 -17.87 -11.98
N ASP A 72 3.04 -17.48 -12.02
CA ASP A 72 1.98 -18.26 -12.67
C ASP A 72 2.35 -19.72 -12.92
N PRO A 73 1.73 -20.65 -12.17
CA PRO A 73 1.99 -22.09 -12.32
C PRO A 73 1.99 -22.52 -13.79
N VAL A 74 2.90 -23.43 -14.11
CA VAL A 74 3.03 -23.94 -15.47
C VAL A 74 1.67 -24.34 -16.05
N ASN A 75 1.41 -23.86 -17.27
CA ASN A 75 0.16 -24.16 -17.97
C ASN A 75 -1.01 -23.34 -17.41
N GLY A 76 -1.15 -23.33 -16.10
CA GLY A 76 -2.23 -22.59 -15.46
C GLY A 76 -1.98 -21.10 -15.44
N MET A 77 -2.57 -20.42 -14.45
CA MET A 77 -2.43 -18.98 -14.29
C MET A 77 -3.26 -18.49 -13.11
N VAL A 78 -2.74 -17.50 -12.38
CA VAL A 78 -3.46 -16.96 -11.23
C VAL A 78 -4.29 -15.75 -11.62
N HIS A 79 -5.56 -15.77 -11.24
CA HIS A 79 -6.46 -14.68 -11.53
C HIS A 79 -6.71 -13.86 -10.27
N VAL A 80 -6.33 -12.59 -10.31
CA VAL A 80 -6.50 -11.70 -9.19
C VAL A 80 -7.98 -11.36 -9.00
N ILE A 81 -8.39 -11.26 -7.74
CA ILE A 81 -9.77 -10.93 -7.43
C ILE A 81 -10.05 -9.46 -7.68
N THR A 82 -9.05 -8.63 -7.38
CA THR A 82 -9.15 -7.20 -7.57
C THR A 82 -7.80 -6.62 -8.00
N ASP A 83 -6.76 -7.03 -7.27
CA ASP A 83 -5.40 -6.58 -7.57
C ASP A 83 -4.40 -7.54 -6.92
N ILE A 84 -3.34 -7.00 -6.32
CA ILE A 84 -2.33 -7.82 -5.66
C ILE A 84 -1.67 -7.07 -4.51
N GLN A 85 -2.47 -6.26 -3.82
CA GLN A 85 -1.98 -5.51 -2.67
C GLN A 85 -1.84 -6.41 -1.47
N VAL A 86 -1.16 -5.94 -0.43
CA VAL A 86 -0.96 -6.72 0.79
C VAL A 86 -2.28 -7.01 1.52
N GLY A 87 -3.38 -7.09 0.76
CA GLY A 87 -4.68 -7.36 1.33
C GLY A 87 -5.57 -8.08 0.35
N SER A 88 -5.31 -7.90 -0.94
CA SER A 88 -6.09 -8.52 -2.00
C SER A 88 -5.73 -10.00 -2.15
N ARG A 89 -6.76 -10.84 -2.30
CA ARG A 89 -6.57 -12.28 -2.45
C ARG A 89 -6.42 -12.65 -3.93
N ILE A 90 -5.83 -13.82 -4.17
CA ILE A 90 -5.62 -14.30 -5.54
C ILE A 90 -5.94 -15.78 -5.67
N THR A 91 -6.78 -16.13 -6.64
CA THR A 91 -7.14 -17.52 -6.85
C THR A 91 -6.43 -18.09 -8.07
N TYR A 92 -5.98 -19.33 -7.96
CA TYR A 92 -5.26 -19.99 -9.06
C TYR A 92 -6.15 -21.00 -9.78
N SER A 93 -5.93 -21.15 -11.08
CA SER A 93 -6.70 -22.09 -11.88
C SER A 93 -5.89 -22.54 -13.10
N CYS A 94 -5.71 -23.85 -13.23
CA CYS A 94 -4.94 -24.41 -14.34
C CYS A 94 -5.74 -24.31 -15.65
N THR A 95 -6.01 -25.46 -16.26
CA THR A 95 -6.74 -25.51 -17.51
C THR A 95 -7.14 -26.94 -17.86
N THR A 96 -8.14 -27.08 -18.70
CA THR A 96 -8.63 -28.40 -19.11
C THR A 96 -7.49 -29.28 -19.63
N GLY A 97 -6.80 -29.94 -18.71
CA GLY A 97 -5.69 -30.80 -19.09
C GLY A 97 -4.86 -31.24 -17.89
N HIS A 98 -4.60 -30.31 -16.99
CA HIS A 98 -3.81 -30.60 -15.79
C HIS A 98 -4.57 -30.20 -14.54
N ARG A 99 -4.43 -31.00 -13.49
CA ARG A 99 -5.10 -30.74 -12.22
C ARG A 99 -4.19 -29.93 -11.30
N LEU A 100 -4.79 -29.05 -10.51
CA LEU A 100 -4.03 -28.22 -9.57
C LEU A 100 -3.53 -29.05 -8.40
N ILE A 101 -2.26 -28.85 -8.03
CA ILE A 101 -1.66 -29.58 -6.92
C ILE A 101 -1.05 -28.60 -5.92
N GLY A 102 -1.22 -28.89 -4.64
CA GLY A 102 -0.68 -28.02 -3.61
C GLY A 102 -1.76 -27.16 -2.96
N HIS A 103 -1.55 -25.85 -2.98
CA HIS A 103 -2.49 -24.91 -2.38
C HIS A 103 -3.68 -24.67 -3.32
N SER A 104 -4.10 -23.41 -3.48
CA SER A 104 -5.23 -23.09 -4.35
C SER A 104 -5.48 -21.58 -4.42
N SER A 105 -5.43 -20.92 -3.27
CA SER A 105 -5.66 -19.47 -3.20
C SER A 105 -4.97 -18.88 -1.98
N ALA A 106 -4.41 -17.68 -2.13
CA ALA A 106 -3.71 -17.03 -1.03
C ALA A 106 -3.80 -15.51 -1.11
N GLU A 107 -3.91 -14.88 0.05
CA GLU A 107 -3.99 -13.43 0.14
C GLU A 107 -2.62 -12.83 0.41
N CYS A 108 -2.31 -11.73 -0.26
CA CYS A 108 -1.04 -11.05 -0.05
C CYS A 108 -1.06 -10.39 1.31
N ILE A 109 -0.03 -10.63 2.12
CA ILE A 109 0.02 -10.07 3.45
C ILE A 109 1.40 -9.57 3.83
N LEU A 110 1.43 -8.50 4.62
CA LEU A 110 2.68 -7.92 5.08
C LEU A 110 3.12 -8.56 6.39
N SER A 111 4.41 -8.86 6.50
CA SER A 111 4.95 -9.47 7.71
C SER A 111 5.37 -8.40 8.70
N GLY A 112 5.97 -7.34 8.18
CA GLY A 112 6.43 -6.23 9.01
C GLY A 112 7.02 -5.12 8.18
N ASN A 113 7.70 -5.50 7.11
CA ASN A 113 8.32 -4.55 6.19
C ASN A 113 8.26 -5.08 4.77
N THR A 114 8.56 -6.37 4.62
CA THR A 114 8.55 -7.02 3.32
C THR A 114 7.21 -7.72 3.08
N ALA A 115 6.65 -7.49 1.89
CA ALA A 115 5.37 -8.08 1.53
C ALA A 115 5.57 -9.51 1.00
N HIS A 116 4.68 -10.41 1.41
CA HIS A 116 4.76 -11.81 0.98
C HIS A 116 3.40 -12.49 1.05
N TRP A 117 3.13 -13.36 0.08
CA TRP A 117 1.86 -14.06 0.02
C TRP A 117 1.75 -15.04 1.19
N SER A 118 0.52 -15.22 1.67
CA SER A 118 0.25 -16.11 2.79
C SER A 118 0.85 -17.49 2.54
N THR A 119 0.87 -17.90 1.26
CA THR A 119 1.42 -19.20 0.90
C THR A 119 2.19 -19.13 -0.41
N LYS A 120 2.23 -20.24 -1.14
CA LYS A 120 2.94 -20.30 -2.41
C LYS A 120 2.05 -20.83 -3.53
N PRO A 121 2.30 -20.38 -4.77
CA PRO A 121 1.51 -20.80 -5.94
C PRO A 121 1.50 -22.32 -6.13
N PRO A 122 0.33 -22.92 -6.41
CA PRO A 122 0.20 -24.35 -6.62
C PRO A 122 1.00 -24.85 -7.83
N ILE A 123 0.62 -26.03 -8.34
CA ILE A 123 1.30 -26.61 -9.48
C ILE A 123 0.35 -27.40 -10.37
N CYS A 124 0.37 -27.11 -11.66
CA CYS A 124 -0.46 -27.82 -12.61
C CYS A 124 0.22 -29.11 -13.03
N GLN A 125 -0.54 -30.18 -13.14
CA GLN A 125 0.02 -31.48 -13.52
C GLN A 125 -0.99 -32.33 -14.28
N ARG A 126 -0.54 -32.95 -15.36
CA ARG A 126 -1.41 -33.79 -16.19
C ARG A 126 -2.20 -34.76 -15.34
N ILE A 127 -3.50 -34.79 -15.59
CA ILE A 127 -4.41 -35.67 -14.89
C ILE A 127 -4.26 -37.10 -15.39
N PRO A 128 -4.04 -38.06 -14.46
CA PRO A 128 -3.87 -39.47 -14.82
C PRO A 128 -5.12 -40.04 -15.48
N GLU A 1 -4.01 29.01 20.72
CA GLU A 1 -4.64 30.05 19.88
C GLU A 1 -3.59 31.01 19.31
N ALA A 2 -3.72 31.33 18.03
CA ALA A 2 -2.78 32.23 17.37
C ALA A 2 -3.28 32.60 15.97
N GLU A 3 -3.18 33.89 15.64
CA GLU A 3 -3.62 34.38 14.33
C GLU A 3 -2.83 33.72 13.21
N ALA A 4 -3.53 33.39 12.12
CA ALA A 4 -2.89 32.76 10.97
C ALA A 4 -2.31 31.40 11.33
N HIS A 5 -1.25 31.01 10.62
CA HIS A 5 -0.59 29.74 10.84
C HIS A 5 -1.51 28.58 10.44
N CYS A 6 -0.92 27.52 9.89
CA CYS A 6 -1.70 26.35 9.47
C CYS A 6 -2.03 25.47 10.66
N GLN A 7 -3.33 25.24 10.86
CA GLN A 7 -3.80 24.41 11.97
C GLN A 7 -3.36 22.97 11.81
N ALA A 8 -3.45 22.22 12.91
CA ALA A 8 -3.07 20.81 12.94
C ALA A 8 -3.59 20.06 11.71
N PRO A 9 -2.69 19.39 10.98
CA PRO A 9 -3.06 18.63 9.78
C PRO A 9 -3.92 17.42 10.10
N ASP A 10 -4.97 17.22 9.31
CA ASP A 10 -5.86 16.08 9.51
C ASP A 10 -5.14 14.77 9.26
N HIS A 11 -5.60 13.73 9.93
CA HIS A 11 -5.00 12.41 9.79
C HIS A 11 -5.43 11.74 8.50
N PHE A 12 -4.47 11.16 7.79
CA PHE A 12 -4.76 10.47 6.53
C PHE A 12 -5.06 9.01 6.77
N LEU A 13 -5.06 8.61 8.04
CA LEU A 13 -5.33 7.23 8.43
C LEU A 13 -4.19 6.30 8.05
N PHE A 14 -3.93 6.18 6.75
CA PHE A 14 -2.87 5.32 6.25
C PHE A 14 -1.53 6.06 6.26
N ALA A 15 -1.41 7.05 7.13
CA ALA A 15 -0.18 7.83 7.23
C ALA A 15 -0.03 8.45 8.62
N LYS A 16 1.06 8.10 9.31
CA LYS A 16 1.33 8.62 10.64
C LYS A 16 2.40 9.70 10.61
N LEU A 17 2.17 10.76 11.40
CA LEU A 17 3.10 11.88 11.49
C LEU A 17 4.53 11.40 11.67
N LYS A 18 5.48 12.19 11.18
CA LYS A 18 6.90 11.83 11.28
C LYS A 18 7.72 13.06 11.67
N THR A 19 7.46 14.18 11.00
CA THR A 19 8.16 15.42 11.27
C THR A 19 7.78 15.99 12.64
N GLN A 20 8.78 16.50 13.36
CA GLN A 20 8.53 17.10 14.67
C GLN A 20 7.52 18.23 14.53
N THR A 21 6.33 18.03 15.08
CA THR A 21 5.27 19.03 14.99
C THR A 21 5.42 20.12 16.05
N THR A 22 5.29 21.36 15.61
CA THR A 22 5.40 22.51 16.51
C THR A 22 4.03 22.89 17.08
N ALA A 23 3.62 22.19 18.13
CA ALA A 23 2.34 22.46 18.78
C ALA A 23 1.18 22.26 17.81
N SER A 24 0.09 22.96 18.06
CA SER A 24 -1.10 22.87 17.23
C SER A 24 -1.02 23.83 16.05
N ASP A 25 -0.66 25.07 16.32
CA ASP A 25 -0.52 26.07 15.27
C ASP A 25 0.87 25.99 14.64
N PHE A 26 0.91 25.78 13.33
CA PHE A 26 2.18 25.66 12.62
C PHE A 26 2.51 26.92 11.82
N PRO A 27 3.76 27.39 11.90
CA PRO A 27 4.21 28.57 11.16
C PRO A 27 4.25 28.32 9.66
N ILE A 28 3.76 29.29 8.88
CA ILE A 28 3.74 29.16 7.44
C ILE A 28 5.13 28.90 6.88
N GLY A 29 5.20 28.07 5.85
CA GLY A 29 6.48 27.72 5.26
C GLY A 29 6.92 26.34 5.73
N THR A 30 6.71 26.08 7.00
CA THR A 30 7.05 24.80 7.61
C THR A 30 6.34 23.66 6.90
N SER A 31 7.00 22.51 6.79
CA SER A 31 6.42 21.35 6.13
C SER A 31 6.48 20.12 7.03
N LEU A 32 5.34 19.47 7.21
CA LEU A 32 5.26 18.26 8.05
C LEU A 32 5.26 17.00 7.18
N LYS A 33 6.23 16.13 7.42
CA LYS A 33 6.31 14.88 6.67
C LYS A 33 5.48 13.78 7.32
N TYR A 34 4.62 13.15 6.52
CA TYR A 34 3.78 12.06 7.02
C TYR A 34 4.11 10.77 6.30
N GLU A 35 4.52 9.76 7.05
CA GLU A 35 4.87 8.47 6.49
C GLU A 35 3.68 7.51 6.56
N CYS A 36 3.34 6.92 5.41
CA CYS A 36 2.22 6.00 5.34
C CYS A 36 2.40 4.82 6.27
N ARG A 37 1.48 3.85 6.19
CA ARG A 37 1.54 2.66 7.03
C ARG A 37 2.47 1.61 6.40
N PRO A 38 2.97 0.65 7.20
CA PRO A 38 3.86 -0.40 6.72
C PRO A 38 3.38 -1.01 5.41
N GLU A 39 2.11 -1.38 5.36
CA GLU A 39 1.53 -1.99 4.16
C GLU A 39 1.28 -0.94 3.08
N TYR A 40 2.10 0.12 3.08
CA TYR A 40 1.97 1.20 2.10
C TYR A 40 3.35 1.70 1.66
N TYR A 41 3.43 2.20 0.43
CA TYR A 41 4.68 2.72 -0.11
C TYR A 41 4.43 4.02 -0.88
N GLY A 42 5.28 5.01 -0.67
CA GLY A 42 5.11 6.28 -1.35
C GLY A 42 5.89 7.40 -0.71
N ARG A 43 6.77 7.07 0.22
CA ARG A 43 7.60 8.06 0.90
C ARG A 43 6.75 9.05 1.70
N PRO A 44 7.32 9.60 2.78
CA PRO A 44 6.63 10.57 3.62
C PRO A 44 6.41 11.88 2.88
N PHE A 45 5.15 12.25 2.70
CA PHE A 45 4.82 13.48 1.98
C PHE A 45 4.72 14.68 2.93
N SER A 46 5.63 15.62 2.75
CA SER A 46 5.66 16.83 3.56
C SER A 46 4.60 17.84 3.10
N ILE A 47 3.82 18.36 4.04
CA ILE A 47 2.80 19.34 3.71
C ILE A 47 3.27 20.75 4.06
N THR A 48 3.45 21.57 3.03
CA THR A 48 3.93 22.94 3.17
C THR A 48 2.84 23.94 3.53
N CYS A 49 3.03 24.69 4.62
CA CYS A 49 2.10 25.73 4.99
C CYS A 49 2.32 26.87 3.99
N LEU A 50 1.34 27.11 3.15
CA LEU A 50 1.48 28.08 2.08
C LEU A 50 1.26 29.53 2.46
N ASP A 51 0.05 29.88 2.87
CA ASP A 51 -0.26 31.26 3.21
C ASP A 51 -1.75 31.41 3.50
N ASN A 52 -2.56 30.61 2.83
CA ASN A 52 -3.99 30.64 3.04
C ASN A 52 -4.32 29.87 4.32
N LEU A 53 -3.25 29.54 5.04
CA LEU A 53 -3.36 28.80 6.29
C LEU A 53 -3.81 27.40 5.97
N VAL A 54 -3.23 26.89 4.90
CA VAL A 54 -3.52 25.57 4.40
C VAL A 54 -2.25 24.87 3.98
N TRP A 55 -2.31 23.56 4.01
CA TRP A 55 -1.18 22.72 3.65
C TRP A 55 -1.19 22.39 2.16
N SER A 56 -0.01 22.31 1.57
CA SER A 56 0.11 21.97 0.16
C SER A 56 -0.78 20.79 -0.16
N SER A 57 -1.37 20.78 -1.35
CA SER A 57 -2.26 19.70 -1.72
C SER A 57 -1.48 18.44 -2.13
N PRO A 58 -1.54 17.40 -1.29
CA PRO A 58 -0.86 16.13 -1.55
C PRO A 58 -1.47 15.41 -2.75
N LYS A 59 -0.64 14.77 -3.56
CA LYS A 59 -1.13 14.06 -4.74
C LYS A 59 -0.19 12.93 -5.16
N ASP A 60 -0.76 11.74 -5.34
CA ASP A 60 -0.01 10.57 -5.76
C ASP A 60 1.20 10.33 -4.87
N VAL A 61 1.06 10.67 -3.60
CA VAL A 61 2.15 10.48 -2.64
C VAL A 61 2.05 9.12 -1.95
N CYS A 62 0.93 8.91 -1.27
CA CYS A 62 0.70 7.65 -0.56
C CYS A 62 0.02 6.63 -1.47
N LYS A 63 0.43 5.37 -1.34
CA LYS A 63 -0.13 4.29 -2.14
C LYS A 63 -0.04 2.96 -1.37
N ARG A 64 -1.13 2.20 -1.38
CA ARG A 64 -1.16 0.93 -0.67
C ARG A 64 -0.21 -0.08 -1.31
N LYS A 65 0.64 -0.68 -0.48
CA LYS A 65 1.63 -1.65 -0.94
C LYS A 65 0.96 -2.81 -1.69
N SER A 66 1.76 -3.54 -2.46
CA SER A 66 1.25 -4.68 -3.23
C SER A 66 2.31 -5.75 -3.41
N CYS A 67 1.87 -7.00 -3.47
CA CYS A 67 2.78 -8.12 -3.66
C CYS A 67 3.15 -8.25 -5.13
N LYS A 68 4.36 -8.72 -5.39
CA LYS A 68 4.83 -8.88 -6.76
C LYS A 68 4.01 -9.97 -7.47
N THR A 69 3.52 -9.65 -8.67
CA THR A 69 2.70 -10.59 -9.43
C THR A 69 3.42 -11.93 -9.57
N PRO A 70 2.76 -13.03 -9.15
CA PRO A 70 3.33 -14.38 -9.22
C PRO A 70 3.46 -14.88 -10.66
N PRO A 71 4.62 -15.45 -11.02
CA PRO A 71 4.85 -15.98 -12.36
C PRO A 71 3.86 -17.08 -12.70
N ASP A 72 3.34 -17.06 -13.92
CA ASP A 72 2.36 -18.06 -14.34
C ASP A 72 2.93 -19.47 -14.21
N PRO A 73 2.36 -20.29 -13.30
CA PRO A 73 2.81 -21.66 -13.08
C PRO A 73 2.60 -22.53 -14.30
N VAL A 74 3.44 -23.55 -14.45
CA VAL A 74 3.34 -24.47 -15.56
C VAL A 74 1.91 -24.97 -15.74
N ASN A 75 1.38 -24.82 -16.95
CA ASN A 75 0.02 -25.25 -17.24
C ASN A 75 -0.96 -24.72 -16.19
N GLY A 76 -0.83 -23.43 -15.87
CA GLY A 76 -1.71 -22.82 -14.88
C GLY A 76 -1.52 -21.32 -14.80
N MET A 77 -2.64 -20.60 -14.69
CA MET A 77 -2.59 -19.14 -14.61
C MET A 77 -3.38 -18.64 -13.41
N VAL A 78 -2.87 -17.58 -12.77
CA VAL A 78 -3.53 -17.00 -11.61
C VAL A 78 -4.43 -15.84 -12.03
N HIS A 79 -5.73 -15.94 -11.73
CA HIS A 79 -6.65 -14.88 -12.08
C HIS A 79 -6.73 -13.85 -10.96
N VAL A 80 -6.56 -12.59 -11.33
CA VAL A 80 -6.65 -11.51 -10.38
C VAL A 80 -8.12 -11.13 -10.21
N ILE A 81 -8.62 -11.18 -8.98
CA ILE A 81 -10.02 -10.88 -8.73
C ILE A 81 -10.30 -9.39 -8.85
N THR A 82 -9.38 -8.58 -8.34
CA THR A 82 -9.52 -7.13 -8.39
C THR A 82 -8.17 -6.47 -8.58
N ASP A 83 -7.23 -6.87 -7.73
CA ASP A 83 -5.87 -6.35 -7.78
C ASP A 83 -4.91 -7.32 -7.10
N ILE A 84 -3.81 -6.79 -6.56
CA ILE A 84 -2.83 -7.63 -5.87
C ILE A 84 -2.12 -6.85 -4.77
N GLN A 85 -2.78 -5.80 -4.30
CA GLN A 85 -2.24 -4.99 -3.21
C GLN A 85 -2.43 -5.71 -1.88
N VAL A 86 -1.57 -5.41 -0.91
CA VAL A 86 -1.64 -6.05 0.41
C VAL A 86 -3.05 -5.97 0.98
N GLY A 87 -3.89 -6.93 0.60
CA GLY A 87 -5.26 -6.96 1.07
C GLY A 87 -6.12 -7.90 0.25
N SER A 88 -5.94 -7.88 -1.07
CA SER A 88 -6.72 -8.72 -1.97
C SER A 88 -6.23 -10.17 -1.93
N ARG A 89 -6.71 -10.98 -2.86
CA ARG A 89 -6.32 -12.38 -2.92
C ARG A 89 -6.38 -12.91 -4.35
N ILE A 90 -5.31 -13.59 -4.77
CA ILE A 90 -5.21 -14.14 -6.12
C ILE A 90 -5.58 -15.62 -6.14
N THR A 91 -6.26 -16.05 -7.19
CA THR A 91 -6.64 -17.45 -7.32
C THR A 91 -5.99 -18.11 -8.53
N TYR A 92 -5.48 -19.31 -8.31
CA TYR A 92 -4.82 -20.07 -9.38
C TYR A 92 -5.73 -21.17 -9.91
N SER A 93 -5.60 -21.49 -11.18
CA SER A 93 -6.41 -22.53 -11.80
C SER A 93 -5.65 -23.24 -12.91
N CYS A 94 -5.47 -24.55 -12.74
CA CYS A 94 -4.75 -25.36 -13.72
C CYS A 94 -5.67 -25.78 -14.86
N THR A 95 -5.08 -25.99 -16.03
CA THR A 95 -5.86 -26.40 -17.20
C THR A 95 -6.47 -27.79 -16.99
N THR A 96 -7.63 -27.99 -17.62
CA THR A 96 -8.33 -29.26 -17.52
C THR A 96 -7.40 -30.44 -17.80
N GLY A 97 -6.82 -30.99 -16.74
CA GLY A 97 -5.92 -32.12 -16.88
C GLY A 97 -5.00 -32.26 -15.69
N HIS A 98 -4.40 -31.15 -15.27
CA HIS A 98 -3.47 -31.15 -14.15
C HIS A 98 -4.17 -30.65 -12.89
N ARG A 99 -3.75 -31.16 -11.74
CA ARG A 99 -4.33 -30.77 -10.46
C ARG A 99 -3.55 -29.61 -9.86
N LEU A 100 -4.26 -28.76 -9.11
CA LEU A 100 -3.65 -27.60 -8.48
C LEU A 100 -2.64 -28.06 -7.43
N ILE A 101 -1.43 -27.50 -7.49
CA ILE A 101 -0.37 -27.86 -6.56
C ILE A 101 -0.23 -26.82 -5.44
N GLY A 102 -1.18 -26.82 -4.52
CA GLY A 102 -1.12 -25.87 -3.41
C GLY A 102 -2.48 -25.61 -2.79
N HIS A 103 -2.66 -24.40 -2.26
CA HIS A 103 -3.92 -24.01 -1.63
C HIS A 103 -4.90 -23.47 -2.66
N SER A 104 -4.42 -23.27 -3.89
CA SER A 104 -5.24 -22.76 -4.99
C SER A 104 -5.59 -21.28 -4.79
N SER A 105 -5.20 -20.73 -3.65
CA SER A 105 -5.48 -19.33 -3.35
C SER A 105 -4.49 -18.77 -2.33
N ALA A 106 -4.21 -17.47 -2.43
CA ALA A 106 -3.27 -16.82 -1.52
C ALA A 106 -3.58 -15.32 -1.41
N GLU A 107 -3.61 -14.83 -0.18
CA GLU A 107 -3.89 -13.42 0.08
C GLU A 107 -2.62 -12.61 0.23
N CYS A 108 -2.54 -11.48 -0.45
CA CYS A 108 -1.37 -10.61 -0.36
C CYS A 108 -1.34 -9.94 1.01
N ILE A 109 -0.27 -10.16 1.76
CA ILE A 109 -0.14 -9.57 3.08
C ILE A 109 1.26 -8.99 3.32
N LEU A 110 1.69 -8.98 4.58
CA LEU A 110 2.98 -8.43 4.94
C LEU A 110 3.48 -9.05 6.24
N SER A 111 4.78 -9.35 6.31
CA SER A 111 5.36 -9.95 7.50
C SER A 111 5.81 -8.89 8.49
N GLY A 112 6.69 -8.00 8.04
CA GLY A 112 7.18 -6.94 8.90
C GLY A 112 8.36 -6.20 8.29
N ASN A 113 8.32 -6.03 6.97
CA ASN A 113 9.38 -5.35 6.25
C ASN A 113 9.09 -5.40 4.75
N THR A 114 8.53 -6.52 4.33
CA THR A 114 8.21 -6.73 2.93
C THR A 114 6.91 -7.51 2.76
N ALA A 115 6.15 -7.16 1.74
CA ALA A 115 4.87 -7.82 1.46
C ALA A 115 5.10 -9.16 0.77
N HIS A 116 4.27 -10.14 1.12
CA HIS A 116 4.39 -11.48 0.54
C HIS A 116 3.07 -12.23 0.64
N TRP A 117 2.81 -13.10 -0.33
CA TRP A 117 1.58 -13.88 -0.35
C TRP A 117 1.51 -14.81 0.84
N SER A 118 0.33 -14.94 1.42
CA SER A 118 0.11 -15.79 2.59
C SER A 118 0.58 -17.22 2.33
N THR A 119 0.50 -17.67 1.08
CA THR A 119 0.91 -19.02 0.73
C THR A 119 1.64 -19.06 -0.61
N LYS A 120 2.65 -19.93 -0.69
CA LYS A 120 3.44 -20.09 -1.91
C LYS A 120 2.55 -20.30 -3.13
N PRO A 121 2.96 -19.79 -4.30
CA PRO A 121 2.20 -19.93 -5.54
C PRO A 121 2.04 -21.40 -5.94
N PRO A 122 0.80 -21.89 -6.01
CA PRO A 122 0.51 -23.27 -6.38
C PRO A 122 0.90 -23.59 -7.82
N ILE A 123 1.35 -24.82 -8.06
CA ILE A 123 1.76 -25.25 -9.39
C ILE A 123 0.63 -26.01 -10.08
N CYS A 124 1.03 -26.95 -10.93
CA CYS A 124 0.10 -27.79 -11.67
C CYS A 124 0.79 -29.09 -12.04
N GLN A 125 0.08 -30.20 -11.92
CA GLN A 125 0.65 -31.51 -12.24
C GLN A 125 -0.40 -32.45 -12.80
N ARG A 126 -0.08 -33.06 -13.93
CA ARG A 126 -1.01 -33.99 -14.58
C ARG A 126 -1.58 -34.98 -13.59
N ILE A 127 -2.90 -35.11 -13.61
CA ILE A 127 -3.60 -36.01 -12.73
C ILE A 127 -3.45 -37.46 -13.21
N PRO A 128 -3.03 -38.37 -12.30
CA PRO A 128 -2.85 -39.79 -12.63
C PRO A 128 -4.14 -40.45 -13.07
N GLU A 1 -2.51 41.83 12.24
CA GLU A 1 -3.05 40.53 12.72
C GLU A 1 -4.07 39.97 11.74
N ALA A 2 -3.74 40.03 10.45
CA ALA A 2 -4.63 39.51 9.41
C ALA A 2 -4.91 38.03 9.61
N GLU A 3 -6.18 37.64 9.46
CA GLU A 3 -6.57 36.25 9.63
C GLU A 3 -5.81 35.34 8.66
N ALA A 4 -5.16 34.32 9.21
CA ALA A 4 -4.40 33.37 8.41
C ALA A 4 -4.02 32.15 9.23
N HIS A 5 -2.77 31.72 9.09
CA HIS A 5 -2.27 30.55 9.80
C HIS A 5 -2.90 29.29 9.27
N CYS A 6 -2.09 28.26 9.05
CA CYS A 6 -2.59 27.00 8.53
C CYS A 6 -3.19 26.16 9.64
N GLN A 7 -4.47 25.85 9.52
CA GLN A 7 -5.15 25.05 10.53
C GLN A 7 -4.71 23.59 10.45
N ALA A 8 -5.32 22.76 11.28
CA ALA A 8 -5.01 21.34 11.33
C ALA A 8 -5.01 20.73 9.92
N PRO A 9 -3.91 20.05 9.54
CA PRO A 9 -3.79 19.40 8.23
C PRO A 9 -4.64 18.15 8.11
N ASP A 10 -5.97 18.35 8.07
CA ASP A 10 -6.91 17.24 7.96
C ASP A 10 -6.40 16.03 8.75
N HIS A 11 -6.44 14.86 8.11
CA HIS A 11 -5.98 13.62 8.74
C HIS A 11 -5.59 12.60 7.67
N PHE A 12 -4.35 12.15 7.71
CA PHE A 12 -3.86 11.16 6.75
C PHE A 12 -4.16 9.74 7.22
N LEU A 13 -4.57 8.90 6.27
CA LEU A 13 -4.89 7.52 6.57
C LEU A 13 -3.75 6.60 6.14
N PHE A 14 -3.25 6.85 4.95
CA PHE A 14 -2.15 6.04 4.41
C PHE A 14 -0.83 6.53 4.99
N ALA A 15 -0.93 7.41 5.98
CA ALA A 15 0.26 7.95 6.63
C ALA A 15 -0.05 8.40 8.06
N LYS A 16 0.78 7.97 9.00
CA LYS A 16 0.60 8.33 10.40
C LYS A 16 1.50 9.51 10.76
N LEU A 17 0.92 10.49 11.46
CA LEU A 17 1.66 11.68 11.87
C LEU A 17 3.00 11.33 12.49
N LYS A 18 3.90 12.31 12.54
CA LYS A 18 5.23 12.12 13.10
C LYS A 18 5.69 13.38 13.83
N THR A 19 5.63 14.51 13.14
CA THR A 19 6.04 15.79 13.72
C THR A 19 5.08 16.24 14.81
N GLN A 20 5.65 16.74 15.91
CA GLN A 20 4.83 17.24 17.00
C GLN A 20 4.00 18.41 16.51
N THR A 21 2.68 18.31 16.66
CA THR A 21 1.79 19.37 16.20
C THR A 21 1.66 20.48 17.22
N THR A 22 1.72 21.73 16.74
CA THR A 22 1.60 22.89 17.59
C THR A 22 0.15 23.34 17.75
N ALA A 23 -0.59 22.66 18.62
CA ALA A 23 -1.99 22.98 18.88
C ALA A 23 -2.86 22.76 17.65
N SER A 24 -3.98 23.49 17.59
CA SER A 24 -4.91 23.39 16.48
C SER A 24 -4.48 24.32 15.36
N ASP A 25 -4.14 25.55 15.70
CA ASP A 25 -3.70 26.53 14.72
C ASP A 25 -2.20 26.36 14.47
N PHE A 26 -1.83 26.08 13.22
CA PHE A 26 -0.43 25.89 12.87
C PHE A 26 0.17 27.11 12.19
N PRO A 27 1.38 27.49 12.61
CA PRO A 27 2.10 28.63 12.03
C PRO A 27 2.66 28.30 10.65
N ILE A 28 2.44 29.19 9.69
CA ILE A 28 2.93 28.97 8.33
C ILE A 28 4.43 28.74 8.32
N GLY A 29 4.88 27.88 7.43
CA GLY A 29 6.29 27.55 7.33
C GLY A 29 6.58 26.22 7.99
N THR A 30 5.85 25.95 9.07
CA THR A 30 6.00 24.70 9.81
C THR A 30 5.80 23.49 8.91
N SER A 31 6.75 22.56 8.95
CA SER A 31 6.66 21.34 8.15
C SER A 31 6.22 20.18 9.01
N LEU A 32 5.14 19.52 8.61
CA LEU A 32 4.62 18.39 9.37
C LEU A 32 4.99 17.08 8.68
N LYS A 33 5.74 16.24 9.40
CA LYS A 33 6.18 14.96 8.84
C LYS A 33 5.17 13.84 9.10
N TYR A 34 5.00 12.98 8.10
CA TYR A 34 4.08 11.85 8.20
C TYR A 34 4.76 10.58 7.69
N GLU A 35 4.64 9.49 8.44
CA GLU A 35 5.26 8.23 8.04
C GLU A 35 4.28 7.37 7.25
N CYS A 36 4.66 7.02 6.03
CA CYS A 36 3.85 6.18 5.17
C CYS A 36 3.58 4.83 5.84
N ARG A 37 2.47 4.19 5.48
CA ARG A 37 2.13 2.90 6.06
C ARG A 37 2.89 1.77 5.36
N PRO A 38 3.26 0.72 6.10
CA PRO A 38 4.00 -0.42 5.55
C PRO A 38 3.35 -0.96 4.28
N GLU A 39 2.02 -1.07 4.30
CA GLU A 39 1.29 -1.57 3.13
C GLU A 39 1.28 -0.55 2.01
N TYR A 40 2.28 0.32 2.00
CA TYR A 40 2.43 1.35 0.98
C TYR A 40 3.89 1.54 0.62
N TYR A 41 4.17 1.73 -0.67
CA TYR A 41 5.54 1.91 -1.12
C TYR A 41 5.91 3.39 -1.19
N GLY A 42 7.10 3.72 -0.68
CA GLY A 42 7.55 5.10 -0.69
C GLY A 42 8.12 5.55 0.65
N ARG A 43 9.09 6.45 0.59
CA ARG A 43 9.73 6.97 1.80
C ARG A 43 8.77 7.90 2.54
N PRO A 44 9.08 8.24 3.81
CA PRO A 44 8.24 9.13 4.62
C PRO A 44 8.26 10.56 4.09
N PHE A 45 7.07 11.08 3.77
CA PHE A 45 6.95 12.43 3.24
C PHE A 45 6.73 13.44 4.37
N SER A 46 6.31 14.65 3.99
CA SER A 46 6.05 15.71 4.95
C SER A 46 5.46 16.93 4.26
N ILE A 47 4.45 17.52 4.88
CA ILE A 47 3.80 18.71 4.34
C ILE A 47 4.45 19.98 4.86
N THR A 48 3.99 21.13 4.38
CA THR A 48 4.56 22.41 4.80
C THR A 48 3.62 23.57 4.51
N CYS A 49 3.37 24.38 5.54
CA CYS A 49 2.52 25.56 5.38
C CYS A 49 3.28 26.59 4.57
N LEU A 50 2.75 26.93 3.42
CA LEU A 50 3.41 27.86 2.52
C LEU A 50 3.08 29.31 2.78
N ASP A 51 1.80 29.63 2.81
CA ASP A 51 1.37 31.01 3.01
C ASP A 51 -0.12 31.14 2.78
N ASN A 52 -0.62 30.45 1.76
CA ASN A 52 -2.04 30.49 1.44
C ASN A 52 -2.80 29.50 2.32
N LEU A 53 -2.32 29.35 3.55
CA LEU A 53 -2.94 28.43 4.51
C LEU A 53 -3.14 27.05 3.91
N VAL A 54 -2.09 26.54 3.27
CA VAL A 54 -2.13 25.22 2.66
C VAL A 54 -0.86 24.44 2.96
N TRP A 55 -1.03 23.14 3.05
CA TRP A 55 0.08 22.23 3.33
C TRP A 55 0.77 21.77 2.05
N SER A 56 1.04 22.72 1.19
CA SER A 56 1.71 22.46 -0.09
C SER A 56 1.08 21.31 -0.85
N SER A 57 -0.22 21.11 -0.64
CA SER A 57 -0.99 20.08 -1.31
C SER A 57 -0.17 18.80 -1.55
N PRO A 58 -0.35 17.77 -0.70
CA PRO A 58 0.37 16.50 -0.84
C PRO A 58 0.24 15.90 -2.24
N LYS A 59 1.37 15.46 -2.79
CA LYS A 59 1.40 14.85 -4.12
C LYS A 59 2.65 13.99 -4.28
N ASP A 60 2.49 12.80 -4.84
CA ASP A 60 3.62 11.91 -5.05
C ASP A 60 4.30 11.63 -3.71
N VAL A 61 3.58 10.94 -2.83
CA VAL A 61 4.09 10.65 -1.49
C VAL A 61 3.57 9.30 -0.98
N CYS A 62 4.04 8.24 -1.61
CA CYS A 62 3.65 6.88 -1.26
C CYS A 62 2.27 6.54 -1.79
N LYS A 63 2.09 5.29 -2.20
CA LYS A 63 0.83 4.81 -2.74
C LYS A 63 0.57 3.38 -2.27
N ARG A 64 -0.67 2.92 -2.47
CA ARG A 64 -1.06 1.58 -2.04
C ARG A 64 -0.09 0.54 -2.61
N LYS A 65 0.58 -0.20 -1.71
CA LYS A 65 1.53 -1.22 -2.09
C LYS A 65 0.86 -2.26 -3.00
N SER A 66 1.64 -2.83 -3.92
CA SER A 66 1.10 -3.83 -4.83
C SER A 66 2.15 -4.85 -5.23
N CYS A 67 1.81 -6.12 -5.02
CA CYS A 67 2.69 -7.22 -5.37
C CYS A 67 2.53 -7.55 -6.85
N LYS A 68 3.64 -7.88 -7.52
CA LYS A 68 3.60 -8.20 -8.93
C LYS A 68 2.82 -9.48 -9.18
N THR A 69 1.99 -9.46 -10.21
CA THR A 69 1.18 -10.61 -10.57
C THR A 69 2.06 -11.86 -10.74
N PRO A 70 1.72 -12.95 -10.03
CA PRO A 70 2.48 -14.19 -10.12
C PRO A 70 2.45 -14.79 -11.52
N PRO A 71 3.63 -15.06 -12.10
CA PRO A 71 3.72 -15.63 -13.45
C PRO A 71 2.91 -16.91 -13.57
N ASP A 72 2.15 -17.04 -14.64
CA ASP A 72 1.31 -18.22 -14.85
C ASP A 72 2.17 -19.48 -14.82
N PRO A 73 1.91 -20.37 -13.84
CA PRO A 73 2.65 -21.63 -13.70
C PRO A 73 2.43 -22.57 -14.87
N VAL A 74 2.43 -23.86 -14.57
CA VAL A 74 2.23 -24.90 -15.57
C VAL A 74 0.89 -24.72 -16.28
N ASN A 75 0.17 -25.81 -16.47
CA ASN A 75 -1.13 -25.79 -17.13
C ASN A 75 -2.20 -25.15 -16.25
N GLY A 76 -2.09 -23.84 -16.01
CA GLY A 76 -3.06 -23.14 -15.19
C GLY A 76 -2.97 -21.64 -15.33
N MET A 77 -3.52 -20.93 -14.34
CA MET A 77 -3.51 -19.46 -14.36
C MET A 77 -4.19 -18.89 -13.12
N VAL A 78 -3.68 -17.78 -12.61
CA VAL A 78 -4.25 -17.14 -11.43
C VAL A 78 -5.24 -16.05 -11.81
N HIS A 79 -6.35 -16.00 -11.09
CA HIS A 79 -7.37 -15.00 -11.32
C HIS A 79 -7.57 -14.17 -10.06
N VAL A 80 -7.30 -12.87 -10.19
CA VAL A 80 -7.43 -11.95 -9.08
C VAL A 80 -8.89 -11.73 -8.71
N ILE A 81 -9.16 -11.54 -7.43
CA ILE A 81 -10.51 -11.32 -6.95
C ILE A 81 -10.99 -9.91 -7.29
N THR A 82 -10.11 -8.94 -7.08
CA THR A 82 -10.41 -7.54 -7.38
C THR A 82 -9.17 -6.80 -7.83
N ASP A 83 -8.13 -6.89 -7.01
CA ASP A 83 -6.87 -6.22 -7.29
C ASP A 83 -5.73 -6.92 -6.54
N ILE A 84 -4.52 -6.86 -7.08
CA ILE A 84 -3.39 -7.50 -6.43
C ILE A 84 -2.70 -6.57 -5.45
N GLN A 85 -3.48 -5.70 -4.82
CA GLN A 85 -2.96 -4.77 -3.83
C GLN A 85 -2.76 -5.48 -2.50
N VAL A 86 -1.69 -5.14 -1.79
CA VAL A 86 -1.38 -5.77 -0.51
C VAL A 86 -2.60 -5.75 0.42
N GLY A 87 -3.23 -6.90 0.56
CA GLY A 87 -4.40 -7.01 1.42
C GLY A 87 -5.36 -8.09 0.97
N SER A 88 -5.73 -8.06 -0.31
CA SER A 88 -6.64 -9.04 -0.87
C SER A 88 -5.93 -10.36 -1.12
N ARG A 89 -6.43 -11.12 -2.08
CA ARG A 89 -5.86 -12.42 -2.43
C ARG A 89 -6.08 -12.75 -3.90
N ILE A 90 -5.56 -13.90 -4.31
CA ILE A 90 -5.69 -14.37 -5.69
C ILE A 90 -5.90 -15.88 -5.73
N THR A 91 -6.92 -16.32 -6.46
CA THR A 91 -7.22 -17.73 -6.56
C THR A 91 -6.65 -18.33 -7.84
N TYR A 92 -6.09 -19.52 -7.72
CA TYR A 92 -5.51 -20.21 -8.87
C TYR A 92 -6.41 -21.36 -9.33
N SER A 93 -6.35 -21.67 -10.62
CA SER A 93 -7.16 -22.77 -11.17
C SER A 93 -6.45 -23.44 -12.33
N CYS A 94 -6.09 -24.71 -12.14
CA CYS A 94 -5.41 -25.49 -13.17
C CYS A 94 -6.43 -26.14 -14.09
N THR A 95 -6.09 -26.26 -15.36
CA THR A 95 -6.97 -26.88 -16.35
C THR A 95 -7.20 -28.35 -16.01
N THR A 96 -8.40 -28.84 -16.31
CA THR A 96 -8.75 -30.23 -16.04
C THR A 96 -7.63 -31.19 -16.43
N GLY A 97 -7.28 -32.08 -15.51
CA GLY A 97 -6.22 -33.04 -15.77
C GLY A 97 -5.13 -32.99 -14.71
N HIS A 98 -4.65 -31.79 -14.43
CA HIS A 98 -3.59 -31.59 -13.45
C HIS A 98 -4.18 -31.06 -12.14
N ARG A 99 -3.66 -31.57 -11.02
CA ARG A 99 -4.14 -31.15 -9.71
C ARG A 99 -3.28 -29.99 -9.20
N LEU A 100 -3.94 -29.02 -8.56
CA LEU A 100 -3.23 -27.87 -8.02
C LEU A 100 -2.40 -28.25 -6.81
N ILE A 101 -1.14 -27.84 -6.80
CA ILE A 101 -0.24 -28.13 -5.70
C ILE A 101 -0.09 -26.92 -4.78
N GLY A 102 -0.19 -27.16 -3.48
CA GLY A 102 -0.08 -26.09 -2.51
C GLY A 102 -1.42 -25.44 -2.20
N HIS A 103 -1.38 -24.19 -1.75
CA HIS A 103 -2.60 -23.46 -1.43
C HIS A 103 -3.22 -22.85 -2.69
N SER A 104 -4.49 -23.16 -2.93
CA SER A 104 -5.19 -22.63 -4.11
C SER A 104 -5.52 -21.15 -3.93
N SER A 105 -4.93 -20.54 -2.91
CA SER A 105 -5.16 -19.12 -2.63
C SER A 105 -4.00 -18.53 -1.83
N ALA A 106 -3.78 -17.23 -2.02
CA ALA A 106 -2.69 -16.55 -1.32
C ALA A 106 -3.02 -15.06 -1.13
N GLU A 107 -2.75 -14.56 0.07
CA GLU A 107 -3.02 -13.16 0.39
C GLU A 107 -1.78 -12.30 0.19
N CYS A 108 -1.93 -11.21 -0.55
CA CYS A 108 -0.82 -10.30 -0.78
C CYS A 108 -0.51 -9.55 0.50
N ILE A 109 0.73 -9.65 0.99
CA ILE A 109 1.12 -9.00 2.23
C ILE A 109 2.44 -8.26 2.09
N LEU A 110 3.15 -8.13 3.21
CA LEU A 110 4.43 -7.42 3.24
C LEU A 110 5.35 -7.98 4.32
N SER A 111 6.60 -8.26 3.95
CA SER A 111 7.58 -8.78 4.89
C SER A 111 8.39 -7.62 5.49
N GLY A 112 7.72 -6.47 5.62
CA GLY A 112 8.39 -5.30 6.17
C GLY A 112 9.31 -4.62 5.18
N ASN A 113 10.16 -5.41 4.53
CA ASN A 113 11.10 -4.86 3.54
C ASN A 113 10.46 -4.78 2.15
N THR A 114 9.76 -5.84 1.76
CA THR A 114 9.13 -5.90 0.46
C THR A 114 7.82 -6.69 0.50
N ALA A 115 6.87 -6.29 -0.34
CA ALA A 115 5.57 -6.96 -0.40
C ALA A 115 5.66 -8.26 -1.18
N HIS A 116 4.98 -9.29 -0.68
CA HIS A 116 4.99 -10.60 -1.33
C HIS A 116 3.78 -11.43 -0.94
N TRP A 117 3.38 -12.36 -1.80
CA TRP A 117 2.23 -13.21 -1.54
C TRP A 117 2.48 -14.11 -0.33
N SER A 118 1.42 -14.37 0.42
CA SER A 118 1.49 -15.20 1.62
C SER A 118 1.99 -16.61 1.33
N THR A 119 1.71 -17.12 0.13
CA THR A 119 2.14 -18.47 -0.23
C THR A 119 2.62 -18.56 -1.67
N LYS A 120 3.65 -19.38 -1.88
CA LYS A 120 4.22 -19.57 -3.21
C LYS A 120 3.15 -20.01 -4.20
N PRO A 121 3.18 -19.49 -5.44
CA PRO A 121 2.21 -19.82 -6.48
C PRO A 121 2.03 -21.33 -6.65
N PRO A 122 0.77 -21.81 -6.61
CA PRO A 122 0.45 -23.24 -6.76
C PRO A 122 0.98 -23.82 -8.06
N ILE A 123 1.35 -25.09 -8.03
CA ILE A 123 1.87 -25.75 -9.22
C ILE A 123 0.84 -26.66 -9.86
N CYS A 124 0.68 -26.56 -11.16
CA CYS A 124 -0.24 -27.45 -11.86
C CYS A 124 0.53 -28.71 -12.20
N GLN A 125 0.03 -29.86 -11.76
CA GLN A 125 0.73 -31.12 -12.01
C GLN A 125 -0.25 -32.25 -12.26
N ARG A 126 -0.01 -33.00 -13.34
CA ARG A 126 -0.86 -34.13 -13.71
C ARG A 126 -1.20 -34.99 -12.51
N ILE A 127 -2.48 -35.33 -12.41
CA ILE A 127 -2.96 -36.15 -11.33
C ILE A 127 -2.58 -37.61 -11.54
N PRO A 128 -1.98 -38.25 -10.51
CA PRO A 128 -1.56 -39.66 -10.59
C PRO A 128 -2.74 -40.62 -10.59
N GLU A 1 2.13 39.62 12.13
CA GLU A 1 2.15 38.64 13.25
C GLU A 1 0.83 37.90 13.33
N ALA A 2 0.90 36.58 13.51
CA ALA A 2 -0.29 35.74 13.60
C ALA A 2 -1.12 35.82 12.33
N GLU A 3 -2.42 35.58 12.46
CA GLU A 3 -3.35 35.62 11.34
C GLU A 3 -3.04 34.52 10.33
N ALA A 4 -4.09 33.81 9.90
CA ALA A 4 -3.95 32.72 8.94
C ALA A 4 -3.13 31.57 9.50
N HIS A 5 -3.74 30.40 9.55
CA HIS A 5 -3.08 29.19 10.05
C HIS A 5 -3.73 27.94 9.46
N CYS A 6 -2.91 26.95 9.12
CA CYS A 6 -3.42 25.70 8.55
C CYS A 6 -3.95 24.79 9.63
N GLN A 7 -5.18 24.32 9.47
CA GLN A 7 -5.78 23.42 10.43
C GLN A 7 -5.07 22.07 10.41
N ALA A 8 -5.42 21.23 11.37
CA ALA A 8 -4.81 19.90 11.48
C ALA A 8 -4.70 19.24 10.10
N PRO A 9 -3.53 18.68 9.79
CA PRO A 9 -3.27 18.02 8.50
C PRO A 9 -4.06 16.71 8.35
N ASP A 10 -5.39 16.82 8.33
CA ASP A 10 -6.26 15.66 8.20
C ASP A 10 -5.65 14.44 8.87
N HIS A 11 -5.71 13.31 8.19
CA HIS A 11 -5.16 12.06 8.71
C HIS A 11 -4.75 11.15 7.56
N PHE A 12 -3.47 10.82 7.50
CA PHE A 12 -2.96 9.96 6.44
C PHE A 12 -3.11 8.49 6.79
N LEU A 13 -3.54 7.72 5.80
CA LEU A 13 -3.75 6.29 5.98
C LEU A 13 -2.46 5.53 5.78
N PHE A 14 -1.80 5.79 4.65
CA PHE A 14 -0.55 5.15 4.32
C PHE A 14 0.62 5.90 4.94
N ALA A 15 0.29 6.79 5.89
CA ALA A 15 1.33 7.59 6.54
C ALA A 15 0.93 8.03 7.95
N LYS A 16 1.93 8.30 8.79
CA LYS A 16 1.67 8.73 10.16
C LYS A 16 2.59 9.90 10.56
N LEU A 17 1.98 10.91 11.20
CA LEU A 17 2.71 12.08 11.67
C LEU A 17 3.94 11.66 12.47
N LYS A 18 4.99 12.47 12.45
CA LYS A 18 6.22 12.14 13.18
C LYS A 18 6.89 13.37 13.79
N THR A 19 6.82 14.50 13.08
CA THR A 19 7.43 15.74 13.56
C THR A 19 6.70 16.32 14.78
N GLN A 20 6.72 15.59 15.90
CA GLN A 20 6.07 16.01 17.13
C GLN A 20 4.75 16.73 16.87
N THR A 21 4.43 17.68 17.75
CA THR A 21 3.21 18.50 17.67
C THR A 21 1.94 17.66 17.50
N THR A 22 0.88 18.07 18.19
CA THR A 22 -0.40 17.38 18.12
C THR A 22 -1.55 18.37 18.24
N ALA A 23 -1.24 19.65 18.06
CA ALA A 23 -2.24 20.71 18.14
C ALA A 23 -3.13 20.71 16.90
N SER A 24 -4.15 21.57 16.92
CA SER A 24 -5.07 21.66 15.79
C SER A 24 -4.58 22.69 14.77
N ASP A 25 -4.27 23.90 15.25
CA ASP A 25 -3.80 24.97 14.39
C ASP A 25 -2.29 24.89 14.19
N PHE A 26 -1.84 25.26 12.98
CA PHE A 26 -0.41 25.23 12.66
C PHE A 26 0.01 26.49 11.91
N PRO A 27 1.18 27.05 12.29
CA PRO A 27 1.71 28.26 11.65
C PRO A 27 2.17 27.99 10.22
N ILE A 28 1.91 28.94 9.32
CA ILE A 28 2.31 28.77 7.91
C ILE A 28 3.81 28.53 7.79
N GLY A 29 4.21 27.87 6.70
CA GLY A 29 5.60 27.56 6.48
C GLY A 29 5.97 26.23 7.12
N THR A 30 5.45 26.01 8.31
CA THR A 30 5.69 24.79 9.05
C THR A 30 5.29 23.56 8.24
N SER A 31 6.12 22.53 8.27
CA SER A 31 5.84 21.29 7.54
C SER A 31 6.02 20.08 8.44
N LEU A 32 5.07 19.16 8.37
CA LEU A 32 5.14 17.94 9.20
C LEU A 32 5.68 16.75 8.41
N LYS A 33 6.56 16.00 9.04
CA LYS A 33 7.16 14.81 8.42
C LYS A 33 6.29 13.59 8.69
N TYR A 34 6.07 12.77 7.66
CA TYR A 34 5.26 11.57 7.81
C TYR A 34 6.00 10.33 7.29
N GLU A 35 5.98 9.27 8.09
CA GLU A 35 6.63 8.02 7.71
C GLU A 35 5.64 7.04 7.10
N CYS A 36 6.01 6.44 5.98
CA CYS A 36 5.15 5.47 5.30
C CYS A 36 4.87 4.29 6.22
N ARG A 37 3.61 3.85 6.22
CA ARG A 37 3.20 2.72 7.04
C ARG A 37 3.41 1.40 6.32
N PRO A 38 3.53 0.29 7.08
CA PRO A 38 3.73 -1.04 6.51
C PRO A 38 2.69 -1.34 5.43
N GLU A 39 3.14 -1.96 4.36
CA GLU A 39 2.28 -2.33 3.22
C GLU A 39 2.12 -1.14 2.27
N TYR A 40 3.13 -0.26 2.25
CA TYR A 40 3.11 0.91 1.36
C TYR A 40 4.52 1.28 0.91
N TYR A 41 4.70 1.44 -0.40
CA TYR A 41 6.01 1.80 -0.93
C TYR A 41 6.09 3.29 -1.26
N GLY A 42 7.24 3.89 -1.00
CA GLY A 42 7.42 5.30 -1.27
C GLY A 42 8.63 5.88 -0.55
N ARG A 43 8.42 7.00 0.15
CA ARG A 43 9.49 7.65 0.89
C ARG A 43 8.90 8.69 1.84
N PRO A 44 9.64 9.04 2.91
CA PRO A 44 9.18 10.01 3.90
C PRO A 44 8.92 11.38 3.27
N PHE A 45 7.63 11.75 3.18
CA PHE A 45 7.26 13.04 2.62
C PHE A 45 7.05 14.06 3.73
N SER A 46 6.48 15.20 3.37
CA SER A 46 6.22 16.27 4.34
C SER A 46 5.38 17.38 3.71
N ILE A 47 4.28 17.72 4.37
CA ILE A 47 3.40 18.76 3.88
C ILE A 47 3.67 20.10 4.54
N THR A 48 3.99 21.09 3.72
CA THR A 48 4.25 22.45 4.18
C THR A 48 2.96 23.26 4.16
N CYS A 49 2.70 24.02 5.22
CA CYS A 49 1.50 24.85 5.26
C CYS A 49 1.68 26.05 4.36
N LEU A 50 0.83 26.16 3.35
CA LEU A 50 0.92 27.25 2.40
C LEU A 50 0.16 28.48 2.83
N ASP A 51 0.38 29.54 2.06
CA ASP A 51 -0.23 30.83 2.26
C ASP A 51 -1.76 30.72 2.33
N ASN A 52 -2.33 29.92 1.43
CA ASN A 52 -3.77 29.73 1.38
C ASN A 52 -4.23 28.68 2.38
N LEU A 53 -3.49 28.57 3.48
CA LEU A 53 -3.81 27.62 4.54
C LEU A 53 -4.10 26.23 3.98
N VAL A 54 -3.10 25.62 3.35
CA VAL A 54 -3.25 24.30 2.77
C VAL A 54 -2.06 23.42 3.09
N TRP A 55 -1.92 22.31 2.36
CA TRP A 55 -0.83 21.36 2.58
C TRP A 55 -0.35 20.76 1.27
N SER A 56 -0.14 21.63 0.29
CA SER A 56 0.35 21.25 -1.04
C SER A 56 -0.25 19.96 -1.57
N SER A 57 -1.45 19.64 -1.10
CA SER A 57 -2.18 18.45 -1.53
C SER A 57 -1.23 17.28 -1.82
N PRO A 58 -1.00 16.39 -0.83
CA PRO A 58 -0.11 15.23 -0.99
C PRO A 58 -0.42 14.44 -2.26
N LYS A 59 0.63 14.03 -2.96
CA LYS A 59 0.49 13.25 -4.18
C LYS A 59 1.79 12.50 -4.49
N ASP A 60 1.65 11.23 -4.84
CA ASP A 60 2.82 10.40 -5.14
C ASP A 60 3.76 10.32 -3.94
N VAL A 61 3.44 9.42 -3.01
CA VAL A 61 4.23 9.25 -1.81
C VAL A 61 4.18 7.79 -1.33
N CYS A 62 3.48 7.54 -0.23
CA CYS A 62 3.37 6.19 0.31
C CYS A 62 2.30 5.38 -0.43
N LYS A 63 2.46 5.27 -1.75
CA LYS A 63 1.52 4.55 -2.59
C LYS A 63 1.30 3.11 -2.12
N ARG A 64 0.13 2.56 -2.47
CA ARG A 64 -0.26 1.21 -2.10
C ARG A 64 0.78 0.17 -2.53
N LYS A 65 1.39 -0.51 -1.55
CA LYS A 65 2.38 -1.53 -1.81
C LYS A 65 1.78 -2.70 -2.62
N SER A 66 2.58 -3.74 -2.85
CA SER A 66 2.11 -4.91 -3.59
C SER A 66 2.85 -6.16 -3.09
N CYS A 67 2.93 -7.18 -3.94
CA CYS A 67 3.62 -8.41 -3.58
C CYS A 67 4.12 -9.14 -4.83
N LYS A 68 4.51 -8.35 -5.82
CA LYS A 68 5.01 -8.89 -7.08
C LYS A 68 3.94 -9.75 -7.77
N THR A 69 3.69 -9.47 -9.04
CA THR A 69 2.70 -10.21 -9.81
C THR A 69 3.08 -11.69 -9.87
N PRO A 70 2.10 -12.59 -9.66
CA PRO A 70 2.34 -14.03 -9.69
C PRO A 70 3.07 -14.47 -10.96
N PRO A 71 4.08 -15.35 -10.82
CA PRO A 71 4.86 -15.84 -11.96
C PRO A 71 4.11 -16.85 -12.81
N ASP A 72 2.87 -16.51 -13.15
CA ASP A 72 2.01 -17.37 -13.97
C ASP A 72 2.44 -18.84 -13.93
N PRO A 73 2.07 -19.55 -12.84
CA PRO A 73 2.42 -20.97 -12.67
C PRO A 73 2.22 -21.78 -13.94
N VAL A 74 3.12 -22.71 -14.19
CA VAL A 74 3.05 -23.55 -15.36
C VAL A 74 1.66 -24.15 -15.55
N ASN A 75 1.11 -23.98 -16.75
CA ASN A 75 -0.21 -24.51 -17.07
C ASN A 75 -1.22 -24.16 -15.98
N GLY A 76 -1.25 -22.89 -15.57
CA GLY A 76 -2.17 -22.48 -14.53
C GLY A 76 -2.92 -21.21 -14.86
N MET A 77 -3.31 -20.48 -13.81
CA MET A 77 -4.05 -19.23 -13.96
C MET A 77 -4.45 -18.68 -12.59
N VAL A 78 -4.40 -17.36 -12.45
CA VAL A 78 -4.75 -16.73 -11.18
C VAL A 78 -5.60 -15.49 -11.38
N HIS A 79 -6.74 -15.44 -10.69
CA HIS A 79 -7.63 -14.29 -10.78
C HIS A 79 -7.21 -13.24 -9.77
N VAL A 80 -6.76 -12.10 -10.26
CA VAL A 80 -6.36 -11.01 -9.38
C VAL A 80 -7.55 -10.49 -8.60
N ILE A 81 -8.73 -10.71 -9.18
CA ILE A 81 -10.00 -10.31 -8.58
C ILE A 81 -10.20 -8.80 -8.69
N THR A 82 -9.18 -8.04 -8.29
CA THR A 82 -9.25 -6.58 -8.36
C THR A 82 -7.87 -5.99 -8.59
N ASP A 83 -6.96 -6.25 -7.65
CA ASP A 83 -5.61 -5.74 -7.74
C ASP A 83 -4.67 -6.57 -6.87
N ILE A 84 -3.43 -6.75 -7.31
CA ILE A 84 -2.48 -7.54 -6.55
C ILE A 84 -1.76 -6.69 -5.51
N GLN A 85 -2.37 -5.55 -5.17
CA GLN A 85 -1.84 -4.65 -4.16
C GLN A 85 -2.20 -5.17 -2.77
N VAL A 86 -1.42 -4.78 -1.76
CA VAL A 86 -1.68 -5.20 -0.39
C VAL A 86 -3.10 -4.84 0.03
N GLY A 87 -4.06 -5.70 -0.31
CA GLY A 87 -5.45 -5.45 0.04
C GLY A 87 -6.43 -6.21 -0.85
N SER A 88 -5.96 -7.33 -1.40
CA SER A 88 -6.79 -8.15 -2.28
C SER A 88 -6.17 -9.54 -2.44
N ARG A 89 -7.01 -10.57 -2.44
CA ARG A 89 -6.54 -11.93 -2.57
C ARG A 89 -6.71 -12.47 -3.99
N ILE A 90 -5.64 -13.06 -4.51
CA ILE A 90 -5.66 -13.66 -5.84
C ILE A 90 -5.82 -15.17 -5.72
N THR A 91 -6.81 -15.73 -6.40
CA THR A 91 -7.03 -17.16 -6.34
C THR A 91 -6.56 -17.85 -7.60
N TYR A 92 -6.35 -19.15 -7.48
CA TYR A 92 -5.88 -19.96 -8.60
C TYR A 92 -6.93 -20.99 -9.03
N SER A 93 -6.88 -21.37 -10.30
CA SER A 93 -7.82 -22.34 -10.84
C SER A 93 -7.16 -23.18 -11.94
N CYS A 94 -6.22 -24.03 -11.54
CA CYS A 94 -5.50 -24.88 -12.48
C CYS A 94 -6.44 -25.53 -13.49
N THR A 95 -5.94 -25.71 -14.71
CA THR A 95 -6.72 -26.30 -15.78
C THR A 95 -7.04 -27.76 -15.48
N THR A 96 -8.19 -28.20 -15.98
CA THR A 96 -8.65 -29.57 -15.78
C THR A 96 -7.53 -30.59 -15.99
N GLY A 97 -6.66 -30.33 -16.96
CA GLY A 97 -5.57 -31.24 -17.25
C GLY A 97 -4.67 -31.49 -16.05
N HIS A 98 -4.12 -30.43 -15.48
CA HIS A 98 -3.23 -30.54 -14.34
C HIS A 98 -3.99 -30.33 -13.04
N ARG A 99 -3.62 -31.07 -12.00
CA ARG A 99 -4.26 -30.96 -10.70
C ARG A 99 -3.57 -29.89 -9.87
N LEU A 100 -4.36 -29.10 -9.17
CA LEU A 100 -3.82 -28.02 -8.34
C LEU A 100 -3.13 -28.56 -7.09
N ILE A 101 -1.98 -27.97 -6.77
CA ILE A 101 -1.21 -28.38 -5.59
C ILE A 101 -1.10 -27.23 -4.59
N GLY A 102 -1.27 -27.55 -3.32
CA GLY A 102 -1.19 -26.54 -2.27
C GLY A 102 -2.52 -25.85 -2.00
N HIS A 103 -2.46 -24.55 -1.72
CA HIS A 103 -3.67 -23.78 -1.43
C HIS A 103 -4.37 -23.35 -2.72
N SER A 104 -4.79 -22.09 -2.78
CA SER A 104 -5.47 -21.56 -3.97
C SER A 104 -5.63 -20.06 -3.86
N SER A 105 -6.24 -19.60 -2.77
CA SER A 105 -6.43 -18.17 -2.54
C SER A 105 -5.27 -17.60 -1.76
N ALA A 106 -4.86 -16.37 -2.09
CA ALA A 106 -3.75 -15.72 -1.41
C ALA A 106 -3.82 -14.20 -1.53
N GLU A 107 -3.86 -13.52 -0.38
CA GLU A 107 -3.93 -12.07 -0.35
C GLU A 107 -2.55 -11.45 -0.17
N CYS A 108 -2.30 -10.36 -0.88
CA CYS A 108 -1.01 -9.67 -0.80
C CYS A 108 -0.89 -8.99 0.56
N ILE A 109 0.16 -9.33 1.31
CA ILE A 109 0.34 -8.77 2.64
C ILE A 109 1.78 -8.40 2.95
N LEU A 110 1.93 -7.28 3.65
CA LEU A 110 3.23 -6.77 4.09
C LEU A 110 4.28 -6.78 2.99
N SER A 111 5.19 -5.83 3.04
CA SER A 111 6.26 -5.77 2.08
C SER A 111 7.45 -4.99 2.61
N GLY A 112 7.52 -3.71 2.29
CA GLY A 112 8.64 -2.91 2.74
C GLY A 112 9.93 -3.48 2.19
N ASN A 113 10.73 -4.06 3.07
CA ASN A 113 11.97 -4.68 2.65
C ASN A 113 11.67 -5.90 1.79
N THR A 114 10.54 -6.55 2.10
CA THR A 114 10.14 -7.75 1.39
C THR A 114 8.63 -7.92 1.31
N ALA A 115 8.09 -7.95 0.09
CA ALA A 115 6.66 -8.15 -0.13
C ALA A 115 6.33 -9.63 -0.17
N HIS A 116 5.23 -10.05 0.47
CA HIS A 116 4.89 -11.47 0.47
C HIS A 116 3.39 -11.74 0.59
N TRP A 117 2.90 -12.61 -0.29
CA TRP A 117 1.49 -12.99 -0.28
C TRP A 117 1.19 -13.85 0.94
N SER A 118 -0.09 -14.00 1.23
CA SER A 118 -0.52 -14.78 2.38
C SER A 118 -0.12 -16.24 2.23
N THR A 119 -0.13 -16.75 1.00
CA THR A 119 0.22 -18.15 0.75
C THR A 119 0.91 -18.32 -0.60
N LYS A 120 1.88 -19.22 -0.65
CA LYS A 120 2.64 -19.49 -1.86
C LYS A 120 1.70 -19.92 -3.01
N PRO A 121 2.03 -19.52 -4.25
CA PRO A 121 1.22 -19.85 -5.43
C PRO A 121 1.12 -21.36 -5.68
N PRO A 122 -0.12 -21.88 -5.81
CA PRO A 122 -0.35 -23.31 -6.05
C PRO A 122 0.25 -23.79 -7.37
N ILE A 123 0.64 -25.06 -7.43
CA ILE A 123 1.24 -25.63 -8.63
C ILE A 123 0.22 -26.41 -9.44
N CYS A 124 0.24 -26.22 -10.75
CA CYS A 124 -0.66 -26.93 -11.63
C CYS A 124 0.06 -28.13 -12.25
N GLN A 125 0.16 -29.20 -11.48
CA GLN A 125 0.85 -30.41 -11.92
C GLN A 125 -0.10 -31.38 -12.60
N ARG A 126 0.17 -31.68 -13.88
CA ARG A 126 -0.65 -32.60 -14.65
C ARG A 126 -1.06 -33.82 -13.84
N ILE A 127 -2.29 -34.25 -14.07
CA ILE A 127 -2.84 -35.39 -13.39
C ILE A 127 -2.25 -36.69 -13.92
N PRO A 128 -1.84 -37.60 -13.02
CA PRO A 128 -1.25 -38.89 -13.39
C PRO A 128 -2.27 -39.82 -14.06
N GLU A 1 -3.07 41.24 5.46
CA GLU A 1 -1.62 41.43 5.23
C GLU A 1 -0.84 41.33 6.55
N ALA A 2 -1.14 40.29 7.32
CA ALA A 2 -0.48 40.08 8.60
C ALA A 2 -0.87 38.73 9.21
N GLU A 3 0.13 37.99 9.67
CA GLU A 3 -0.09 36.68 10.29
C GLU A 3 -0.67 35.69 9.28
N ALA A 4 -0.11 34.49 9.25
CA ALA A 4 -0.57 33.45 8.34
C ALA A 4 -0.02 32.08 8.74
N HIS A 5 -0.92 31.10 8.86
CA HIS A 5 -0.52 29.75 9.23
C HIS A 5 -1.52 28.73 8.69
N CYS A 6 -1.02 27.56 8.29
CA CYS A 6 -1.87 26.51 7.77
C CYS A 6 -2.55 25.74 8.90
N GLN A 7 -3.86 25.59 8.79
CA GLN A 7 -4.62 24.87 9.80
C GLN A 7 -4.31 23.38 9.74
N ALA A 8 -4.55 22.69 10.84
CA ALA A 8 -4.29 21.26 10.93
C ALA A 8 -4.76 20.54 9.67
N PRO A 9 -3.90 19.68 9.08
CA PRO A 9 -4.24 18.94 7.86
C PRO A 9 -5.39 17.97 8.08
N ASP A 10 -5.52 16.99 7.20
CA ASP A 10 -6.59 16.01 7.30
C ASP A 10 -6.40 14.90 6.27
N HIS A 11 -6.90 13.71 6.60
CA HIS A 11 -6.81 12.55 5.71
C HIS A 11 -5.37 12.05 5.62
N PHE A 12 -4.86 11.51 6.73
CA PHE A 12 -3.51 10.96 6.79
C PHE A 12 -3.52 9.67 7.60
N LEU A 13 -4.51 8.85 7.34
CA LEU A 13 -4.67 7.58 8.03
C LEU A 13 -3.59 6.58 7.64
N PHE A 14 -3.15 6.68 6.39
CA PHE A 14 -2.12 5.78 5.88
C PHE A 14 -0.71 6.24 6.26
N ALA A 15 -0.64 7.21 7.17
CA ALA A 15 0.64 7.72 7.62
C ALA A 15 0.54 8.40 8.98
N LYS A 16 1.37 7.97 9.92
CA LYS A 16 1.37 8.54 11.27
C LYS A 16 2.39 9.66 11.36
N LEU A 17 1.92 10.86 11.69
CA LEU A 17 2.78 12.03 11.81
C LEU A 17 4.01 11.74 12.65
N LYS A 18 5.18 12.07 12.12
CA LYS A 18 6.44 11.84 12.82
C LYS A 18 6.78 13.01 13.74
N THR A 19 6.77 14.22 13.18
CA THR A 19 7.08 15.43 13.93
C THR A 19 6.06 15.71 15.03
N GLN A 20 6.56 16.13 16.20
CA GLN A 20 5.69 16.45 17.32
C GLN A 20 4.78 17.62 16.94
N THR A 21 3.53 17.56 17.39
CA THR A 21 2.57 18.61 17.07
C THR A 21 1.49 18.76 18.16
N THR A 22 1.01 19.98 18.31
CA THR A 22 -0.03 20.27 19.31
C THR A 22 -0.84 21.48 18.88
N ALA A 23 -0.14 22.49 18.35
CA ALA A 23 -0.79 23.70 17.87
C ALA A 23 -1.60 23.43 16.61
N SER A 24 -2.65 24.21 16.40
CA SER A 24 -3.51 24.04 15.22
C SER A 24 -2.93 24.78 14.02
N ASP A 25 -2.48 26.01 14.24
CA ASP A 25 -1.91 26.81 13.17
C ASP A 25 -0.42 26.51 13.00
N PHE A 26 0.00 26.29 11.75
CA PHE A 26 1.39 26.00 11.46
C PHE A 26 2.01 27.05 10.55
N PRO A 27 3.28 27.45 10.83
CA PRO A 27 3.98 28.45 10.03
C PRO A 27 4.16 28.01 8.59
N ILE A 28 3.94 28.93 7.64
CA ILE A 28 4.07 28.63 6.22
C ILE A 28 5.50 28.19 5.90
N GLY A 29 5.65 27.41 4.83
CA GLY A 29 6.95 26.91 4.45
C GLY A 29 7.33 25.68 5.22
N THR A 30 6.95 25.66 6.50
CA THR A 30 7.21 24.53 7.38
C THR A 30 6.63 23.24 6.80
N SER A 31 7.45 22.20 6.78
CA SER A 31 7.00 20.90 6.26
C SER A 31 6.89 19.87 7.38
N LEU A 32 5.75 19.18 7.43
CA LEU A 32 5.54 18.17 8.46
C LEU A 32 5.86 16.78 7.92
N LYS A 33 6.69 16.05 8.66
CA LYS A 33 7.10 14.71 8.25
C LYS A 33 6.07 13.67 8.72
N TYR A 34 5.76 12.71 7.83
CA TYR A 34 4.81 11.67 8.15
C TYR A 34 5.35 10.29 7.78
N GLU A 35 5.25 9.35 8.71
CA GLU A 35 5.72 7.99 8.48
C GLU A 35 4.57 7.11 8.01
N CYS A 36 4.64 6.64 6.77
CA CYS A 36 3.58 5.78 6.23
C CYS A 36 3.43 4.53 7.09
N ARG A 37 2.20 4.06 7.23
CA ARG A 37 1.92 2.87 8.03
C ARG A 37 2.18 1.60 7.23
N PRO A 38 2.40 0.46 7.93
CA PRO A 38 2.69 -0.84 7.30
C PRO A 38 1.51 -1.40 6.49
N GLU A 39 1.20 -0.73 5.38
CA GLU A 39 0.12 -1.16 4.51
C GLU A 39 0.11 -0.31 3.23
N TYR A 40 1.04 0.64 3.16
CA TYR A 40 1.14 1.51 1.99
C TYR A 40 2.59 1.82 1.65
N TYR A 41 2.91 1.73 0.37
CA TYR A 41 4.27 2.01 -0.09
C TYR A 41 4.35 3.39 -0.72
N GLY A 42 5.43 4.12 -0.42
CA GLY A 42 5.59 5.45 -0.98
C GLY A 42 6.61 6.29 -0.23
N ARG A 43 7.33 5.65 0.70
CA ARG A 43 8.35 6.35 1.49
C ARG A 43 7.73 7.45 2.35
N PRO A 44 8.42 7.85 3.43
CA PRO A 44 7.93 8.90 4.32
C PRO A 44 7.90 10.25 3.62
N PHE A 45 6.70 10.80 3.48
CA PHE A 45 6.52 12.09 2.81
C PHE A 45 6.53 13.25 3.80
N SER A 46 5.99 14.38 3.35
CA SER A 46 5.91 15.58 4.15
C SER A 46 5.10 16.65 3.43
N ILE A 47 4.12 17.22 4.14
CA ILE A 47 3.28 18.25 3.54
C ILE A 47 3.78 19.66 3.85
N THR A 48 4.14 20.39 2.80
CA THR A 48 4.63 21.75 2.94
C THR A 48 3.46 22.74 3.00
N CYS A 49 3.46 23.61 4.01
CA CYS A 49 2.40 24.62 4.15
C CYS A 49 2.58 25.71 3.10
N LEU A 50 1.57 25.89 2.28
CA LEU A 50 1.62 26.87 1.22
C LEU A 50 1.22 28.26 1.67
N ASP A 51 1.50 29.20 0.77
CA ASP A 51 1.20 30.60 0.97
C ASP A 51 -0.25 30.83 1.36
N ASN A 52 -1.16 30.12 0.70
CA ASN A 52 -2.59 30.27 0.96
C ASN A 52 -3.04 29.42 2.15
N LEU A 53 -2.15 29.24 3.11
CA LEU A 53 -2.47 28.46 4.31
C LEU A 53 -3.12 27.13 3.94
N VAL A 54 -2.43 26.35 3.12
CA VAL A 54 -2.95 25.06 2.68
C VAL A 54 -1.89 23.97 2.68
N TRP A 55 -2.15 22.95 1.88
CA TRP A 55 -1.25 21.82 1.71
C TRP A 55 -1.43 21.27 0.31
N SER A 56 -0.32 21.16 -0.43
CA SER A 56 -0.34 20.67 -1.80
C SER A 56 -0.70 19.20 -1.91
N SER A 57 -1.45 18.71 -0.94
CA SER A 57 -1.91 17.32 -0.91
C SER A 57 -0.77 16.31 -1.11
N PRO A 58 -0.69 15.30 -0.22
CA PRO A 58 0.33 14.25 -0.30
C PRO A 58 0.10 13.31 -1.48
N LYS A 59 0.31 13.83 -2.69
CA LYS A 59 0.11 13.03 -3.89
C LYS A 59 1.29 12.11 -4.16
N ASP A 60 1.01 10.84 -4.42
CA ASP A 60 2.05 9.86 -4.69
C ASP A 60 3.06 9.82 -3.54
N VAL A 61 2.65 9.26 -2.42
CA VAL A 61 3.50 9.19 -1.24
C VAL A 61 3.18 7.97 -0.37
N CYS A 62 2.00 7.41 -0.56
CA CYS A 62 1.57 6.24 0.21
C CYS A 62 0.59 5.37 -0.54
N LYS A 63 0.91 5.04 -1.78
CA LYS A 63 0.06 4.17 -2.58
C LYS A 63 -0.14 2.86 -1.82
N ARG A 64 -1.32 2.27 -1.91
CA ARG A 64 -1.57 1.03 -1.18
C ARG A 64 -0.52 -0.03 -1.49
N LYS A 65 -0.01 -0.64 -0.42
CA LYS A 65 0.99 -1.69 -0.54
C LYS A 65 0.50 -2.82 -1.43
N SER A 66 1.43 -3.55 -2.03
CA SER A 66 1.08 -4.66 -2.90
C SER A 66 2.17 -5.74 -2.87
N CYS A 67 1.76 -6.99 -2.79
CA CYS A 67 2.69 -8.10 -2.75
C CYS A 67 3.16 -8.45 -4.16
N LYS A 68 3.32 -7.43 -4.99
CA LYS A 68 3.76 -7.61 -6.37
C LYS A 68 2.75 -8.46 -7.14
N THR A 69 2.40 -8.03 -8.35
CA THR A 69 1.44 -8.77 -9.16
C THR A 69 1.90 -10.21 -9.34
N PRO A 70 1.03 -11.18 -9.02
CA PRO A 70 1.36 -12.61 -9.14
C PRO A 70 1.53 -13.05 -10.58
N PRO A 71 2.69 -13.66 -10.90
CA PRO A 71 2.95 -14.15 -12.26
C PRO A 71 2.10 -15.36 -12.57
N ASP A 72 1.41 -15.33 -13.71
CA ASP A 72 0.55 -16.43 -14.11
C ASP A 72 1.34 -17.73 -14.21
N PRO A 73 0.95 -18.75 -13.42
CA PRO A 73 1.62 -20.06 -13.41
C PRO A 73 1.56 -20.74 -14.77
N VAL A 74 2.62 -21.47 -15.10
CA VAL A 74 2.70 -22.17 -16.37
C VAL A 74 1.43 -22.98 -16.61
N ASN A 75 0.79 -22.72 -17.76
CA ASN A 75 -0.44 -23.41 -18.14
C ASN A 75 -1.64 -22.85 -17.36
N GLY A 76 -1.49 -22.74 -16.05
CA GLY A 76 -2.57 -22.23 -15.22
C GLY A 76 -2.67 -20.72 -15.28
N MET A 77 -3.17 -20.12 -14.20
CA MET A 77 -3.32 -18.67 -14.12
C MET A 77 -3.98 -18.25 -12.81
N VAL A 78 -3.54 -17.13 -12.25
CA VAL A 78 -4.11 -16.64 -11.00
C VAL A 78 -5.22 -15.63 -11.27
N HIS A 79 -6.37 -15.85 -10.64
CA HIS A 79 -7.51 -14.96 -10.82
C HIS A 79 -7.51 -13.84 -9.78
N VAL A 80 -7.47 -12.60 -10.26
CA VAL A 80 -7.53 -11.47 -9.37
C VAL A 80 -8.99 -11.24 -8.99
N ILE A 81 -9.35 -11.64 -7.79
CA ILE A 81 -10.73 -11.55 -7.32
C ILE A 81 -11.15 -10.12 -7.01
N THR A 82 -10.26 -9.35 -6.42
CA THR A 82 -10.56 -7.96 -6.08
C THR A 82 -9.33 -7.08 -6.25
N ASP A 83 -8.28 -7.41 -5.53
CA ASP A 83 -7.05 -6.64 -5.59
C ASP A 83 -5.86 -7.45 -5.11
N ILE A 84 -4.73 -7.29 -5.77
CA ILE A 84 -3.51 -7.99 -5.40
C ILE A 84 -2.75 -7.22 -4.33
N GLN A 85 -3.25 -6.02 -4.03
CA GLN A 85 -2.65 -5.16 -3.02
C GLN A 85 -2.98 -5.66 -1.62
N VAL A 86 -2.14 -5.30 -0.66
CA VAL A 86 -2.34 -5.70 0.73
C VAL A 86 -3.76 -5.41 1.20
N GLY A 87 -4.61 -6.44 1.16
CA GLY A 87 -5.99 -6.28 1.59
C GLY A 87 -6.94 -7.27 0.92
N SER A 88 -6.40 -8.35 0.37
CA SER A 88 -7.23 -9.35 -0.29
C SER A 88 -6.46 -10.65 -0.52
N ARG A 89 -7.01 -11.52 -1.37
CA ARG A 89 -6.37 -12.81 -1.67
C ARG A 89 -6.67 -13.23 -3.11
N ILE A 90 -5.63 -13.73 -3.78
CA ILE A 90 -5.74 -14.18 -5.17
C ILE A 90 -5.93 -15.70 -5.24
N THR A 91 -6.83 -16.15 -6.11
CA THR A 91 -7.07 -17.58 -6.26
C THR A 91 -6.48 -18.12 -7.54
N TYR A 92 -5.72 -19.21 -7.41
CA TYR A 92 -5.08 -19.84 -8.56
C TYR A 92 -5.92 -20.99 -9.08
N SER A 93 -5.78 -21.28 -10.37
CA SER A 93 -6.52 -22.37 -11.00
C SER A 93 -5.71 -22.99 -12.14
N CYS A 94 -5.59 -24.32 -12.10
CA CYS A 94 -4.84 -25.05 -13.11
C CYS A 94 -5.56 -24.99 -14.46
N THR A 95 -5.75 -26.14 -15.11
CA THR A 95 -6.42 -26.18 -16.40
C THR A 95 -6.73 -27.61 -16.83
N THR A 96 -7.82 -27.76 -17.59
CA THR A 96 -8.30 -29.05 -18.11
C THR A 96 -7.53 -30.25 -17.54
N GLY A 97 -6.85 -31.00 -18.41
CA GLY A 97 -6.12 -32.18 -17.97
C GLY A 97 -4.80 -31.85 -17.29
N HIS A 98 -4.81 -30.92 -16.34
CA HIS A 98 -3.62 -30.53 -15.62
C HIS A 98 -3.93 -30.38 -14.13
N ARG A 99 -3.04 -30.93 -13.30
CA ARG A 99 -3.21 -30.85 -11.85
C ARG A 99 -2.44 -29.66 -11.30
N LEU A 100 -3.05 -28.91 -10.40
CA LEU A 100 -2.40 -27.74 -9.82
C LEU A 100 -1.25 -28.19 -8.91
N ILE A 101 -0.09 -27.57 -9.07
CA ILE A 101 1.09 -27.93 -8.27
C ILE A 101 1.29 -26.94 -7.13
N GLY A 102 1.64 -27.47 -5.95
CA GLY A 102 1.88 -26.63 -4.80
C GLY A 102 0.63 -26.28 -4.02
N HIS A 103 0.46 -25.00 -3.73
CA HIS A 103 -0.69 -24.52 -2.96
C HIS A 103 -1.93 -24.40 -3.84
N SER A 104 -2.62 -23.27 -3.75
CA SER A 104 -3.84 -23.05 -4.53
C SER A 104 -4.35 -21.62 -4.34
N SER A 105 -4.06 -21.04 -3.17
CA SER A 105 -4.50 -19.68 -2.86
C SER A 105 -3.52 -19.02 -1.89
N ALA A 106 -3.41 -17.69 -1.99
CA ALA A 106 -2.50 -16.95 -1.12
C ALA A 106 -3.00 -15.51 -0.90
N GLU A 107 -2.97 -15.08 0.36
CA GLU A 107 -3.41 -13.74 0.73
C GLU A 107 -2.23 -12.79 0.82
N CYS A 108 -2.37 -11.62 0.23
CA CYS A 108 -1.30 -10.62 0.27
C CYS A 108 -1.21 -10.04 1.68
N ILE A 109 -0.04 -10.18 2.30
CA ILE A 109 0.15 -9.69 3.65
C ILE A 109 1.42 -8.86 3.77
N LEU A 110 1.94 -8.76 5.00
CA LEU A 110 3.14 -7.98 5.25
C LEU A 110 3.93 -8.54 6.42
N SER A 111 5.24 -8.66 6.26
CA SER A 111 6.11 -9.18 7.30
C SER A 111 6.59 -8.05 8.20
N GLY A 112 7.06 -6.97 7.58
CA GLY A 112 7.55 -5.83 8.33
C GLY A 112 8.29 -4.85 7.45
N ASN A 113 9.26 -5.36 6.69
CA ASN A 113 10.06 -4.54 5.80
C ASN A 113 9.44 -4.49 4.41
N THR A 114 8.91 -5.62 3.97
CA THR A 114 8.29 -5.72 2.65
C THR A 114 7.09 -6.66 2.66
N ALA A 115 6.08 -6.33 1.85
CA ALA A 115 4.88 -7.14 1.76
C ALA A 115 5.11 -8.37 0.88
N HIS A 116 4.42 -9.46 1.20
CA HIS A 116 4.56 -10.70 0.44
C HIS A 116 3.35 -11.60 0.64
N TRP A 117 3.03 -12.38 -0.38
CA TRP A 117 1.89 -13.30 -0.31
C TRP A 117 2.13 -14.37 0.74
N SER A 118 1.06 -14.78 1.40
CA SER A 118 1.14 -15.80 2.45
C SER A 118 1.83 -17.06 1.94
N THR A 119 1.66 -17.37 0.67
CA THR A 119 2.27 -18.56 0.08
C THR A 119 2.68 -18.33 -1.36
N LYS A 120 3.83 -18.90 -1.74
CA LYS A 120 4.35 -18.77 -3.09
C LYS A 120 3.34 -19.26 -4.12
N PRO A 121 3.18 -18.53 -5.23
CA PRO A 121 2.23 -18.90 -6.29
C PRO A 121 2.45 -20.33 -6.79
N PRO A 122 1.38 -21.15 -6.79
CA PRO A 122 1.46 -22.55 -7.25
C PRO A 122 1.74 -22.66 -8.75
N ILE A 123 1.41 -23.81 -9.32
CA ILE A 123 1.63 -24.04 -10.75
C ILE A 123 0.47 -24.82 -11.37
N CYS A 124 0.73 -25.40 -12.53
CA CYS A 124 -0.25 -26.19 -13.26
C CYS A 124 0.48 -27.12 -14.23
N GLN A 125 0.13 -28.40 -14.23
CA GLN A 125 0.82 -29.35 -15.10
C GLN A 125 -0.08 -30.54 -15.46
N ARG A 126 -0.07 -30.91 -16.73
CA ARG A 126 -0.88 -32.03 -17.20
C ARG A 126 -0.69 -33.25 -16.32
N ILE A 127 -1.81 -33.88 -16.00
CA ILE A 127 -1.81 -35.06 -15.17
C ILE A 127 -1.34 -36.28 -15.96
N PRO A 128 -0.36 -37.03 -15.42
CA PRO A 128 0.19 -38.22 -16.07
C PRO A 128 -0.87 -39.29 -16.30
N GLU A 1 -2.55 43.02 12.18
CA GLU A 1 -2.38 43.23 10.72
C GLU A 1 -2.21 41.89 10.00
N ALA A 2 -1.15 41.77 9.20
CA ALA A 2 -0.89 40.55 8.47
C ALA A 2 -0.62 39.38 9.41
N GLU A 3 -1.27 38.25 9.15
CA GLU A 3 -1.10 37.06 9.99
C GLU A 3 -1.87 35.88 9.40
N ALA A 4 -1.22 34.71 9.37
CA ALA A 4 -1.85 33.51 8.83
C ALA A 4 -1.06 32.27 9.20
N HIS A 5 -1.78 31.22 9.60
CA HIS A 5 -1.15 29.96 9.98
C HIS A 5 -2.08 28.79 9.67
N CYS A 6 -1.56 27.81 8.94
CA CYS A 6 -2.34 26.64 8.58
C CYS A 6 -2.37 25.63 9.71
N GLN A 7 -3.54 25.41 10.28
CA GLN A 7 -3.69 24.45 11.37
C GLN A 7 -3.43 23.04 10.88
N ALA A 8 -3.51 22.09 11.82
CA ALA A 8 -3.31 20.68 11.51
C ALA A 8 -4.11 20.26 10.29
N PRO A 9 -3.48 19.57 9.33
CA PRO A 9 -4.15 19.12 8.10
C PRO A 9 -5.28 18.14 8.39
N ASP A 10 -5.72 17.44 7.36
CA ASP A 10 -6.80 16.47 7.49
C ASP A 10 -6.38 15.30 8.36
N HIS A 11 -5.08 15.21 8.57
CA HIS A 11 -4.49 14.15 9.39
C HIS A 11 -4.76 12.79 8.78
N PHE A 12 -3.70 12.12 8.33
CA PHE A 12 -3.84 10.80 7.74
C PHE A 12 -3.74 9.71 8.79
N LEU A 13 -4.66 8.77 8.71
CA LEU A 13 -4.72 7.65 9.64
C LEU A 13 -3.56 6.68 9.41
N PHE A 14 -3.32 6.35 8.15
CA PHE A 14 -2.24 5.44 7.80
C PHE A 14 -0.91 6.18 7.73
N ALA A 15 -0.76 7.21 8.56
CA ALA A 15 0.45 8.00 8.61
C ALA A 15 0.60 8.69 9.96
N LYS A 16 1.70 8.41 10.65
CA LYS A 16 1.96 9.01 11.96
C LYS A 16 2.86 10.22 11.83
N LEU A 17 2.44 11.34 12.44
CA LEU A 17 3.21 12.57 12.40
C LEU A 17 4.69 12.29 12.68
N LYS A 18 5.57 13.03 12.03
CA LYS A 18 7.01 12.84 12.21
C LYS A 18 7.74 14.17 12.38
N THR A 19 7.32 15.18 11.63
CA THR A 19 7.95 16.50 11.72
C THR A 19 7.72 17.12 13.09
N GLN A 20 8.78 17.71 13.64
CA GLN A 20 8.70 18.33 14.97
C GLN A 20 7.51 19.29 15.04
N THR A 21 6.66 19.08 16.03
CA THR A 21 5.49 19.92 16.21
C THR A 21 4.95 19.84 17.64
N THR A 22 4.37 20.93 18.11
CA THR A 22 3.80 21.00 19.45
C THR A 22 2.75 22.09 19.52
N ALA A 23 1.86 22.11 18.53
CA ALA A 23 0.80 23.10 18.46
C ALA A 23 -0.22 22.72 17.38
N SER A 24 -1.38 23.35 17.41
CA SER A 24 -2.42 23.07 16.44
C SER A 24 -2.22 23.90 15.18
N ASP A 25 -1.81 25.15 15.35
CA ASP A 25 -1.56 26.03 14.21
C ASP A 25 -0.16 25.83 13.67
N PHE A 26 -0.07 25.41 12.41
CA PHE A 26 1.22 25.18 11.77
C PHE A 26 1.62 26.33 10.85
N PRO A 27 2.92 26.70 10.88
CA PRO A 27 3.45 27.79 10.05
C PRO A 27 3.40 27.44 8.57
N ILE A 28 3.04 28.43 7.75
CA ILE A 28 2.95 28.24 6.30
C ILE A 28 4.30 27.86 5.71
N GLY A 29 4.26 27.13 4.60
CA GLY A 29 5.49 26.70 3.94
C GLY A 29 6.06 25.45 4.58
N THR A 30 5.84 25.31 5.87
CA THR A 30 6.33 24.16 6.63
C THR A 30 5.85 22.84 6.03
N SER A 31 6.78 21.92 5.84
CA SER A 31 6.47 20.60 5.30
C SER A 31 6.18 19.64 6.45
N LEU A 32 4.95 19.14 6.49
CA LEU A 32 4.55 18.21 7.54
C LEU A 32 4.69 16.78 7.05
N LYS A 33 5.80 16.14 7.40
CA LYS A 33 6.07 14.78 6.97
C LYS A 33 5.38 13.74 7.85
N TYR A 34 4.70 12.80 7.20
CA TYR A 34 3.99 11.73 7.89
C TYR A 34 4.64 10.38 7.59
N GLU A 35 4.76 9.54 8.60
CA GLU A 35 5.35 8.22 8.44
C GLU A 35 4.28 7.18 8.11
N CYS A 36 4.40 6.57 6.94
CA CYS A 36 3.44 5.57 6.49
C CYS A 36 3.34 4.41 7.48
N ARG A 37 2.13 3.88 7.65
CA ARG A 37 1.90 2.75 8.54
C ARG A 37 2.19 1.44 7.82
N PRO A 38 2.40 0.34 8.56
CA PRO A 38 2.69 -0.96 7.97
C PRO A 38 1.70 -1.32 6.86
N GLU A 39 2.24 -1.90 5.79
CA GLU A 39 1.45 -2.30 4.62
C GLU A 39 1.26 -1.12 3.67
N TYR A 40 2.20 -0.17 3.72
CA TYR A 40 2.15 1.01 2.87
C TYR A 40 3.57 1.44 2.49
N TYR A 41 3.73 2.01 1.29
CA TYR A 41 5.05 2.45 0.84
C TYR A 41 4.98 3.81 0.16
N GLY A 42 5.96 4.08 -0.70
CA GLY A 42 6.00 5.34 -1.42
C GLY A 42 6.55 6.48 -0.56
N ARG A 43 7.46 6.14 0.33
CA ARG A 43 8.11 7.11 1.23
C ARG A 43 7.10 8.05 1.91
N PRO A 44 7.55 8.77 2.97
CA PRO A 44 6.69 9.69 3.73
C PRO A 44 6.42 10.99 2.97
N PHE A 45 5.18 11.46 3.03
CA PHE A 45 4.81 12.71 2.34
C PHE A 45 4.88 13.91 3.28
N SER A 46 5.72 14.87 2.91
CA SER A 46 5.92 16.09 3.70
C SER A 46 4.76 17.06 3.58
N ILE A 47 4.19 17.15 2.38
CA ILE A 47 3.08 18.07 2.08
C ILE A 47 3.39 19.49 2.56
N THR A 48 3.73 20.36 1.62
CA THR A 48 4.04 21.74 1.93
C THR A 48 2.78 22.56 2.15
N CYS A 49 2.70 23.22 3.30
CA CYS A 49 1.55 24.07 3.60
C CYS A 49 1.62 25.35 2.80
N LEU A 50 0.52 25.68 2.15
CA LEU A 50 0.47 26.86 1.30
C LEU A 50 0.01 28.10 2.05
N ASP A 51 0.23 29.22 1.38
CA ASP A 51 -0.11 30.54 1.87
C ASP A 51 -1.54 30.65 2.38
N ASN A 52 -2.49 30.05 1.66
CA ASN A 52 -3.90 30.13 2.04
C ASN A 52 -4.28 29.10 3.09
N LEU A 53 -3.43 28.95 4.10
CA LEU A 53 -3.69 28.02 5.20
C LEU A 53 -4.19 26.67 4.70
N VAL A 54 -3.44 26.07 3.79
CA VAL A 54 -3.82 24.77 3.25
C VAL A 54 -2.64 23.83 3.21
N TRP A 55 -2.79 22.76 2.46
CA TRP A 55 -1.74 21.76 2.33
C TRP A 55 -1.83 21.07 0.98
N SER A 56 -0.72 21.10 0.25
CA SER A 56 -0.64 20.48 -1.07
C SER A 56 -1.35 19.13 -1.09
N SER A 57 -1.86 18.74 -2.25
CA SER A 57 -2.58 17.49 -2.38
C SER A 57 -1.61 16.30 -2.42
N PRO A 58 -1.74 15.40 -1.43
CA PRO A 58 -0.89 14.22 -1.32
C PRO A 58 -1.31 13.09 -2.26
N LYS A 59 -1.33 13.36 -3.55
CA LYS A 59 -1.71 12.34 -4.53
C LYS A 59 -0.54 11.41 -4.81
N ASP A 60 -0.78 10.11 -4.71
CA ASP A 60 0.25 9.10 -4.96
C ASP A 60 1.47 9.34 -4.08
N VAL A 61 1.22 9.74 -2.83
CA VAL A 61 2.30 10.02 -1.88
C VAL A 61 2.70 8.77 -1.10
N CYS A 62 1.71 7.94 -0.79
CA CYS A 62 1.96 6.72 -0.02
C CYS A 62 0.93 5.64 -0.33
N LYS A 63 0.88 5.22 -1.59
CA LYS A 63 -0.04 4.17 -1.99
C LYS A 63 0.18 2.90 -1.16
N ARG A 64 -0.88 2.15 -0.92
CA ARG A 64 -0.79 0.93 -0.12
C ARG A 64 0.25 -0.02 -0.68
N LYS A 65 1.04 -0.61 0.22
CA LYS A 65 2.06 -1.56 -0.17
C LYS A 65 1.42 -2.71 -0.95
N SER A 66 2.14 -3.23 -1.94
CA SER A 66 1.62 -4.31 -2.75
C SER A 66 2.71 -5.35 -3.04
N CYS A 67 2.32 -6.61 -2.92
CA CYS A 67 3.24 -7.73 -3.17
C CYS A 67 3.41 -7.96 -4.66
N LYS A 68 4.60 -8.43 -5.05
CA LYS A 68 4.89 -8.67 -6.46
C LYS A 68 4.03 -9.80 -7.02
N THR A 69 3.56 -9.61 -8.24
CA THR A 69 2.73 -10.58 -8.91
C THR A 69 3.44 -11.92 -9.04
N PRO A 70 2.74 -13.04 -8.75
CA PRO A 70 3.31 -14.38 -8.84
C PRO A 70 3.95 -14.64 -10.21
N PRO A 71 5.04 -15.43 -10.24
CA PRO A 71 5.75 -15.75 -11.50
C PRO A 71 4.96 -16.71 -12.39
N ASP A 72 3.67 -16.42 -12.56
CA ASP A 72 2.77 -17.23 -13.39
C ASP A 72 3.27 -18.65 -13.57
N PRO A 73 2.77 -19.61 -12.77
CA PRO A 73 3.15 -21.02 -12.88
C PRO A 73 2.83 -21.59 -14.25
N VAL A 74 3.68 -22.50 -14.72
CA VAL A 74 3.49 -23.11 -16.02
C VAL A 74 2.06 -23.60 -16.19
N ASN A 75 1.40 -23.10 -17.24
CA ASN A 75 0.01 -23.46 -17.54
C ASN A 75 -0.96 -22.75 -16.59
N GLY A 76 -0.61 -22.73 -15.31
CA GLY A 76 -1.45 -22.08 -14.32
C GLY A 76 -1.41 -20.57 -14.40
N MET A 77 -2.52 -19.93 -14.00
CA MET A 77 -2.62 -18.48 -14.02
C MET A 77 -3.48 -17.99 -12.87
N VAL A 78 -2.99 -16.98 -12.15
CA VAL A 78 -3.71 -16.43 -11.02
C VAL A 78 -4.48 -15.16 -11.38
N HIS A 79 -5.75 -15.13 -11.03
CA HIS A 79 -6.58 -13.96 -11.28
C HIS A 79 -6.60 -13.07 -10.03
N VAL A 80 -6.18 -11.83 -10.21
CA VAL A 80 -6.12 -10.87 -9.12
C VAL A 80 -7.51 -10.43 -8.65
N ILE A 81 -7.68 -10.37 -7.34
CA ILE A 81 -8.94 -9.94 -6.74
C ILE A 81 -9.01 -8.42 -6.70
N THR A 82 -9.04 -7.83 -7.89
CA THR A 82 -9.08 -6.37 -8.07
C THR A 82 -7.74 -5.71 -7.84
N ASP A 83 -7.05 -6.11 -6.77
CA ASP A 83 -5.76 -5.53 -6.46
C ASP A 83 -4.91 -6.45 -5.59
N ILE A 84 -3.63 -6.58 -5.94
CA ILE A 84 -2.73 -7.43 -5.19
C ILE A 84 -2.06 -6.68 -4.05
N GLN A 85 -2.73 -5.63 -3.55
CA GLN A 85 -2.21 -4.84 -2.45
C GLN A 85 -2.39 -5.58 -1.14
N VAL A 86 -1.44 -5.39 -0.22
CA VAL A 86 -1.51 -6.05 1.08
C VAL A 86 -2.87 -5.86 1.72
N GLY A 87 -3.73 -6.87 1.57
CA GLY A 87 -5.06 -6.81 2.13
C GLY A 87 -5.95 -7.90 1.57
N SER A 88 -6.17 -7.87 0.26
CA SER A 88 -6.98 -8.87 -0.40
C SER A 88 -6.15 -10.13 -0.68
N ARG A 89 -6.50 -10.83 -1.74
CA ARG A 89 -5.78 -12.04 -2.12
C ARG A 89 -5.85 -12.26 -3.63
N ILE A 90 -5.49 -13.47 -4.05
CA ILE A 90 -5.52 -13.83 -5.46
C ILE A 90 -5.84 -15.31 -5.62
N THR A 91 -6.79 -15.61 -6.50
CA THR A 91 -7.18 -17.00 -6.72
C THR A 91 -6.49 -17.58 -7.94
N TYR A 92 -5.98 -18.80 -7.78
CA TYR A 92 -5.29 -19.48 -8.87
C TYR A 92 -6.17 -20.55 -9.51
N SER A 93 -6.03 -20.70 -10.82
CA SER A 93 -6.81 -21.70 -11.56
C SER A 93 -6.07 -22.11 -12.82
N CYS A 94 -5.87 -23.41 -13.00
CA CYS A 94 -5.18 -23.92 -14.18
C CYS A 94 -5.97 -23.60 -15.44
N THR A 95 -5.31 -23.66 -16.59
CA THR A 95 -5.97 -23.37 -17.86
C THR A 95 -7.07 -24.36 -18.18
N THR A 96 -6.72 -25.63 -18.16
CA THR A 96 -7.67 -26.71 -18.45
C THR A 96 -7.00 -28.08 -18.52
N GLY A 97 -7.73 -29.11 -18.10
CA GLY A 97 -7.21 -30.45 -18.15
C GLY A 97 -6.38 -30.83 -16.93
N HIS A 98 -5.56 -29.91 -16.44
CA HIS A 98 -4.71 -30.18 -15.29
C HIS A 98 -5.30 -29.57 -14.02
N ARG A 99 -5.14 -30.28 -12.91
CA ARG A 99 -5.65 -29.80 -11.63
C ARG A 99 -4.56 -29.01 -10.91
N LEU A 100 -4.97 -28.03 -10.11
CA LEU A 100 -4.04 -27.19 -9.39
C LEU A 100 -3.38 -27.95 -8.23
N ILE A 101 -2.05 -27.90 -8.17
CA ILE A 101 -1.30 -28.57 -7.12
C ILE A 101 -0.61 -27.56 -6.22
N GLY A 102 -0.92 -27.61 -4.93
CA GLY A 102 -0.30 -26.69 -3.99
C GLY A 102 -1.30 -26.03 -3.07
N HIS A 103 -2.27 -25.34 -3.66
CA HIS A 103 -3.29 -24.65 -2.89
C HIS A 103 -4.51 -24.31 -3.75
N SER A 104 -4.83 -23.02 -3.82
CA SER A 104 -5.96 -22.54 -4.60
C SER A 104 -6.12 -21.03 -4.45
N SER A 105 -5.59 -20.49 -3.36
CA SER A 105 -5.67 -19.06 -3.08
C SER A 105 -4.53 -18.62 -2.18
N ALA A 106 -4.23 -17.32 -2.20
CA ALA A 106 -3.14 -16.77 -1.38
C ALA A 106 -3.41 -15.32 -1.02
N GLU A 107 -3.29 -14.99 0.26
CA GLU A 107 -3.53 -13.63 0.74
C GLU A 107 -2.23 -12.85 0.82
N CYS A 108 -2.26 -11.61 0.34
CA CYS A 108 -1.09 -10.75 0.39
C CYS A 108 -0.85 -10.29 1.83
N ILE A 109 0.33 -10.60 2.36
CA ILE A 109 0.64 -10.21 3.73
C ILE A 109 2.03 -9.60 3.86
N LEU A 110 2.13 -8.60 4.70
CA LEU A 110 3.41 -7.91 4.93
C LEU A 110 4.24 -8.65 5.98
N SER A 111 5.50 -8.90 5.64
CA SER A 111 6.41 -9.58 6.55
C SER A 111 7.25 -8.58 7.34
N GLY A 112 6.59 -7.60 7.94
CA GLY A 112 7.29 -6.59 8.72
C GLY A 112 7.85 -5.48 7.84
N ASN A 113 8.34 -5.86 6.65
CA ASN A 113 8.91 -4.89 5.72
C ASN A 113 8.65 -5.33 4.28
N THR A 114 8.99 -6.57 3.98
CA THR A 114 8.80 -7.11 2.64
C THR A 114 7.47 -7.84 2.52
N ALA A 115 6.67 -7.44 1.55
CA ALA A 115 5.36 -8.05 1.33
C ALA A 115 5.47 -9.34 0.52
N HIS A 116 4.75 -10.36 0.96
CA HIS A 116 4.75 -11.66 0.27
C HIS A 116 3.49 -12.45 0.59
N TRP A 117 3.04 -13.26 -0.36
CA TRP A 117 1.86 -14.08 -0.16
C TRP A 117 2.11 -15.17 0.87
N SER A 118 1.08 -15.49 1.64
CA SER A 118 1.19 -16.51 2.67
C SER A 118 1.68 -17.83 2.08
N THR A 119 1.14 -18.21 0.93
CA THR A 119 1.51 -19.45 0.26
C THR A 119 2.52 -19.24 -0.86
N LYS A 120 2.43 -20.09 -1.87
CA LYS A 120 3.32 -20.03 -3.02
C LYS A 120 2.62 -20.52 -4.28
N PRO A 121 3.04 -20.04 -5.46
CA PRO A 121 2.43 -20.42 -6.75
C PRO A 121 2.34 -21.94 -6.92
N PRO A 122 1.15 -22.44 -7.30
CA PRO A 122 0.92 -23.87 -7.50
C PRO A 122 1.49 -24.37 -8.82
N ILE A 123 1.01 -25.54 -9.26
CA ILE A 123 1.46 -26.14 -10.51
C ILE A 123 0.34 -26.88 -11.22
N CYS A 124 0.32 -26.79 -12.54
CA CYS A 124 -0.69 -27.50 -13.31
C CYS A 124 -0.23 -28.94 -13.49
N GLN A 125 -1.10 -29.90 -13.18
CA GLN A 125 -0.74 -31.30 -13.31
C GLN A 125 -1.96 -32.10 -13.78
N ARG A 126 -1.75 -32.86 -14.85
CA ARG A 126 -2.83 -33.66 -15.42
C ARG A 126 -3.55 -34.47 -14.35
N ILE A 127 -4.85 -34.57 -14.52
CA ILE A 127 -5.68 -35.29 -13.58
C ILE A 127 -5.52 -36.80 -13.76
N PRO A 128 -5.32 -37.54 -12.64
CA PRO A 128 -5.15 -38.99 -12.68
C PRO A 128 -6.40 -39.72 -13.16
N GLU A 1 -3.43 42.26 14.83
CA GLU A 1 -3.71 40.88 15.31
C GLU A 1 -4.75 40.20 14.43
N ALA A 2 -4.57 40.31 13.12
CA ALA A 2 -5.50 39.69 12.17
C ALA A 2 -5.56 38.18 12.37
N GLU A 3 -6.77 37.64 12.34
CA GLU A 3 -6.98 36.21 12.52
C GLU A 3 -6.22 35.41 11.46
N ALA A 4 -5.49 34.39 11.90
CA ALA A 4 -4.72 33.55 10.99
C ALA A 4 -4.25 32.27 11.67
N HIS A 5 -3.02 31.88 11.37
CA HIS A 5 -2.43 30.66 11.92
C HIS A 5 -3.13 29.42 11.39
N CYS A 6 -2.34 28.47 10.89
CA CYS A 6 -2.88 27.23 10.35
C CYS A 6 -3.17 26.24 11.47
N GLN A 7 -4.41 25.78 11.53
CA GLN A 7 -4.81 24.82 12.56
C GLN A 7 -4.17 23.46 12.33
N ALA A 8 -4.24 22.62 13.35
CA ALA A 8 -3.69 21.27 13.30
C ALA A 8 -4.09 20.57 12.01
N PRO A 9 -3.11 20.03 11.26
CA PRO A 9 -3.38 19.32 10.00
C PRO A 9 -4.09 17.99 10.24
N ASP A 10 -5.15 17.74 9.46
CA ASP A 10 -5.91 16.51 9.59
C ASP A 10 -5.05 15.30 9.26
N HIS A 11 -5.41 14.17 9.85
CA HIS A 11 -4.68 12.93 9.63
C HIS A 11 -5.05 12.30 8.30
N PHE A 12 -4.04 11.80 7.62
CA PHE A 12 -4.24 11.14 6.33
C PHE A 12 -4.52 9.66 6.54
N LEU A 13 -3.97 8.82 5.67
CA LEU A 13 -4.17 7.37 5.77
C LEU A 13 -3.01 6.61 5.15
N PHE A 14 -2.50 7.12 4.02
CA PHE A 14 -1.40 6.48 3.34
C PHE A 14 -0.07 6.88 3.97
N ALA A 15 -0.14 7.81 4.93
CA ALA A 15 1.05 8.28 5.62
C ALA A 15 0.70 8.90 6.98
N LYS A 16 1.37 8.45 8.02
CA LYS A 16 1.13 8.96 9.37
C LYS A 16 2.18 10.01 9.74
N LEU A 17 1.72 11.12 10.31
CA LEU A 17 2.61 12.21 10.72
C LEU A 17 3.79 11.68 11.52
N LYS A 18 5.00 12.02 11.06
CA LYS A 18 6.21 11.60 11.74
C LYS A 18 6.70 12.67 12.70
N THR A 19 6.65 13.92 12.25
CA THR A 19 7.07 15.06 13.06
C THR A 19 6.19 15.26 14.27
N GLN A 20 6.81 15.50 15.42
CA GLN A 20 6.07 15.73 16.67
C GLN A 20 5.24 17.00 16.55
N THR A 21 4.06 16.98 17.17
CA THR A 21 3.17 18.14 17.12
C THR A 21 2.31 18.24 18.38
N THR A 22 1.16 17.55 18.36
CA THR A 22 0.24 17.55 19.50
C THR A 22 -0.51 18.88 19.64
N ALA A 23 0.18 19.99 19.40
CA ALA A 23 -0.44 21.31 19.51
C ALA A 23 -1.46 21.54 18.41
N SER A 24 -2.61 22.11 18.79
CA SER A 24 -3.67 22.38 17.82
C SER A 24 -3.53 23.77 17.20
N ASP A 25 -2.28 24.20 17.01
CA ASP A 25 -2.01 25.50 16.41
C ASP A 25 -0.62 25.53 15.79
N PHE A 26 -0.51 26.10 14.59
CA PHE A 26 0.77 26.18 13.90
C PHE A 26 0.91 27.48 13.11
N PRO A 27 2.10 28.10 13.17
CA PRO A 27 2.38 29.34 12.45
C PRO A 27 2.73 29.07 10.99
N ILE A 28 2.25 29.92 10.09
CA ILE A 28 2.52 29.75 8.67
C ILE A 28 4.02 29.59 8.43
N GLY A 29 4.36 28.70 7.50
CA GLY A 29 5.76 28.44 7.21
C GLY A 29 6.18 27.10 7.77
N THR A 30 5.52 26.72 8.85
CA THR A 30 5.79 25.45 9.53
C THR A 30 5.66 24.28 8.56
N SER A 31 6.56 23.31 8.69
CA SER A 31 6.56 22.13 7.84
C SER A 31 6.43 20.86 8.65
N LEU A 32 5.64 19.91 8.15
CA LEU A 32 5.44 18.63 8.84
C LEU A 32 5.61 17.48 7.85
N LYS A 33 6.58 16.62 8.13
CA LYS A 33 6.86 15.48 7.27
C LYS A 33 6.04 14.25 7.68
N TYR A 34 5.35 13.67 6.72
CA TYR A 34 4.54 12.48 6.97
C TYR A 34 5.16 11.26 6.28
N GLU A 35 5.33 10.19 7.04
CA GLU A 35 5.91 8.96 6.50
C GLU A 35 4.82 7.96 6.11
N CYS A 36 4.90 7.45 4.89
CA CYS A 36 3.93 6.49 4.39
C CYS A 36 3.87 5.27 5.31
N ARG A 37 2.79 4.52 5.23
CA ARG A 37 2.61 3.33 6.05
C ARG A 37 3.35 2.14 5.44
N PRO A 38 3.67 1.12 6.26
CA PRO A 38 4.40 -0.07 5.79
C PRO A 38 3.98 -0.54 4.40
N GLU A 39 2.68 -0.80 4.23
CA GLU A 39 2.17 -1.24 2.94
C GLU A 39 2.08 -0.10 1.93
N TYR A 40 3.06 0.81 1.98
CA TYR A 40 3.11 1.95 1.06
C TYR A 40 4.53 2.27 0.64
N TYR A 41 4.69 2.81 -0.56
CA TYR A 41 6.00 3.17 -1.09
C TYR A 41 5.91 4.43 -1.94
N GLY A 42 6.84 5.35 -1.75
CA GLY A 42 6.84 6.57 -2.54
C GLY A 42 7.49 7.73 -1.82
N ARG A 43 8.46 7.42 -0.96
CA ARG A 43 9.18 8.44 -0.21
C ARG A 43 8.27 9.26 0.69
N PRO A 44 8.81 9.70 1.84
CA PRO A 44 8.07 10.50 2.81
C PRO A 44 7.89 11.95 2.35
N PHE A 45 6.65 12.40 2.27
CA PHE A 45 6.36 13.77 1.83
C PHE A 45 6.32 14.70 3.04
N SER A 46 5.73 15.87 2.85
CA SER A 46 5.62 16.85 3.91
C SER A 46 4.74 18.03 3.51
N ILE A 47 3.87 18.44 4.43
CA ILE A 47 2.97 19.56 4.18
C ILE A 47 3.59 20.86 4.70
N THR A 48 2.94 21.99 4.41
CA THR A 48 3.49 23.28 4.83
C THR A 48 2.46 24.39 4.78
N CYS A 49 2.38 25.17 5.86
CA CYS A 49 1.48 26.31 5.91
C CYS A 49 2.05 27.39 5.00
N LEU A 50 1.36 27.63 3.89
CA LEU A 50 1.84 28.58 2.90
C LEU A 50 1.51 30.03 3.18
N ASP A 51 0.26 30.33 3.42
CA ASP A 51 -0.16 31.70 3.64
C ASP A 51 -1.67 31.80 3.76
N ASN A 52 -2.38 31.03 2.95
CA ASN A 52 -3.82 31.02 2.97
C ASN A 52 -4.29 30.09 4.07
N LEU A 53 -3.48 30.00 5.13
CA LEU A 53 -3.78 29.15 6.27
C LEU A 53 -4.12 27.73 5.81
N VAL A 54 -3.34 27.23 4.85
CA VAL A 54 -3.57 25.90 4.32
C VAL A 54 -2.27 25.14 4.13
N TRP A 55 -2.38 23.83 4.24
CA TRP A 55 -1.26 22.93 4.06
C TRP A 55 -1.18 22.49 2.61
N SER A 56 -0.02 22.70 1.99
CA SER A 56 0.19 22.30 0.60
C SER A 56 -0.37 20.91 0.37
N SER A 57 -0.97 20.69 -0.80
CA SER A 57 -1.57 19.40 -1.11
C SER A 57 -0.52 18.38 -1.55
N PRO A 58 -0.31 17.33 -0.73
CA PRO A 58 0.65 16.27 -1.01
C PRO A 58 0.15 15.30 -2.08
N LYS A 59 0.03 15.81 -3.30
CA LYS A 59 -0.47 15.02 -4.41
C LYS A 59 0.60 14.06 -4.92
N ASP A 60 0.21 12.80 -5.09
CA ASP A 60 1.13 11.76 -5.57
C ASP A 60 2.34 11.64 -4.66
N VAL A 61 2.28 10.69 -3.73
CA VAL A 61 3.38 10.45 -2.79
C VAL A 61 3.41 9.01 -2.31
N CYS A 62 2.44 8.63 -1.49
CA CYS A 62 2.36 7.27 -0.97
C CYS A 62 1.57 6.37 -1.91
N LYS A 63 2.02 5.13 -2.06
CA LYS A 63 1.35 4.16 -2.93
C LYS A 63 1.43 2.77 -2.32
N ARG A 64 0.28 2.11 -2.18
CA ARG A 64 0.24 0.78 -1.59
C ARG A 64 1.21 -0.18 -2.27
N LYS A 65 1.89 -0.98 -1.45
CA LYS A 65 2.85 -1.96 -1.94
C LYS A 65 2.19 -2.92 -2.92
N SER A 66 3.01 -3.75 -3.57
CA SER A 66 2.50 -4.73 -4.52
C SER A 66 3.40 -5.95 -4.58
N CYS A 67 2.79 -7.12 -4.56
CA CYS A 67 3.52 -8.38 -4.63
C CYS A 67 3.90 -8.70 -6.06
N LYS A 68 5.06 -9.29 -6.25
CA LYS A 68 5.52 -9.64 -7.60
C LYS A 68 4.63 -10.72 -8.20
N THR A 69 4.25 -10.53 -9.46
CA THR A 69 3.39 -11.49 -10.15
C THR A 69 3.99 -12.89 -10.09
N PRO A 70 3.28 -13.83 -9.45
CA PRO A 70 3.76 -15.22 -9.33
C PRO A 70 3.66 -15.96 -10.66
N PRO A 71 4.75 -16.62 -11.09
CA PRO A 71 4.75 -17.37 -12.35
C PRO A 71 3.64 -18.40 -12.39
N ASP A 72 2.82 -18.34 -13.43
CA ASP A 72 1.71 -19.27 -13.58
C ASP A 72 2.21 -20.71 -13.63
N PRO A 73 1.68 -21.59 -12.77
CA PRO A 73 2.08 -23.00 -12.73
C PRO A 73 1.73 -23.73 -14.01
N VAL A 74 2.61 -24.63 -14.42
CA VAL A 74 2.41 -25.41 -15.63
C VAL A 74 0.99 -25.98 -15.68
N ASN A 75 0.32 -25.76 -16.80
CA ASN A 75 -1.04 -26.23 -16.99
C ASN A 75 -1.99 -25.56 -15.99
N GLY A 76 -1.89 -24.25 -15.87
CA GLY A 76 -2.74 -23.51 -14.96
C GLY A 76 -2.69 -22.01 -15.20
N MET A 77 -2.99 -21.23 -14.16
CA MET A 77 -2.99 -19.77 -14.26
C MET A 77 -3.48 -19.12 -12.97
N VAL A 78 -2.85 -18.03 -12.56
CA VAL A 78 -3.25 -17.33 -11.33
C VAL A 78 -4.23 -16.20 -11.66
N HIS A 79 -5.29 -16.10 -10.87
CA HIS A 79 -6.27 -15.05 -11.05
C HIS A 79 -5.95 -13.85 -10.17
N VAL A 80 -5.51 -12.77 -10.79
CA VAL A 80 -5.18 -11.56 -10.05
C VAL A 80 -6.45 -11.00 -9.43
N ILE A 81 -7.58 -11.37 -10.03
CA ILE A 81 -8.91 -10.93 -9.59
C ILE A 81 -9.15 -9.48 -9.96
N THR A 82 -8.22 -8.61 -9.57
CA THR A 82 -8.31 -7.19 -9.86
C THR A 82 -6.92 -6.59 -9.98
N ASP A 83 -6.12 -6.75 -8.93
CA ASP A 83 -4.75 -6.25 -8.88
C ASP A 83 -3.95 -7.04 -7.86
N ILE A 84 -2.63 -7.04 -8.01
CA ILE A 84 -1.77 -7.76 -7.08
C ILE A 84 -1.24 -6.85 -5.98
N GLN A 85 -2.05 -5.87 -5.59
CA GLN A 85 -1.67 -4.94 -4.53
C GLN A 85 -1.88 -5.57 -3.16
N VAL A 86 -1.09 -5.16 -2.18
CA VAL A 86 -1.19 -5.70 -0.83
C VAL A 86 -2.62 -5.58 -0.29
N GLY A 87 -3.41 -6.62 -0.55
CA GLY A 87 -4.79 -6.64 -0.11
C GLY A 87 -5.64 -7.64 -0.87
N SER A 88 -5.50 -7.63 -2.19
CA SER A 88 -6.25 -8.54 -3.05
C SER A 88 -5.63 -9.93 -3.05
N ARG A 89 -6.48 -10.95 -2.95
CA ARG A 89 -6.02 -12.34 -2.95
C ARG A 89 -6.16 -12.95 -4.34
N ILE A 90 -5.10 -13.62 -4.80
CA ILE A 90 -5.10 -14.26 -6.11
C ILE A 90 -5.50 -15.72 -6.00
N THR A 91 -6.46 -16.14 -6.84
CA THR A 91 -6.92 -17.53 -6.84
C THR A 91 -6.33 -18.30 -8.00
N TYR A 92 -5.78 -19.46 -7.71
CA TYR A 92 -5.18 -20.31 -8.73
C TYR A 92 -6.17 -21.35 -9.24
N SER A 93 -6.07 -21.67 -10.53
CA SER A 93 -6.96 -22.66 -11.14
C SER A 93 -6.25 -23.39 -12.26
N CYS A 94 -6.17 -24.72 -12.13
CA CYS A 94 -5.51 -25.55 -13.13
C CYS A 94 -6.47 -25.91 -14.26
N THR A 95 -5.92 -26.09 -15.46
CA THR A 95 -6.72 -26.44 -16.62
C THR A 95 -7.35 -27.82 -16.43
N THR A 96 -8.56 -27.99 -16.97
CA THR A 96 -9.28 -29.24 -16.86
C THR A 96 -8.38 -30.43 -17.16
N GLY A 97 -8.30 -31.37 -16.22
CA GLY A 97 -7.47 -32.54 -16.40
C GLY A 97 -6.52 -32.77 -15.25
N HIS A 98 -5.85 -31.70 -14.82
CA HIS A 98 -4.90 -31.78 -13.71
C HIS A 98 -5.53 -31.27 -12.42
N ARG A 99 -5.24 -31.95 -11.32
CA ARG A 99 -5.76 -31.58 -10.01
C ARG A 99 -4.79 -30.64 -9.30
N LEU A 100 -5.32 -29.68 -8.56
CA LEU A 100 -4.50 -28.72 -7.84
C LEU A 100 -3.84 -29.37 -6.63
N ILE A 101 -2.55 -29.08 -6.45
CA ILE A 101 -1.77 -29.63 -5.32
C ILE A 101 -1.33 -28.51 -4.38
N GLY A 102 -1.40 -28.78 -3.09
CA GLY A 102 -0.98 -27.79 -2.11
C GLY A 102 -2.11 -26.88 -1.66
N HIS A 103 -1.88 -25.57 -1.78
CA HIS A 103 -2.87 -24.57 -1.37
C HIS A 103 -3.98 -24.43 -2.42
N SER A 104 -4.33 -23.19 -2.75
CA SER A 104 -5.38 -22.92 -3.73
C SER A 104 -5.55 -21.41 -3.95
N SER A 105 -5.21 -20.63 -2.93
CA SER A 105 -5.32 -19.17 -3.00
C SER A 105 -4.30 -18.52 -2.09
N ALA A 106 -3.90 -17.29 -2.43
CA ALA A 106 -2.93 -16.56 -1.64
C ALA A 106 -3.13 -15.06 -1.77
N GLU A 107 -3.22 -14.38 -0.63
CA GLU A 107 -3.43 -12.93 -0.62
C GLU A 107 -2.13 -12.17 -0.49
N CYS A 108 -2.02 -11.09 -1.27
CA CYS A 108 -0.83 -10.25 -1.23
C CYS A 108 -0.81 -9.48 0.09
N ILE A 109 -0.09 -10.01 1.08
CA ILE A 109 -0.02 -9.37 2.38
C ILE A 109 1.31 -8.64 2.58
N LEU A 110 1.68 -8.44 3.85
CA LEU A 110 2.90 -7.74 4.18
C LEU A 110 3.43 -8.17 5.54
N SER A 111 4.75 -8.36 5.62
CA SER A 111 5.40 -8.76 6.86
C SER A 111 5.82 -7.54 7.68
N GLY A 112 6.32 -6.52 6.98
CA GLY A 112 6.76 -5.30 7.65
C GLY A 112 7.07 -4.19 6.67
N ASN A 113 7.59 -4.55 5.50
CA ASN A 113 7.93 -3.57 4.47
C ASN A 113 7.84 -4.18 3.09
N THR A 114 8.31 -5.42 2.97
CA THR A 114 8.28 -6.12 1.69
C THR A 114 6.99 -6.92 1.53
N ALA A 115 6.32 -6.74 0.40
CA ALA A 115 5.06 -7.43 0.13
C ALA A 115 5.31 -8.87 -0.30
N HIS A 116 4.47 -9.78 0.18
CA HIS A 116 4.61 -11.19 -0.17
C HIS A 116 3.29 -11.94 -0.01
N TRP A 117 3.07 -12.92 -0.88
CA TRP A 117 1.86 -13.72 -0.85
C TRP A 117 1.80 -14.58 0.39
N SER A 118 0.61 -14.72 0.96
CA SER A 118 0.42 -15.52 2.16
C SER A 118 0.87 -16.96 1.96
N THR A 119 0.73 -17.46 0.73
CA THR A 119 1.12 -18.84 0.43
C THR A 119 1.73 -18.95 -0.97
N LYS A 120 2.78 -19.74 -1.07
CA LYS A 120 3.47 -19.96 -2.34
C LYS A 120 2.55 -20.68 -3.33
N PRO A 121 2.56 -20.24 -4.61
CA PRO A 121 1.72 -20.83 -5.66
C PRO A 121 1.69 -22.36 -5.63
N PRO A 122 0.50 -22.97 -5.76
CA PRO A 122 0.33 -24.43 -5.74
C PRO A 122 0.96 -25.10 -6.96
N ILE A 123 0.44 -26.28 -7.31
CA ILE A 123 0.95 -27.04 -8.44
C ILE A 123 -0.18 -27.70 -9.23
N CYS A 124 0.00 -27.78 -10.54
CA CYS A 124 -0.97 -28.44 -11.39
C CYS A 124 -0.41 -29.80 -11.80
N GLN A 125 -1.15 -30.87 -11.51
CA GLN A 125 -0.68 -32.22 -11.83
C GLN A 125 -1.85 -33.09 -12.29
N ARG A 126 -1.68 -33.72 -13.45
CA ARG A 126 -2.71 -34.58 -14.02
C ARG A 126 -3.22 -35.57 -13.00
N ILE A 127 -4.53 -35.74 -12.98
CA ILE A 127 -5.17 -36.64 -12.05
C ILE A 127 -4.99 -38.10 -12.48
N PRO A 128 -4.60 -38.99 -11.54
CA PRO A 128 -4.40 -40.41 -11.84
C PRO A 128 -5.65 -41.08 -12.40
N GLU A 1 -9.82 34.33 16.38
CA GLU A 1 -8.88 33.76 15.38
C GLU A 1 -7.43 34.08 15.74
N ALA A 2 -7.18 35.33 16.12
CA ALA A 2 -5.84 35.76 16.49
C ALA A 2 -4.84 35.52 15.36
N GLU A 3 -3.57 35.34 15.74
CA GLU A 3 -2.52 35.09 14.76
C GLU A 3 -2.82 33.85 13.92
N ALA A 4 -2.65 33.97 12.61
CA ALA A 4 -2.91 32.86 11.71
C ALA A 4 -1.84 31.78 11.79
N HIS A 5 -2.29 30.54 11.97
CA HIS A 5 -1.40 29.39 12.04
C HIS A 5 -2.14 28.11 11.66
N CYS A 6 -1.46 27.23 10.94
CA CYS A 6 -2.07 25.97 10.51
C CYS A 6 -2.04 24.94 11.62
N GLN A 7 -3.20 24.35 11.90
CA GLN A 7 -3.29 23.34 12.93
C GLN A 7 -2.72 22.02 12.43
N ALA A 8 -2.61 21.06 13.34
CA ALA A 8 -2.10 19.74 13.02
C ALA A 8 -2.73 19.21 11.74
N PRO A 9 -1.90 18.82 10.75
CA PRO A 9 -2.38 18.29 9.47
C PRO A 9 -3.31 17.09 9.64
N ASP A 10 -4.38 17.06 8.86
CA ASP A 10 -5.35 15.98 8.91
C ASP A 10 -4.71 14.66 8.49
N HIS A 11 -5.29 13.55 8.93
CA HIS A 11 -4.77 12.23 8.60
C HIS A 11 -5.15 11.84 7.18
N PHE A 12 -4.14 11.52 6.36
CA PHE A 12 -4.39 11.10 4.99
C PHE A 12 -4.68 9.61 4.93
N LEU A 13 -5.15 9.07 6.06
CA LEU A 13 -5.48 7.66 6.17
C LEU A 13 -4.25 6.79 5.94
N PHE A 14 -3.88 6.62 4.68
CA PHE A 14 -2.72 5.82 4.31
C PHE A 14 -1.45 6.64 4.47
N ALA A 15 -1.44 7.51 5.46
CA ALA A 15 -0.28 8.37 5.71
C ALA A 15 -0.23 8.80 7.18
N LYS A 16 0.99 8.88 7.71
CA LYS A 16 1.20 9.28 9.09
C LYS A 16 2.45 10.14 9.24
N LEU A 17 2.38 11.11 10.15
CA LEU A 17 3.49 12.02 10.41
C LEU A 17 4.84 11.31 10.46
N LYS A 18 5.90 12.04 10.12
CA LYS A 18 7.26 11.52 10.14
C LYS A 18 8.24 12.62 10.50
N THR A 19 7.92 13.35 11.56
CA THR A 19 8.75 14.45 12.04
C THR A 19 8.25 14.94 13.39
N GLN A 20 9.18 15.21 14.31
CA GLN A 20 8.82 15.69 15.63
C GLN A 20 7.91 16.91 15.53
N THR A 21 6.82 16.89 16.28
CA THR A 21 5.86 17.99 16.26
C THR A 21 5.11 18.11 17.58
N THR A 22 5.84 18.28 18.67
CA THR A 22 5.23 18.41 19.99
C THR A 22 4.13 19.47 19.98
N ALA A 23 4.43 20.61 19.36
CA ALA A 23 3.46 21.70 19.28
C ALA A 23 2.31 21.35 18.33
N SER A 24 1.11 21.81 18.66
CA SER A 24 -0.06 21.54 17.85
C SER A 24 -0.21 22.57 16.74
N ASP A 25 0.03 23.84 17.08
CA ASP A 25 -0.07 24.93 16.12
C ASP A 25 1.23 25.07 15.34
N PHE A 26 1.13 25.46 14.06
CA PHE A 26 2.32 25.61 13.23
C PHE A 26 2.27 26.90 12.42
N PRO A 27 3.42 27.60 12.31
CA PRO A 27 3.53 28.84 11.55
C PRO A 27 3.45 28.59 10.05
N ILE A 28 2.78 29.47 9.33
CA ILE A 28 2.63 29.33 7.88
C ILE A 28 3.99 29.23 7.19
N GLY A 29 4.05 28.39 6.16
CA GLY A 29 5.30 28.19 5.43
C GLY A 29 6.00 26.94 5.88
N THR A 30 5.77 26.56 7.14
CA THR A 30 6.37 25.38 7.72
C THR A 30 6.07 24.11 6.91
N SER A 31 7.11 23.32 6.66
CA SER A 31 6.98 22.07 5.93
C SER A 31 6.86 20.91 6.91
N LEU A 32 6.04 19.92 6.58
CA LEU A 32 5.88 18.76 7.45
C LEU A 32 5.92 17.46 6.66
N LYS A 33 6.80 16.56 7.05
CA LYS A 33 6.96 15.27 6.38
C LYS A 33 5.99 14.22 6.87
N TYR A 34 5.36 13.51 5.94
CA TYR A 34 4.41 12.45 6.28
C TYR A 34 4.70 11.17 5.50
N GLU A 35 4.93 10.08 6.23
CA GLU A 35 5.18 8.78 5.61
C GLU A 35 3.90 7.97 5.53
N CYS A 36 3.62 7.43 4.35
CA CYS A 36 2.42 6.64 4.13
C CYS A 36 2.35 5.45 5.10
N ARG A 37 1.37 4.59 4.91
CA ARG A 37 1.20 3.42 5.76
C ARG A 37 2.12 2.29 5.32
N PRO A 38 2.51 1.39 6.26
CA PRO A 38 3.40 0.27 5.97
C PRO A 38 3.02 -0.46 4.68
N GLU A 39 1.72 -0.63 4.46
CA GLU A 39 1.23 -1.30 3.26
C GLU A 39 1.40 -0.42 2.02
N TYR A 40 2.31 0.55 2.11
CA TYR A 40 2.58 1.47 1.02
C TYR A 40 4.05 1.79 0.94
N TYR A 41 4.60 1.81 -0.27
CA TYR A 41 6.01 2.11 -0.47
C TYR A 41 6.20 3.55 -0.96
N GLY A 42 5.36 4.44 -0.44
CA GLY A 42 5.43 5.84 -0.81
C GLY A 42 6.46 6.62 -0.02
N ARG A 43 7.19 7.50 -0.69
CA ARG A 43 8.20 8.31 -0.04
C ARG A 43 7.55 9.39 0.82
N PRO A 44 8.32 10.00 1.76
CA PRO A 44 7.79 11.04 2.63
C PRO A 44 7.35 12.27 1.86
N PHE A 45 6.05 12.54 1.86
CA PHE A 45 5.53 13.70 1.16
C PHE A 45 5.46 14.91 2.08
N SER A 46 6.26 15.91 1.76
CA SER A 46 6.33 17.14 2.56
C SER A 46 5.17 18.08 2.25
N ILE A 47 4.39 18.42 3.27
CA ILE A 47 3.29 19.35 3.11
C ILE A 47 3.75 20.75 3.53
N THR A 48 2.85 21.72 3.56
CA THR A 48 3.24 23.07 3.93
C THR A 48 2.06 23.99 4.22
N CYS A 49 2.15 24.73 5.33
CA CYS A 49 1.11 25.69 5.67
C CYS A 49 1.17 26.77 4.59
N LEU A 50 0.10 26.90 3.82
CA LEU A 50 0.09 27.83 2.71
C LEU A 50 -0.18 29.28 3.07
N ASP A 51 -1.30 29.55 3.73
CA ASP A 51 -1.63 30.92 4.10
C ASP A 51 -3.02 31.01 4.71
N ASN A 52 -4.01 30.41 4.06
CA ASN A 52 -5.36 30.43 4.58
C ASN A 52 -5.54 29.33 5.61
N LEU A 53 -4.43 29.07 6.33
CA LEU A 53 -4.40 28.05 7.37
C LEU A 53 -4.71 26.66 6.81
N VAL A 54 -3.91 26.25 5.83
CA VAL A 54 -4.08 24.95 5.20
C VAL A 54 -2.73 24.30 4.93
N TRP A 55 -2.75 23.30 4.07
CA TRP A 55 -1.54 22.58 3.70
C TRP A 55 -1.63 22.16 2.25
N SER A 56 -0.62 22.55 1.46
CA SER A 56 -0.58 22.22 0.05
C SER A 56 -1.09 20.80 -0.16
N SER A 57 -1.91 20.62 -1.18
CA SER A 57 -2.48 19.31 -1.45
C SER A 57 -1.46 18.42 -2.13
N PRO A 58 -1.00 17.37 -1.43
CA PRO A 58 -0.01 16.43 -1.96
C PRO A 58 -0.57 15.62 -3.11
N LYS A 59 0.21 15.53 -4.19
CA LYS A 59 -0.21 14.78 -5.37
C LYS A 59 0.00 13.30 -5.12
N ASP A 60 0.56 12.61 -6.10
CA ASP A 60 0.82 11.18 -5.96
C ASP A 60 2.06 10.94 -5.12
N VAL A 61 1.91 10.12 -4.08
CA VAL A 61 3.03 9.81 -3.18
C VAL A 61 2.88 8.41 -2.60
N CYS A 62 1.70 8.12 -2.08
CA CYS A 62 1.42 6.82 -1.49
C CYS A 62 1.03 5.81 -2.56
N LYS A 63 1.54 4.59 -2.45
CA LYS A 63 1.24 3.54 -3.42
C LYS A 63 1.14 2.18 -2.72
N ARG A 64 0.07 1.45 -3.03
CA ARG A 64 -0.16 0.14 -2.43
C ARG A 64 0.98 -0.83 -2.73
N LYS A 65 1.70 -1.22 -1.68
CA LYS A 65 2.79 -2.17 -1.82
C LYS A 65 2.26 -3.47 -2.43
N SER A 66 3.15 -4.34 -2.90
CA SER A 66 2.72 -5.60 -3.50
C SER A 66 3.68 -6.73 -3.18
N CYS A 67 3.13 -7.91 -2.94
CA CYS A 67 3.91 -9.09 -2.62
C CYS A 67 4.48 -9.74 -3.88
N LYS A 68 4.85 -8.90 -4.84
CA LYS A 68 5.41 -9.36 -6.10
C LYS A 68 4.42 -10.26 -6.85
N THR A 69 4.18 -9.94 -8.12
CA THR A 69 3.25 -10.73 -8.93
C THR A 69 3.74 -12.18 -9.05
N PRO A 70 2.85 -13.16 -8.84
CA PRO A 70 3.20 -14.58 -8.92
C PRO A 70 3.82 -14.95 -10.26
N PRO A 71 4.91 -15.74 -10.25
CA PRO A 71 5.61 -16.17 -11.46
C PRO A 71 4.86 -17.26 -12.21
N ASP A 72 3.58 -17.03 -12.48
CA ASP A 72 2.72 -17.98 -13.20
C ASP A 72 3.13 -19.43 -12.95
N PRO A 73 2.40 -20.14 -12.08
CA PRO A 73 2.69 -21.55 -11.77
C PRO A 73 2.78 -22.41 -13.02
N VAL A 74 3.67 -23.39 -12.99
CA VAL A 74 3.87 -24.29 -14.12
C VAL A 74 2.56 -24.93 -14.55
N ASN A 75 2.31 -24.93 -15.87
CA ASN A 75 1.10 -25.51 -16.42
C ASN A 75 -0.15 -24.95 -15.75
N GLY A 76 -0.20 -23.63 -15.61
CA GLY A 76 -1.36 -23.00 -14.99
C GLY A 76 -1.32 -21.49 -15.11
N MET A 77 -2.06 -20.81 -14.22
CA MET A 77 -2.13 -19.36 -14.22
C MET A 77 -3.11 -18.85 -13.17
N VAL A 78 -2.74 -17.75 -12.51
CA VAL A 78 -3.59 -17.16 -11.47
C VAL A 78 -4.35 -15.96 -12.02
N HIS A 79 -5.66 -15.94 -11.83
CA HIS A 79 -6.48 -14.84 -12.29
C HIS A 79 -6.58 -13.77 -11.21
N VAL A 80 -6.20 -12.54 -11.55
CA VAL A 80 -6.28 -11.45 -10.60
C VAL A 80 -7.73 -11.01 -10.48
N ILE A 81 -8.25 -11.00 -9.26
CA ILE A 81 -9.64 -10.62 -9.03
C ILE A 81 -9.83 -9.12 -9.13
N THR A 82 -8.89 -8.36 -8.58
CA THR A 82 -8.94 -6.91 -8.62
C THR A 82 -7.53 -6.33 -8.75
N ASP A 83 -6.66 -6.78 -7.86
CA ASP A 83 -5.27 -6.33 -7.86
C ASP A 83 -4.39 -7.39 -7.22
N ILE A 84 -3.23 -6.99 -6.71
CA ILE A 84 -2.31 -7.91 -6.08
C ILE A 84 -1.48 -7.21 -5.00
N GLN A 85 -2.01 -6.09 -4.51
CA GLN A 85 -1.34 -5.32 -3.47
C GLN A 85 -1.60 -5.94 -2.11
N VAL A 86 -0.97 -5.41 -1.07
CA VAL A 86 -1.15 -5.93 0.28
C VAL A 86 -2.63 -5.86 0.69
N GLY A 87 -3.38 -6.90 0.34
CA GLY A 87 -4.79 -6.93 0.67
C GLY A 87 -5.61 -7.65 -0.40
N SER A 88 -5.18 -7.50 -1.65
CA SER A 88 -5.86 -8.14 -2.77
C SER A 88 -5.59 -9.64 -2.84
N ARG A 89 -6.62 -10.40 -3.16
CA ARG A 89 -6.51 -11.85 -3.28
C ARG A 89 -6.48 -12.29 -4.74
N ILE A 90 -5.80 -13.40 -5.01
CA ILE A 90 -5.70 -13.93 -6.37
C ILE A 90 -6.04 -15.42 -6.40
N THR A 91 -6.84 -15.82 -7.38
CA THR A 91 -7.23 -17.23 -7.49
C THR A 91 -6.48 -17.94 -8.59
N TYR A 92 -5.97 -19.12 -8.25
CA TYR A 92 -5.23 -19.94 -9.20
C TYR A 92 -6.11 -21.03 -9.79
N SER A 93 -5.89 -21.36 -11.06
CA SER A 93 -6.67 -22.39 -11.73
C SER A 93 -5.85 -23.06 -12.82
N CYS A 94 -5.66 -24.37 -12.68
CA CYS A 94 -4.91 -25.15 -13.66
C CYS A 94 -5.78 -25.51 -14.85
N THR A 95 -5.18 -25.54 -16.03
CA THR A 95 -5.91 -25.88 -17.25
C THR A 95 -6.39 -27.32 -17.19
N THR A 96 -7.42 -27.63 -17.97
CA THR A 96 -7.98 -28.97 -18.00
C THR A 96 -6.90 -30.04 -18.10
N GLY A 97 -7.04 -31.09 -17.29
CA GLY A 97 -6.07 -32.17 -17.29
C GLY A 97 -5.28 -32.27 -15.99
N HIS A 98 -4.72 -31.15 -15.55
CA HIS A 98 -3.93 -31.11 -14.33
C HIS A 98 -4.74 -30.52 -13.17
N ARG A 99 -4.56 -31.09 -11.98
CA ARG A 99 -5.26 -30.62 -10.79
C ARG A 99 -4.39 -29.62 -10.04
N LEU A 100 -5.03 -28.64 -9.41
CA LEU A 100 -4.32 -27.61 -8.65
C LEU A 100 -3.70 -28.21 -7.39
N ILE A 101 -2.40 -27.94 -7.18
CA ILE A 101 -1.69 -28.45 -6.02
C ILE A 101 -1.59 -27.39 -4.91
N GLY A 102 -1.71 -27.85 -3.67
CA GLY A 102 -1.63 -26.95 -2.53
C GLY A 102 -2.97 -26.35 -2.16
N HIS A 103 -2.99 -25.04 -1.92
CA HIS A 103 -4.21 -24.35 -1.55
C HIS A 103 -5.10 -24.11 -2.77
N SER A 104 -5.42 -22.84 -3.05
CA SER A 104 -6.25 -22.51 -4.20
C SER A 104 -6.17 -21.02 -4.53
N SER A 105 -6.09 -20.18 -3.50
CA SER A 105 -6.01 -18.74 -3.70
C SER A 105 -5.34 -18.06 -2.51
N ALA A 106 -4.21 -17.42 -2.77
CA ALA A 106 -3.46 -16.71 -1.73
C ALA A 106 -3.89 -15.25 -1.64
N GLU A 107 -3.27 -14.53 -0.70
CA GLU A 107 -3.58 -13.10 -0.51
C GLU A 107 -2.31 -12.35 -0.10
N CYS A 108 -2.06 -11.22 -0.76
CA CYS A 108 -0.88 -10.42 -0.43
C CYS A 108 -1.06 -9.75 0.92
N ILE A 109 -0.15 -10.01 1.84
CA ILE A 109 -0.22 -9.44 3.18
C ILE A 109 1.14 -8.99 3.67
N LEU A 110 1.12 -7.93 4.48
CA LEU A 110 2.35 -7.38 5.04
C LEU A 110 2.70 -8.07 6.36
N SER A 111 3.94 -8.53 6.49
CA SER A 111 4.39 -9.20 7.69
C SER A 111 4.97 -8.20 8.69
N GLY A 112 5.78 -7.29 8.20
CA GLY A 112 6.40 -6.29 9.07
C GLY A 112 7.17 -5.25 8.28
N ASN A 113 7.74 -5.68 7.15
CA ASN A 113 8.51 -4.80 6.29
C ASN A 113 8.42 -5.28 4.85
N THR A 114 8.68 -6.56 4.66
CA THR A 114 8.64 -7.17 3.35
C THR A 114 7.26 -7.79 3.07
N ALA A 115 6.72 -7.51 1.90
CA ALA A 115 5.42 -8.03 1.52
C ALA A 115 5.52 -9.46 0.99
N HIS A 116 4.58 -10.30 1.38
CA HIS A 116 4.57 -11.70 0.95
C HIS A 116 3.16 -12.28 1.04
N TRP A 117 2.82 -13.16 0.10
CA TRP A 117 1.51 -13.78 0.09
C TRP A 117 1.36 -14.75 1.26
N SER A 118 0.20 -14.71 1.88
CA SER A 118 -0.10 -15.56 3.03
C SER A 118 0.18 -17.03 2.73
N THR A 119 0.06 -17.42 1.46
CA THR A 119 0.30 -18.80 1.07
C THR A 119 1.02 -18.89 -0.27
N LYS A 120 1.92 -19.86 -0.38
CA LYS A 120 2.68 -20.06 -1.61
C LYS A 120 1.74 -20.28 -2.79
N PRO A 121 2.20 -19.96 -4.01
CA PRO A 121 1.39 -20.11 -5.22
C PRO A 121 1.14 -21.58 -5.57
N PRO A 122 -0.14 -21.99 -5.66
CA PRO A 122 -0.51 -23.37 -6.01
C PRO A 122 0.12 -23.83 -7.31
N ILE A 123 0.41 -25.13 -7.41
CA ILE A 123 1.02 -25.68 -8.61
C ILE A 123 -0.03 -26.30 -9.52
N CYS A 124 0.43 -27.19 -10.41
CA CYS A 124 -0.42 -27.89 -11.34
C CYS A 124 0.22 -29.23 -11.70
N GLN A 125 -0.57 -30.29 -11.70
CA GLN A 125 -0.04 -31.61 -12.00
C GLN A 125 -1.10 -32.52 -12.60
N ARG A 126 -0.73 -33.25 -13.64
CA ARG A 126 -1.65 -34.17 -14.31
C ARG A 126 -2.39 -35.02 -13.32
N ILE A 127 -3.70 -35.11 -13.50
CA ILE A 127 -4.55 -35.88 -12.63
C ILE A 127 -4.38 -37.37 -12.88
N PRO A 128 -4.14 -38.15 -11.81
CA PRO A 128 -3.96 -39.61 -11.92
C PRO A 128 -5.26 -40.33 -12.22
N GLU A 1 -0.31 44.78 10.84
CA GLU A 1 0.32 43.72 11.69
C GLU A 1 0.63 42.48 10.86
N ALA A 2 -0.30 42.12 9.97
CA ALA A 2 -0.15 40.95 9.12
C ALA A 2 -0.12 39.66 9.94
N GLU A 3 -0.93 38.68 9.52
CA GLU A 3 -1.02 37.40 10.22
C GLU A 3 -1.41 36.29 9.25
N ALA A 4 -0.78 35.13 9.41
CA ALA A 4 -1.06 33.98 8.56
C ALA A 4 -0.48 32.71 9.15
N HIS A 5 -1.31 31.69 9.30
CA HIS A 5 -0.88 30.41 9.85
C HIS A 5 -1.73 29.27 9.30
N CYS A 6 -1.09 28.15 8.98
CA CYS A 6 -1.79 27.00 8.43
C CYS A 6 -2.43 26.19 9.56
N GLN A 7 -3.74 25.98 9.45
CA GLN A 7 -4.47 25.22 10.45
C GLN A 7 -4.09 23.75 10.41
N ALA A 8 -4.59 23.00 11.37
CA ALA A 8 -4.31 21.57 11.47
C ALA A 8 -4.47 20.89 10.11
N PRO A 9 -3.51 20.02 9.73
CA PRO A 9 -3.55 19.31 8.45
C PRO A 9 -4.87 18.55 8.27
N ASP A 10 -5.30 18.41 7.01
CA ASP A 10 -6.54 17.72 6.70
C ASP A 10 -6.48 16.26 7.12
N HIS A 11 -7.26 15.42 6.46
CA HIS A 11 -7.29 13.99 6.76
C HIS A 11 -6.09 13.28 6.16
N PHE A 12 -5.45 12.44 6.96
CA PHE A 12 -4.29 11.67 6.52
C PHE A 12 -4.23 10.34 7.25
N LEU A 13 -5.37 9.67 7.30
CA LEU A 13 -5.49 8.38 7.96
C LEU A 13 -4.45 7.39 7.45
N PHE A 14 -4.12 7.49 6.17
CA PHE A 14 -3.15 6.60 5.56
C PHE A 14 -1.73 7.14 5.73
N ALA A 15 -1.51 7.92 6.78
CA ALA A 15 -0.19 8.49 7.05
C ALA A 15 -0.02 8.81 8.53
N LYS A 16 1.09 8.34 9.11
CA LYS A 16 1.36 8.58 10.53
C LYS A 16 2.37 9.71 10.71
N LEU A 17 1.99 10.70 11.53
CA LEU A 17 2.86 11.84 11.82
C LEU A 17 4.20 11.36 12.37
N LYS A 18 5.28 11.70 11.67
CA LYS A 18 6.61 11.30 12.11
C LYS A 18 7.30 12.40 12.92
N THR A 19 7.10 13.64 12.49
CA THR A 19 7.71 14.78 13.17
C THR A 19 7.16 14.94 14.59
N GLN A 20 6.53 16.06 14.89
CA GLN A 20 5.97 16.31 16.22
C GLN A 20 5.11 17.56 16.24
N THR A 21 3.94 17.46 16.85
CA THR A 21 3.02 18.59 16.94
C THR A 21 2.00 18.40 18.06
N THR A 22 1.42 19.50 18.51
CA THR A 22 0.42 19.47 19.57
C THR A 22 -0.49 20.69 19.48
N ALA A 23 0.07 21.79 19.00
CA ALA A 23 -0.68 23.04 18.85
C ALA A 23 -1.71 22.93 17.73
N SER A 24 -2.72 23.78 17.78
CA SER A 24 -3.77 23.77 16.76
C SER A 24 -3.35 24.59 15.55
N ASP A 25 -2.90 25.82 15.79
CA ASP A 25 -2.45 26.70 14.72
C ASP A 25 -0.99 26.42 14.38
N PHE A 26 -0.71 26.15 13.11
CA PHE A 26 0.66 25.86 12.69
C PHE A 26 1.31 27.06 12.00
N PRO A 27 2.56 27.36 12.39
CA PRO A 27 3.31 28.48 11.81
C PRO A 27 3.78 28.18 10.39
N ILE A 28 3.66 29.16 9.51
CA ILE A 28 4.09 28.99 8.12
C ILE A 28 5.58 28.66 8.05
N GLY A 29 5.95 27.93 7.00
CA GLY A 29 7.33 27.53 6.82
C GLY A 29 7.57 26.16 7.41
N THR A 30 6.90 25.88 8.52
CA THR A 30 7.01 24.60 9.20
C THR A 30 6.67 23.45 8.25
N SER A 31 7.50 22.42 8.26
CA SER A 31 7.30 21.24 7.42
C SER A 31 7.01 20.02 8.28
N LEU A 32 5.86 19.40 8.05
CA LEU A 32 5.47 18.22 8.81
C LEU A 32 5.65 16.96 7.97
N LYS A 33 6.41 16.01 8.51
CA LYS A 33 6.67 14.75 7.81
C LYS A 33 5.58 13.73 8.12
N TYR A 34 5.08 13.08 7.07
CA TYR A 34 4.05 12.06 7.22
C TYR A 34 4.36 10.84 6.37
N GLU A 35 4.45 9.68 7.02
CA GLU A 35 4.74 8.44 6.29
C GLU A 35 3.47 7.62 6.11
N CYS A 36 3.21 7.19 4.88
CA CYS A 36 2.04 6.39 4.59
C CYS A 36 1.99 5.16 5.49
N ARG A 37 0.86 4.47 5.51
CA ARG A 37 0.70 3.28 6.34
C ARG A 37 1.38 2.07 5.68
N PRO A 38 1.90 1.14 6.49
CA PRO A 38 2.58 -0.06 5.98
C PRO A 38 1.82 -0.74 4.85
N GLU A 39 0.51 -0.83 5.00
CA GLU A 39 -0.34 -1.46 3.98
C GLU A 39 -0.49 -0.56 2.75
N TYR A 40 0.44 0.39 2.59
CA TYR A 40 0.41 1.32 1.46
C TYR A 40 1.83 1.66 1.00
N TYR A 41 2.03 1.64 -0.32
CA TYR A 41 3.34 1.97 -0.89
C TYR A 41 3.35 3.38 -1.46
N GLY A 42 2.66 4.27 -0.79
CA GLY A 42 2.58 5.66 -1.24
C GLY A 42 3.83 6.46 -0.96
N ARG A 43 4.83 5.84 -0.35
CA ARG A 43 6.08 6.52 -0.04
C ARG A 43 5.86 7.64 0.97
N PRO A 44 6.82 7.85 1.88
CA PRO A 44 6.74 8.88 2.91
C PRO A 44 6.76 10.30 2.33
N PHE A 45 5.63 10.99 2.41
CA PHE A 45 5.53 12.35 1.91
C PHE A 45 5.76 13.36 3.03
N SER A 46 5.38 14.61 2.79
CA SER A 46 5.56 15.66 3.78
C SER A 46 4.89 16.96 3.34
N ILE A 47 4.19 17.60 4.27
CA ILE A 47 3.50 18.86 3.99
C ILE A 47 4.36 20.04 4.44
N THR A 48 3.99 21.23 3.99
CA THR A 48 4.73 22.43 4.35
C THR A 48 3.92 23.69 4.13
N CYS A 49 3.71 24.45 5.20
CA CYS A 49 2.97 25.70 5.09
C CYS A 49 3.83 26.68 4.29
N LEU A 50 3.37 27.02 3.11
CA LEU A 50 4.14 27.87 2.22
C LEU A 50 3.99 29.36 2.48
N ASP A 51 2.76 29.83 2.53
CA ASP A 51 2.51 31.25 2.74
C ASP A 51 1.03 31.56 2.59
N ASN A 52 0.41 31.06 1.54
CA ASN A 52 -1.00 31.28 1.33
C ASN A 52 -1.82 30.23 2.08
N LEU A 53 -1.31 29.87 3.25
CA LEU A 53 -1.95 28.89 4.13
C LEU A 53 -2.22 27.57 3.42
N VAL A 54 -1.15 26.89 3.01
CA VAL A 54 -1.27 25.60 2.33
C VAL A 54 -0.19 24.64 2.75
N TRP A 55 -0.55 23.37 2.79
CA TRP A 55 0.37 22.31 3.15
C TRP A 55 1.01 21.69 1.91
N SER A 56 1.50 22.56 1.04
CA SER A 56 2.15 22.17 -0.21
C SER A 56 1.28 21.23 -1.03
N SER A 57 -0.02 21.34 -0.84
CA SER A 57 -1.01 20.54 -1.58
C SER A 57 -0.52 19.09 -1.79
N PRO A 58 -0.56 18.24 -0.74
CA PRO A 58 -0.12 16.86 -0.85
C PRO A 58 -1.18 15.96 -1.48
N LYS A 59 -1.66 16.34 -2.65
CA LYS A 59 -2.69 15.58 -3.34
C LYS A 59 -2.09 14.35 -4.00
N ASP A 60 -2.68 13.19 -3.75
CA ASP A 60 -2.21 11.92 -4.29
C ASP A 60 -0.79 11.64 -3.84
N VAL A 61 -0.64 10.67 -2.94
CA VAL A 61 0.66 10.29 -2.41
C VAL A 61 0.66 8.84 -1.92
N CYS A 62 -0.24 8.54 -0.99
CA CYS A 62 -0.35 7.18 -0.46
C CYS A 62 -1.21 6.33 -1.38
N LYS A 63 -0.83 5.06 -1.55
CA LYS A 63 -1.57 4.16 -2.44
C LYS A 63 -1.63 2.74 -1.89
N ARG A 64 -2.73 2.06 -2.20
CA ARG A 64 -2.97 0.69 -1.75
C ARG A 64 -1.82 -0.25 -2.09
N LYS A 65 -1.13 -0.75 -1.06
CA LYS A 65 -0.02 -1.67 -1.23
C LYS A 65 -0.44 -2.92 -2.00
N SER A 66 0.53 -3.60 -2.59
CA SER A 66 0.28 -4.82 -3.35
C SER A 66 1.48 -5.76 -3.29
N CYS A 67 1.23 -7.05 -3.12
CA CYS A 67 2.31 -8.03 -3.04
C CYS A 67 2.79 -8.42 -4.43
N LYS A 68 2.79 -7.45 -5.35
CA LYS A 68 3.23 -7.67 -6.72
C LYS A 68 2.46 -8.81 -7.38
N THR A 69 1.96 -8.57 -8.60
CA THR A 69 1.20 -9.60 -9.31
C THR A 69 2.01 -10.88 -9.41
N PRO A 70 1.41 -12.03 -9.03
CA PRO A 70 2.09 -13.32 -9.08
C PRO A 70 2.22 -13.87 -10.49
N PRO A 71 3.45 -14.20 -10.92
CA PRO A 71 3.70 -14.74 -12.26
C PRO A 71 3.11 -16.15 -12.41
N ASP A 72 2.28 -16.34 -13.43
CA ASP A 72 1.66 -17.63 -13.66
C ASP A 72 2.71 -18.71 -13.95
N PRO A 73 2.64 -19.85 -13.23
CA PRO A 73 3.59 -20.95 -13.41
C PRO A 73 3.28 -21.76 -14.66
N VAL A 74 3.65 -23.03 -14.62
CA VAL A 74 3.42 -23.92 -15.75
C VAL A 74 1.94 -23.91 -16.14
N ASN A 75 1.65 -23.45 -17.36
CA ASN A 75 0.27 -23.38 -17.85
C ASN A 75 -0.68 -22.92 -16.74
N GLY A 76 -0.17 -22.07 -15.85
CA GLY A 76 -0.97 -21.57 -14.75
C GLY A 76 -2.10 -20.67 -15.20
N MET A 77 -2.90 -20.22 -14.23
CA MET A 77 -4.04 -19.36 -14.51
C MET A 77 -4.71 -18.91 -13.21
N VAL A 78 -4.05 -18.00 -12.49
CA VAL A 78 -4.60 -17.50 -11.24
C VAL A 78 -5.47 -16.27 -11.46
N HIS A 79 -6.72 -16.36 -11.04
CA HIS A 79 -7.62 -15.23 -11.17
C HIS A 79 -7.64 -14.43 -9.87
N VAL A 80 -7.50 -13.12 -10.00
CA VAL A 80 -7.50 -12.26 -8.84
C VAL A 80 -8.92 -12.10 -8.32
N ILE A 81 -9.08 -12.18 -7.02
CA ILE A 81 -10.40 -12.07 -6.42
C ILE A 81 -10.88 -10.63 -6.37
N THR A 82 -9.95 -9.69 -6.23
CA THR A 82 -10.31 -8.28 -6.18
C THR A 82 -9.31 -7.40 -6.93
N ASP A 83 -8.08 -7.33 -6.44
CA ASP A 83 -7.06 -6.50 -7.08
C ASP A 83 -5.66 -6.91 -6.61
N ILE A 84 -5.59 -8.07 -5.99
CA ILE A 84 -4.35 -8.63 -5.46
C ILE A 84 -3.60 -7.65 -4.57
N GLN A 85 -4.33 -6.70 -3.98
CA GLN A 85 -3.73 -5.74 -3.08
C GLN A 85 -3.57 -6.36 -1.71
N VAL A 86 -2.89 -5.65 -0.80
CA VAL A 86 -2.71 -6.17 0.56
C VAL A 86 -4.05 -6.50 1.19
N GLY A 87 -4.15 -7.70 1.74
CA GLY A 87 -5.39 -8.14 2.36
C GLY A 87 -6.23 -8.97 1.41
N SER A 88 -5.99 -8.80 0.11
CA SER A 88 -6.73 -9.53 -0.90
C SER A 88 -6.27 -10.99 -0.98
N ARG A 89 -6.64 -11.66 -2.05
CA ARG A 89 -6.29 -13.07 -2.25
C ARG A 89 -6.19 -13.41 -3.73
N ILE A 90 -5.51 -14.53 -4.02
CA ILE A 90 -5.34 -15.00 -5.39
C ILE A 90 -5.57 -16.51 -5.47
N THR A 91 -6.37 -16.95 -6.43
CA THR A 91 -6.63 -18.37 -6.59
C THR A 91 -6.30 -18.86 -7.99
N TYR A 92 -5.64 -20.01 -8.05
CA TYR A 92 -5.24 -20.59 -9.32
C TYR A 92 -6.27 -21.59 -9.83
N SER A 93 -6.27 -21.80 -11.15
CA SER A 93 -7.20 -22.71 -11.79
C SER A 93 -6.57 -23.38 -13.00
N CYS A 94 -5.59 -24.25 -12.74
CA CYS A 94 -4.88 -24.96 -13.80
C CYS A 94 -5.84 -25.51 -14.85
N THR A 95 -5.36 -25.64 -16.08
CA THR A 95 -6.17 -26.15 -17.17
C THR A 95 -6.58 -27.60 -16.93
N THR A 96 -7.74 -27.96 -17.48
CA THR A 96 -8.27 -29.31 -17.35
C THR A 96 -7.20 -30.35 -17.68
N GLY A 97 -7.15 -31.41 -16.88
CA GLY A 97 -6.17 -32.46 -17.10
C GLY A 97 -5.05 -32.42 -16.09
N HIS A 98 -4.58 -31.23 -15.74
CA HIS A 98 -3.50 -31.07 -14.78
C HIS A 98 -4.05 -30.79 -13.38
N ARG A 99 -3.44 -31.42 -12.38
CA ARG A 99 -3.85 -31.25 -11.00
C ARG A 99 -3.01 -30.17 -10.32
N LEU A 100 -3.61 -29.50 -9.34
CA LEU A 100 -2.92 -28.44 -8.61
C LEU A 100 -1.87 -29.04 -7.66
N ILE A 101 -0.62 -28.61 -7.78
CA ILE A 101 0.45 -29.09 -6.92
C ILE A 101 0.79 -28.07 -5.84
N GLY A 102 1.03 -28.54 -4.63
CA GLY A 102 1.36 -27.66 -3.54
C GLY A 102 0.15 -26.99 -2.91
N HIS A 103 0.17 -25.66 -2.86
CA HIS A 103 -0.93 -24.91 -2.27
C HIS A 103 -2.11 -24.81 -3.23
N SER A 104 -2.64 -23.59 -3.38
CA SER A 104 -3.78 -23.35 -4.27
C SER A 104 -4.14 -21.87 -4.31
N SER A 105 -3.90 -21.20 -3.18
CA SER A 105 -4.19 -19.77 -3.07
C SER A 105 -3.25 -19.10 -2.08
N ALA A 106 -3.23 -17.77 -2.06
CA ALA A 106 -2.36 -17.03 -1.17
C ALA A 106 -2.91 -15.63 -0.91
N GLU A 107 -2.80 -15.19 0.35
CA GLU A 107 -3.28 -13.86 0.74
C GLU A 107 -2.13 -12.86 0.74
N CYS A 108 -2.37 -11.68 0.19
CA CYS A 108 -1.36 -10.64 0.16
C CYS A 108 -1.18 -10.06 1.56
N ILE A 109 0.06 -10.06 2.05
CA ILE A 109 0.33 -9.56 3.39
C ILE A 109 1.56 -8.66 3.41
N LEU A 110 2.20 -8.55 4.57
CA LEU A 110 3.38 -7.71 4.72
C LEU A 110 4.29 -8.23 5.82
N SER A 111 5.56 -8.46 5.46
CA SER A 111 6.55 -8.94 6.42
C SER A 111 7.27 -7.77 7.05
N GLY A 112 7.71 -6.85 6.21
CA GLY A 112 8.42 -5.67 6.67
C GLY A 112 9.07 -4.91 5.54
N ASN A 113 8.73 -3.63 5.41
CA ASN A 113 9.29 -2.78 4.35
C ASN A 113 8.72 -3.14 2.98
N THR A 114 8.36 -4.40 2.80
CA THR A 114 7.83 -4.88 1.52
C THR A 114 6.77 -5.95 1.71
N ALA A 115 5.67 -5.81 0.96
CA ALA A 115 4.56 -6.75 1.03
C ALA A 115 4.83 -7.98 0.17
N HIS A 116 4.30 -9.12 0.59
CA HIS A 116 4.50 -10.38 -0.15
C HIS A 116 3.40 -11.38 0.18
N TRP A 117 3.11 -12.26 -0.79
CA TRP A 117 2.07 -13.27 -0.60
C TRP A 117 2.51 -14.31 0.43
N SER A 118 1.54 -14.79 1.21
CA SER A 118 1.80 -15.78 2.25
C SER A 118 2.44 -17.04 1.67
N THR A 119 2.12 -17.36 0.42
CA THR A 119 2.68 -18.55 -0.22
C THR A 119 2.95 -18.34 -1.70
N LYS A 120 4.09 -18.85 -2.16
CA LYS A 120 4.48 -18.72 -3.56
C LYS A 120 3.54 -19.50 -4.47
N PRO A 121 3.45 -19.11 -5.76
CA PRO A 121 2.57 -19.78 -6.73
C PRO A 121 2.78 -21.29 -6.79
N PRO A 122 1.69 -22.07 -6.82
CA PRO A 122 1.76 -23.54 -6.87
C PRO A 122 2.29 -24.05 -8.20
N ILE A 123 1.86 -25.25 -8.58
CA ILE A 123 2.30 -25.85 -9.83
C ILE A 123 1.17 -26.58 -10.55
N CYS A 124 1.11 -26.40 -11.85
CA CYS A 124 0.13 -27.08 -12.67
C CYS A 124 0.82 -28.29 -13.30
N GLN A 125 0.29 -29.48 -13.09
CA GLN A 125 0.93 -30.68 -13.62
C GLN A 125 -0.09 -31.73 -14.02
N ARG A 126 0.03 -32.23 -15.23
CA ARG A 126 -0.88 -33.25 -15.76
C ARG A 126 -0.99 -34.42 -14.80
N ILE A 127 -2.23 -34.85 -14.61
CA ILE A 127 -2.52 -35.97 -13.72
C ILE A 127 -2.13 -37.29 -14.37
N PRO A 128 -1.30 -38.09 -13.68
CA PRO A 128 -0.84 -39.38 -14.21
C PRO A 128 -1.94 -40.44 -14.20
N GLU A 1 7.65 40.03 12.36
CA GLU A 1 6.37 39.97 13.13
C GLU A 1 5.55 38.76 12.71
N ALA A 2 5.04 38.03 13.70
CA ALA A 2 4.21 36.85 13.44
C ALA A 2 2.91 37.24 12.74
N GLU A 3 2.53 36.46 11.73
CA GLU A 3 1.31 36.72 10.97
C GLU A 3 1.04 35.60 9.96
N ALA A 4 -0.23 35.21 9.88
CA ALA A 4 -0.64 34.15 8.95
C ALA A 4 -0.05 32.81 9.35
N HIS A 5 -0.91 31.80 9.46
CA HIS A 5 -0.48 30.45 9.83
C HIS A 5 -1.45 29.40 9.28
N CYS A 6 -0.91 28.26 8.87
CA CYS A 6 -1.73 27.18 8.33
C CYS A 6 -2.38 26.38 9.46
N GLN A 7 -3.70 26.30 9.45
CA GLN A 7 -4.43 25.57 10.47
C GLN A 7 -4.15 24.08 10.34
N ALA A 8 -4.61 23.33 11.34
CA ALA A 8 -4.44 21.88 11.37
C ALA A 8 -4.78 21.27 10.01
N PRO A 9 -3.93 20.37 9.49
CA PRO A 9 -4.14 19.72 8.20
C PRO A 9 -5.41 18.89 8.17
N ASP A 10 -5.58 18.08 7.12
CA ASP A 10 -6.75 17.25 6.99
C ASP A 10 -6.64 16.33 5.77
N HIS A 11 -7.44 15.28 5.76
CA HIS A 11 -7.46 14.30 4.66
C HIS A 11 -6.21 13.44 4.66
N PHE A 12 -6.02 12.68 5.73
CA PHE A 12 -4.89 11.77 5.87
C PHE A 12 -5.29 10.53 6.63
N LEU A 13 -5.15 9.38 5.99
CA LEU A 13 -5.51 8.10 6.61
C LEU A 13 -4.40 7.10 6.41
N PHE A 14 -3.90 7.04 5.17
CA PHE A 14 -2.82 6.12 4.83
C PHE A 14 -1.48 6.72 5.23
N ALA A 15 -1.54 7.75 6.06
CA ALA A 15 -0.34 8.42 6.54
C ALA A 15 -0.57 9.07 7.91
N LYS A 16 0.30 8.73 8.86
CA LYS A 16 0.19 9.26 10.21
C LYS A 16 1.28 10.28 10.51
N LEU A 17 0.86 11.48 10.90
CA LEU A 17 1.78 12.57 11.23
C LEU A 17 2.84 12.10 12.23
N LYS A 18 4.05 12.65 12.12
CA LYS A 18 5.14 12.30 13.03
C LYS A 18 6.08 13.48 13.27
N THR A 19 5.67 14.67 12.86
CA THR A 19 6.48 15.87 13.05
C THR A 19 6.52 16.27 14.53
N GLN A 20 6.68 17.57 14.81
CA GLN A 20 6.73 18.06 16.18
C GLN A 20 5.34 18.34 16.70
N THR A 21 4.54 18.99 15.87
CA THR A 21 3.16 19.35 16.20
C THR A 21 3.06 20.06 17.54
N THR A 22 2.28 19.49 18.46
CA THR A 22 2.07 20.08 19.78
C THR A 22 1.54 21.50 19.65
N ALA A 23 0.75 21.72 18.60
CA ALA A 23 0.16 23.02 18.33
C ALA A 23 -0.88 22.92 17.23
N SER A 24 -1.91 23.76 17.29
CA SER A 24 -2.96 23.75 16.27
C SER A 24 -2.58 24.60 15.08
N ASP A 25 -2.13 25.83 15.35
CA ASP A 25 -1.73 26.75 14.29
C ASP A 25 -0.27 26.51 13.91
N PHE A 26 -0.01 26.29 12.63
CA PHE A 26 1.35 26.04 12.15
C PHE A 26 1.88 27.22 11.35
N PRO A 27 3.15 27.58 11.56
CA PRO A 27 3.80 28.70 10.85
C PRO A 27 4.04 28.39 9.38
N ILE A 28 3.88 29.40 8.53
CA ILE A 28 4.08 29.21 7.09
C ILE A 28 5.49 28.71 6.80
N GLY A 29 5.63 28.03 5.65
CA GLY A 29 6.93 27.48 5.28
C GLY A 29 7.16 26.13 5.94
N THR A 30 6.75 26.03 7.20
CA THR A 30 6.88 24.80 7.97
C THR A 30 6.17 23.65 7.26
N SER A 31 6.86 22.52 7.13
CA SER A 31 6.29 21.35 6.48
C SER A 31 6.14 20.20 7.46
N LEU A 32 4.96 19.56 7.45
CA LEU A 32 4.71 18.45 8.36
C LEU A 32 4.98 17.11 7.68
N LYS A 33 5.83 16.29 8.31
CA LYS A 33 6.18 14.99 7.76
C LYS A 33 5.16 13.92 8.14
N TYR A 34 4.80 13.08 7.18
CA TYR A 34 3.85 12.01 7.42
C TYR A 34 4.40 10.67 6.94
N GLU A 35 4.30 9.66 7.80
CA GLU A 35 4.79 8.33 7.46
C GLU A 35 3.63 7.43 7.05
N CYS A 36 3.73 6.87 5.84
CA CYS A 36 2.69 5.98 5.33
C CYS A 36 2.48 4.80 6.28
N ARG A 37 1.36 4.11 6.11
CA ARG A 37 1.04 2.95 6.96
C ARG A 37 1.76 1.70 6.44
N PRO A 38 2.07 0.74 7.35
CA PRO A 38 2.77 -0.49 6.98
C PRO A 38 2.13 -1.20 5.79
N GLU A 39 0.80 -1.28 5.79
CA GLU A 39 0.08 -1.93 4.70
C GLU A 39 0.09 -1.06 3.44
N TYR A 40 1.05 -0.14 3.35
CA TYR A 40 1.17 0.75 2.20
C TYR A 40 2.63 1.01 1.87
N TYR A 41 2.97 0.94 0.58
CA TYR A 41 4.34 1.19 0.15
C TYR A 41 4.51 2.63 -0.31
N GLY A 42 5.60 3.26 0.10
CA GLY A 42 5.85 4.64 -0.26
C GLY A 42 6.91 5.30 0.58
N ARG A 43 7.74 6.11 -0.07
CA ARG A 43 8.81 6.83 0.62
C ARG A 43 8.24 7.95 1.48
N PRO A 44 9.00 8.37 2.51
CA PRO A 44 8.59 9.45 3.41
C PRO A 44 8.36 10.76 2.68
N PHE A 45 7.42 11.55 3.17
CA PHE A 45 7.10 12.83 2.54
C PHE A 45 6.72 13.87 3.59
N SER A 46 6.25 15.03 3.13
CA SER A 46 5.84 16.12 4.02
C SER A 46 5.18 17.24 3.24
N ILE A 47 4.16 17.83 3.84
CA ILE A 47 3.42 18.92 3.21
C ILE A 47 3.85 20.29 3.74
N THR A 48 4.41 21.11 2.86
CA THR A 48 4.86 22.45 3.22
C THR A 48 3.70 23.44 3.25
N CYS A 49 3.59 24.22 4.32
CA CYS A 49 2.54 25.23 4.43
C CYS A 49 2.85 26.40 3.51
N LEU A 50 1.92 26.69 2.62
CA LEU A 50 2.09 27.76 1.66
C LEU A 50 1.67 29.12 2.17
N ASP A 51 2.05 30.12 1.39
CA ASP A 51 1.74 31.50 1.64
C ASP A 51 0.26 31.74 1.89
N ASN A 52 -0.58 31.05 1.10
CA ASN A 52 -2.03 31.20 1.21
C ASN A 52 -2.59 30.33 2.33
N LEU A 53 -1.79 30.14 3.37
CA LEU A 53 -2.20 29.34 4.53
C LEU A 53 -2.84 28.03 4.08
N VAL A 54 -2.07 27.24 3.32
CA VAL A 54 -2.56 25.97 2.83
C VAL A 54 -1.53 24.87 2.99
N TRP A 55 -1.71 23.81 2.22
CA TRP A 55 -0.81 22.67 2.24
C TRP A 55 -0.66 22.09 0.85
N SER A 56 0.58 22.04 0.37
CA SER A 56 0.86 21.50 -0.94
C SER A 56 0.05 20.23 -1.17
N SER A 57 -0.53 20.11 -2.35
CA SER A 57 -1.34 18.95 -2.67
C SER A 57 -0.48 17.75 -3.00
N PRO A 58 -0.51 16.72 -2.12
CA PRO A 58 0.28 15.50 -2.32
C PRO A 58 -0.23 14.68 -3.50
N LYS A 59 0.00 13.37 -3.44
CA LYS A 59 -0.43 12.47 -4.50
C LYS A 59 -0.51 11.04 -4.02
N ASP A 60 -0.22 10.14 -4.94
CA ASP A 60 -0.24 8.72 -4.67
C ASP A 60 1.06 8.29 -3.98
N VAL A 61 1.35 8.89 -2.84
CA VAL A 61 2.56 8.60 -2.10
C VAL A 61 2.40 7.32 -1.26
N CYS A 62 1.32 7.27 -0.50
CA CYS A 62 1.03 6.11 0.36
C CYS A 62 0.24 5.05 -0.40
N LYS A 63 0.73 4.66 -1.56
CA LYS A 63 0.06 3.65 -2.38
C LYS A 63 -0.10 2.35 -1.60
N ARG A 64 -1.28 1.71 -1.74
CA ARG A 64 -1.57 0.46 -1.03
C ARG A 64 -0.50 -0.59 -1.33
N LYS A 65 0.17 -1.05 -0.27
CA LYS A 65 1.21 -2.07 -0.41
C LYS A 65 0.68 -3.31 -1.11
N SER A 66 1.51 -3.91 -1.95
CA SER A 66 1.13 -5.11 -2.70
C SER A 66 2.31 -6.06 -2.86
N CYS A 67 2.04 -7.36 -2.74
CA CYS A 67 3.08 -8.37 -2.87
C CYS A 67 3.39 -8.67 -4.34
N LYS A 68 3.09 -7.71 -5.20
CA LYS A 68 3.31 -7.83 -6.63
C LYS A 68 2.64 -9.08 -7.22
N THR A 69 2.00 -8.93 -8.37
CA THR A 69 1.30 -10.04 -9.01
C THR A 69 2.21 -11.26 -9.12
N PRO A 70 1.83 -12.38 -8.47
CA PRO A 70 2.60 -13.62 -8.53
C PRO A 70 2.64 -14.20 -9.93
N PRO A 71 3.79 -14.77 -10.35
CA PRO A 71 3.92 -15.35 -11.68
C PRO A 71 2.86 -16.41 -11.94
N ASP A 72 2.00 -16.15 -12.91
CA ASP A 72 0.92 -17.08 -13.26
C ASP A 72 1.49 -18.40 -13.75
N PRO A 73 0.93 -19.53 -13.26
CA PRO A 73 1.38 -20.86 -13.66
C PRO A 73 1.24 -21.08 -15.15
N VAL A 74 2.25 -21.71 -15.75
CA VAL A 74 2.25 -21.97 -17.17
C VAL A 74 0.97 -22.66 -17.61
N ASN A 75 0.34 -22.11 -18.65
CA ASN A 75 -0.91 -22.65 -19.16
C ASN A 75 -2.02 -22.54 -18.13
N GLY A 76 -2.16 -21.36 -17.54
CA GLY A 76 -3.19 -21.13 -16.54
C GLY A 76 -3.34 -19.67 -16.15
N MET A 77 -3.66 -19.43 -14.88
CA MET A 77 -3.82 -18.07 -14.38
C MET A 77 -4.16 -18.08 -12.89
N VAL A 78 -3.87 -16.96 -12.21
CA VAL A 78 -4.15 -16.85 -10.79
C VAL A 78 -5.56 -16.36 -10.54
N HIS A 79 -6.28 -17.10 -9.72
CA HIS A 79 -7.64 -16.77 -9.39
C HIS A 79 -7.72 -15.60 -8.43
N VAL A 80 -7.41 -14.40 -8.93
CA VAL A 80 -7.46 -13.21 -8.11
C VAL A 80 -8.87 -13.00 -7.58
N ILE A 81 -8.99 -12.93 -6.26
CA ILE A 81 -10.29 -12.76 -5.63
C ILE A 81 -10.76 -11.30 -5.70
N THR A 82 -9.83 -10.38 -5.50
CA THR A 82 -10.15 -8.95 -5.55
C THR A 82 -8.99 -8.16 -6.13
N ASP A 83 -7.79 -8.39 -5.60
CA ASP A 83 -6.59 -7.70 -6.06
C ASP A 83 -5.36 -8.54 -5.79
N ILE A 84 -4.26 -7.89 -5.41
CA ILE A 84 -3.01 -8.58 -5.12
C ILE A 84 -2.26 -7.87 -4.00
N GLN A 85 -2.81 -6.76 -3.55
CA GLN A 85 -2.20 -5.98 -2.47
C GLN A 85 -2.44 -6.67 -1.12
N VAL A 86 -1.70 -6.24 -0.10
CA VAL A 86 -1.81 -6.83 1.22
C VAL A 86 -3.26 -6.95 1.65
N GLY A 87 -3.54 -7.95 2.48
CA GLY A 87 -4.89 -8.17 2.95
C GLY A 87 -5.72 -9.00 1.97
N SER A 88 -5.56 -8.71 0.69
CA SER A 88 -6.29 -9.44 -0.35
C SER A 88 -5.68 -10.81 -0.61
N ARG A 89 -6.54 -11.83 -0.63
CA ARG A 89 -6.10 -13.20 -0.88
C ARG A 89 -6.38 -13.58 -2.32
N ILE A 90 -5.55 -14.47 -2.88
CA ILE A 90 -5.72 -14.90 -4.27
C ILE A 90 -5.42 -16.39 -4.42
N THR A 91 -6.35 -17.11 -5.02
CA THR A 91 -6.16 -18.54 -5.25
C THR A 91 -5.71 -18.76 -6.68
N TYR A 92 -5.70 -20.00 -7.15
CA TYR A 92 -5.27 -20.30 -8.52
C TYR A 92 -6.21 -21.30 -9.18
N SER A 93 -6.26 -21.26 -10.51
CA SER A 93 -7.12 -22.16 -11.26
C SER A 93 -6.50 -22.48 -12.62
N CYS A 94 -6.35 -23.77 -12.89
CA CYS A 94 -5.77 -24.23 -14.14
C CYS A 94 -6.85 -24.68 -15.13
N THR A 95 -6.58 -24.48 -16.41
CA THR A 95 -7.52 -24.86 -17.46
C THR A 95 -7.69 -26.38 -17.49
N THR A 96 -8.89 -26.83 -17.83
CA THR A 96 -9.18 -28.26 -17.89
C THR A 96 -8.08 -29.02 -18.62
N GLY A 97 -7.54 -30.05 -17.96
CA GLY A 97 -6.49 -30.84 -18.55
C GLY A 97 -5.27 -30.93 -17.66
N HIS A 98 -4.84 -29.80 -17.12
CA HIS A 98 -3.67 -29.76 -16.24
C HIS A 98 -4.10 -29.65 -14.78
N ARG A 99 -3.42 -30.41 -13.92
CA ARG A 99 -3.70 -30.40 -12.49
C ARG A 99 -2.79 -29.40 -11.78
N LEU A 100 -3.31 -28.78 -10.74
CA LEU A 100 -2.53 -27.79 -9.98
C LEU A 100 -1.44 -28.48 -9.16
N ILE A 101 -0.23 -27.93 -9.22
CA ILE A 101 0.90 -28.46 -8.47
C ILE A 101 1.31 -27.52 -7.35
N GLY A 102 1.52 -28.07 -6.16
CA GLY A 102 1.91 -27.25 -5.02
C GLY A 102 0.76 -26.88 -4.11
N HIS A 103 0.64 -25.59 -3.82
CA HIS A 103 -0.41 -25.08 -2.94
C HIS A 103 -1.75 -24.97 -3.67
N SER A 104 -2.40 -23.81 -3.58
CA SER A 104 -3.68 -23.59 -4.23
C SER A 104 -4.12 -22.13 -4.12
N SER A 105 -3.71 -21.48 -3.03
CA SER A 105 -4.07 -20.07 -2.81
C SER A 105 -2.99 -19.38 -1.98
N ALA A 106 -2.96 -18.05 -2.04
CA ALA A 106 -1.96 -17.28 -1.30
C ALA A 106 -2.45 -15.86 -1.01
N GLU A 107 -2.26 -15.43 0.24
CA GLU A 107 -2.67 -14.10 0.67
C GLU A 107 -1.46 -13.17 0.79
N CYS A 108 -1.62 -11.94 0.33
CA CYS A 108 -0.56 -10.95 0.43
C CYS A 108 -0.50 -10.42 1.85
N ILE A 109 0.68 -10.49 2.46
CA ILE A 109 0.83 -10.03 3.84
C ILE A 109 2.04 -9.12 3.99
N LEU A 110 2.62 -9.11 5.18
CA LEU A 110 3.76 -8.24 5.46
C LEU A 110 4.72 -8.89 6.46
N SER A 111 4.17 -9.76 7.30
CA SER A 111 4.95 -10.47 8.32
C SER A 111 5.42 -9.52 9.43
N GLY A 112 5.90 -8.34 9.04
CA GLY A 112 6.37 -7.38 10.02
C GLY A 112 6.77 -6.06 9.37
N ASN A 113 7.51 -6.14 8.28
CA ASN A 113 7.96 -4.94 7.56
C ASN A 113 8.26 -5.26 6.10
N THR A 114 7.69 -6.33 5.59
CA THR A 114 7.94 -6.72 4.21
C THR A 114 6.75 -7.46 3.63
N ALA A 115 6.17 -6.94 2.55
CA ALA A 115 5.02 -7.56 1.92
C ALA A 115 5.44 -8.78 1.11
N HIS A 116 4.77 -9.89 1.36
CA HIS A 116 5.08 -11.13 0.66
C HIS A 116 3.91 -12.12 0.73
N TRP A 117 3.71 -12.87 -0.35
CA TRP A 117 2.63 -13.84 -0.39
C TRP A 117 2.91 -14.98 0.57
N SER A 118 1.88 -15.38 1.31
CA SER A 118 2.01 -16.46 2.27
C SER A 118 2.51 -17.74 1.64
N THR A 119 2.24 -17.92 0.34
CA THR A 119 2.68 -19.13 -0.36
C THR A 119 3.06 -18.86 -1.81
N LYS A 120 4.07 -19.58 -2.28
CA LYS A 120 4.55 -19.44 -3.66
C LYS A 120 3.50 -19.92 -4.65
N PRO A 121 3.36 -19.22 -5.78
CA PRO A 121 2.37 -19.59 -6.81
C PRO A 121 2.58 -21.01 -7.34
N PRO A 122 1.50 -21.81 -7.40
CA PRO A 122 1.57 -23.20 -7.87
C PRO A 122 1.95 -23.31 -9.35
N ILE A 123 1.65 -24.46 -9.94
CA ILE A 123 1.97 -24.71 -11.35
C ILE A 123 0.89 -25.52 -12.04
N CYS A 124 0.57 -25.16 -13.27
CA CYS A 124 -0.38 -25.92 -14.05
C CYS A 124 0.38 -26.94 -14.86
N GLN A 125 0.03 -28.22 -14.72
CA GLN A 125 0.74 -29.27 -15.43
C GLN A 125 -0.20 -30.40 -15.83
N ARG A 126 -0.07 -30.85 -17.07
CA ARG A 126 -0.91 -31.92 -17.60
C ARG A 126 -1.03 -33.08 -16.62
N ILE A 127 -2.26 -33.56 -16.47
CA ILE A 127 -2.55 -34.65 -15.58
C ILE A 127 -2.08 -35.98 -16.18
N PRO A 128 -1.30 -36.77 -15.42
CA PRO A 128 -0.78 -38.05 -15.88
C PRO A 128 -1.89 -39.05 -16.21
N GLU A 1 2.59 42.16 11.72
CA GLU A 1 3.40 41.60 10.61
C GLU A 1 3.24 40.09 10.52
N ALA A 2 2.02 39.61 10.71
CA ALA A 2 1.72 38.18 10.65
C ALA A 2 0.22 37.93 10.75
N GLU A 3 -0.28 37.03 9.90
CA GLU A 3 -1.70 36.70 9.90
C GLU A 3 -1.99 35.56 8.92
N ALA A 4 -1.28 34.46 9.08
CA ALA A 4 -1.48 33.30 8.21
C ALA A 4 -0.83 32.04 8.79
N HIS A 5 -1.61 30.98 8.87
CA HIS A 5 -1.13 29.70 9.39
C HIS A 5 -1.93 28.55 8.79
N CYS A 6 -1.24 27.46 8.45
CA CYS A 6 -1.89 26.30 7.84
C CYS A 6 -2.55 25.42 8.90
N GLN A 7 -3.79 25.05 8.64
CA GLN A 7 -4.54 24.20 9.56
C GLN A 7 -4.07 22.75 9.44
N ALA A 8 -4.56 21.92 10.34
CA ALA A 8 -4.23 20.50 10.37
C ALA A 8 -4.34 19.89 8.97
N PRO A 9 -3.53 18.85 8.68
CA PRO A 9 -3.54 18.17 7.39
C PRO A 9 -4.94 17.74 6.98
N ASP A 10 -5.24 18.00 5.71
CA ASP A 10 -6.54 17.70 5.14
C ASP A 10 -6.83 16.20 5.04
N HIS A 11 -7.85 15.79 5.78
CA HIS A 11 -8.33 14.40 5.79
C HIS A 11 -7.21 13.35 5.70
N PHE A 12 -6.17 13.51 6.49
CA PHE A 12 -5.09 12.52 6.50
C PHE A 12 -5.47 11.34 7.38
N LEU A 13 -5.19 10.13 6.90
CA LEU A 13 -5.53 8.92 7.64
C LEU A 13 -4.70 7.74 7.16
N PHE A 14 -4.27 7.79 5.91
CA PHE A 14 -3.47 6.74 5.34
C PHE A 14 -2.01 6.87 5.78
N ALA A 15 -1.75 7.89 6.58
CA ALA A 15 -0.39 8.14 7.08
C ALA A 15 -0.43 8.88 8.42
N LYS A 16 0.38 8.41 9.36
CA LYS A 16 0.46 9.01 10.68
C LYS A 16 1.60 10.04 10.74
N LEU A 17 1.27 11.26 11.15
CA LEU A 17 2.26 12.32 11.24
C LEU A 17 3.48 11.86 12.04
N LYS A 18 4.67 12.10 11.51
CA LYS A 18 5.91 11.70 12.17
C LYS A 18 6.34 12.77 13.17
N THR A 19 6.37 14.02 12.72
CA THR A 19 6.77 15.14 13.56
C THR A 19 5.79 15.35 14.71
N GLN A 20 6.30 15.59 15.91
CA GLN A 20 5.46 15.81 17.08
C GLN A 20 4.56 17.02 16.86
N THR A 21 3.26 16.84 17.11
CA THR A 21 2.30 17.92 16.93
C THR A 21 1.11 17.77 17.87
N THR A 22 0.54 18.90 18.30
CA THR A 22 -0.60 18.89 19.20
C THR A 22 -1.56 20.04 18.87
N ALA A 23 -1.00 21.21 18.61
CA ALA A 23 -1.81 22.38 18.27
C ALA A 23 -2.43 22.23 16.89
N SER A 24 -3.68 22.69 16.76
CA SER A 24 -4.38 22.62 15.49
C SER A 24 -4.08 23.82 14.61
N ASP A 25 -2.82 24.25 14.63
CA ASP A 25 -2.37 25.38 13.83
C ASP A 25 -0.87 25.32 13.60
N PHE A 26 -0.43 25.63 12.39
CA PHE A 26 1.01 25.56 12.08
C PHE A 26 1.48 26.78 11.28
N PRO A 27 2.68 27.29 11.61
CA PRO A 27 3.28 28.45 10.93
C PRO A 27 3.69 28.12 9.50
N ILE A 28 3.60 29.10 8.62
CA ILE A 28 3.97 28.90 7.22
C ILE A 28 5.43 28.50 7.09
N GLY A 29 5.76 27.88 5.95
CA GLY A 29 7.12 27.43 5.72
C GLY A 29 7.41 26.11 6.40
N THR A 30 6.83 25.93 7.58
CA THR A 30 7.00 24.71 8.35
C THR A 30 6.61 23.47 7.54
N SER A 31 7.51 22.49 7.51
CA SER A 31 7.26 21.26 6.78
C SER A 31 7.03 20.09 7.74
N LEU A 32 5.91 19.40 7.58
CA LEU A 32 5.59 18.27 8.44
C LEU A 32 5.80 16.95 7.70
N LYS A 33 6.65 16.10 8.26
CA LYS A 33 6.94 14.80 7.67
C LYS A 33 5.97 13.74 8.18
N TYR A 34 5.41 12.94 7.27
CA TYR A 34 4.46 11.89 7.63
C TYR A 34 4.97 10.53 7.21
N GLU A 35 4.30 9.48 7.70
CA GLU A 35 4.68 8.11 7.37
C GLU A 35 3.43 7.24 7.16
N CYS A 36 3.36 6.59 6.00
CA CYS A 36 2.24 5.73 5.67
C CYS A 36 2.07 4.62 6.72
N ARG A 37 0.84 4.11 6.84
CA ARG A 37 0.54 3.05 7.80
C ARG A 37 0.91 1.67 7.23
N PRO A 38 0.99 0.64 8.09
CA PRO A 38 1.34 -0.72 7.68
C PRO A 38 0.24 -1.39 6.84
N GLU A 39 -0.14 -0.72 5.75
CA GLU A 39 -1.16 -1.21 4.84
C GLU A 39 -1.07 -0.42 3.54
N TYR A 40 -0.01 0.38 3.42
CA TYR A 40 0.23 1.21 2.24
C TYR A 40 1.72 1.38 2.00
N TYR A 41 2.14 1.24 0.76
CA TYR A 41 3.56 1.38 0.44
C TYR A 41 3.87 2.79 -0.03
N GLY A 42 4.99 3.35 0.46
CA GLY A 42 5.38 4.69 0.10
C GLY A 42 6.48 5.23 0.98
N ARG A 43 7.41 5.96 0.37
CA ARG A 43 8.52 6.54 1.09
C ARG A 43 8.04 7.69 1.97
N PRO A 44 8.80 8.02 3.04
CA PRO A 44 8.44 9.10 3.96
C PRO A 44 8.38 10.45 3.27
N PHE A 45 7.16 10.97 3.12
CA PHE A 45 6.96 12.27 2.48
C PHE A 45 6.85 13.38 3.52
N SER A 46 6.35 14.54 3.07
CA SER A 46 6.20 15.69 3.94
C SER A 46 5.45 16.81 3.22
N ILE A 47 4.44 17.37 3.88
CA ILE A 47 3.66 18.45 3.29
C ILE A 47 4.14 19.82 3.76
N THR A 48 4.55 20.64 2.80
CA THR A 48 5.03 21.99 3.08
C THR A 48 3.88 22.99 3.20
N CYS A 49 3.80 23.66 4.34
CA CYS A 49 2.77 24.67 4.54
C CYS A 49 3.13 25.91 3.73
N LEU A 50 2.45 26.08 2.61
CA LEU A 50 2.72 27.20 1.72
C LEU A 50 1.99 28.47 2.13
N ASP A 51 2.49 29.59 1.60
CA ASP A 51 1.96 30.92 1.86
C ASP A 51 0.44 30.96 1.85
N ASN A 52 -0.18 30.23 0.94
CA ASN A 52 -1.63 30.23 0.83
C ASN A 52 -2.26 29.28 1.85
N LEU A 53 -1.63 29.18 3.02
CA LEU A 53 -2.12 28.32 4.09
C LEU A 53 -2.54 26.96 3.55
N VAL A 54 -1.63 26.34 2.81
CA VAL A 54 -1.90 25.05 2.21
C VAL A 54 -0.81 24.05 2.55
N TRP A 55 -0.74 23.00 1.74
CA TRP A 55 0.25 21.95 1.91
C TRP A 55 0.60 21.37 0.55
N SER A 56 1.88 21.42 0.21
CA SER A 56 2.35 20.90 -1.06
C SER A 56 1.70 19.54 -1.34
N SER A 57 1.40 19.28 -2.60
CA SER A 57 0.74 18.04 -2.97
C SER A 57 1.74 16.89 -2.98
N PRO A 58 1.52 15.89 -2.10
CA PRO A 58 2.40 14.72 -2.01
C PRO A 58 2.33 13.87 -3.27
N LYS A 59 1.38 14.23 -4.11
CA LYS A 59 1.16 13.57 -5.40
C LYS A 59 1.15 12.06 -5.25
N ASP A 60 0.25 11.56 -4.40
CA ASP A 60 0.12 10.14 -4.17
C ASP A 60 1.40 9.54 -3.60
N VAL A 61 1.27 8.86 -2.48
CA VAL A 61 2.42 8.24 -1.82
C VAL A 61 2.02 6.99 -1.03
N CYS A 62 0.97 7.12 -0.24
CA CYS A 62 0.49 5.99 0.56
C CYS A 62 -0.44 5.10 -0.27
N LYS A 63 0.08 4.65 -1.42
CA LYS A 63 -0.68 3.80 -2.32
C LYS A 63 -1.06 2.49 -1.65
N ARG A 64 -2.17 1.90 -2.09
CA ARG A 64 -2.65 0.65 -1.53
C ARG A 64 -1.57 -0.42 -1.53
N LYS A 65 -1.31 -0.98 -0.36
CA LYS A 65 -0.29 -2.01 -0.20
C LYS A 65 -0.52 -3.22 -1.11
N SER A 66 0.50 -3.56 -1.90
CA SER A 66 0.41 -4.70 -2.80
C SER A 66 1.74 -5.42 -2.91
N CYS A 67 1.70 -6.75 -2.70
CA CYS A 67 2.89 -7.58 -2.77
C CYS A 67 3.23 -7.96 -4.20
N LYS A 68 3.15 -6.96 -5.09
CA LYS A 68 3.44 -7.16 -6.51
C LYS A 68 2.46 -8.14 -7.14
N THR A 69 1.96 -7.81 -8.33
CA THR A 69 1.01 -8.66 -9.02
C THR A 69 1.62 -10.03 -9.30
N PRO A 70 0.89 -11.11 -8.97
CA PRO A 70 1.36 -12.48 -9.19
C PRO A 70 1.54 -12.82 -10.66
N PRO A 71 2.69 -13.42 -11.03
CA PRO A 71 2.97 -13.80 -12.42
C PRO A 71 2.04 -14.90 -12.89
N ASP A 72 1.57 -14.78 -14.14
CA ASP A 72 0.66 -15.77 -14.71
C ASP A 72 1.30 -17.16 -14.68
N PRO A 73 0.69 -18.10 -13.93
CA PRO A 73 1.19 -19.47 -13.83
C PRO A 73 1.07 -20.24 -15.14
N VAL A 74 2.06 -21.06 -15.43
CA VAL A 74 2.05 -21.85 -16.65
C VAL A 74 0.77 -22.67 -16.76
N ASN A 75 0.10 -22.57 -17.90
CA ASN A 75 -1.14 -23.31 -18.12
C ASN A 75 -2.07 -23.19 -16.91
N GLY A 76 -2.22 -21.97 -16.40
CA GLY A 76 -3.07 -21.74 -15.24
C GLY A 76 -3.34 -20.27 -15.00
N MET A 77 -4.61 -19.95 -14.72
CA MET A 77 -5.01 -18.57 -14.47
C MET A 77 -5.23 -18.32 -12.98
N VAL A 78 -4.75 -17.18 -12.48
CA VAL A 78 -4.91 -16.82 -11.08
C VAL A 78 -6.05 -15.83 -10.90
N HIS A 79 -6.92 -16.11 -9.94
CA HIS A 79 -8.04 -15.22 -9.67
C HIS A 79 -7.70 -14.28 -8.54
N VAL A 80 -7.65 -12.99 -8.85
CA VAL A 80 -7.34 -11.99 -7.84
C VAL A 80 -8.46 -11.93 -6.81
N ILE A 81 -9.65 -12.32 -7.24
CA ILE A 81 -10.84 -12.36 -6.40
C ILE A 81 -11.38 -10.96 -6.17
N THR A 82 -10.50 -10.06 -5.74
CA THR A 82 -10.86 -8.67 -5.47
C THR A 82 -9.69 -7.75 -5.73
N ASP A 83 -8.60 -7.98 -5.00
CA ASP A 83 -7.39 -7.19 -5.12
C ASP A 83 -6.20 -7.99 -4.61
N ILE A 84 -5.05 -7.81 -5.26
CA ILE A 84 -3.84 -8.51 -4.86
C ILE A 84 -3.14 -7.78 -3.73
N GLN A 85 -3.90 -6.93 -3.04
CA GLN A 85 -3.37 -6.16 -1.93
C GLN A 85 -3.30 -7.06 -0.70
N VAL A 86 -2.49 -6.67 0.28
CA VAL A 86 -2.34 -7.49 1.49
C VAL A 86 -3.68 -7.75 2.18
N GLY A 87 -4.73 -7.09 1.69
CA GLY A 87 -6.05 -7.26 2.27
C GLY A 87 -6.90 -8.30 1.56
N SER A 88 -6.25 -9.22 0.84
CA SER A 88 -6.97 -10.27 0.11
C SER A 88 -6.01 -11.39 -0.30
N ARG A 89 -6.43 -12.18 -1.28
CA ARG A 89 -5.61 -13.30 -1.76
C ARG A 89 -5.89 -13.60 -3.22
N ILE A 90 -5.38 -14.75 -3.69
CA ILE A 90 -5.58 -15.17 -5.07
C ILE A 90 -5.67 -16.69 -5.17
N THR A 91 -6.71 -17.17 -5.85
CA THR A 91 -6.90 -18.60 -6.03
C THR A 91 -6.51 -19.04 -7.43
N TYR A 92 -5.76 -20.13 -7.49
CA TYR A 92 -5.30 -20.66 -8.77
C TYR A 92 -6.24 -21.75 -9.28
N SER A 93 -6.41 -21.81 -10.59
CA SER A 93 -7.29 -22.80 -11.21
C SER A 93 -6.75 -23.24 -12.57
N CYS A 94 -5.70 -24.06 -12.53
CA CYS A 94 -5.07 -24.57 -13.74
C CYS A 94 -6.10 -25.20 -14.67
N THR A 95 -5.87 -25.09 -15.97
CA THR A 95 -6.77 -25.66 -16.96
C THR A 95 -6.82 -27.17 -16.85
N THR A 96 -7.95 -27.74 -17.21
CA THR A 96 -8.15 -29.18 -17.16
C THR A 96 -6.98 -29.92 -17.80
N GLY A 97 -6.22 -30.63 -16.98
CA GLY A 97 -5.08 -31.37 -17.47
C GLY A 97 -3.91 -31.39 -16.49
N HIS A 98 -3.54 -30.21 -16.01
CA HIS A 98 -2.44 -30.08 -15.06
C HIS A 98 -2.96 -29.87 -13.65
N ARG A 99 -2.27 -30.46 -12.67
CA ARG A 99 -2.67 -30.33 -11.27
C ARG A 99 -1.93 -29.17 -10.62
N LEU A 100 -2.61 -28.49 -9.71
CA LEU A 100 -2.03 -27.35 -9.00
C LEU A 100 -0.99 -27.81 -7.99
N ILE A 101 0.20 -27.20 -8.03
CA ILE A 101 1.28 -27.55 -7.10
C ILE A 101 1.66 -26.34 -6.26
N GLY A 102 1.58 -26.51 -4.94
CA GLY A 102 1.94 -25.42 -4.03
C GLY A 102 0.72 -24.65 -3.54
N HIS A 103 -0.33 -25.38 -3.20
CA HIS A 103 -1.58 -24.80 -2.71
C HIS A 103 -2.21 -23.87 -3.75
N SER A 104 -3.47 -24.13 -4.07
CA SER A 104 -4.20 -23.32 -5.04
C SER A 104 -4.74 -22.04 -4.41
N SER A 105 -4.00 -21.52 -3.43
CA SER A 105 -4.40 -20.29 -2.74
C SER A 105 -3.20 -19.63 -2.07
N ALA A 106 -3.20 -18.30 -2.04
CA ALA A 106 -2.11 -17.55 -1.44
C ALA A 106 -2.59 -16.18 -0.99
N GLU A 107 -2.38 -15.86 0.28
CA GLU A 107 -2.79 -14.58 0.82
C GLU A 107 -1.66 -13.56 0.79
N CYS A 108 -1.95 -12.39 0.26
CA CYS A 108 -0.95 -11.32 0.19
C CYS A 108 -0.70 -10.80 1.60
N ILE A 109 0.54 -10.88 2.07
CA ILE A 109 0.84 -10.42 3.41
C ILE A 109 1.94 -9.35 3.41
N LEU A 110 1.73 -8.33 4.22
CA LEU A 110 2.67 -7.23 4.32
C LEU A 110 3.79 -7.56 5.31
N SER A 111 5.02 -7.55 4.82
CA SER A 111 6.19 -7.83 5.66
C SER A 111 6.80 -6.53 6.15
N GLY A 112 5.97 -5.68 6.74
CA GLY A 112 6.45 -4.40 7.23
C GLY A 112 6.55 -3.37 6.12
N ASN A 113 7.74 -2.79 5.95
CA ASN A 113 7.96 -1.79 4.91
C ASN A 113 7.58 -2.35 3.54
N THR A 114 8.04 -3.56 3.25
CA THR A 114 7.77 -4.19 1.98
C THR A 114 6.55 -5.11 2.07
N ALA A 115 6.39 -5.98 1.09
CA ALA A 115 5.27 -6.90 1.05
C ALA A 115 5.57 -8.11 0.17
N HIS A 116 5.03 -9.27 0.55
CA HIS A 116 5.25 -10.49 -0.22
C HIS A 116 4.15 -11.52 0.05
N TRP A 117 3.91 -12.37 -0.93
CA TRP A 117 2.88 -13.40 -0.82
C TRP A 117 3.28 -14.47 0.20
N SER A 118 2.28 -15.00 0.90
CA SER A 118 2.49 -16.01 1.92
C SER A 118 3.23 -17.24 1.34
N THR A 119 3.01 -17.52 0.06
CA THR A 119 3.65 -18.67 -0.58
C THR A 119 3.96 -18.40 -2.04
N LYS A 120 5.07 -18.97 -2.50
CA LYS A 120 5.48 -18.81 -3.90
C LYS A 120 4.35 -19.24 -4.82
N PRO A 121 4.10 -18.46 -5.90
CA PRO A 121 3.04 -18.77 -6.85
C PRO A 121 3.05 -20.23 -7.32
N PRO A 122 2.02 -21.00 -6.94
CA PRO A 122 1.91 -22.42 -7.32
C PRO A 122 2.00 -22.61 -8.83
N ILE A 123 2.67 -23.69 -9.25
CA ILE A 123 2.82 -23.97 -10.68
C ILE A 123 1.95 -25.13 -11.13
N CYS A 124 1.43 -25.02 -12.35
CA CYS A 124 0.61 -26.06 -12.93
C CYS A 124 1.51 -27.12 -13.54
N GLN A 125 1.14 -28.39 -13.40
CA GLN A 125 1.95 -29.47 -13.94
C GLN A 125 1.06 -30.62 -14.42
N ARG A 126 1.32 -31.10 -15.64
CA ARG A 126 0.54 -32.18 -16.22
C ARG A 126 0.43 -33.36 -15.25
N ILE A 127 -0.80 -33.82 -15.08
CA ILE A 127 -1.07 -34.93 -14.20
C ILE A 127 -0.63 -36.25 -14.82
N PRO A 128 0.20 -37.04 -14.11
CA PRO A 128 0.69 -38.33 -14.60
C PRO A 128 -0.44 -39.32 -14.85
N GLU A 1 -1.81 43.04 12.82
CA GLU A 1 -2.43 41.89 13.52
C GLU A 1 -2.84 40.80 12.54
N ALA A 2 -1.97 40.52 11.57
CA ALA A 2 -2.23 39.50 10.57
C ALA A 2 -1.97 38.10 11.13
N GLU A 3 -2.44 37.85 12.34
CA GLU A 3 -2.27 36.56 12.99
C GLU A 3 -2.98 35.46 12.20
N ALA A 4 -2.34 34.30 12.10
CA ALA A 4 -2.91 33.18 11.38
C ALA A 4 -2.18 31.88 11.70
N HIS A 5 -2.94 30.81 11.89
CA HIS A 5 -2.37 29.52 12.21
C HIS A 5 -3.24 28.39 11.64
N CYS A 6 -2.60 27.45 10.95
CA CYS A 6 -3.32 26.33 10.35
C CYS A 6 -3.57 25.24 11.39
N GLN A 7 -4.82 24.82 11.49
CA GLN A 7 -5.20 23.79 12.44
C GLN A 7 -4.55 22.46 12.10
N ALA A 8 -4.48 21.58 13.10
CA ALA A 8 -3.88 20.27 12.94
C ALA A 8 -4.35 19.59 11.66
N PRO A 9 -3.41 19.05 10.86
CA PRO A 9 -3.73 18.37 9.60
C PRO A 9 -4.57 17.11 9.80
N ASP A 10 -5.39 16.80 8.81
CA ASP A 10 -6.26 15.63 8.88
C ASP A 10 -5.43 14.36 8.96
N HIS A 11 -6.04 13.26 9.37
CA HIS A 11 -5.35 11.98 9.50
C HIS A 11 -5.11 11.35 8.14
N PHE A 12 -3.85 11.04 7.85
CA PHE A 12 -3.49 10.41 6.59
C PHE A 12 -3.65 8.90 6.68
N LEU A 13 -4.36 8.32 5.71
CA LEU A 13 -4.60 6.89 5.70
C LEU A 13 -3.59 6.17 4.83
N PHE A 14 -2.43 6.77 4.67
CA PHE A 14 -1.38 6.18 3.87
C PHE A 14 -0.02 6.68 4.34
N ALA A 15 -0.03 7.50 5.38
CA ALA A 15 1.19 8.05 5.94
C ALA A 15 0.99 8.50 7.39
N LYS A 16 1.90 8.08 8.26
CA LYS A 16 1.84 8.44 9.67
C LYS A 16 2.81 9.56 10.00
N LEU A 17 2.35 10.54 10.77
CA LEU A 17 3.17 11.68 11.17
C LEU A 17 4.53 11.23 11.68
N LYS A 18 5.51 12.13 11.62
CA LYS A 18 6.86 11.82 12.08
C LYS A 18 7.52 13.06 12.70
N THR A 19 7.22 14.22 12.14
CA THR A 19 7.76 15.48 12.64
C THR A 19 7.27 15.78 14.05
N GLN A 20 8.17 16.28 14.89
CA GLN A 20 7.83 16.63 16.26
C GLN A 20 6.70 17.66 16.29
N THR A 21 5.73 17.44 17.17
CA THR A 21 4.58 18.34 17.30
C THR A 21 4.02 18.30 18.72
N THR A 22 3.63 19.47 19.22
CA THR A 22 3.08 19.59 20.57
C THR A 22 2.25 20.87 20.69
N ALA A 23 1.29 21.03 19.79
CA ALA A 23 0.43 22.20 19.78
C ALA A 23 -0.75 22.00 18.84
N SER A 24 -1.85 22.70 19.09
CA SER A 24 -3.03 22.59 18.26
C SER A 24 -2.93 23.51 17.05
N ASP A 25 -2.58 24.77 17.30
CA ASP A 25 -2.43 25.75 16.23
C ASP A 25 -1.03 25.67 15.64
N PHE A 26 -0.94 25.47 14.34
CA PHE A 26 0.35 25.36 13.66
C PHE A 26 0.69 26.64 12.89
N PRO A 27 1.96 27.10 13.01
CA PRO A 27 2.43 28.30 12.33
C PRO A 27 2.59 28.08 10.82
N ILE A 28 2.19 29.08 10.03
CA ILE A 28 2.29 28.99 8.57
C ILE A 28 3.74 28.74 8.15
N GLY A 29 3.90 28.20 6.95
CA GLY A 29 5.24 27.89 6.46
C GLY A 29 5.71 26.55 6.96
N THR A 30 5.43 26.28 8.24
CA THR A 30 5.81 25.02 8.86
C THR A 30 5.25 23.84 8.08
N SER A 31 6.08 22.81 7.89
CA SER A 31 5.66 21.61 7.18
C SER A 31 5.84 20.37 8.03
N LEU A 32 4.81 19.53 8.08
CA LEU A 32 4.86 18.30 8.85
C LEU A 32 5.19 17.11 7.96
N LYS A 33 6.19 16.33 8.37
CA LYS A 33 6.61 15.17 7.62
C LYS A 33 5.78 13.93 7.94
N TYR A 34 5.41 13.19 6.90
CA TYR A 34 4.62 11.97 7.07
C TYR A 34 5.19 10.84 6.21
N GLU A 35 5.49 9.72 6.85
CA GLU A 35 6.03 8.55 6.15
C GLU A 35 4.91 7.59 5.79
N CYS A 36 4.94 7.08 4.56
CA CYS A 36 3.91 6.15 4.10
C CYS A 36 3.74 4.99 5.09
N ARG A 37 2.59 4.35 5.03
CA ARG A 37 2.29 3.22 5.92
C ARG A 37 2.95 1.95 5.40
N PRO A 38 3.12 0.93 6.27
CA PRO A 38 3.75 -0.35 5.90
C PRO A 38 2.91 -1.14 4.91
N GLU A 39 2.69 -0.55 3.73
CA GLU A 39 1.91 -1.16 2.66
C GLU A 39 2.20 -0.45 1.35
N TYR A 40 2.51 0.84 1.46
CA TYR A 40 2.81 1.66 0.28
C TYR A 40 4.32 1.91 0.18
N TYR A 41 4.74 2.70 -0.82
CA TYR A 41 6.15 3.02 -1.00
C TYR A 41 6.32 4.39 -1.64
N GLY A 42 5.41 5.30 -1.34
CA GLY A 42 5.48 6.64 -1.90
C GLY A 42 6.52 7.51 -1.23
N ARG A 43 7.57 6.87 -0.69
CA ARG A 43 8.68 7.56 -0.03
C ARG A 43 8.19 8.63 0.96
N PRO A 44 9.10 9.13 1.83
CA PRO A 44 8.75 10.16 2.82
C PRO A 44 8.44 11.50 2.17
N PHE A 45 7.50 12.23 2.76
CA PHE A 45 7.10 13.54 2.25
C PHE A 45 6.78 14.48 3.40
N SER A 46 6.06 15.56 3.10
CA SER A 46 5.67 16.54 4.11
C SER A 46 4.66 17.53 3.56
N ILE A 47 3.64 17.83 4.35
CA ILE A 47 2.60 18.77 3.95
C ILE A 47 2.93 20.18 4.44
N THR A 48 3.03 21.10 3.49
CA THR A 48 3.36 22.48 3.78
C THR A 48 2.14 23.30 4.23
N CYS A 49 2.23 23.89 5.42
CA CYS A 49 1.15 24.75 5.92
C CYS A 49 1.20 26.05 5.14
N LEU A 50 0.26 26.20 4.21
CA LEU A 50 0.24 27.37 3.35
C LEU A 50 -0.42 28.60 3.99
N ASP A 51 -0.11 29.74 3.39
CA ASP A 51 -0.59 31.05 3.83
C ASP A 51 -2.05 31.06 4.24
N ASN A 52 -2.92 30.47 3.41
CA ASN A 52 -4.35 30.46 3.72
C ASN A 52 -4.72 29.34 4.69
N LEU A 53 -3.87 29.14 5.68
CA LEU A 53 -4.10 28.14 6.73
C LEU A 53 -4.54 26.80 6.14
N VAL A 54 -3.70 26.22 5.29
CA VAL A 54 -4.02 24.94 4.69
C VAL A 54 -2.82 24.01 4.70
N TRP A 55 -2.89 23.00 3.85
CA TRP A 55 -1.82 22.02 3.73
C TRP A 55 -1.79 21.47 2.32
N SER A 56 -0.64 21.60 1.66
CA SER A 56 -0.47 21.09 0.30
C SER A 56 -1.13 19.73 0.18
N SER A 57 -1.83 19.50 -0.92
CA SER A 57 -2.54 18.24 -1.12
C SER A 57 -1.60 17.13 -1.58
N PRO A 58 -1.37 16.13 -0.71
CA PRO A 58 -0.53 15.00 -1.00
C PRO A 58 -1.36 13.85 -1.58
N LYS A 59 -2.09 14.16 -2.65
CA LYS A 59 -2.96 13.19 -3.30
C LYS A 59 -2.16 12.21 -4.14
N ASP A 60 -2.47 10.93 -3.98
CA ASP A 60 -1.78 9.87 -4.72
C ASP A 60 -0.27 10.00 -4.53
N VAL A 61 0.13 10.22 -3.29
CA VAL A 61 1.52 10.38 -2.97
C VAL A 61 2.18 9.04 -2.67
N CYS A 62 1.54 8.27 -1.79
CA CYS A 62 2.06 6.95 -1.43
C CYS A 62 1.51 5.87 -2.36
N LYS A 63 2.38 5.30 -3.18
CA LYS A 63 1.99 4.27 -4.12
C LYS A 63 1.98 2.91 -3.41
N ARG A 64 0.85 2.22 -3.46
CA ARG A 64 0.74 0.93 -2.77
C ARG A 64 1.72 -0.10 -3.34
N LYS A 65 2.39 -0.79 -2.42
CA LYS A 65 3.33 -1.83 -2.76
C LYS A 65 2.64 -2.89 -3.62
N SER A 66 3.43 -3.78 -4.21
CA SER A 66 2.86 -4.83 -5.05
C SER A 66 3.72 -6.09 -5.00
N CYS A 67 3.07 -7.23 -4.86
CA CYS A 67 3.76 -8.51 -4.82
C CYS A 67 4.10 -8.96 -6.23
N LYS A 68 5.26 -9.55 -6.41
CA LYS A 68 5.69 -10.01 -7.73
C LYS A 68 4.77 -11.13 -8.20
N THR A 69 4.36 -11.07 -9.46
CA THR A 69 3.48 -12.09 -10.02
C THR A 69 4.06 -13.48 -9.78
N PRO A 70 3.30 -14.35 -9.10
CA PRO A 70 3.74 -15.72 -8.80
C PRO A 70 3.96 -16.53 -10.06
N PRO A 71 5.08 -17.28 -10.15
CA PRO A 71 5.37 -18.11 -11.31
C PRO A 71 4.24 -19.10 -11.57
N ASP A 72 3.66 -19.02 -12.76
CA ASP A 72 2.56 -19.90 -13.12
C ASP A 72 2.97 -21.37 -13.02
N PRO A 73 2.31 -22.13 -12.14
CA PRO A 73 2.60 -23.56 -11.95
C PRO A 73 2.32 -24.36 -13.22
N VAL A 74 3.08 -25.42 -13.41
CA VAL A 74 2.93 -26.27 -14.56
C VAL A 74 1.46 -26.59 -14.81
N ASN A 75 0.98 -26.26 -16.02
CA ASN A 75 -0.40 -26.49 -16.39
C ASN A 75 -1.34 -25.73 -15.47
N GLY A 76 -1.03 -24.46 -15.21
CA GLY A 76 -1.87 -23.64 -14.35
C GLY A 76 -1.35 -22.23 -14.18
N MET A 77 -2.27 -21.25 -14.19
CA MET A 77 -1.90 -19.85 -14.03
C MET A 77 -2.81 -19.16 -13.02
N VAL A 78 -2.27 -18.16 -12.34
CA VAL A 78 -3.04 -17.42 -11.34
C VAL A 78 -3.77 -16.25 -11.96
N HIS A 79 -5.09 -16.24 -11.82
CA HIS A 79 -5.91 -15.17 -12.35
C HIS A 79 -5.94 -14.00 -11.39
N VAL A 80 -5.52 -12.85 -11.88
CA VAL A 80 -5.50 -11.64 -11.08
C VAL A 80 -6.89 -11.02 -11.06
N ILE A 81 -7.33 -10.61 -9.88
CA ILE A 81 -8.66 -10.04 -9.73
C ILE A 81 -8.74 -8.62 -10.28
N THR A 82 -7.83 -7.76 -9.83
CA THR A 82 -7.80 -6.37 -10.29
C THR A 82 -6.38 -5.84 -10.32
N ASP A 83 -5.71 -5.99 -9.19
CA ASP A 83 -4.34 -5.52 -9.03
C ASP A 83 -3.62 -6.36 -8.00
N ILE A 84 -2.35 -6.69 -8.26
CA ILE A 84 -1.59 -7.50 -7.31
C ILE A 84 -0.88 -6.63 -6.28
N GLN A 85 -1.52 -5.54 -5.89
CA GLN A 85 -0.97 -4.63 -4.88
C GLN A 85 -1.23 -5.18 -3.49
N VAL A 86 -0.33 -4.84 -2.55
CA VAL A 86 -0.46 -5.30 -1.17
C VAL A 86 -1.83 -4.92 -0.59
N GLY A 87 -2.78 -5.83 -0.71
CA GLY A 87 -4.11 -5.59 -0.20
C GLY A 87 -5.14 -6.58 -0.73
N SER A 88 -5.13 -6.78 -2.05
CA SER A 88 -6.08 -7.70 -2.68
C SER A 88 -5.62 -9.15 -2.55
N ARG A 89 -6.15 -10.01 -3.40
CA ARG A 89 -5.82 -11.42 -3.37
C ARG A 89 -5.96 -12.04 -4.77
N ILE A 90 -4.97 -12.83 -5.17
CA ILE A 90 -4.98 -13.48 -6.47
C ILE A 90 -5.47 -14.92 -6.36
N THR A 91 -6.34 -15.32 -7.29
CA THR A 91 -6.87 -16.68 -7.27
C THR A 91 -6.18 -17.54 -8.33
N TYR A 92 -5.81 -18.76 -7.94
CA TYR A 92 -5.14 -19.67 -8.85
C TYR A 92 -6.12 -20.64 -9.49
N SER A 93 -5.88 -20.97 -10.75
CA SER A 93 -6.73 -21.89 -11.49
C SER A 93 -5.91 -22.67 -12.51
N CYS A 94 -5.92 -24.00 -12.37
CA CYS A 94 -5.18 -24.87 -13.27
C CYS A 94 -5.95 -25.15 -14.55
N THR A 95 -5.38 -24.77 -15.69
CA THR A 95 -6.01 -24.98 -16.98
C THR A 95 -5.97 -26.45 -17.38
N THR A 96 -7.11 -26.94 -17.92
CA THR A 96 -7.26 -28.31 -18.39
C THR A 96 -8.24 -29.09 -17.49
N GLY A 97 -7.70 -29.78 -16.49
CA GLY A 97 -8.54 -30.54 -15.58
C GLY A 97 -7.77 -31.06 -14.39
N HIS A 98 -6.76 -30.28 -13.96
CA HIS A 98 -5.95 -30.65 -12.82
C HIS A 98 -6.48 -29.98 -11.56
N ARG A 99 -6.41 -30.68 -10.44
CA ARG A 99 -6.89 -30.14 -9.18
C ARG A 99 -5.78 -29.37 -8.47
N LEU A 100 -6.12 -28.20 -7.94
CA LEU A 100 -5.15 -27.38 -7.25
C LEU A 100 -4.78 -27.99 -5.90
N ILE A 101 -3.48 -28.06 -5.64
CA ILE A 101 -2.98 -28.60 -4.38
C ILE A 101 -2.63 -27.48 -3.43
N GLY A 102 -3.22 -27.52 -2.23
CA GLY A 102 -2.96 -26.48 -1.25
C GLY A 102 -3.97 -25.35 -1.31
N HIS A 103 -3.50 -24.12 -1.16
CA HIS A 103 -4.36 -22.95 -1.19
C HIS A 103 -4.58 -22.46 -2.62
N SER A 104 -5.83 -22.14 -2.95
CA SER A 104 -6.17 -21.64 -4.28
C SER A 104 -6.40 -20.13 -4.25
N SER A 105 -5.86 -19.49 -3.21
CA SER A 105 -5.99 -18.05 -3.04
C SER A 105 -4.91 -17.52 -2.11
N ALA A 106 -4.45 -16.29 -2.35
CA ALA A 106 -3.42 -15.69 -1.53
C ALA A 106 -3.52 -14.16 -1.57
N GLU A 107 -3.43 -13.54 -0.39
CA GLU A 107 -3.52 -12.10 -0.28
C GLU A 107 -2.13 -11.46 -0.27
N CYS A 108 -1.94 -10.46 -1.14
CA CYS A 108 -0.67 -9.75 -1.20
C CYS A 108 -0.51 -8.89 0.04
N ILE A 109 0.54 -9.15 0.82
CA ILE A 109 0.77 -8.38 2.04
C ILE A 109 2.19 -7.85 2.11
N LEU A 110 2.63 -7.53 3.33
CA LEU A 110 3.97 -6.98 3.55
C LEU A 110 4.50 -7.36 4.92
N SER A 111 5.76 -7.75 4.97
CA SER A 111 6.41 -8.11 6.22
C SER A 111 7.06 -6.90 6.89
N GLY A 112 7.68 -6.06 6.07
CA GLY A 112 8.33 -4.87 6.59
C GLY A 112 8.82 -3.95 5.48
N ASN A 113 9.20 -4.54 4.36
CA ASN A 113 9.70 -3.78 3.21
C ASN A 113 9.38 -4.50 1.92
N THR A 114 9.62 -5.80 1.90
CA THR A 114 9.36 -6.62 0.73
C THR A 114 7.97 -7.23 0.79
N ALA A 115 7.23 -7.11 -0.31
CA ALA A 115 5.87 -7.63 -0.39
C ALA A 115 5.90 -9.13 -0.69
N HIS A 116 4.96 -9.86 -0.10
CA HIS A 116 4.89 -11.30 -0.31
C HIS A 116 3.48 -11.84 -0.06
N TRP A 117 3.08 -12.82 -0.85
CA TRP A 117 1.76 -13.42 -0.73
C TRP A 117 1.64 -14.20 0.57
N SER A 118 0.45 -14.15 1.16
CA SER A 118 0.18 -14.84 2.42
C SER A 118 0.53 -16.32 2.33
N THR A 119 0.44 -16.89 1.14
CA THR A 119 0.76 -18.30 0.94
C THR A 119 1.50 -18.54 -0.37
N LYS A 120 2.50 -19.42 -0.31
CA LYS A 120 3.31 -19.75 -1.48
C LYS A 120 2.44 -20.40 -2.57
N PRO A 121 2.85 -20.25 -3.84
CA PRO A 121 2.10 -20.82 -4.98
C PRO A 121 1.79 -22.30 -4.80
N PRO A 122 0.52 -22.71 -5.05
CA PRO A 122 0.10 -24.11 -4.91
C PRO A 122 0.69 -25.00 -6.00
N ILE A 123 -0.01 -26.09 -6.29
CA ILE A 123 0.44 -27.03 -7.31
C ILE A 123 -0.71 -27.53 -8.18
N CYS A 124 -0.44 -27.70 -9.47
CA CYS A 124 -1.43 -28.23 -10.38
C CYS A 124 -1.16 -29.70 -10.62
N GLN A 125 -2.16 -30.54 -10.36
CA GLN A 125 -1.98 -31.98 -10.52
C GLN A 125 -3.24 -32.63 -11.08
N ARG A 126 -3.07 -33.41 -12.14
CA ARG A 126 -4.17 -34.10 -12.79
C ARG A 126 -5.03 -34.85 -11.79
N ILE A 127 -6.34 -34.69 -11.94
CA ILE A 127 -7.30 -35.34 -11.06
C ILE A 127 -7.41 -36.82 -11.41
N PRO A 128 -7.19 -37.72 -10.43
CA PRO A 128 -7.27 -39.17 -10.63
C PRO A 128 -8.67 -39.62 -11.05
N GLU A 1 -4.97 30.19 14.89
CA GLU A 1 -5.79 30.76 15.99
C GLU A 1 -7.05 31.45 15.47
N ALA A 2 -6.89 32.19 14.37
CA ALA A 2 -8.01 32.91 13.76
C ALA A 2 -7.59 33.55 12.44
N GLU A 3 -8.49 33.47 11.46
CA GLU A 3 -8.23 34.05 10.13
C GLU A 3 -7.09 33.33 9.43
N ALA A 4 -7.33 32.98 8.17
CA ALA A 4 -6.33 32.28 7.36
C ALA A 4 -5.78 31.05 8.07
N HIS A 5 -4.53 30.71 7.77
CA HIS A 5 -3.88 29.55 8.37
C HIS A 5 -4.53 28.25 7.89
N CYS A 6 -3.72 27.24 7.63
CA CYS A 6 -4.22 25.95 7.19
C CYS A 6 -4.75 25.13 8.36
N GLN A 7 -5.97 24.63 8.22
CA GLN A 7 -6.60 23.84 9.28
C GLN A 7 -5.85 22.54 9.51
N ALA A 8 -6.19 21.87 10.61
CA ALA A 8 -5.57 20.60 10.97
C ALA A 8 -5.48 19.67 9.77
N PRO A 9 -4.26 19.18 9.46
CA PRO A 9 -4.05 18.27 8.33
C PRO A 9 -4.56 16.87 8.60
N ASP A 10 -5.43 16.42 7.72
CA ASP A 10 -6.01 15.11 7.80
C ASP A 10 -4.97 14.03 7.56
N HIS A 11 -5.00 12.98 8.38
CA HIS A 11 -4.04 11.88 8.22
C HIS A 11 -4.45 10.98 7.08
N PHE A 12 -3.46 10.56 6.30
CA PHE A 12 -3.71 9.69 5.16
C PHE A 12 -3.67 8.22 5.55
N LEU A 13 -3.92 7.96 6.83
CA LEU A 13 -3.94 6.60 7.37
C LEU A 13 -2.57 5.94 7.38
N PHE A 14 -1.94 5.82 6.22
CA PHE A 14 -0.63 5.19 6.11
C PHE A 14 0.50 6.13 6.48
N ALA A 15 0.21 7.07 7.38
CA ALA A 15 1.23 8.03 7.81
C ALA A 15 0.95 8.53 9.23
N LYS A 16 1.94 8.33 10.10
CA LYS A 16 1.82 8.77 11.49
C LYS A 16 2.56 10.09 11.69
N LEU A 17 1.85 11.10 12.18
CA LEU A 17 2.43 12.41 12.42
C LEU A 17 3.75 12.30 13.18
N LYS A 18 4.83 12.76 12.55
CA LYS A 18 6.16 12.71 13.16
C LYS A 18 6.50 14.04 13.83
N THR A 19 6.29 15.13 13.12
CA THR A 19 6.59 16.47 13.63
C THR A 19 5.71 16.82 14.83
N GLN A 20 6.35 17.24 15.92
CA GLN A 20 5.62 17.62 17.12
C GLN A 20 4.53 18.63 16.80
N THR A 21 3.35 18.40 17.37
CA THR A 21 2.21 19.28 17.14
C THR A 21 1.25 19.27 18.32
N THR A 22 0.65 20.42 18.60
CA THR A 22 -0.29 20.54 19.72
C THR A 22 -1.24 21.71 19.49
N ALA A 23 -1.89 21.71 18.32
CA ALA A 23 -2.83 22.77 17.96
C ALA A 23 -3.63 22.36 16.73
N SER A 24 -4.81 22.98 16.58
CA SER A 24 -5.69 22.67 15.45
C SER A 24 -5.32 23.52 14.25
N ASP A 25 -5.14 24.83 14.47
CA ASP A 25 -4.80 25.75 13.40
C ASP A 25 -3.29 25.78 13.18
N PHE A 26 -2.88 25.88 11.91
CA PHE A 26 -1.46 25.91 11.57
C PHE A 26 -1.14 27.07 10.64
N PRO A 27 -0.06 27.83 10.94
CA PRO A 27 0.37 28.96 10.13
C PRO A 27 0.93 28.54 8.78
N ILE A 28 0.63 29.31 7.74
CA ILE A 28 1.12 29.00 6.40
C ILE A 28 2.64 28.88 6.39
N GLY A 29 3.16 28.09 5.45
CA GLY A 29 4.58 27.89 5.36
C GLY A 29 5.04 26.73 6.23
N THR A 30 4.30 26.51 7.31
CA THR A 30 4.61 25.44 8.25
C THR A 30 4.67 24.09 7.55
N SER A 31 5.66 23.28 7.92
CA SER A 31 5.84 21.96 7.34
C SER A 31 5.67 20.88 8.39
N LEU A 32 5.06 19.76 8.00
CA LEU A 32 4.83 18.65 8.91
C LEU A 32 5.24 17.32 8.27
N LYS A 33 6.20 16.65 8.88
CA LYS A 33 6.69 15.38 8.36
C LYS A 33 5.90 14.21 8.92
N TYR A 34 5.60 13.24 8.06
CA TYR A 34 4.86 12.05 8.47
C TYR A 34 5.58 10.79 8.01
N GLU A 35 5.68 9.81 8.92
CA GLU A 35 6.35 8.55 8.61
C GLU A 35 5.35 7.49 8.16
N CYS A 36 5.56 6.97 6.96
CA CYS A 36 4.69 5.94 6.40
C CYS A 36 4.68 4.69 7.28
N ARG A 37 3.56 3.97 7.27
CA ARG A 37 3.40 2.76 8.07
C ARG A 37 3.98 1.54 7.35
N PRO A 38 4.24 0.44 8.09
CA PRO A 38 4.76 -0.77 7.50
C PRO A 38 3.93 -1.21 6.30
N GLU A 39 4.60 -1.79 5.32
CA GLU A 39 3.96 -2.26 4.09
C GLU A 39 3.82 -1.10 3.12
N TYR A 40 4.70 -0.12 3.27
CA TYR A 40 4.73 1.07 2.41
C TYR A 40 6.17 1.50 2.17
N TYR A 41 6.46 1.95 0.95
CA TYR A 41 7.82 2.39 0.62
C TYR A 41 7.80 3.58 -0.33
N GLY A 42 8.64 4.57 -0.02
CA GLY A 42 8.71 5.76 -0.85
C GLY A 42 9.23 6.96 -0.09
N ARG A 43 10.04 6.69 0.92
CA ARG A 43 10.62 7.76 1.75
C ARG A 43 9.55 8.53 2.50
N PRO A 44 9.85 8.96 3.73
CA PRO A 44 8.92 9.74 4.55
C PRO A 44 8.66 11.10 3.92
N PHE A 45 7.39 11.42 3.69
CA PHE A 45 7.02 12.68 3.06
C PHE A 45 6.80 13.77 4.10
N SER A 46 6.22 14.87 3.66
CA SER A 46 5.93 16.02 4.53
C SER A 46 5.05 17.03 3.81
N ILE A 47 4.00 17.46 4.50
CA ILE A 47 3.07 18.44 3.93
C ILE A 47 3.47 19.85 4.35
N THR A 48 2.84 20.85 3.72
CA THR A 48 3.16 22.24 4.01
C THR A 48 2.07 23.18 3.52
N CYS A 49 1.70 24.16 4.36
CA CYS A 49 0.70 25.14 3.98
C CYS A 49 1.30 26.11 2.99
N LEU A 50 0.65 26.27 1.86
CA LEU A 50 1.15 27.11 0.79
C LEU A 50 0.79 28.58 0.94
N ASP A 51 -0.50 28.86 1.02
CA ASP A 51 -0.96 30.24 1.13
C ASP A 51 -2.48 30.31 1.01
N ASN A 52 -3.04 29.49 0.14
CA ASN A 52 -4.48 29.46 -0.05
C ASN A 52 -5.13 28.60 1.01
N LEU A 53 -4.51 28.60 2.19
CA LEU A 53 -5.00 27.84 3.33
C LEU A 53 -5.23 26.39 2.94
N VAL A 54 -4.29 25.83 2.19
CA VAL A 54 -4.39 24.45 1.73
C VAL A 54 -3.05 23.76 1.71
N TRP A 55 -3.11 22.44 1.84
CA TRP A 55 -1.94 21.60 1.79
C TRP A 55 -1.70 21.16 0.35
N SER A 56 -0.47 21.31 -0.13
CA SER A 56 -0.11 20.94 -1.49
C SER A 56 -0.54 19.51 -1.81
N SER A 57 -0.95 18.81 -0.78
CA SER A 57 -1.42 17.44 -0.87
C SER A 57 -0.32 16.51 -1.38
N PRO A 58 0.02 15.48 -0.58
CA PRO A 58 1.04 14.50 -0.95
C PRO A 58 0.54 13.59 -2.05
N LYS A 59 1.41 13.24 -2.99
CA LYS A 59 1.01 12.39 -4.11
C LYS A 59 2.20 11.63 -4.68
N ASP A 60 1.98 10.33 -4.92
CA ASP A 60 3.02 9.45 -5.46
C ASP A 60 4.23 9.40 -4.53
N VAL A 61 3.97 9.31 -3.24
CA VAL A 61 5.03 9.23 -2.25
C VAL A 61 5.39 7.77 -1.97
N CYS A 62 5.07 7.30 -0.77
CA CYS A 62 5.39 5.92 -0.40
C CYS A 62 4.28 4.96 -0.80
N LYS A 63 4.50 4.22 -1.88
CA LYS A 63 3.55 3.24 -2.36
C LYS A 63 3.68 1.95 -1.57
N ARG A 64 2.55 1.38 -1.14
CA ARG A 64 2.57 0.15 -0.35
C ARG A 64 3.30 -0.97 -1.07
N LYS A 65 4.02 -1.78 -0.31
CA LYS A 65 4.76 -2.91 -0.86
C LYS A 65 3.89 -3.70 -1.82
N SER A 66 4.52 -4.32 -2.80
CA SER A 66 3.79 -5.11 -3.78
C SER A 66 4.58 -6.34 -4.17
N CYS A 67 3.93 -7.49 -4.07
CA CYS A 67 4.56 -8.75 -4.43
C CYS A 67 4.53 -8.92 -5.93
N LYS A 68 5.64 -9.40 -6.51
CA LYS A 68 5.71 -9.58 -7.93
C LYS A 68 4.72 -10.64 -8.39
N THR A 69 4.01 -10.33 -9.48
CA THR A 69 3.03 -11.23 -10.03
C THR A 69 3.61 -12.65 -10.16
N PRO A 70 3.07 -13.60 -9.39
CA PRO A 70 3.55 -14.99 -9.42
C PRO A 70 3.40 -15.61 -10.80
N PRO A 71 4.43 -16.33 -11.27
CA PRO A 71 4.38 -16.98 -12.58
C PRO A 71 3.14 -17.85 -12.73
N ASP A 72 2.28 -17.48 -13.68
CA ASP A 72 1.05 -18.22 -13.92
C ASP A 72 1.34 -19.67 -14.28
N PRO A 73 0.75 -20.63 -13.54
CA PRO A 73 0.96 -22.06 -13.79
C PRO A 73 0.49 -22.47 -15.17
N VAL A 74 1.20 -23.41 -15.77
CA VAL A 74 0.88 -23.90 -17.08
C VAL A 74 -0.61 -24.20 -17.20
N ASN A 75 -1.23 -23.67 -18.26
CA ASN A 75 -2.66 -23.86 -18.48
C ASN A 75 -3.47 -23.27 -17.33
N GLY A 76 -3.12 -22.06 -16.92
CA GLY A 76 -3.83 -21.41 -15.84
C GLY A 76 -3.44 -19.94 -15.68
N MET A 77 -3.76 -19.37 -14.53
CA MET A 77 -3.45 -17.96 -14.26
C MET A 77 -3.95 -17.55 -12.87
N VAL A 78 -3.23 -16.64 -12.23
CA VAL A 78 -3.62 -16.16 -10.91
C VAL A 78 -4.51 -14.94 -11.01
N HIS A 79 -5.79 -15.16 -10.82
CA HIS A 79 -6.78 -14.10 -10.87
C HIS A 79 -6.59 -13.15 -9.70
N VAL A 80 -6.09 -11.95 -9.97
CA VAL A 80 -5.89 -10.97 -8.93
C VAL A 80 -7.23 -10.44 -8.47
N ILE A 81 -7.41 -10.35 -7.15
CA ILE A 81 -8.66 -9.86 -6.60
C ILE A 81 -8.76 -8.36 -6.76
N THR A 82 -7.62 -7.69 -6.64
CA THR A 82 -7.55 -6.25 -6.79
C THR A 82 -6.23 -5.86 -7.45
N ASP A 83 -5.14 -6.40 -6.91
CA ASP A 83 -3.82 -6.13 -7.44
C ASP A 83 -2.83 -7.19 -6.94
N ILE A 84 -1.71 -6.77 -6.38
CA ILE A 84 -0.72 -7.70 -5.86
C ILE A 84 0.06 -7.07 -4.70
N GLN A 85 -0.41 -5.90 -4.26
CA GLN A 85 0.21 -5.21 -3.14
C GLN A 85 -0.19 -5.90 -1.84
N VAL A 86 0.56 -5.67 -0.77
CA VAL A 86 0.27 -6.28 0.51
C VAL A 86 -1.21 -6.09 0.85
N GLY A 87 -1.76 -7.05 1.59
CA GLY A 87 -3.16 -6.98 1.96
C GLY A 87 -4.06 -7.51 0.85
N SER A 88 -3.64 -7.31 -0.40
CA SER A 88 -4.41 -7.77 -1.55
C SER A 88 -4.28 -9.28 -1.73
N ARG A 89 -5.41 -9.95 -1.90
CA ARG A 89 -5.45 -11.39 -2.10
C ARG A 89 -5.44 -11.75 -3.57
N ILE A 90 -4.98 -12.97 -3.87
CA ILE A 90 -4.93 -13.46 -5.25
C ILE A 90 -5.30 -14.93 -5.31
N THR A 91 -6.32 -15.26 -6.10
CA THR A 91 -6.76 -16.64 -6.23
C THR A 91 -6.37 -17.22 -7.58
N TYR A 92 -5.90 -18.45 -7.56
CA TYR A 92 -5.49 -19.13 -8.79
C TYR A 92 -6.64 -19.97 -9.33
N SER A 93 -6.73 -20.07 -10.64
CA SER A 93 -7.79 -20.86 -11.28
C SER A 93 -7.31 -21.46 -12.59
N CYS A 94 -7.15 -22.79 -12.58
CA CYS A 94 -6.70 -23.50 -13.77
C CYS A 94 -7.85 -23.73 -14.73
N THR A 95 -7.55 -23.75 -16.02
CA THR A 95 -8.58 -23.96 -17.04
C THR A 95 -9.17 -25.36 -16.91
N THR A 96 -10.46 -25.48 -17.22
CA THR A 96 -11.16 -26.75 -17.12
C THR A 96 -10.33 -27.89 -17.68
N GLY A 97 -10.09 -28.91 -16.86
CA GLY A 97 -9.30 -30.05 -17.28
C GLY A 97 -8.27 -30.46 -16.24
N HIS A 98 -7.49 -29.49 -15.78
CA HIS A 98 -6.45 -29.75 -14.79
C HIS A 98 -6.90 -29.28 -13.40
N ARG A 99 -6.56 -30.06 -12.38
CA ARG A 99 -6.92 -29.71 -11.01
C ARG A 99 -5.79 -28.92 -10.36
N LEU A 100 -6.17 -28.00 -9.48
CA LEU A 100 -5.19 -27.17 -8.78
C LEU A 100 -4.42 -27.98 -7.73
N ILE A 101 -3.10 -27.85 -7.74
CA ILE A 101 -2.25 -28.56 -6.79
C ILE A 101 -1.66 -27.60 -5.75
N GLY A 102 -1.75 -27.99 -4.48
CA GLY A 102 -1.21 -27.17 -3.41
C GLY A 102 -2.18 -26.09 -2.95
N HIS A 103 -1.63 -24.92 -2.58
CA HIS A 103 -2.44 -23.81 -2.11
C HIS A 103 -3.05 -23.03 -3.27
N SER A 104 -4.36 -22.79 -3.20
CA SER A 104 -5.07 -22.07 -4.24
C SER A 104 -4.98 -20.56 -4.04
N SER A 105 -5.32 -20.10 -2.84
CA SER A 105 -5.29 -18.67 -2.53
C SER A 105 -3.94 -18.25 -1.96
N ALA A 106 -3.62 -16.97 -2.11
CA ALA A 106 -2.36 -16.42 -1.60
C ALA A 106 -2.48 -14.91 -1.38
N GLU A 107 -2.06 -14.44 -0.22
CA GLU A 107 -2.13 -13.02 0.11
C GLU A 107 -0.75 -12.39 0.20
N CYS A 108 -0.57 -11.27 -0.49
CA CYS A 108 0.70 -10.54 -0.44
C CYS A 108 0.85 -9.91 0.92
N ILE A 109 1.96 -10.19 1.60
CA ILE A 109 2.18 -9.63 2.92
C ILE A 109 3.55 -8.98 3.04
N LEU A 110 4.06 -8.91 4.26
CA LEU A 110 5.35 -8.28 4.52
C LEU A 110 6.02 -8.91 5.73
N SER A 111 5.22 -9.54 6.58
CA SER A 111 5.73 -10.17 7.79
C SER A 111 6.57 -9.18 8.59
N GLY A 112 6.26 -7.90 8.44
CA GLY A 112 6.99 -6.87 9.15
C GLY A 112 8.49 -6.97 8.95
N ASN A 113 8.90 -7.37 7.75
CA ASN A 113 10.33 -7.51 7.43
C ASN A 113 10.55 -7.58 5.92
N THR A 114 9.78 -8.44 5.25
CA THR A 114 9.92 -8.62 3.81
C THR A 114 8.58 -8.90 3.15
N ALA A 115 8.34 -8.27 2.01
CA ALA A 115 7.10 -8.47 1.27
C ALA A 115 7.15 -9.79 0.50
N HIS A 116 6.17 -10.64 0.73
CA HIS A 116 6.12 -11.94 0.08
C HIS A 116 4.71 -12.55 0.12
N TRP A 117 4.40 -13.39 -0.87
CA TRP A 117 3.10 -14.05 -0.91
C TRP A 117 2.92 -14.99 0.26
N SER A 118 1.70 -15.07 0.76
CA SER A 118 1.38 -15.93 1.89
C SER A 118 1.58 -17.41 1.55
N THR A 119 1.37 -17.75 0.28
CA THR A 119 1.52 -19.13 -0.17
C THR A 119 2.07 -19.20 -1.59
N LYS A 120 2.99 -20.13 -1.81
CA LYS A 120 3.60 -20.29 -3.13
C LYS A 120 2.55 -20.66 -4.18
N PRO A 121 2.76 -20.23 -5.43
CA PRO A 121 1.81 -20.50 -6.53
C PRO A 121 1.58 -22.01 -6.73
N PRO A 122 0.30 -22.43 -6.80
CA PRO A 122 -0.05 -23.84 -6.99
C PRO A 122 0.41 -24.38 -8.34
N ILE A 123 -0.21 -25.48 -8.77
CA ILE A 123 0.13 -26.11 -10.04
C ILE A 123 -1.09 -26.65 -10.76
N CYS A 124 -1.14 -26.45 -12.06
CA CYS A 124 -2.22 -26.99 -12.86
C CYS A 124 -1.79 -28.35 -13.38
N GLN A 125 -2.58 -29.38 -13.10
CA GLN A 125 -2.21 -30.73 -13.53
C GLN A 125 -3.44 -31.54 -13.95
N ARG A 126 -3.33 -32.24 -15.06
CA ARG A 126 -4.42 -33.05 -15.58
C ARG A 126 -5.01 -33.95 -14.51
N ILE A 127 -6.33 -33.93 -14.43
CA ILE A 127 -7.05 -34.74 -13.46
C ILE A 127 -7.11 -36.20 -13.90
N PRO A 128 -6.65 -37.13 -13.05
CA PRO A 128 -6.66 -38.56 -13.35
C PRO A 128 -8.07 -39.11 -13.57
N GLU A 1 -4.58 42.81 14.95
CA GLU A 1 -5.07 41.59 14.26
C GLU A 1 -4.49 40.32 14.88
N ALA A 2 -5.35 39.33 15.11
CA ALA A 2 -4.92 38.07 15.70
C ALA A 2 -3.93 37.35 14.81
N GLU A 3 -2.87 36.82 15.41
CA GLU A 3 -1.84 36.11 14.66
C GLU A 3 -2.43 34.89 13.95
N ALA A 4 -2.01 34.68 12.71
CA ALA A 4 -2.51 33.57 11.90
C ALA A 4 -1.92 32.23 12.35
N HIS A 5 -2.75 31.19 12.28
CA HIS A 5 -2.32 29.84 12.64
C HIS A 5 -3.10 28.80 11.85
N CYS A 6 -2.38 27.90 11.20
CA CYS A 6 -3.01 26.85 10.39
C CYS A 6 -3.43 25.68 11.27
N GLN A 7 -4.69 25.28 11.14
CA GLN A 7 -5.22 24.17 11.92
C GLN A 7 -4.69 22.84 11.42
N ALA A 8 -5.05 21.77 12.12
CA ALA A 8 -4.61 20.42 11.76
C ALA A 8 -4.82 20.15 10.27
N PRO A 9 -3.77 19.66 9.58
CA PRO A 9 -3.86 19.37 8.15
C PRO A 9 -4.76 18.18 7.85
N ASP A 10 -6.04 18.47 7.59
CA ASP A 10 -7.03 17.44 7.29
C ASP A 10 -6.69 16.11 7.96
N HIS A 11 -6.75 15.04 7.20
CA HIS A 11 -6.44 13.71 7.73
C HIS A 11 -6.16 12.73 6.59
N PHE A 12 -4.91 12.33 6.45
CA PHE A 12 -4.50 11.41 5.39
C PHE A 12 -4.69 9.96 5.83
N LEU A 13 -5.22 9.16 4.91
CA LEU A 13 -5.45 7.75 5.18
C LEU A 13 -4.17 6.94 5.04
N PHE A 14 -3.52 7.08 3.89
CA PHE A 14 -2.28 6.38 3.62
C PHE A 14 -1.08 7.14 4.16
N ALA A 15 -1.31 7.90 5.23
CA ALA A 15 -0.25 8.68 5.84
C ALA A 15 -0.54 8.97 7.31
N LYS A 16 0.49 8.90 8.14
CA LYS A 16 0.35 9.16 9.57
C LYS A 16 1.48 10.03 10.08
N LEU A 17 1.13 11.08 10.81
CA LEU A 17 2.11 12.00 11.37
C LEU A 17 3.23 11.25 12.09
N LYS A 18 4.38 11.89 12.22
CA LYS A 18 5.53 11.29 12.88
C LYS A 18 6.33 12.35 13.63
N THR A 19 6.47 13.52 13.01
CA THR A 19 7.19 14.63 13.62
C THR A 19 6.50 15.12 14.89
N GLN A 20 7.30 15.48 15.88
CA GLN A 20 6.77 15.98 17.14
C GLN A 20 5.80 17.14 16.89
N THR A 21 4.65 17.12 17.53
CA THR A 21 3.65 18.16 17.37
C THR A 21 2.81 18.34 18.62
N THR A 22 2.02 17.30 18.95
CA THR A 22 1.15 17.29 20.13
C THR A 22 0.01 18.32 20.03
N ALA A 23 0.36 19.56 19.73
CA ALA A 23 -0.62 20.63 19.62
C ALA A 23 -1.50 20.45 18.37
N SER A 24 -2.73 20.96 18.45
CA SER A 24 -3.65 20.86 17.33
C SER A 24 -3.43 22.01 16.35
N ASP A 25 -3.24 23.21 16.88
CA ASP A 25 -3.00 24.38 16.06
C ASP A 25 -1.52 24.48 15.71
N PHE A 26 -1.21 24.59 14.42
CA PHE A 26 0.17 24.68 13.98
C PHE A 26 0.55 26.08 13.51
N PRO A 27 1.74 26.56 13.93
CA PRO A 27 2.25 27.87 13.55
C PRO A 27 2.81 27.87 12.12
N ILE A 28 2.56 28.95 11.39
CA ILE A 28 3.05 29.06 10.02
C ILE A 28 4.56 28.88 9.96
N GLY A 29 5.04 28.33 8.84
CA GLY A 29 6.47 28.09 8.69
C GLY A 29 6.91 26.92 9.54
N THR A 30 6.61 25.72 9.06
CA THR A 30 6.95 24.50 9.78
C THR A 30 6.57 23.26 8.95
N SER A 31 7.56 22.42 8.66
CA SER A 31 7.34 21.20 7.88
C SER A 31 6.82 20.08 8.77
N LEU A 32 5.74 19.44 8.34
CA LEU A 32 5.17 18.34 9.09
C LEU A 32 5.44 17.02 8.38
N LYS A 33 6.17 16.13 9.06
CA LYS A 33 6.52 14.83 8.47
C LYS A 33 5.44 13.78 8.67
N TYR A 34 5.15 13.05 7.60
CA TYR A 34 4.15 11.98 7.64
C TYR A 34 4.68 10.74 6.93
N GLU A 35 4.59 9.59 7.60
CA GLU A 35 5.06 8.35 7.02
C GLU A 35 3.91 7.58 6.36
N CYS A 36 4.07 7.28 5.08
CA CYS A 36 3.05 6.56 4.33
C CYS A 36 2.78 5.20 4.97
N ARG A 37 1.58 4.67 4.77
CA ARG A 37 1.21 3.38 5.34
C ARG A 37 1.74 2.24 4.48
N PRO A 38 1.93 1.05 5.08
CA PRO A 38 2.45 -0.13 4.36
C PRO A 38 1.46 -0.68 3.35
N GLU A 39 1.20 0.11 2.31
CA GLU A 39 0.27 -0.28 1.25
C GLU A 39 0.50 0.60 0.02
N TYR A 40 1.31 1.63 0.18
CA TYR A 40 1.59 2.55 -0.92
C TYR A 40 3.08 2.86 -1.01
N TYR A 41 3.58 2.94 -2.25
CA TYR A 41 4.99 3.22 -2.49
C TYR A 41 5.20 4.69 -2.84
N GLY A 42 6.25 5.28 -2.27
CA GLY A 42 6.57 6.68 -2.54
C GLY A 42 7.20 7.36 -1.35
N ARG A 43 7.78 6.55 -0.46
CA ARG A 43 8.45 7.04 0.75
C ARG A 43 7.63 8.08 1.51
N PRO A 44 7.99 8.34 2.78
CA PRO A 44 7.28 9.30 3.62
C PRO A 44 7.43 10.74 3.12
N PHE A 45 6.30 11.42 2.94
CA PHE A 45 6.31 12.80 2.47
C PHE A 45 6.31 13.77 3.64
N SER A 46 5.94 15.01 3.37
CA SER A 46 5.88 16.04 4.40
C SER A 46 5.25 17.32 3.88
N ILE A 47 4.35 17.89 4.68
CA ILE A 47 3.67 19.13 4.31
C ILE A 47 4.38 20.33 4.92
N THR A 48 3.73 21.50 4.87
CA THR A 48 4.32 22.71 5.41
C THR A 48 3.31 23.85 5.54
N CYS A 49 3.22 24.43 6.74
CA CYS A 49 2.34 25.57 6.95
C CYS A 49 2.94 26.74 6.21
N LEU A 50 2.28 27.16 5.14
CA LEU A 50 2.83 28.22 4.29
C LEU A 50 2.60 29.65 4.77
N ASP A 51 1.35 30.02 4.95
CA ASP A 51 1.03 31.39 5.38
C ASP A 51 -0.48 31.63 5.36
N ASN A 52 -1.13 31.17 4.31
CA ASN A 52 -2.57 31.33 4.20
C ASN A 52 -3.26 30.22 4.99
N LEU A 53 -2.65 29.87 6.12
CA LEU A 53 -3.15 28.83 6.98
C LEU A 53 -3.42 27.56 6.17
N VAL A 54 -2.45 27.21 5.34
CA VAL A 54 -2.56 26.04 4.49
C VAL A 54 -1.34 25.12 4.63
N TRP A 55 -1.32 24.11 3.78
CA TRP A 55 -0.24 23.14 3.76
C TRP A 55 0.04 22.68 2.34
N SER A 56 1.32 22.71 1.95
CA SER A 56 1.73 22.30 0.62
C SER A 56 1.02 21.00 0.21
N SER A 57 0.72 20.87 -1.08
CA SER A 57 0.04 19.69 -1.57
C SER A 57 1.00 18.52 -1.75
N PRO A 58 0.80 17.44 -0.97
CA PRO A 58 1.64 16.24 -1.01
C PRO A 58 1.32 15.37 -2.23
N LYS A 59 1.53 15.94 -3.42
CA LYS A 59 1.26 15.23 -4.66
C LYS A 59 2.36 14.22 -4.97
N ASP A 60 1.97 13.05 -5.46
CA ASP A 60 2.91 12.00 -5.79
C ASP A 60 3.75 11.64 -4.57
N VAL A 61 3.19 10.79 -3.72
CA VAL A 61 3.87 10.38 -2.49
C VAL A 61 3.48 8.96 -2.07
N CYS A 62 2.30 8.53 -2.51
CA CYS A 62 1.79 7.21 -2.18
C CYS A 62 0.89 6.69 -3.29
N LYS A 63 1.12 5.44 -3.69
CA LYS A 63 0.33 4.82 -4.75
C LYS A 63 0.05 3.35 -4.41
N ARG A 64 -1.07 2.84 -4.89
CA ARG A 64 -1.47 1.46 -4.61
C ARG A 64 -0.36 0.48 -4.97
N LYS A 65 0.48 0.15 -3.99
CA LYS A 65 1.58 -0.78 -4.19
C LYS A 65 1.06 -2.11 -4.72
N SER A 66 1.89 -2.80 -5.51
CA SER A 66 1.49 -4.08 -6.07
C SER A 66 2.65 -5.07 -6.09
N CYS A 67 2.33 -6.31 -5.78
CA CYS A 67 3.32 -7.38 -5.75
C CYS A 67 3.61 -7.89 -7.16
N LYS A 68 4.79 -8.45 -7.35
CA LYS A 68 5.18 -8.96 -8.66
C LYS A 68 4.28 -10.14 -9.06
N THR A 69 3.81 -10.11 -10.30
CA THR A 69 2.94 -11.16 -10.80
C THR A 69 3.56 -12.54 -10.61
N PRO A 70 2.83 -13.47 -9.97
CA PRO A 70 3.32 -14.82 -9.73
C PRO A 70 3.27 -15.70 -10.98
N PRO A 71 4.35 -16.45 -11.26
CA PRO A 71 4.39 -17.33 -12.43
C PRO A 71 3.27 -18.36 -12.40
N ASP A 72 2.53 -18.45 -13.50
CA ASP A 72 1.43 -19.39 -13.59
C ASP A 72 1.91 -20.83 -13.38
N PRO A 73 1.26 -21.58 -12.49
CA PRO A 73 1.62 -22.97 -12.20
C PRO A 73 1.46 -23.86 -13.42
N VAL A 74 2.38 -24.80 -13.59
CA VAL A 74 2.35 -25.72 -14.71
C VAL A 74 0.96 -26.31 -14.90
N ASN A 75 0.43 -26.16 -16.11
CA ASN A 75 -0.90 -26.68 -16.46
C ASN A 75 -2.01 -25.81 -15.89
N GLY A 76 -1.89 -25.44 -14.62
CA GLY A 76 -2.92 -24.62 -13.98
C GLY A 76 -2.94 -23.18 -14.46
N MET A 77 -3.37 -22.28 -13.60
CA MET A 77 -3.45 -20.85 -13.92
C MET A 77 -4.02 -20.05 -12.74
N VAL A 78 -3.45 -18.87 -12.50
CA VAL A 78 -3.89 -18.01 -11.41
C VAL A 78 -4.87 -16.95 -11.89
N HIS A 79 -5.87 -16.66 -11.05
CA HIS A 79 -6.85 -15.64 -11.39
C HIS A 79 -6.54 -14.36 -10.62
N VAL A 80 -6.19 -13.31 -11.36
CA VAL A 80 -5.89 -12.03 -10.75
C VAL A 80 -7.12 -11.47 -10.06
N ILE A 81 -8.26 -11.66 -10.71
CA ILE A 81 -9.55 -11.23 -10.20
C ILE A 81 -9.72 -9.72 -10.25
N THR A 82 -8.62 -8.98 -10.06
CA THR A 82 -8.70 -7.52 -10.08
C THR A 82 -7.44 -6.88 -10.68
N ASP A 83 -6.42 -6.67 -9.85
CA ASP A 83 -5.17 -6.04 -10.32
C ASP A 83 -4.00 -6.45 -9.44
N ILE A 84 -4.21 -7.47 -8.63
CA ILE A 84 -3.20 -8.00 -7.71
C ILE A 84 -2.57 -6.90 -6.85
N GLN A 85 -3.37 -5.90 -6.49
CA GLN A 85 -2.88 -4.81 -5.65
C GLN A 85 -2.79 -5.28 -4.20
N VAL A 86 -1.87 -4.69 -3.43
CA VAL A 86 -1.69 -5.07 -2.03
C VAL A 86 -3.01 -4.96 -1.28
N GLY A 87 -3.78 -6.05 -1.28
CA GLY A 87 -5.06 -6.08 -0.61
C GLY A 87 -5.96 -7.18 -1.13
N SER A 88 -5.98 -7.36 -2.44
CA SER A 88 -6.80 -8.39 -3.07
C SER A 88 -6.18 -9.76 -2.90
N ARG A 89 -6.71 -10.74 -3.63
CA ARG A 89 -6.21 -12.11 -3.56
C ARG A 89 -6.44 -12.85 -4.86
N ILE A 90 -5.40 -13.56 -5.31
CA ILE A 90 -5.48 -14.33 -6.55
C ILE A 90 -5.84 -15.78 -6.26
N THR A 91 -6.81 -16.31 -7.00
CA THR A 91 -7.23 -17.69 -6.81
C THR A 91 -6.61 -18.62 -7.84
N TYR A 92 -6.02 -19.70 -7.35
CA TYR A 92 -5.38 -20.68 -8.23
C TYR A 92 -6.33 -21.84 -8.52
N SER A 93 -6.32 -22.30 -9.76
CA SER A 93 -7.17 -23.43 -10.16
C SER A 93 -6.56 -24.16 -11.35
N CYS A 94 -6.12 -25.39 -11.10
CA CYS A 94 -5.52 -26.21 -12.16
C CYS A 94 -6.60 -26.86 -13.01
N THR A 95 -6.35 -26.94 -14.32
CA THR A 95 -7.30 -27.55 -15.22
C THR A 95 -7.44 -29.04 -14.90
N THR A 96 -8.59 -29.61 -15.23
CA THR A 96 -8.82 -31.02 -14.96
C THR A 96 -7.63 -31.89 -15.36
N GLY A 97 -6.91 -32.41 -14.37
CA GLY A 97 -5.75 -33.23 -14.65
C GLY A 97 -4.80 -33.34 -13.48
N HIS A 98 -4.52 -32.21 -12.82
CA HIS A 98 -3.61 -32.18 -11.69
C HIS A 98 -4.27 -31.53 -10.48
N ARG A 99 -3.89 -32.00 -9.29
CA ARG A 99 -4.41 -31.45 -8.05
C ARG A 99 -3.51 -30.31 -7.59
N LEU A 100 -4.12 -29.24 -7.10
CA LEU A 100 -3.38 -28.07 -6.65
C LEU A 100 -2.64 -28.34 -5.34
N ILE A 101 -1.35 -28.00 -5.31
CA ILE A 101 -0.53 -28.17 -4.13
C ILE A 101 -0.19 -26.81 -3.50
N GLY A 102 -1.01 -26.39 -2.54
CA GLY A 102 -0.78 -25.11 -1.89
C GLY A 102 -2.04 -24.56 -1.24
N HIS A 103 -2.10 -23.24 -1.09
CA HIS A 103 -3.25 -22.57 -0.50
C HIS A 103 -4.33 -22.31 -1.53
N SER A 104 -3.91 -22.00 -2.75
CA SER A 104 -4.84 -21.71 -3.85
C SER A 104 -5.60 -20.41 -3.59
N SER A 105 -5.09 -19.62 -2.65
CA SER A 105 -5.71 -18.35 -2.30
C SER A 105 -4.70 -17.40 -1.65
N ALA A 106 -3.64 -17.08 -2.39
CA ALA A 106 -2.60 -16.20 -1.88
C ALA A 106 -3.03 -14.74 -1.99
N GLU A 107 -2.96 -14.04 -0.86
CA GLU A 107 -3.33 -12.62 -0.81
C GLU A 107 -2.12 -11.73 -0.96
N CYS A 108 -2.21 -10.74 -1.84
CA CYS A 108 -1.11 -9.81 -2.06
C CYS A 108 -1.00 -8.89 -0.85
N ILE A 109 0.15 -8.91 -0.18
CA ILE A 109 0.35 -8.08 0.99
C ILE A 109 1.68 -7.34 0.96
N LEU A 110 2.16 -6.97 2.14
CA LEU A 110 3.43 -6.25 2.27
C LEU A 110 4.08 -6.53 3.62
N SER A 111 5.38 -6.79 3.59
CA SER A 111 6.14 -7.07 4.80
C SER A 111 6.65 -5.77 5.42
N GLY A 112 7.20 -4.91 4.57
CA GLY A 112 7.73 -3.64 5.03
C GLY A 112 8.59 -2.97 3.99
N ASN A 113 9.54 -3.73 3.44
CA ASN A 113 10.45 -3.22 2.42
C ASN A 113 9.91 -3.51 1.02
N THR A 114 9.28 -4.68 0.86
CA THR A 114 8.75 -5.09 -0.42
C THR A 114 7.47 -5.91 -0.27
N ALA A 115 6.54 -5.73 -1.21
CA ALA A 115 5.27 -6.45 -1.19
C ALA A 115 5.44 -7.86 -1.71
N HIS A 116 4.69 -8.80 -1.12
CA HIS A 116 4.78 -10.20 -1.53
C HIS A 116 3.52 -10.97 -1.15
N TRP A 117 3.26 -12.05 -1.89
CA TRP A 117 2.09 -12.89 -1.64
C TRP A 117 2.22 -13.63 -0.32
N SER A 118 1.08 -13.89 0.30
CA SER A 118 1.04 -14.60 1.58
C SER A 118 1.66 -15.98 1.48
N THR A 119 1.50 -16.64 0.33
CA THR A 119 2.04 -17.98 0.15
C THR A 119 2.57 -18.20 -1.26
N LYS A 120 3.58 -19.05 -1.38
CA LYS A 120 4.19 -19.39 -2.65
C LYS A 120 3.14 -20.01 -3.58
N PRO A 121 3.12 -19.61 -4.86
CA PRO A 121 2.15 -20.12 -5.84
C PRO A 121 2.08 -21.65 -5.86
N PRO A 122 0.90 -22.22 -5.57
CA PRO A 122 0.69 -23.68 -5.57
C PRO A 122 1.05 -24.31 -6.90
N ILE A 123 1.53 -25.55 -6.85
CA ILE A 123 1.93 -26.28 -8.05
C ILE A 123 0.92 -27.36 -8.44
N CYS A 124 0.79 -27.58 -9.74
CA CYS A 124 -0.08 -28.63 -10.23
C CYS A 124 0.66 -29.96 -10.15
N GLN A 125 -0.02 -31.00 -9.68
CA GLN A 125 0.61 -32.30 -9.56
C GLN A 125 -0.40 -33.41 -9.85
N ARG A 126 0.00 -34.36 -10.69
CA ARG A 126 -0.89 -35.47 -11.05
C ARG A 126 -1.61 -36.03 -9.85
N ILE A 127 -2.90 -36.28 -10.03
CA ILE A 127 -3.74 -36.82 -8.99
C ILE A 127 -3.45 -38.31 -8.78
N PRO A 128 -3.18 -38.71 -7.52
CA PRO A 128 -2.88 -40.11 -7.19
C PRO A 128 -4.07 -41.04 -7.47
N GLU A 1 1.31 37.35 7.01
CA GLU A 1 0.55 38.38 7.76
C GLU A 1 -0.68 37.78 8.43
N ALA A 2 -0.50 36.63 9.06
CA ALA A 2 -1.58 35.94 9.75
C ALA A 2 -2.75 35.68 8.81
N GLU A 3 -3.93 35.51 9.39
CA GLU A 3 -5.15 35.25 8.62
C GLU A 3 -5.06 33.91 7.88
N ALA A 4 -6.12 33.11 7.99
CA ALA A 4 -6.18 31.81 7.34
C ALA A 4 -5.15 30.85 7.90
N HIS A 5 -5.58 29.60 8.11
CA HIS A 5 -4.70 28.56 8.64
C HIS A 5 -5.11 27.19 8.13
N CYS A 6 -4.12 26.40 7.71
CA CYS A 6 -4.40 25.07 7.18
C CYS A 6 -4.60 24.07 8.30
N GLN A 7 -5.77 23.44 8.32
CA GLN A 7 -6.11 22.46 9.34
C GLN A 7 -5.29 21.19 9.19
N ALA A 8 -5.42 20.32 10.17
CA ALA A 8 -4.70 19.05 10.19
C ALA A 8 -4.83 18.31 8.85
N PRO A 9 -3.73 17.67 8.40
CA PRO A 9 -3.70 16.94 7.12
C PRO A 9 -4.82 15.92 7.02
N ASP A 10 -5.55 16.02 5.93
CA ASP A 10 -6.68 15.15 5.66
C ASP A 10 -6.25 13.72 5.34
N HIS A 11 -6.72 12.78 6.17
CA HIS A 11 -6.46 11.36 6.00
C HIS A 11 -5.00 11.06 5.63
N PHE A 12 -4.25 10.52 6.59
CA PHE A 12 -2.84 10.16 6.38
C PHE A 12 -2.50 8.92 7.20
N LEU A 13 -3.37 7.92 7.11
CA LEU A 13 -3.20 6.68 7.85
C LEU A 13 -2.11 5.80 7.23
N PHE A 14 -1.61 6.21 6.07
CA PHE A 14 -0.57 5.47 5.38
C PHE A 14 0.81 5.85 5.91
N ALA A 15 0.86 6.93 6.70
CA ALA A 15 2.11 7.39 7.27
C ALA A 15 1.87 8.15 8.58
N LYS A 16 2.71 7.88 9.56
CA LYS A 16 2.59 8.52 10.87
C LYS A 16 3.44 9.79 10.93
N LEU A 17 2.79 10.91 11.25
CA LEU A 17 3.45 12.21 11.34
C LEU A 17 4.75 12.10 12.16
N LYS A 18 5.84 12.62 11.59
CA LYS A 18 7.15 12.58 12.24
C LYS A 18 7.44 13.86 13.02
N THR A 19 6.91 14.98 12.56
CA THR A 19 7.12 16.27 13.20
C THR A 19 6.68 16.25 14.67
N GLN A 20 7.28 17.11 15.48
CA GLN A 20 6.95 17.18 16.89
C GLN A 20 5.47 17.46 17.12
N THR A 21 4.97 18.45 16.41
CA THR A 21 3.57 18.86 16.48
C THR A 21 3.08 19.11 17.91
N THR A 22 2.30 20.17 18.08
CA THR A 22 1.77 20.51 19.39
C THR A 22 0.57 21.45 19.24
N ALA A 23 -0.18 21.27 18.16
CA ALA A 23 -1.35 22.09 17.87
C ALA A 23 -2.14 21.53 16.70
N SER A 24 -3.46 21.58 16.79
CA SER A 24 -4.32 21.07 15.73
C SER A 24 -4.57 22.17 14.69
N ASP A 25 -3.53 22.96 14.43
CA ASP A 25 -3.60 24.05 13.46
C ASP A 25 -2.21 24.35 12.92
N PHE A 26 -2.08 24.37 11.60
CA PHE A 26 -0.79 24.64 10.98
C PHE A 26 -0.83 25.88 10.10
N PRO A 27 0.26 26.66 10.12
CA PRO A 27 0.37 27.88 9.33
C PRO A 27 0.76 27.58 7.87
N ILE A 28 0.10 28.27 6.94
CA ILE A 28 0.40 28.07 5.52
C ILE A 28 1.89 28.22 5.26
N GLY A 29 2.38 27.51 4.25
CA GLY A 29 3.80 27.57 3.94
C GLY A 29 4.60 26.82 4.97
N THR A 30 4.55 25.49 4.90
CA THR A 30 5.24 24.63 5.84
C THR A 30 5.11 23.16 5.43
N SER A 31 6.25 22.47 5.42
CA SER A 31 6.30 21.06 5.05
C SER A 31 6.36 20.16 6.28
N LEU A 32 5.91 18.92 6.13
CA LEU A 32 5.92 17.97 7.24
C LEU A 32 6.29 16.58 6.75
N LYS A 33 7.28 15.96 7.41
CA LYS A 33 7.71 14.62 7.05
C LYS A 33 6.85 13.56 7.72
N TYR A 34 6.57 12.49 7.00
CA TYR A 34 5.75 11.41 7.53
C TYR A 34 6.44 10.06 7.33
N GLU A 35 6.46 9.25 8.39
CA GLU A 35 7.08 7.94 8.33
C GLU A 35 6.03 6.89 7.96
N CYS A 36 6.24 6.23 6.83
CA CYS A 36 5.31 5.21 6.35
C CYS A 36 5.12 4.10 7.38
N ARG A 37 3.93 3.51 7.38
CA ARG A 37 3.62 2.42 8.30
C ARG A 37 4.14 1.10 7.73
N PRO A 38 4.39 0.10 8.59
CA PRO A 38 4.90 -1.20 8.17
C PRO A 38 4.31 -1.71 6.86
N GLU A 39 2.98 -1.76 6.79
CA GLU A 39 2.29 -2.23 5.58
C GLU A 39 2.36 -1.19 4.45
N TYR A 40 3.43 -0.41 4.41
CA TYR A 40 3.60 0.62 3.37
C TYR A 40 5.06 0.76 2.98
N TYR A 41 5.33 0.80 1.68
CA TYR A 41 6.70 0.95 1.18
C TYR A 41 6.95 2.37 0.69
N GLY A 42 8.12 2.91 1.01
CA GLY A 42 8.46 4.26 0.59
C GLY A 42 9.14 5.06 1.68
N ARG A 43 10.09 5.91 1.30
CA ARG A 43 10.81 6.73 2.25
C ARG A 43 9.92 7.86 2.77
N PRO A 44 10.38 8.60 3.79
CA PRO A 44 9.61 9.70 4.38
C PRO A 44 9.29 10.79 3.37
N PHE A 45 8.00 10.96 3.09
CA PHE A 45 7.56 12.00 2.16
C PHE A 45 7.28 13.27 2.96
N SER A 46 6.58 14.21 2.36
CA SER A 46 6.26 15.45 3.05
C SER A 46 5.29 16.32 2.27
N ILE A 47 4.26 16.77 2.96
CA ILE A 47 3.26 17.65 2.36
C ILE A 47 3.59 19.10 2.69
N THR A 48 2.71 20.02 2.31
CA THR A 48 2.94 21.43 2.55
C THR A 48 1.69 22.27 2.35
N CYS A 49 1.45 23.20 3.26
CA CYS A 49 0.30 24.09 3.14
C CYS A 49 0.56 25.08 2.04
N LEU A 50 -0.38 25.16 1.12
CA LEU A 50 -0.23 26.02 -0.03
C LEU A 50 -0.64 27.46 0.21
N ASP A 51 -1.90 27.67 0.56
CA ASP A 51 -2.40 29.01 0.79
C ASP A 51 -3.92 28.99 0.99
N ASN A 52 -4.61 28.18 0.20
CA ASN A 52 -6.04 28.06 0.31
C ASN A 52 -6.41 27.03 1.37
N LEU A 53 -5.64 27.03 2.47
CA LEU A 53 -5.87 26.09 3.56
C LEU A 53 -5.87 24.66 3.04
N VAL A 54 -4.89 24.36 2.19
CA VAL A 54 -4.75 23.04 1.61
C VAL A 54 -3.38 22.44 1.86
N TRP A 55 -3.19 21.22 1.36
CA TRP A 55 -1.95 20.51 1.48
C TRP A 55 -1.64 19.75 0.20
N SER A 56 -0.42 19.89 -0.28
CA SER A 56 0.00 19.22 -1.50
C SER A 56 -0.54 17.78 -1.53
N SER A 57 -0.92 17.33 -2.72
CA SER A 57 -1.48 15.98 -2.86
C SER A 57 -0.38 14.93 -2.85
N PRO A 58 -0.37 14.07 -1.81
CA PRO A 58 0.62 12.99 -1.67
C PRO A 58 0.29 11.80 -2.56
N LYS A 59 0.19 12.04 -3.86
CA LYS A 59 -0.13 10.97 -4.81
C LYS A 59 1.10 10.12 -5.10
N ASP A 60 0.94 8.80 -4.95
CA ASP A 60 2.02 7.85 -5.20
C ASP A 60 3.28 8.22 -4.42
N VAL A 61 3.09 8.63 -3.17
CA VAL A 61 4.21 9.01 -2.32
C VAL A 61 4.75 7.81 -1.55
N CYS A 62 3.86 6.98 -1.06
CA CYS A 62 4.26 5.80 -0.30
C CYS A 62 3.16 4.73 -0.32
N LYS A 63 2.93 4.13 -1.49
CA LYS A 63 1.91 3.10 -1.63
C LYS A 63 2.17 1.95 -0.65
N ARG A 64 1.09 1.36 -0.14
CA ARG A 64 1.19 0.27 0.82
C ARG A 64 2.03 -0.88 0.29
N LYS A 65 2.73 -1.55 1.20
CA LYS A 65 3.58 -2.68 0.88
C LYS A 65 2.87 -3.67 -0.03
N SER A 66 3.65 -4.44 -0.78
CA SER A 66 3.10 -5.44 -1.69
C SER A 66 4.00 -6.67 -1.74
N CYS A 67 3.38 -7.84 -1.77
CA CYS A 67 4.13 -9.11 -1.81
C CYS A 67 4.59 -9.44 -3.22
N LYS A 68 4.98 -8.41 -3.95
CA LYS A 68 5.46 -8.57 -5.33
C LYS A 68 4.40 -9.21 -6.21
N THR A 69 4.22 -8.67 -7.41
CA THR A 69 3.22 -9.20 -8.33
C THR A 69 3.45 -10.69 -8.58
N PRO A 70 2.41 -11.52 -8.41
CA PRO A 70 2.52 -12.96 -8.61
C PRO A 70 2.79 -13.34 -10.06
N PRO A 71 3.84 -14.14 -10.31
CA PRO A 71 4.20 -14.59 -11.66
C PRO A 71 3.14 -15.52 -12.24
N ASP A 72 2.74 -15.26 -13.49
CA ASP A 72 1.73 -16.08 -14.15
C ASP A 72 2.18 -17.53 -14.21
N PRO A 73 1.47 -18.43 -13.50
CA PRO A 73 1.79 -19.86 -13.49
C PRO A 73 1.37 -20.55 -14.78
N VAL A 74 2.18 -21.53 -15.21
CA VAL A 74 1.90 -22.26 -16.42
C VAL A 74 0.46 -22.80 -16.41
N ASN A 75 -0.26 -22.53 -17.49
CA ASN A 75 -1.64 -22.97 -17.61
C ASN A 75 -2.46 -22.48 -16.42
N GLY A 76 -2.28 -21.21 -16.06
CA GLY A 76 -3.00 -20.65 -14.92
C GLY A 76 -2.82 -19.15 -14.80
N MET A 77 -3.86 -18.48 -14.31
CA MET A 77 -3.83 -17.04 -14.13
C MET A 77 -4.41 -16.65 -12.78
N VAL A 78 -3.76 -15.71 -12.10
CA VAL A 78 -4.22 -15.27 -10.79
C VAL A 78 -5.02 -13.97 -10.88
N HIS A 79 -6.22 -13.99 -10.30
CA HIS A 79 -7.06 -12.81 -10.29
C HIS A 79 -6.69 -11.94 -9.09
N VAL A 80 -6.17 -10.75 -9.35
CA VAL A 80 -5.79 -9.85 -8.28
C VAL A 80 -7.01 -9.44 -7.48
N ILE A 81 -8.16 -9.46 -8.16
CA ILE A 81 -9.45 -9.10 -7.56
C ILE A 81 -9.55 -7.60 -7.31
N THR A 82 -8.47 -7.02 -6.81
CA THR A 82 -8.39 -5.59 -6.53
C THR A 82 -6.98 -5.11 -6.77
N ASP A 83 -6.02 -5.78 -6.16
CA ASP A 83 -4.60 -5.45 -6.31
C ASP A 83 -3.74 -6.64 -5.90
N ILE A 84 -2.59 -6.37 -5.29
CA ILE A 84 -1.69 -7.43 -4.85
C ILE A 84 -0.88 -6.99 -3.63
N GLN A 85 -1.22 -5.83 -3.10
CA GLN A 85 -0.54 -5.31 -1.92
C GLN A 85 -1.02 -6.02 -0.66
N VAL A 86 -0.44 -5.67 0.47
CA VAL A 86 -0.80 -6.27 1.75
C VAL A 86 -2.30 -6.12 2.02
N GLY A 87 -2.93 -7.23 2.42
CA GLY A 87 -4.35 -7.20 2.72
C GLY A 87 -5.20 -7.89 1.66
N SER A 88 -4.93 -7.60 0.38
CA SER A 88 -5.68 -8.21 -0.71
C SER A 88 -5.27 -9.65 -0.95
N ARG A 89 -6.26 -10.53 -1.11
CA ARG A 89 -6.01 -11.93 -1.36
C ARG A 89 -6.26 -12.26 -2.83
N ILE A 90 -5.26 -12.82 -3.49
CA ILE A 90 -5.37 -13.17 -4.91
C ILE A 90 -5.72 -14.64 -5.11
N THR A 91 -6.64 -14.91 -6.02
CA THR A 91 -7.07 -16.28 -6.30
C THR A 91 -6.46 -16.79 -7.59
N TYR A 92 -5.99 -18.02 -7.56
CA TYR A 92 -5.39 -18.64 -8.74
C TYR A 92 -6.34 -19.63 -9.39
N SER A 93 -6.32 -19.67 -10.72
CA SER A 93 -7.18 -20.58 -11.48
C SER A 93 -6.55 -20.91 -12.82
N CYS A 94 -6.43 -22.20 -13.13
CA CYS A 94 -5.85 -22.64 -14.38
C CYS A 94 -6.61 -22.08 -15.58
N THR A 95 -5.87 -21.59 -16.56
CA THR A 95 -6.47 -21.02 -17.78
C THR A 95 -7.04 -22.11 -18.68
N THR A 96 -7.74 -23.06 -18.08
CA THR A 96 -8.33 -24.17 -18.82
C THR A 96 -8.98 -25.19 -17.88
N GLY A 97 -8.67 -26.48 -18.04
CA GLY A 97 -9.26 -27.50 -17.20
C GLY A 97 -8.26 -28.51 -16.67
N HIS A 98 -7.18 -28.01 -16.08
CA HIS A 98 -6.16 -28.86 -15.51
C HIS A 98 -6.42 -29.09 -14.02
N ARG A 99 -5.35 -29.05 -13.22
CA ARG A 99 -5.45 -29.23 -11.79
C ARG A 99 -4.51 -28.27 -11.07
N LEU A 100 -5.07 -27.30 -10.36
CA LEU A 100 -4.27 -26.33 -9.65
C LEU A 100 -3.53 -26.98 -8.49
N ILE A 101 -2.23 -26.70 -8.39
CA ILE A 101 -1.41 -27.26 -7.32
C ILE A 101 -1.25 -26.28 -6.16
N GLY A 102 -1.39 -26.80 -4.95
CA GLY A 102 -1.27 -25.97 -3.76
C GLY A 102 -2.57 -25.27 -3.40
N HIS A 103 -2.47 -24.12 -2.75
CA HIS A 103 -3.66 -23.36 -2.36
C HIS A 103 -4.18 -22.55 -3.54
N SER A 104 -5.48 -22.66 -3.81
CA SER A 104 -6.10 -21.93 -4.90
C SER A 104 -6.28 -20.45 -4.56
N SER A 105 -5.67 -20.03 -3.46
CA SER A 105 -5.76 -18.64 -3.01
C SER A 105 -4.61 -18.29 -2.06
N ALA A 106 -4.22 -17.02 -2.05
CA ALA A 106 -3.14 -16.56 -1.18
C ALA A 106 -3.25 -15.08 -0.87
N GLU A 107 -3.20 -14.75 0.42
CA GLU A 107 -3.29 -13.36 0.87
C GLU A 107 -1.92 -12.75 1.09
N CYS A 108 -1.74 -11.53 0.60
CA CYS A 108 -0.48 -10.82 0.77
C CYS A 108 -0.35 -10.38 2.23
N ILE A 109 0.73 -10.79 2.88
CA ILE A 109 0.93 -10.44 4.28
C ILE A 109 2.36 -10.05 4.57
N LEU A 110 2.52 -9.01 5.39
CA LEU A 110 3.84 -8.52 5.75
C LEU A 110 4.42 -9.30 6.93
N SER A 111 5.56 -9.93 6.71
CA SER A 111 6.22 -10.69 7.76
C SER A 111 7.28 -9.82 8.45
N GLY A 112 6.98 -8.53 8.59
CA GLY A 112 7.92 -7.62 9.21
C GLY A 112 9.16 -7.42 8.38
N ASN A 113 9.45 -6.16 8.03
CA ASN A 113 10.62 -5.81 7.24
C ASN A 113 10.43 -6.20 5.76
N THR A 114 9.79 -7.34 5.53
CA THR A 114 9.58 -7.82 4.17
C THR A 114 8.23 -8.54 4.03
N ALA A 115 7.45 -8.14 3.04
CA ALA A 115 6.15 -8.74 2.78
C ALA A 115 6.25 -9.96 1.88
N HIS A 116 5.38 -10.93 2.11
CA HIS A 116 5.35 -12.16 1.30
C HIS A 116 3.97 -12.81 1.38
N TRP A 117 3.59 -13.50 0.31
CA TRP A 117 2.29 -14.16 0.28
C TRP A 117 2.23 -15.29 1.29
N SER A 118 1.09 -15.41 1.97
CA SER A 118 0.89 -16.44 2.97
C SER A 118 1.25 -17.83 2.46
N THR A 119 1.13 -18.03 1.15
CA THR A 119 1.43 -19.33 0.55
C THR A 119 2.14 -19.18 -0.80
N LYS A 120 3.10 -20.06 -1.03
CA LYS A 120 3.87 -20.04 -2.29
C LYS A 120 2.95 -20.07 -3.49
N PRO A 121 3.40 -19.52 -4.64
CA PRO A 121 2.61 -19.49 -5.87
C PRO A 121 2.14 -20.87 -6.32
N PRO A 122 0.81 -21.04 -6.48
CA PRO A 122 0.22 -22.31 -6.91
C PRO A 122 0.55 -22.64 -8.36
N ILE A 123 0.65 -23.93 -8.67
CA ILE A 123 0.95 -24.36 -10.03
C ILE A 123 -0.31 -24.80 -10.76
N CYS A 124 -0.13 -25.69 -11.72
CA CYS A 124 -1.23 -26.24 -12.50
C CYS A 124 -0.74 -27.52 -13.18
N GLN A 125 -1.61 -28.53 -13.24
CA GLN A 125 -1.22 -29.80 -13.83
C GLN A 125 -2.42 -30.52 -14.44
N ARG A 126 -2.30 -30.92 -15.70
CA ARG A 126 -3.37 -31.63 -16.39
C ARG A 126 -3.88 -32.80 -15.59
N ILE A 127 -5.20 -32.87 -15.48
CA ILE A 127 -5.85 -33.94 -14.75
C ILE A 127 -5.81 -35.25 -15.55
N PRO A 128 -5.37 -36.35 -14.92
CA PRO A 128 -5.29 -37.66 -15.57
C PRO A 128 -6.66 -38.17 -16.02
N GLU A 1 -5.34 41.46 14.32
CA GLU A 1 -5.52 40.02 14.02
C GLU A 1 -4.92 39.15 15.12
N ALA A 2 -4.24 38.07 14.72
CA ALA A 2 -3.62 37.17 15.68
C ALA A 2 -2.81 36.09 14.97
N GLU A 3 -2.05 36.49 13.96
CA GLU A 3 -1.22 35.57 13.19
C GLU A 3 -2.09 34.55 12.44
N ALA A 4 -1.74 34.32 11.18
CA ALA A 4 -2.49 33.37 10.35
C ALA A 4 -2.18 31.93 10.75
N HIS A 5 -3.23 31.20 11.12
CA HIS A 5 -3.09 29.81 11.51
C HIS A 5 -3.70 28.87 10.48
N CYS A 6 -2.89 27.94 9.99
CA CYS A 6 -3.37 26.98 9.00
C CYS A 6 -4.10 25.84 9.68
N GLN A 7 -5.35 25.63 9.27
CA GLN A 7 -6.17 24.57 9.84
C GLN A 7 -5.51 23.21 9.63
N ALA A 8 -6.09 22.19 10.25
CA ALA A 8 -5.57 20.83 10.13
C ALA A 8 -5.24 20.50 8.68
N PRO A 9 -4.06 19.89 8.45
CA PRO A 9 -3.62 19.52 7.10
C PRO A 9 -4.38 18.32 6.53
N ASP A 10 -5.68 18.32 6.72
CA ASP A 10 -6.54 17.24 6.24
C ASP A 10 -6.13 15.89 6.81
N HIS A 11 -7.08 14.98 6.89
CA HIS A 11 -6.83 13.64 7.43
C HIS A 11 -6.23 12.74 6.35
N PHE A 12 -5.06 12.19 6.62
CA PHE A 12 -4.38 11.30 5.68
C PHE A 12 -4.86 9.87 5.83
N LEU A 13 -4.99 9.18 4.71
CA LEU A 13 -5.44 7.79 4.69
C LEU A 13 -4.28 6.82 4.86
N PHE A 14 -3.41 6.80 3.87
CA PHE A 14 -2.25 5.91 3.89
C PHE A 14 -1.13 6.53 4.70
N ALA A 15 -1.17 7.85 4.83
CA ALA A 15 -0.16 8.55 5.60
C ALA A 15 -0.53 8.60 7.07
N LYS A 16 0.47 8.48 7.94
CA LYS A 16 0.24 8.48 9.38
C LYS A 16 1.16 9.48 10.08
N LEU A 17 0.56 10.41 10.81
CA LEU A 17 1.31 11.42 11.55
C LEU A 17 2.43 10.77 12.37
N LYS A 18 3.66 11.11 12.03
CA LYS A 18 4.82 10.55 12.73
C LYS A 18 5.26 11.47 13.87
N THR A 19 5.26 12.77 13.61
CA THR A 19 5.66 13.76 14.60
C THR A 19 4.66 13.78 15.76
N GLN A 20 4.15 14.97 16.10
CA GLN A 20 3.19 15.11 17.19
C GLN A 20 2.65 16.53 17.24
N THR A 21 1.35 16.67 17.49
CA THR A 21 0.73 17.98 17.56
C THR A 21 -0.57 17.96 18.36
N THR A 22 -1.50 17.08 18.00
CA THR A 22 -2.77 16.99 18.69
C THR A 22 -3.47 18.34 18.75
N ALA A 23 -3.70 18.93 17.58
CA ALA A 23 -4.35 20.23 17.49
C ALA A 23 -4.82 20.52 16.06
N SER A 24 -5.82 21.41 15.94
CA SER A 24 -6.36 21.76 14.64
C SER A 24 -5.60 22.91 14.00
N ASP A 25 -5.29 23.94 14.78
CA ASP A 25 -4.56 25.09 14.28
C ASP A 25 -3.06 24.84 14.30
N PHE A 26 -2.37 25.32 13.27
CA PHE A 26 -0.92 25.14 13.18
C PHE A 26 -0.21 26.42 12.78
N PRO A 27 0.93 26.72 13.42
CA PRO A 27 1.72 27.92 13.11
C PRO A 27 2.45 27.77 11.77
N ILE A 28 2.35 28.79 10.92
CA ILE A 28 3.00 28.75 9.61
C ILE A 28 4.50 28.52 9.75
N GLY A 29 5.08 27.83 8.77
CA GLY A 29 6.49 27.52 8.79
C GLY A 29 6.73 26.13 9.35
N THR A 30 5.89 25.74 10.29
CA THR A 30 5.97 24.43 10.94
C THR A 30 5.93 23.29 9.93
N SER A 31 6.81 22.31 10.12
CA SER A 31 6.89 21.15 9.25
C SER A 31 6.34 19.92 9.97
N LEU A 32 5.65 19.05 9.23
CA LEU A 32 5.08 17.84 9.81
C LEU A 32 5.38 16.63 8.93
N LYS A 33 6.12 15.68 9.50
CA LYS A 33 6.49 14.47 8.78
C LYS A 33 5.44 13.37 8.99
N TYR A 34 5.03 12.73 7.89
CA TYR A 34 4.04 11.67 7.95
C TYR A 34 4.58 10.38 7.36
N GLU A 35 4.53 9.29 8.14
CA GLU A 35 5.01 8.00 7.68
C GLU A 35 3.84 7.16 7.15
N CYS A 36 3.90 6.84 5.85
CA CYS A 36 2.86 6.05 5.21
C CYS A 36 2.70 4.68 5.88
N ARG A 37 1.65 3.97 5.51
CA ARG A 37 1.37 2.65 6.07
C ARG A 37 2.14 1.56 5.34
N PRO A 38 2.47 0.46 6.03
CA PRO A 38 3.22 -0.67 5.47
C PRO A 38 2.44 -1.41 4.38
N GLU A 39 2.18 -0.74 3.26
CA GLU A 39 1.45 -1.32 2.14
C GLU A 39 1.66 -0.47 0.89
N TYR A 40 1.87 0.81 1.10
CA TYR A 40 2.10 1.75 0.00
C TYR A 40 3.59 1.93 -0.24
N TYR A 41 3.97 2.15 -1.49
CA TYR A 41 5.39 2.33 -1.82
C TYR A 41 5.79 3.80 -1.72
N GLY A 42 6.91 4.05 -1.05
CA GLY A 42 7.38 5.40 -0.88
C GLY A 42 7.85 5.68 0.54
N ARG A 43 8.95 6.41 0.68
CA ARG A 43 9.48 6.74 1.99
C ARG A 43 8.60 7.76 2.69
N PRO A 44 8.85 8.03 3.98
CA PRO A 44 8.07 8.99 4.75
C PRO A 44 8.27 10.43 4.26
N PHE A 45 7.19 11.07 3.87
CA PHE A 45 7.25 12.44 3.39
C PHE A 45 7.05 13.43 4.54
N SER A 46 6.71 14.67 4.19
CA SER A 46 6.50 15.70 5.19
C SER A 46 5.94 16.97 4.55
N ILE A 47 4.94 17.55 5.19
CA ILE A 47 4.31 18.77 4.69
C ILE A 47 4.89 19.98 5.38
N THR A 48 4.31 21.15 5.12
CA THR A 48 4.79 22.38 5.72
C THR A 48 3.81 23.52 5.55
N CYS A 49 3.40 24.13 6.67
CA CYS A 49 2.51 25.28 6.60
C CYS A 49 3.28 26.37 5.89
N LEU A 50 2.85 26.71 4.69
CA LEU A 50 3.60 27.68 3.89
C LEU A 50 3.35 29.15 4.23
N ASP A 51 2.11 29.56 4.26
CA ASP A 51 1.78 30.95 4.56
C ASP A 51 0.30 31.24 4.35
N ASN A 52 -0.23 30.78 3.22
CA ASN A 52 -1.63 30.98 2.93
C ASN A 52 -2.44 29.88 3.60
N LEU A 53 -2.01 29.50 4.81
CA LEU A 53 -2.67 28.46 5.57
C LEU A 53 -2.79 27.20 4.72
N VAL A 54 -1.66 26.82 4.12
CA VAL A 54 -1.58 25.65 3.27
C VAL A 54 -0.56 24.66 3.79
N TRP A 55 -0.42 23.54 3.08
CA TRP A 55 0.52 22.50 3.45
C TRP A 55 1.14 21.83 2.23
N SER A 56 1.65 22.66 1.31
CA SER A 56 2.26 22.14 0.10
C SER A 56 1.34 21.11 -0.55
N SER A 57 1.93 20.05 -1.09
CA SER A 57 1.14 19.01 -1.73
C SER A 57 1.88 17.67 -1.73
N PRO A 58 1.41 16.70 -0.93
CA PRO A 58 2.01 15.37 -0.84
C PRO A 58 1.66 14.53 -2.08
N LYS A 59 1.94 15.07 -3.26
CA LYS A 59 1.64 14.40 -4.52
C LYS A 59 2.68 13.32 -4.83
N ASP A 60 2.19 12.14 -5.22
CA ASP A 60 3.04 11.01 -5.57
C ASP A 60 3.98 10.64 -4.42
N VAL A 61 3.44 10.67 -3.20
CA VAL A 61 4.23 10.33 -2.01
C VAL A 61 4.13 8.85 -1.68
N CYS A 62 2.92 8.32 -1.79
CA CYS A 62 2.67 6.91 -1.50
C CYS A 62 1.43 6.41 -2.24
N LYS A 63 1.51 5.17 -2.72
CA LYS A 63 0.41 4.56 -3.44
C LYS A 63 0.39 3.05 -3.15
N ARG A 64 -0.80 2.47 -3.09
CA ARG A 64 -0.94 1.05 -2.80
C ARG A 64 -0.09 0.23 -3.74
N LYS A 65 1.05 -0.24 -3.24
CA LYS A 65 1.98 -1.04 -4.02
C LYS A 65 1.32 -2.31 -4.55
N SER A 66 2.10 -3.12 -5.26
CA SER A 66 1.60 -4.36 -5.81
C SER A 66 2.71 -5.39 -5.90
N CYS A 67 2.38 -6.65 -5.64
CA CYS A 67 3.33 -7.73 -5.69
C CYS A 67 3.58 -8.15 -7.13
N LYS A 68 4.65 -8.91 -7.37
CA LYS A 68 4.97 -9.35 -8.71
C LYS A 68 3.90 -10.30 -9.23
N THR A 69 3.47 -10.06 -10.47
CA THR A 69 2.44 -10.87 -11.09
C THR A 69 2.82 -12.35 -11.08
N PRO A 70 1.89 -13.23 -10.66
CA PRO A 70 2.14 -14.67 -10.60
C PRO A 70 2.14 -15.31 -11.98
N PRO A 71 3.21 -16.02 -12.34
CA PRO A 71 3.30 -16.69 -13.65
C PRO A 71 2.15 -17.66 -13.85
N ASP A 72 1.38 -17.47 -14.92
CA ASP A 72 0.25 -18.34 -15.20
C ASP A 72 0.71 -19.78 -15.42
N PRO A 73 0.28 -20.70 -14.54
CA PRO A 73 0.65 -22.12 -14.64
C PRO A 73 -0.09 -22.80 -15.78
N VAL A 74 0.65 -23.58 -16.56
CA VAL A 74 0.09 -24.31 -17.67
C VAL A 74 -1.08 -25.16 -17.23
N ASN A 75 -0.81 -26.03 -16.28
CA ASN A 75 -1.83 -26.92 -15.74
C ASN A 75 -2.73 -26.19 -14.74
N GLY A 76 -2.98 -24.91 -14.97
CA GLY A 76 -3.83 -24.15 -14.08
C GLY A 76 -3.95 -22.68 -14.48
N MET A 77 -4.09 -21.81 -13.47
CA MET A 77 -4.22 -20.37 -13.70
C MET A 77 -4.51 -19.63 -12.40
N VAL A 78 -3.87 -18.46 -12.23
CA VAL A 78 -4.06 -17.65 -11.04
C VAL A 78 -5.13 -16.58 -11.25
N HIS A 79 -5.97 -16.38 -10.24
CA HIS A 79 -7.00 -15.35 -10.33
C HIS A 79 -6.51 -14.07 -9.69
N VAL A 80 -6.32 -13.04 -10.51
CA VAL A 80 -5.85 -11.76 -10.04
C VAL A 80 -6.89 -11.12 -9.13
N ILE A 81 -8.14 -11.48 -9.36
CA ILE A 81 -9.25 -10.98 -8.57
C ILE A 81 -9.28 -9.45 -8.58
N THR A 82 -9.41 -8.92 -9.79
CA THR A 82 -9.48 -7.48 -10.06
C THR A 82 -8.12 -6.80 -9.98
N ASP A 83 -7.37 -7.04 -8.92
CA ASP A 83 -6.07 -6.39 -8.77
C ASP A 83 -5.16 -7.13 -7.80
N ILE A 84 -3.89 -7.24 -8.16
CA ILE A 84 -2.91 -7.90 -7.30
C ILE A 84 -2.23 -6.89 -6.37
N GLN A 85 -2.98 -5.87 -5.99
CA GLN A 85 -2.45 -4.83 -5.09
C GLN A 85 -2.38 -5.36 -3.66
N VAL A 86 -1.52 -4.76 -2.86
CA VAL A 86 -1.35 -5.17 -1.46
C VAL A 86 -2.69 -5.17 -0.73
N GLY A 87 -3.41 -6.27 -0.83
CA GLY A 87 -4.70 -6.39 -0.20
C GLY A 87 -5.51 -7.56 -0.74
N SER A 88 -5.59 -7.64 -2.08
CA SER A 88 -6.33 -8.71 -2.72
C SER A 88 -5.48 -9.98 -2.77
N ARG A 89 -6.13 -11.12 -2.58
CA ARG A 89 -5.44 -12.40 -2.60
C ARG A 89 -5.68 -13.10 -3.95
N ILE A 90 -4.61 -13.69 -4.50
CA ILE A 90 -4.69 -14.40 -5.76
C ILE A 90 -5.05 -15.85 -5.52
N THR A 91 -6.10 -16.32 -6.19
CA THR A 91 -6.53 -17.70 -6.02
C THR A 91 -6.14 -18.57 -7.21
N TYR A 92 -5.49 -19.68 -6.90
CA TYR A 92 -5.04 -20.61 -7.92
C TYR A 92 -6.04 -21.74 -8.11
N SER A 93 -6.20 -22.17 -9.36
CA SER A 93 -7.11 -23.26 -9.68
C SER A 93 -6.59 -24.05 -10.87
N CYS A 94 -6.30 -25.32 -10.63
CA CYS A 94 -5.79 -26.20 -11.67
C CYS A 94 -6.84 -26.44 -12.75
N THR A 95 -6.42 -26.33 -14.01
CA THR A 95 -7.33 -26.53 -15.13
C THR A 95 -7.75 -28.00 -15.24
N THR A 96 -7.97 -28.45 -16.46
CA THR A 96 -8.41 -29.82 -16.76
C THR A 96 -8.78 -30.61 -15.50
N GLY A 97 -7.82 -31.31 -14.93
CA GLY A 97 -8.08 -32.10 -13.74
C GLY A 97 -6.82 -32.39 -12.95
N HIS A 98 -6.00 -31.36 -12.77
CA HIS A 98 -4.76 -31.50 -12.03
C HIS A 98 -4.95 -31.12 -10.57
N ARG A 99 -4.10 -31.66 -9.72
CA ARG A 99 -4.15 -31.42 -8.28
C ARG A 99 -3.32 -30.21 -7.88
N LEU A 100 -3.92 -29.32 -7.10
CA LEU A 100 -3.23 -28.12 -6.63
C LEU A 100 -2.12 -28.51 -5.66
N ILE A 101 -0.95 -27.91 -5.83
CA ILE A 101 0.18 -28.24 -4.97
C ILE A 101 0.51 -27.12 -3.99
N GLY A 102 0.50 -27.45 -2.70
CA GLY A 102 0.83 -26.49 -1.66
C GLY A 102 -0.10 -25.29 -1.63
N HIS A 103 -0.54 -24.94 -0.42
CA HIS A 103 -1.41 -23.78 -0.21
C HIS A 103 -2.59 -23.79 -1.18
N SER A 104 -2.97 -22.61 -1.67
CA SER A 104 -4.09 -22.48 -2.60
C SER A 104 -4.28 -21.03 -3.04
N SER A 105 -4.01 -20.10 -2.12
CA SER A 105 -4.17 -18.67 -2.41
C SER A 105 -3.21 -17.85 -1.56
N ALA A 106 -2.91 -16.63 -2.02
CA ALA A 106 -2.00 -15.75 -1.29
C ALA A 106 -2.32 -14.27 -1.57
N GLU A 107 -2.36 -13.48 -0.51
CA GLU A 107 -2.66 -12.05 -0.63
C GLU A 107 -1.39 -11.21 -0.66
N CYS A 108 -1.41 -10.17 -1.48
CA CYS A 108 -0.26 -9.27 -1.57
C CYS A 108 -0.20 -8.45 -0.29
N ILE A 109 0.96 -8.46 0.38
CA ILE A 109 1.06 -7.73 1.65
C ILE A 109 2.37 -6.98 1.82
N LEU A 110 2.32 -6.04 2.78
CA LEU A 110 3.45 -5.20 3.16
C LEU A 110 3.97 -4.37 2.01
N SER A 111 4.73 -5.01 1.14
CA SER A 111 5.32 -4.36 -0.03
C SER A 111 6.23 -3.20 0.37
N GLY A 112 5.83 -1.97 0.06
CA GLY A 112 6.69 -0.84 0.38
C GLY A 112 7.97 -0.92 -0.42
N ASN A 113 9.07 -1.15 0.26
CA ASN A 113 10.35 -1.29 -0.41
C ASN A 113 10.34 -2.54 -1.29
N THR A 114 9.61 -3.55 -0.82
CA THR A 114 9.51 -4.82 -1.52
C THR A 114 8.16 -5.49 -1.28
N ALA A 115 7.41 -5.76 -2.34
CA ALA A 115 6.12 -6.42 -2.23
C ALA A 115 6.26 -7.93 -2.13
N HIS A 116 5.49 -8.56 -1.25
CA HIS A 116 5.58 -10.02 -1.10
C HIS A 116 4.26 -10.64 -0.67
N TRP A 117 3.87 -11.71 -1.35
CA TRP A 117 2.64 -12.42 -1.05
C TRP A 117 2.74 -13.12 0.30
N SER A 118 1.60 -13.28 0.96
CA SER A 118 1.54 -13.94 2.26
C SER A 118 2.05 -15.38 2.18
N THR A 119 1.79 -16.04 1.07
CA THR A 119 2.21 -17.42 0.88
C THR A 119 2.68 -17.70 -0.55
N LYS A 120 3.62 -18.63 -0.68
CA LYS A 120 4.18 -18.99 -1.99
C LYS A 120 3.08 -19.45 -2.95
N PRO A 121 3.26 -19.18 -4.26
CA PRO A 121 2.28 -19.54 -5.29
C PRO A 121 2.10 -21.04 -5.45
N PRO A 122 0.86 -21.54 -5.30
CA PRO A 122 0.54 -22.97 -5.43
C PRO A 122 0.79 -23.49 -6.84
N ILE A 123 1.16 -24.77 -6.95
CA ILE A 123 1.42 -25.38 -8.24
C ILE A 123 0.19 -26.16 -8.74
N CYS A 124 0.42 -27.06 -9.69
CA CYS A 124 -0.65 -27.89 -10.24
C CYS A 124 -0.06 -29.09 -10.98
N GLN A 125 -0.54 -30.28 -10.65
CA GLN A 125 -0.06 -31.50 -11.28
C GLN A 125 -1.15 -32.58 -11.26
N ARG A 126 -1.40 -33.19 -12.40
CA ARG A 126 -2.42 -34.23 -12.54
C ARG A 126 -2.63 -34.99 -11.25
N ILE A 127 -3.90 -35.19 -10.92
CA ILE A 127 -4.27 -35.88 -9.71
C ILE A 127 -4.01 -37.38 -9.85
N PRO A 128 -3.23 -37.95 -8.91
CA PRO A 128 -2.90 -39.38 -8.93
C PRO A 128 -4.09 -40.26 -8.59
#